data_4CKD
#
_entry.id   4CKD
#
_cell.length_a   1.000
_cell.length_b   1.000
_cell.length_c   1.000
_cell.angle_alpha   90.00
_cell.angle_beta   90.00
_cell.angle_gamma   90.00
#
_symmetry.space_group_name_H-M   'P 1'
#
loop_
_entity.id
_entity.type
_entity.pdbx_description
1 polymer BETA-GALACTOSIDASE
2 polymer 'SCFV13R4 ANTIBODY FV HEAVY CHAIN'
3 polymer 'SCFV13R4 ANTIBODY FV LIGHT CHAIN'
#
loop_
_entity_poly.entity_id
_entity_poly.type
_entity_poly.pdbx_seq_one_letter_code
_entity_poly.pdbx_strand_id
1 'polypeptide(L)'
;MTMITDSLAVVLQRRDWENPGVTQLNRLAAHPPFASWRNSEEARTDRPSQQLRSLNGEWRFAWFPAPEAVPESWLECDLP
EADTVVVPSNWQMHGYDAPIYTNVTYPITVNPPFVPTENPTGCYSLTFNVDESWLQEGQTRIIFDGVNSAFHLWCNGRWV
GYGQDSRLPSEFDLSAFLRAGENRLAVMVLRWSDGSYLEDQDMWRMSGIFRDVSLLHKPTTQISDFHVATRFNDDFSRAV
LEAEVQMCGELRDYLRVTVSLWQGETQVASGTAPFGGEIIDERGGYADRVTLRLNVENPKLWSAEIPNLYRAVVELHTAD
GTLIEAEACDVGFREVRIENGLLLLNGKPLLIRGVNRHEHHPLHGQVMDEQTMVQDILLMKQNNFNAVRCSHYPNHPLWY
TLCDRYGLYVVDEANIETHGMVPMNRLTDDPRWLPAMSERVTRMVQRDRNHPSVIIWSLGNESGHGANHDALYRWIKSVD
PSRPVQYEGGGADTTATDIICPMYARVDEDQPFPAVPKWSIKKWLSLPGETRPLILCEYAHAMGNSLGGFAKYWQAFRQY
PRLQGGFVWDWVDQSLIKYDENGNPWSAYGGDFGDTPNDRQFCMNGLVFADRTPHPALTEAKHQQQFFQFRLSGQTIEVT
SEYLFRHSDNELLHWMVALDGKPLASGEVPLDVAPQGKQLIELPELPQPESAGQLWLTVRVVQPNATAWSEAGHISAWQQ
WRLAENLSVTLPAASHAIPHLTTSEMDFCIELGNKRWQFNRQSGFLSQMWIGDKKQLLTPLRDQFTRAPLDNDIGVSEAT
RIDPNAWVERWKAAGHYQAEAALLQCTADTLADAVLITTAHAWQHQGKTLFISRKTYRIDGSGQMAITVDVEVASDTPHP
ARIGLNCQLAQVAERVNWLGLGPQENYPDRLTAACFDRWDLPLSDMYTPYVFPSENGLRCGTRELNYGPHQWRGDFQFNI
SRYSQQQLMETSHRHLLHAEEGTWLNIDGFHMGIGGDDSWSPSVSAEFQLSAGRYHYQLVWCQK
;
A,B,C,D
2 'polypeptide(L)'
;DVQLQESGPSLVKPSQTLSLTCSVTGDSITSDYWSWIRKFPGNRLEYMGYVSYSGSTYYNPSLKSRISITRDTSKNQYYL
DLNSVTTEDTATYYCANWDGDYWGQGTLVTVSAA
;
H,I,J,K
3 'polypeptide(L)'
;DIVLTQSPATLSVTPGNSVSLSCRASQSIGNDLHWYQQKSHESPRLLIKYASQSISGIPSRFSGSGSGTDFTLSINSVET
EDFGMYFCQQSNSWPYTFGGGTKLEIK
;
L,M,N,O
#
# COMPACT_ATOMS: atom_id res chain seq x y z
N ILE A 4 33.40 -16.26 53.03
CA ILE A 4 32.35 -15.65 53.92
C ILE A 4 31.04 -15.02 53.29
N THR A 5 31.30 -14.19 52.28
CA THR A 5 30.32 -13.53 51.45
C THR A 5 30.02 -14.56 50.34
N ASP A 6 30.56 -15.78 50.57
CA ASP A 6 30.42 -16.95 49.72
C ASP A 6 29.52 -17.93 50.43
N SER A 7 29.25 -17.54 51.64
CA SER A 7 28.42 -18.30 52.49
C SER A 7 27.02 -18.45 51.93
N LEU A 8 26.45 -19.62 52.14
CA LEU A 8 25.08 -19.89 51.80
C LEU A 8 24.26 -18.77 52.36
N ALA A 9 24.49 -18.57 53.62
CA ALA A 9 23.81 -17.58 54.40
C ALA A 9 23.72 -16.22 53.76
N VAL A 10 24.85 -15.84 53.21
CA VAL A 10 24.95 -14.56 52.56
C VAL A 10 24.30 -14.62 51.19
N VAL A 11 24.83 -15.50 50.36
CA VAL A 11 24.28 -15.76 49.05
C VAL A 11 22.72 -15.85 49.09
N LEU A 12 22.20 -16.94 49.65
CA LEU A 12 20.76 -17.19 49.69
C LEU A 12 19.94 -16.06 50.17
N GLN A 13 20.59 -15.13 50.81
CA GLN A 13 19.87 -14.07 51.43
C GLN A 13 19.06 -13.21 50.50
N ARG A 14 19.68 -12.90 49.39
CA ARG A 14 19.10 -12.03 48.41
C ARG A 14 17.85 -12.62 47.72
N ARG A 15 17.69 -13.94 47.81
CA ARG A 15 16.58 -14.62 47.18
C ARG A 15 16.40 -14.20 45.72
N ASP A 16 17.47 -14.38 44.97
CA ASP A 16 17.46 -14.06 43.57
C ASP A 16 16.41 -14.84 42.76
N TRP A 17 16.04 -16.04 43.23
CA TRP A 17 15.03 -16.90 42.58
C TRP A 17 13.61 -16.46 42.88
N GLU A 18 13.46 -15.32 43.55
CA GLU A 18 12.14 -14.80 43.77
C GLU A 18 12.18 -13.37 43.25
N ASN A 19 12.85 -13.20 42.10
CA ASN A 19 13.02 -11.90 41.52
C ASN A 19 13.45 -11.91 40.05
N PRO A 20 12.43 -11.63 39.26
CA PRO A 20 12.45 -11.57 37.82
C PRO A 20 13.35 -10.45 37.33
N GLY A 21 13.82 -9.65 38.26
CA GLY A 21 14.75 -8.59 37.89
C GLY A 21 16.21 -9.12 37.89
N VAL A 22 16.41 -10.35 38.39
CA VAL A 22 17.70 -10.99 38.41
C VAL A 22 17.50 -12.34 37.75
N THR A 23 17.97 -12.42 36.52
CA THR A 23 17.79 -13.64 35.76
C THR A 23 19.07 -14.37 35.68
N GLN A 24 20.12 -13.63 36.00
CA GLN A 24 21.45 -14.21 35.97
C GLN A 24 22.41 -13.31 36.72
N LEU A 25 23.53 -13.85 37.12
CA LEU A 25 24.58 -13.09 37.76
C LEU A 25 25.89 -13.65 37.24
N ASN A 26 26.69 -12.83 36.56
CA ASN A 26 27.99 -13.26 36.04
C ASN A 26 28.01 -14.31 34.92
N ARG A 27 26.93 -14.37 34.18
CA ARG A 27 26.83 -15.30 33.10
C ARG A 27 27.39 -14.68 31.84
N LEU A 28 28.16 -15.45 31.11
CA LEU A 28 28.70 -14.96 29.84
C LEU A 28 27.61 -14.79 28.77
N ALA A 29 27.93 -14.11 27.71
CA ALA A 29 26.98 -13.91 26.62
C ALA A 29 26.72 -15.16 25.85
N ALA A 30 25.59 -15.17 25.15
CA ALA A 30 25.21 -16.29 24.31
C ALA A 30 25.91 -16.25 22.97
N HIS A 31 25.96 -17.39 22.29
CA HIS A 31 26.59 -17.45 21.00
C HIS A 31 26.38 -18.82 20.48
N PRO A 32 26.75 -18.93 19.22
CA PRO A 32 26.65 -20.21 18.56
C PRO A 32 27.67 -21.12 19.19
N PRO A 33 27.43 -22.37 18.99
CA PRO A 33 28.27 -23.44 19.49
C PRO A 33 29.72 -23.30 19.07
N PHE A 34 30.59 -23.40 20.07
CA PHE A 34 32.04 -23.31 19.94
C PHE A 34 32.71 -24.57 20.41
N ALA A 35 33.90 -24.83 19.88
CA ALA A 35 34.72 -25.98 20.25
C ALA A 35 36.17 -25.58 20.43
N SER A 36 36.54 -24.45 19.87
CA SER A 36 37.90 -24.01 19.99
C SER A 36 38.87 -25.02 19.44
N TRP A 37 38.65 -25.40 18.21
CA TRP A 37 39.61 -26.29 17.65
C TRP A 37 40.91 -25.52 17.49
N ARG A 38 42.02 -26.24 17.54
CA ARG A 38 43.28 -25.59 17.32
C ARG A 38 43.98 -26.07 16.08
N ASN A 39 43.23 -26.78 15.28
CA ASN A 39 43.65 -27.24 13.96
C ASN A 39 42.46 -27.17 13.01
N SER A 40 42.70 -26.43 11.98
CA SER A 40 41.70 -26.22 10.98
C SER A 40 41.07 -27.52 10.42
N GLU A 41 41.84 -28.57 10.24
CA GLU A 41 41.19 -29.74 9.68
C GLU A 41 40.17 -30.40 10.56
N GLU A 42 40.48 -30.44 11.82
CA GLU A 42 39.58 -31.05 12.74
C GLU A 42 38.33 -30.26 12.71
N ALA A 43 38.56 -28.97 12.63
CA ALA A 43 37.39 -28.14 12.55
C ALA A 43 36.63 -28.50 11.29
N ARG A 44 37.31 -28.63 10.21
CA ARG A 44 36.60 -28.88 8.98
C ARG A 44 35.84 -30.17 8.99
N THR A 45 36.42 -31.13 9.58
CA THR A 45 35.82 -32.43 9.56
C THR A 45 35.00 -32.72 10.77
N ASP A 46 34.82 -31.70 11.54
CA ASP A 46 34.04 -31.91 12.74
C ASP A 46 34.68 -32.92 13.65
N ARG A 47 36.00 -32.93 13.67
CA ARG A 47 36.56 -33.84 14.63
C ARG A 47 36.39 -33.26 16.02
N PRO A 48 36.74 -33.99 17.03
CA PRO A 48 36.52 -33.50 18.38
C PRO A 48 37.64 -32.65 18.91
N SER A 49 37.21 -31.62 19.63
CA SER A 49 38.15 -30.68 20.15
C SER A 49 38.64 -31.05 21.50
N GLN A 50 39.95 -31.20 21.53
CA GLN A 50 40.54 -31.50 22.79
C GLN A 50 40.29 -30.35 23.80
N GLN A 51 39.90 -29.14 23.33
CA GLN A 51 39.65 -27.97 24.16
C GLN A 51 38.30 -27.90 24.76
N LEU A 52 37.59 -28.96 24.47
CA LEU A 52 36.25 -29.10 24.95
C LEU A 52 36.02 -30.45 25.59
N ARG A 53 35.85 -30.38 26.90
CA ARG A 53 35.75 -31.50 27.80
C ARG A 53 34.38 -31.61 28.49
N SER A 54 33.86 -32.85 28.54
CA SER A 54 32.59 -33.13 29.18
C SER A 54 32.75 -33.46 30.64
N LEU A 55 31.91 -32.88 31.46
CA LEU A 55 31.91 -33.26 32.87
C LEU A 55 30.72 -34.17 33.14
N ASN A 56 30.25 -34.82 32.08
CA ASN A 56 29.14 -35.69 32.35
C ASN A 56 29.61 -36.97 32.99
N GLY A 57 28.77 -37.45 33.91
CA GLY A 57 29.03 -38.70 34.59
C GLY A 57 28.48 -38.85 36.00
N GLU A 58 29.34 -39.41 36.83
CA GLU A 58 28.97 -39.65 38.18
C GLU A 58 29.27 -38.43 39.00
N TRP A 59 28.22 -37.94 39.63
CA TRP A 59 28.32 -36.77 40.47
C TRP A 59 27.75 -37.12 41.80
N ARG A 60 28.01 -36.28 42.77
CA ARG A 60 27.44 -36.55 44.05
C ARG A 60 26.31 -35.58 44.22
N PHE A 61 25.25 -36.14 44.75
CA PHE A 61 24.02 -35.44 44.92
C PHE A 61 23.37 -35.64 46.27
N ALA A 62 22.72 -34.59 46.73
CA ALA A 62 21.96 -34.63 47.95
C ALA A 62 20.76 -33.71 47.80
N TRP A 63 19.60 -34.20 48.18
CA TRP A 63 18.35 -33.49 48.09
C TRP A 63 17.90 -32.85 49.40
N PHE A 64 17.33 -31.67 49.32
CA PHE A 64 16.81 -30.92 50.45
C PHE A 64 15.51 -30.26 50.05
N PRO A 65 14.68 -30.21 51.04
CA PRO A 65 13.33 -29.66 50.97
C PRO A 65 13.23 -28.15 50.89
N ALA A 66 14.37 -27.47 51.08
CA ALA A 66 14.43 -26.03 51.01
C ALA A 66 15.85 -25.63 50.97
N PRO A 67 16.11 -24.63 50.19
CA PRO A 67 17.45 -24.12 50.01
C PRO A 67 18.11 -23.85 51.36
N GLU A 68 17.30 -23.33 52.25
CA GLU A 68 17.72 -22.95 53.59
C GLU A 68 18.25 -24.10 54.49
N ALA A 69 17.86 -25.31 54.17
CA ALA A 69 18.28 -26.49 54.89
C ALA A 69 19.64 -27.01 54.42
N VAL A 70 20.29 -26.24 53.55
CA VAL A 70 21.58 -26.68 53.12
C VAL A 70 22.56 -26.18 54.16
N PRO A 71 23.57 -26.99 54.40
CA PRO A 71 24.57 -26.76 55.41
C PRO A 71 25.82 -26.18 54.81
N GLU A 72 26.25 -25.12 55.48
CA GLU A 72 27.41 -24.44 55.04
C GLU A 72 28.59 -25.36 54.69
N SER A 73 28.60 -26.51 55.34
CA SER A 73 29.67 -27.48 55.14
C SER A 73 29.85 -27.86 53.68
N TRP A 74 28.69 -27.94 53.04
CA TRP A 74 28.58 -28.43 51.70
C TRP A 74 29.51 -27.70 50.76
N LEU A 75 29.66 -26.42 51.10
CA LEU A 75 30.51 -25.62 50.27
C LEU A 75 31.93 -26.09 50.28
N GLU A 76 32.33 -26.63 51.41
CA GLU A 76 33.71 -27.06 51.61
C GLU A 76 33.96 -28.53 51.40
N CYS A 77 32.97 -29.34 51.69
CA CYS A 77 33.29 -30.72 51.57
C CYS A 77 32.10 -31.53 51.21
N ASP A 78 32.34 -32.68 50.55
CA ASP A 78 31.21 -33.54 50.28
C ASP A 78 30.39 -33.91 51.51
N LEU A 79 29.36 -34.66 51.32
CA LEU A 79 28.51 -35.04 52.42
C LEU A 79 28.41 -36.52 52.44
N PRO A 80 28.61 -37.01 53.62
CA PRO A 80 28.55 -38.41 53.98
C PRO A 80 27.47 -39.25 53.25
N GLU A 81 26.30 -38.65 53.29
CA GLU A 81 25.03 -39.13 52.78
C GLU A 81 24.69 -38.70 51.36
N ALA A 82 25.62 -37.99 50.76
CA ALA A 82 25.45 -37.60 49.41
C ALA A 82 25.53 -38.90 48.63
N ASP A 83 24.66 -39.05 47.64
CA ASP A 83 24.68 -40.26 46.85
C ASP A 83 25.47 -40.03 45.59
N THR A 84 25.69 -41.10 44.88
CA THR A 84 26.40 -40.98 43.66
C THR A 84 25.39 -41.18 42.54
N VAL A 85 25.13 -40.05 41.92
CA VAL A 85 24.17 -39.97 40.89
C VAL A 85 24.84 -39.75 39.55
N VAL A 86 24.11 -40.08 38.52
CA VAL A 86 24.61 -39.82 37.20
C VAL A 86 24.02 -38.50 36.62
N VAL A 87 24.87 -37.76 35.95
CA VAL A 87 24.50 -36.48 35.40
C VAL A 87 24.87 -36.49 33.93
N PRO A 88 23.96 -36.03 33.08
CA PRO A 88 22.71 -35.41 33.40
C PRO A 88 21.60 -36.36 33.75
N SER A 89 20.67 -35.82 34.53
CA SER A 89 19.52 -36.57 34.93
C SER A 89 18.52 -35.62 35.56
N ASN A 90 17.32 -36.15 35.78
CA ASN A 90 16.22 -35.45 36.43
C ASN A 90 16.08 -36.13 37.75
N TRP A 91 16.27 -35.38 38.80
CA TRP A 91 16.23 -36.04 40.07
C TRP A 91 14.91 -36.71 40.40
N GLN A 92 13.83 -36.25 39.81
CA GLN A 92 12.59 -36.96 40.08
C GLN A 92 12.72 -38.38 39.52
N MET A 93 13.61 -38.54 38.53
CA MET A 93 13.82 -39.82 37.85
C MET A 93 14.57 -40.79 38.71
N HIS A 94 15.14 -40.26 39.77
CA HIS A 94 15.93 -41.04 40.70
C HIS A 94 15.22 -41.37 41.98
N GLY A 95 14.11 -40.67 42.27
CA GLY A 95 13.35 -40.94 43.45
C GLY A 95 13.22 -39.83 44.47
N TYR A 96 14.03 -38.80 44.37
CA TYR A 96 13.98 -37.75 45.38
C TYR A 96 12.62 -37.13 45.71
N ASP A 97 11.92 -36.75 44.68
CA ASP A 97 10.58 -36.21 44.83
C ASP A 97 9.82 -36.70 43.62
N ALA A 98 8.56 -36.30 43.54
CA ALA A 98 7.71 -36.71 42.43
C ALA A 98 7.69 -35.71 41.28
N PRO A 99 7.43 -36.28 40.13
CA PRO A 99 7.26 -35.49 38.97
C PRO A 99 5.79 -35.11 38.97
N ILE A 100 5.50 -33.89 38.55
CA ILE A 100 4.12 -33.48 38.51
C ILE A 100 3.68 -33.31 37.11
N TYR A 101 2.58 -33.99 36.85
CA TYR A 101 1.98 -33.83 35.59
C TYR A 101 0.74 -32.92 35.70
N THR A 102 0.97 -31.63 35.45
CA THR A 102 -0.10 -30.64 35.40
C THR A 102 -0.02 -29.95 34.03
N ASN A 103 -1.16 -29.53 33.49
CA ASN A 103 -1.20 -28.87 32.18
C ASN A 103 -1.02 -27.33 32.22
N VAL A 104 -2.16 -26.73 32.58
CA VAL A 104 -2.36 -25.30 32.68
C VAL A 104 -2.03 -24.76 34.06
N THR A 105 -2.83 -25.24 35.00
CA THR A 105 -2.74 -24.90 36.39
C THR A 105 -1.31 -25.05 36.88
N TYR A 106 -0.75 -23.94 37.37
CA TYR A 106 0.61 -24.02 37.85
C TYR A 106 0.72 -24.97 39.04
N PRO A 107 1.88 -25.65 39.03
CA PRO A 107 2.30 -26.63 40.02
C PRO A 107 2.32 -26.06 41.45
N ILE A 108 2.85 -24.86 41.56
CA ILE A 108 2.91 -24.07 42.78
C ILE A 108 1.80 -23.02 42.81
N THR A 109 1.71 -22.34 43.91
CA THR A 109 0.72 -21.32 44.14
C THR A 109 1.12 -20.03 43.44
N VAL A 110 0.13 -19.48 42.73
CA VAL A 110 0.29 -18.27 41.95
C VAL A 110 0.41 -16.96 42.75
N ASN A 111 1.66 -16.55 42.99
CA ASN A 111 2.02 -15.33 43.70
C ASN A 111 3.34 -14.74 43.27
N PRO A 112 3.33 -14.32 42.05
CA PRO A 112 4.51 -13.77 41.46
C PRO A 112 4.93 -12.55 42.24
N PRO A 113 6.24 -12.51 42.46
CA PRO A 113 7.16 -13.50 41.87
C PRO A 113 7.58 -14.54 42.85
N PHE A 114 6.73 -14.75 43.82
CA PHE A 114 7.10 -15.64 44.87
C PHE A 114 6.90 -17.05 44.55
N VAL A 115 7.72 -17.75 45.26
CA VAL A 115 7.78 -19.17 45.20
C VAL A 115 7.56 -19.68 46.62
N PRO A 116 7.24 -20.96 46.69
CA PRO A 116 6.97 -21.64 47.94
C PRO A 116 8.22 -21.79 48.80
N THR A 117 8.06 -21.74 50.12
CA THR A 117 9.23 -21.85 50.98
C THR A 117 9.84 -23.24 50.96
N GLU A 118 8.94 -24.20 50.76
CA GLU A 118 9.32 -25.57 50.60
C GLU A 118 9.72 -25.72 49.13
N ASN A 119 11.01 -25.64 48.90
CA ASN A 119 11.45 -25.63 47.58
C ASN A 119 12.69 -26.50 47.39
N PRO A 120 12.35 -27.61 46.87
CA PRO A 120 13.23 -28.71 46.62
C PRO A 120 14.50 -28.35 45.94
N THR A 121 15.54 -28.42 46.73
CA THR A 121 16.88 -28.10 46.35
C THR A 121 17.70 -29.36 46.15
N GLY A 122 18.49 -29.37 45.08
CA GLY A 122 19.33 -30.51 44.76
C GLY A 122 20.76 -30.01 44.73
N CYS A 123 21.60 -30.66 45.53
CA CYS A 123 22.96 -30.22 45.60
C CYS A 123 23.82 -31.18 44.87
N TYR A 124 24.41 -30.69 43.80
CA TYR A 124 25.28 -31.53 43.01
C TYR A 124 26.71 -31.11 43.28
N SER A 125 27.63 -32.06 43.15
CA SER A 125 29.03 -31.71 43.34
C SER A 125 29.91 -32.61 42.52
N LEU A 126 31.04 -32.03 42.19
CA LEU A 126 31.92 -32.79 41.35
C LEU A 126 33.36 -32.40 41.58
N THR A 127 34.16 -33.45 41.72
CA THR A 127 35.56 -33.25 41.95
C THR A 127 36.31 -33.59 40.69
N PHE A 128 37.18 -32.69 40.25
CA PHE A 128 37.81 -32.97 38.97
C PHE A 128 39.10 -32.24 38.81
N ASN A 129 39.75 -32.73 37.76
CA ASN A 129 41.07 -32.27 37.46
C ASN A 129 41.24 -31.31 36.32
N VAL A 130 41.98 -30.29 36.62
CA VAL A 130 42.23 -29.40 35.56
C VAL A 130 43.68 -29.47 35.24
N ASP A 131 43.95 -29.60 33.97
CA ASP A 131 45.30 -29.70 33.55
C ASP A 131 46.03 -28.37 33.61
N GLU A 132 47.17 -28.37 34.26
CA GLU A 132 47.97 -27.15 34.41
C GLU A 132 48.07 -26.31 33.16
N SER A 133 48.05 -26.93 31.97
CA SER A 133 48.14 -26.14 30.72
C SER A 133 47.04 -25.13 30.47
N TRP A 134 45.84 -25.51 30.85
CA TRP A 134 44.67 -24.72 30.75
C TRP A 134 44.80 -23.48 31.60
N LEU A 135 45.62 -23.55 32.65
CA LEU A 135 45.77 -22.37 33.46
C LEU A 135 46.89 -21.44 33.09
N GLN A 136 47.76 -21.86 32.25
CA GLN A 136 48.79 -20.93 31.80
C GLN A 136 48.13 -19.78 31.14
N GLU A 137 47.37 -20.11 30.06
CA GLU A 137 46.62 -19.12 29.33
C GLU A 137 45.25 -19.54 28.98
N GLY A 138 44.68 -18.59 28.28
CA GLY A 138 43.37 -18.77 27.78
C GLY A 138 42.37 -18.68 28.88
N GLN A 139 41.17 -18.98 28.45
CA GLN A 139 40.10 -18.92 29.37
C GLN A 139 39.42 -20.25 29.41
N THR A 140 39.07 -20.58 30.66
CA THR A 140 38.41 -21.84 30.96
C THR A 140 37.04 -21.53 31.45
N ARG A 141 36.10 -21.98 30.67
CA ARG A 141 34.78 -21.64 31.13
C ARG A 141 33.94 -22.89 31.18
N ILE A 142 32.89 -22.76 31.97
CA ILE A 142 31.97 -23.84 32.17
C ILE A 142 30.61 -23.60 31.56
N ILE A 143 30.01 -24.68 31.11
CA ILE A 143 28.72 -24.60 30.47
C ILE A 143 27.69 -25.61 30.89
N PHE A 144 26.53 -25.11 31.20
CA PHE A 144 25.47 -26.00 31.49
C PHE A 144 24.40 -25.76 30.44
N ASP A 145 24.17 -26.79 29.66
CA ASP A 145 23.21 -26.78 28.58
C ASP A 145 21.76 -26.81 29.01
N GLY A 146 21.52 -27.02 30.28
CA GLY A 146 20.17 -27.06 30.82
C GLY A 146 20.10 -27.42 32.32
N VAL A 147 19.69 -26.45 33.15
CA VAL A 147 19.51 -26.62 34.57
C VAL A 147 18.12 -26.12 34.91
N ASN A 148 17.33 -26.97 35.51
CA ASN A 148 15.96 -26.65 35.75
C ASN A 148 15.61 -26.69 37.23
N SER A 149 15.13 -25.58 37.82
CA SER A 149 14.81 -24.35 37.13
C SER A 149 15.78 -23.19 37.29
N ALA A 150 16.60 -23.22 38.32
CA ALA A 150 17.50 -22.11 38.57
C ALA A 150 18.67 -22.60 39.40
N PHE A 151 19.73 -21.83 39.46
CA PHE A 151 20.79 -22.37 40.26
C PHE A 151 21.90 -21.40 40.59
N HIS A 152 22.61 -21.75 41.66
CA HIS A 152 23.74 -21.00 42.12
C HIS A 152 24.98 -21.81 41.94
N LEU A 153 26.09 -21.15 41.75
CA LEU A 153 27.26 -21.95 41.54
C LEU A 153 28.49 -21.49 42.29
N TRP A 154 29.20 -22.49 42.84
CA TRP A 154 30.45 -22.32 43.55
C TRP A 154 31.53 -23.19 42.97
N CYS A 155 32.75 -22.69 43.08
CA CYS A 155 33.88 -23.43 42.58
C CYS A 155 35.00 -23.23 43.54
N ASN A 156 35.49 -24.36 43.99
CA ASN A 156 36.53 -24.41 44.98
C ASN A 156 36.12 -23.51 46.14
N GLY A 157 34.85 -23.70 46.54
CA GLY A 157 34.26 -23.03 47.67
C GLY A 157 33.93 -21.58 47.43
N ARG A 158 34.23 -21.06 46.26
CA ARG A 158 33.89 -19.70 45.95
C ARG A 158 32.64 -19.57 45.09
N TRP A 159 31.86 -18.53 45.38
CA TRP A 159 30.64 -18.29 44.62
C TRP A 159 30.91 -17.73 43.24
N VAL A 160 30.34 -18.39 42.26
CA VAL A 160 30.58 -17.98 40.89
C VAL A 160 29.51 -17.14 40.21
N GLY A 161 28.27 -17.59 40.31
CA GLY A 161 27.14 -16.97 39.66
C GLY A 161 25.86 -17.79 39.81
N TYR A 162 24.85 -17.23 39.17
CA TYR A 162 23.48 -17.66 39.19
C TYR A 162 22.86 -17.63 37.79
N GLY A 163 21.82 -18.46 37.56
CA GLY A 163 21.20 -18.48 36.27
C GLY A 163 19.78 -19.04 36.23
N GLN A 164 18.98 -18.45 35.33
CA GLN A 164 17.62 -18.88 35.07
C GLN A 164 17.46 -19.29 33.59
N ASP A 165 16.30 -19.84 33.28
CA ASP A 165 16.02 -20.38 31.96
C ASP A 165 16.51 -21.80 31.82
N SER A 166 15.57 -22.70 32.08
CA SER A 166 15.83 -24.11 32.02
C SER A 166 16.30 -24.63 30.70
N ARG A 167 15.89 -24.00 29.61
CA ARG A 167 16.20 -24.57 28.33
C ARG A 167 17.34 -23.95 27.55
N LEU A 168 18.12 -23.05 28.12
CA LEU A 168 19.28 -22.54 27.34
C LEU A 168 20.55 -22.63 28.19
N PRO A 169 21.70 -22.60 27.57
CA PRO A 169 22.96 -22.68 28.31
C PRO A 169 23.35 -21.47 29.10
N SER A 170 23.94 -21.77 30.25
CA SER A 170 24.52 -20.78 31.10
C SER A 170 25.98 -21.11 31.12
N GLU A 171 26.79 -20.06 30.93
CA GLU A 171 28.25 -20.14 30.89
C GLU A 171 28.91 -19.20 31.84
N PHE A 172 29.88 -19.76 32.51
CA PHE A 172 30.66 -18.97 33.44
C PHE A 172 32.12 -19.19 33.22
N ASP A 173 32.85 -18.11 33.44
CA ASP A 173 34.28 -18.12 33.33
C ASP A 173 34.84 -18.58 34.66
N LEU A 174 35.54 -19.70 34.67
CA LEU A 174 36.05 -20.27 35.88
C LEU A 174 37.51 -19.98 36.05
N SER A 175 38.00 -19.30 35.05
CA SER A 175 39.37 -18.95 34.90
C SER A 175 40.11 -18.63 36.16
N ALA A 176 39.50 -17.85 37.00
CA ALA A 176 40.17 -17.48 38.22
C ALA A 176 39.76 -18.21 39.48
N PHE A 177 39.07 -19.33 39.38
CA PHE A 177 38.68 -20.02 40.59
C PHE A 177 39.34 -21.34 40.66
N LEU A 178 39.79 -21.70 39.49
CA LEU A 178 40.44 -22.95 39.25
C LEU A 178 41.86 -22.89 39.76
N ARG A 179 42.25 -24.08 40.23
CA ARG A 179 43.56 -24.40 40.75
C ARG A 179 44.00 -25.61 39.98
N ALA A 180 45.31 -25.76 39.84
CA ALA A 180 45.79 -26.92 39.12
C ALA A 180 45.59 -28.20 39.89
N GLY A 181 45.20 -29.18 39.09
CA GLY A 181 44.86 -30.48 39.59
C GLY A 181 43.40 -30.54 40.02
N GLU A 182 43.25 -30.71 41.31
CA GLU A 182 41.96 -30.94 41.89
C GLU A 182 41.11 -29.77 42.26
N ASN A 183 39.98 -29.75 41.56
CA ASN A 183 38.95 -28.77 41.71
C ASN A 183 37.65 -29.45 42.05
N ARG A 184 36.79 -28.66 42.68
CA ARG A 184 35.46 -29.07 43.09
C ARG A 184 34.36 -28.01 42.84
N LEU A 185 33.25 -28.49 42.27
CA LEU A 185 32.09 -27.69 41.98
C LEU A 185 30.96 -28.06 42.89
N ALA A 186 30.30 -27.00 43.29
CA ALA A 186 29.11 -27.16 44.06
C ALA A 186 28.04 -26.32 43.38
N VAL A 187 27.04 -27.05 42.92
CA VAL A 187 25.91 -26.55 42.19
C VAL A 187 24.63 -26.76 42.94
N MET A 188 23.98 -25.66 43.25
CA MET A 188 22.70 -25.80 43.89
C MET A 188 21.53 -25.33 43.07
N VAL A 189 20.75 -26.34 42.73
CA VAL A 189 19.61 -26.25 41.87
C VAL A 189 18.28 -26.23 42.59
N LEU A 190 17.56 -25.12 42.36
CA LEU A 190 16.26 -24.87 42.91
C LEU A 190 15.15 -25.33 41.98
N ARG A 191 14.18 -26.02 42.54
CA ARG A 191 13.15 -26.45 41.66
C ARG A 191 12.26 -25.34 41.16
N TRP A 192 11.80 -24.52 42.07
CA TRP A 192 10.97 -23.39 41.71
C TRP A 192 11.74 -22.09 41.79
N SER A 193 11.45 -21.13 40.88
CA SER A 193 12.07 -19.80 40.85
C SER A 193 11.13 -18.84 40.20
N ASP A 194 11.48 -17.55 40.10
CA ASP A 194 10.58 -16.63 39.45
C ASP A 194 10.49 -17.03 37.96
N GLY A 195 11.51 -17.78 37.48
CA GLY A 195 11.56 -18.30 36.10
C GLY A 195 10.46 -19.31 35.83
N SER A 196 9.93 -19.87 36.88
CA SER A 196 8.89 -20.87 36.72
C SER A 196 7.60 -20.28 36.22
N TYR A 197 7.42 -19.05 36.58
CA TYR A 197 6.20 -18.38 36.13
C TYR A 197 6.14 -18.35 34.61
N LEU A 198 7.32 -18.40 33.98
CA LEU A 198 7.42 -18.37 32.55
C LEU A 198 7.62 -19.75 31.96
N GLU A 199 7.50 -20.78 32.79
CA GLU A 199 7.68 -22.11 32.25
C GLU A 199 6.52 -23.02 32.57
N ASP A 200 5.31 -22.61 32.18
CA ASP A 200 4.15 -23.39 32.49
C ASP A 200 3.63 -24.26 31.33
N GLN A 201 4.53 -24.96 30.66
CA GLN A 201 4.14 -25.86 29.56
C GLN A 201 3.43 -27.10 30.02
N ASP A 202 2.49 -27.53 29.18
CA ASP A 202 1.75 -28.76 29.42
C ASP A 202 2.68 -29.97 29.29
N MET A 203 3.32 -30.35 30.40
CA MET A 203 4.25 -31.48 30.43
C MET A 203 4.62 -31.79 31.88
N TRP A 204 5.27 -32.93 32.11
CA TRP A 204 5.71 -33.25 33.45
C TRP A 204 6.59 -32.13 33.98
N ARG A 205 6.43 -31.81 35.27
CA ARG A 205 7.27 -30.80 35.91
C ARG A 205 8.39 -31.54 36.69
N MET A 206 9.62 -31.44 36.19
CA MET A 206 10.81 -32.06 36.72
C MET A 206 11.88 -31.07 37.07
N SER A 207 13.10 -31.57 37.39
CA SER A 207 14.20 -30.70 37.77
C SER A 207 15.57 -31.35 37.80
N GLY A 208 16.56 -30.47 37.74
CA GLY A 208 17.93 -30.89 37.80
C GLY A 208 18.83 -30.47 36.65
N ILE A 209 20.04 -31.02 36.70
CA ILE A 209 21.02 -30.82 35.65
C ILE A 209 20.75 -31.89 34.58
N PHE A 210 19.79 -31.56 33.69
CA PHE A 210 19.27 -32.48 32.71
C PHE A 210 19.84 -32.45 31.31
N ARG A 211 20.77 -31.53 31.05
CA ARG A 211 21.47 -31.49 29.78
C ARG A 211 22.90 -31.49 30.23
N ASP A 212 23.82 -31.55 29.32
CA ASP A 212 25.23 -31.60 29.58
C ASP A 212 25.90 -30.49 30.31
N VAL A 213 27.14 -30.86 30.72
CA VAL A 213 28.08 -30.04 31.43
C VAL A 213 29.41 -30.17 30.81
N SER A 214 29.96 -29.01 30.47
CA SER A 214 31.23 -29.01 29.78
C SER A 214 32.15 -27.89 30.20
N LEU A 215 33.36 -28.08 29.70
CA LEU A 215 34.44 -27.21 29.93
C LEU A 215 35.03 -26.88 28.63
N LEU A 216 35.19 -25.60 28.48
CA LEU A 216 35.76 -25.14 27.26
C LEU A 216 36.90 -24.20 27.53
N HIS A 217 37.97 -24.52 26.86
CA HIS A 217 39.16 -23.75 26.98
C HIS A 217 39.37 -22.86 25.76
N LYS A 218 39.30 -21.54 25.91
CA LYS A 218 39.54 -20.72 24.73
C LYS A 218 40.78 -19.88 24.91
N PRO A 219 41.30 -19.48 23.77
CA PRO A 219 42.47 -18.63 23.73
C PRO A 219 42.07 -17.31 24.34
N THR A 220 43.02 -16.46 24.59
CA THR A 220 42.71 -15.21 25.23
C THR A 220 42.15 -14.19 24.27
N THR A 221 42.64 -14.34 23.06
CA THR A 221 42.25 -13.57 21.94
C THR A 221 41.50 -14.59 21.13
N GLN A 222 40.18 -14.41 21.01
CA GLN A 222 39.37 -15.43 20.42
C GLN A 222 38.20 -14.91 19.63
N ILE A 223 37.51 -15.87 19.03
CA ILE A 223 36.30 -15.61 18.31
C ILE A 223 35.16 -15.63 19.33
N SER A 224 34.46 -14.49 19.47
CA SER A 224 33.40 -14.33 20.45
C SER A 224 32.00 -14.68 19.91
N ASP A 225 31.84 -14.54 18.59
CA ASP A 225 30.59 -14.85 17.90
C ASP A 225 30.80 -14.76 16.41
N PHE A 226 29.88 -15.41 15.69
CA PHE A 226 29.89 -15.29 14.27
C PHE A 226 28.56 -15.70 13.70
N HIS A 227 28.19 -15.07 12.60
CA HIS A 227 26.97 -15.40 11.94
C HIS A 227 27.16 -15.52 10.49
N VAL A 228 26.32 -16.36 9.98
CA VAL A 228 26.31 -16.61 8.60
C VAL A 228 25.02 -16.17 7.96
N ALA A 229 25.11 -15.84 6.69
CA ALA A 229 23.98 -15.39 5.91
C ALA A 229 24.20 -15.65 4.43
N THR A 230 23.12 -15.92 3.75
CA THR A 230 23.23 -16.23 2.36
C THR A 230 22.25 -15.47 1.52
N ARG A 231 22.75 -14.70 0.61
CA ARG A 231 21.87 -14.04 -0.31
C ARG A 231 21.95 -14.73 -1.67
N PHE A 232 20.84 -14.65 -2.40
CA PHE A 232 20.71 -15.22 -3.73
C PHE A 232 20.26 -14.21 -4.75
N ASN A 233 20.39 -14.60 -5.98
CA ASN A 233 19.96 -13.85 -7.11
C ASN A 233 18.62 -14.35 -7.57
N ASP A 234 18.06 -13.69 -8.54
CA ASP A 234 16.72 -14.04 -8.96
C ASP A 234 16.43 -15.52 -9.15
N ASP A 235 17.37 -16.26 -9.71
CA ASP A 235 17.10 -17.65 -9.94
C ASP A 235 17.95 -18.58 -9.10
N PHE A 236 18.60 -18.06 -8.08
CA PHE A 236 19.39 -18.93 -7.25
C PHE A 236 20.60 -19.51 -7.93
N SER A 237 20.97 -18.98 -9.05
CA SER A 237 22.15 -19.52 -9.69
C SER A 237 23.41 -18.96 -9.03
N ARG A 238 23.24 -17.92 -8.22
CA ARG A 238 24.38 -17.38 -7.51
C ARG A 238 24.05 -16.90 -6.12
N ALA A 239 24.99 -17.15 -5.21
CA ALA A 239 24.78 -16.76 -3.85
C ALA A 239 25.97 -16.06 -3.28
N VAL A 240 25.72 -15.40 -2.18
CA VAL A 240 26.78 -14.77 -1.46
C VAL A 240 26.70 -15.27 -0.07
N LEU A 241 27.80 -15.73 0.41
CA LEU A 241 27.85 -16.14 1.76
C LEU A 241 28.50 -14.97 2.48
N GLU A 242 27.87 -14.57 3.54
CA GLU A 242 28.34 -13.46 4.30
C GLU A 242 28.57 -13.82 5.73
N ALA A 243 29.79 -13.63 6.22
CA ALA A 243 30.09 -14.00 7.57
C ALA A 243 30.60 -12.84 8.36
N GLU A 244 29.99 -12.70 9.52
CA GLU A 244 30.37 -11.63 10.37
C GLU A 244 30.95 -12.24 11.59
N VAL A 245 32.15 -11.75 11.81
CA VAL A 245 32.90 -12.24 12.91
C VAL A 245 33.30 -11.19 13.90
N GLN A 246 33.14 -11.60 15.15
CA GLN A 246 33.65 -10.76 16.18
C GLN A 246 34.56 -11.50 17.08
N MET A 247 35.47 -10.71 17.59
CA MET A 247 36.51 -11.26 18.45
C MET A 247 36.58 -10.55 19.75
N CYS A 248 37.26 -11.17 20.72
CA CYS A 248 37.53 -10.63 22.04
C CYS A 248 39.01 -10.69 22.36
N GLY A 249 39.55 -9.65 23.00
CA GLY A 249 40.96 -9.69 23.36
C GLY A 249 41.76 -8.59 22.75
N GLU A 250 43.08 -8.72 22.80
CA GLU A 250 43.68 -7.58 22.18
C GLU A 250 43.93 -7.65 20.78
N LEU A 251 43.37 -6.65 20.25
CA LEU A 251 43.42 -6.30 18.91
C LEU A 251 44.78 -5.86 18.52
N ARG A 252 45.37 -6.65 17.68
CA ARG A 252 46.69 -6.43 17.14
C ARG A 252 46.66 -6.54 15.61
N ASP A 253 47.22 -5.56 14.97
CA ASP A 253 47.21 -5.46 13.51
C ASP A 253 47.62 -6.70 12.74
N TYR A 254 48.26 -7.63 13.41
CA TYR A 254 48.68 -8.79 12.66
C TYR A 254 47.62 -9.85 12.60
N LEU A 255 46.48 -9.54 13.24
CA LEU A 255 45.36 -10.44 13.32
C LEU A 255 44.61 -10.50 12.02
N ARG A 256 44.21 -11.73 11.69
CA ARG A 256 43.45 -11.96 10.49
C ARG A 256 42.38 -12.99 10.73
N VAL A 257 41.47 -13.02 9.77
CA VAL A 257 40.40 -13.97 9.76
C VAL A 257 40.24 -14.53 8.38
N THR A 258 40.06 -15.84 8.41
CA THR A 258 39.82 -16.51 7.19
C THR A 258 38.58 -17.38 7.32
N VAL A 259 37.74 -17.17 6.33
CA VAL A 259 36.55 -17.94 6.27
C VAL A 259 36.61 -18.69 4.99
N SER A 260 36.49 -20.01 5.11
CA SER A 260 36.60 -20.92 3.97
C SER A 260 35.36 -21.82 3.91
N LEU A 261 34.95 -22.06 2.69
CA LEU A 261 33.79 -22.85 2.49
C LEU A 261 34.11 -24.10 1.72
N TRP A 262 33.80 -25.18 2.37
CA TRP A 262 34.08 -26.47 1.79
C TRP A 262 32.89 -27.22 1.44
N GLN A 263 33.08 -27.94 0.41
CA GLN A 263 32.05 -28.83 0.06
C GLN A 263 32.70 -30.18 -0.04
N GLY A 264 32.72 -30.82 1.09
CA GLY A 264 33.37 -32.07 1.11
C GLY A 264 34.82 -31.86 1.41
N GLU A 265 35.64 -32.17 0.42
CA GLU A 265 37.08 -32.11 0.50
C GLU A 265 37.59 -30.97 -0.31
N THR A 266 36.63 -30.56 -1.08
CA THR A 266 36.78 -29.51 -2.01
C THR A 266 36.50 -28.11 -1.45
N GLN A 267 37.51 -27.27 -1.47
CA GLN A 267 37.28 -25.94 -0.97
C GLN A 267 36.61 -25.19 -2.08
N VAL A 268 35.57 -24.46 -1.75
CA VAL A 268 34.74 -23.82 -2.74
C VAL A 268 35.00 -22.36 -2.84
N ALA A 269 35.30 -21.82 -1.68
CA ALA A 269 35.61 -20.43 -1.57
C ALA A 269 36.31 -20.18 -0.26
N SER A 270 37.16 -19.14 -0.29
CA SER A 270 37.89 -18.66 0.89
C SER A 270 38.07 -17.14 0.85
N GLY A 271 38.10 -16.56 2.05
CA GLY A 271 38.28 -15.15 2.19
C GLY A 271 39.10 -14.83 3.44
N THR A 272 39.98 -13.84 3.25
CA THR A 272 40.80 -13.41 4.34
C THR A 272 40.80 -11.93 4.60
N ALA A 273 40.74 -11.56 5.88
CA ALA A 273 40.80 -10.15 6.19
C ALA A 273 41.10 -9.93 7.62
N PRO A 274 41.42 -8.70 7.87
CA PRO A 274 41.82 -8.26 9.19
C PRO A 274 40.66 -7.54 9.77
N PHE A 275 40.68 -7.37 11.07
CA PHE A 275 39.61 -6.75 11.75
C PHE A 275 39.33 -5.34 11.36
N GLY A 276 38.09 -4.91 11.47
CA GLY A 276 37.71 -3.54 11.17
C GLY A 276 36.57 -3.45 10.17
N GLY A 277 35.37 -3.15 10.67
CA GLY A 277 34.22 -2.99 9.80
C GLY A 277 34.08 -1.60 9.13
N GLU A 278 33.02 -1.50 8.32
CA GLU A 278 32.65 -0.28 7.61
C GLU A 278 32.12 0.77 8.60
N ILE A 279 32.07 2.04 8.17
CA ILE A 279 31.58 3.08 9.05
C ILE A 279 30.12 2.85 9.32
N ILE A 280 29.70 2.90 10.58
CA ILE A 280 28.30 2.67 10.81
C ILE A 280 27.51 3.89 11.20
N ASP A 281 28.17 4.72 11.94
CA ASP A 281 27.56 5.94 12.36
C ASP A 281 28.59 7.02 12.52
N GLU A 282 28.17 8.08 13.18
CA GLU A 282 29.03 9.22 13.43
C GLU A 282 30.34 8.90 14.18
N ARG A 283 30.40 7.80 14.95
CA ARG A 283 31.62 7.45 15.71
C ARG A 283 32.51 6.46 15.00
N GLY A 284 32.01 5.86 13.91
CA GLY A 284 32.82 4.93 13.16
C GLY A 284 32.23 3.56 13.03
N GLY A 285 33.12 2.56 13.17
CA GLY A 285 32.74 1.16 13.03
C GLY A 285 33.30 0.33 14.14
N TYR A 286 33.04 -0.94 13.99
CA TYR A 286 33.50 -1.94 14.91
C TYR A 286 34.89 -2.32 14.50
N ALA A 287 35.81 -2.08 15.38
CA ALA A 287 37.16 -2.49 15.08
C ALA A 287 37.42 -3.98 15.34
N ASP A 288 36.59 -4.54 16.18
CA ASP A 288 36.62 -5.93 16.58
C ASP A 288 35.67 -6.81 15.80
N ARG A 289 35.30 -6.35 14.61
CA ARG A 289 34.49 -7.18 13.77
C ARG A 289 34.99 -7.07 12.40
N VAL A 290 34.62 -8.07 11.64
CA VAL A 290 34.95 -8.16 10.24
C VAL A 290 33.87 -8.99 9.59
N THR A 291 33.57 -8.64 8.36
CA THR A 291 32.57 -9.34 7.64
C THR A 291 33.08 -9.82 6.31
N LEU A 292 33.01 -11.09 6.03
CA LEU A 292 33.50 -11.44 4.73
C LEU A 292 32.35 -11.83 3.86
N ARG A 293 32.56 -11.76 2.59
CA ARG A 293 31.57 -12.14 1.64
C ARG A 293 32.19 -13.01 0.58
N LEU A 294 31.67 -14.21 0.50
CA LEU A 294 32.12 -15.16 -0.46
C LEU A 294 31.08 -15.38 -1.50
N ASN A 295 31.55 -15.44 -2.69
CA ASN A 295 30.69 -15.67 -3.81
C ASN A 295 30.67 -17.15 -4.16
N VAL A 296 29.49 -17.64 -4.37
CA VAL A 296 29.32 -19.02 -4.68
C VAL A 296 28.44 -19.15 -5.89
N GLU A 297 29.01 -19.74 -6.90
CA GLU A 297 28.30 -19.92 -8.13
C GLU A 297 27.60 -21.25 -8.09
N ASN A 298 26.35 -21.23 -8.50
CA ASN A 298 25.55 -22.43 -8.56
C ASN A 298 25.66 -23.30 -7.35
N PRO A 299 25.19 -22.75 -6.25
CA PRO A 299 25.26 -23.41 -4.97
C PRO A 299 24.25 -24.52 -4.94
N LYS A 300 24.57 -25.59 -4.23
CA LYS A 300 23.64 -26.68 -4.03
C LYS A 300 22.74 -26.23 -2.88
N LEU A 301 21.43 -26.21 -3.09
CA LEU A 301 20.50 -25.71 -2.07
C LEU A 301 20.01 -26.68 -1.05
N TRP A 302 19.82 -26.17 0.13
CA TRP A 302 19.39 -26.99 1.20
C TRP A 302 17.91 -26.97 1.29
N SER A 303 17.35 -28.12 1.59
CA SER A 303 15.93 -28.24 1.76
C SER A 303 15.70 -29.51 2.54
N ALA A 304 14.47 -29.75 2.98
CA ALA A 304 14.19 -30.96 3.73
C ALA A 304 14.17 -32.09 2.77
N GLU A 305 13.97 -31.79 1.47
CA GLU A 305 13.98 -32.81 0.43
C GLU A 305 15.41 -33.26 0.14
N ILE A 306 16.34 -32.32 0.15
CA ILE A 306 17.74 -32.56 -0.07
C ILE A 306 18.56 -31.54 0.70
N PRO A 307 19.04 -32.07 1.79
CA PRO A 307 19.77 -31.33 2.76
C PRO A 307 21.18 -30.99 2.33
N ASN A 308 21.34 -30.39 1.19
CA ASN A 308 22.68 -29.97 0.79
C ASN A 308 23.30 -29.09 1.84
N LEU A 309 24.46 -29.50 2.31
CA LEU A 309 25.23 -28.78 3.31
C LEU A 309 26.68 -28.43 2.88
N TYR A 310 27.21 -27.35 3.42
CA TYR A 310 28.58 -27.01 3.19
C TYR A 310 29.16 -26.87 4.54
N ARG A 311 30.47 -26.82 4.59
CA ARG A 311 31.13 -26.61 5.84
C ARG A 311 31.81 -25.28 5.82
N ALA A 312 31.61 -24.56 6.87
CA ALA A 312 32.26 -23.28 6.97
C ALA A 312 33.22 -23.28 8.14
N VAL A 313 34.44 -22.90 7.78
CA VAL A 313 35.51 -22.78 8.74
C VAL A 313 35.97 -21.34 8.86
N VAL A 314 36.04 -20.99 10.13
CA VAL A 314 36.43 -19.67 10.55
C VAL A 314 37.70 -19.75 11.34
N GLU A 315 38.74 -19.24 10.71
CA GLU A 315 40.00 -19.27 11.37
C GLU A 315 40.42 -17.91 11.80
N LEU A 316 40.88 -17.88 13.04
CA LEU A 316 41.44 -16.68 13.61
C LEU A 316 42.95 -16.92 13.71
N HIS A 317 43.69 -16.23 12.85
CA HIS A 317 45.13 -16.38 12.82
C HIS A 317 45.86 -15.05 12.70
N THR A 318 47.14 -15.17 12.78
CA THR A 318 47.98 -14.00 12.65
C THR A 318 48.37 -13.96 11.20
N ALA A 319 48.98 -12.88 10.80
CA ALA A 319 49.32 -12.81 9.40
C ALA A 319 50.40 -13.71 8.92
N ASP A 320 51.27 -14.13 9.81
CA ASP A 320 52.37 -14.99 9.40
C ASP A 320 51.88 -16.40 9.18
N GLY A 321 50.57 -16.60 9.24
CA GLY A 321 49.96 -17.91 9.02
C GLY A 321 49.72 -18.73 10.30
N THR A 322 50.06 -18.17 11.41
CA THR A 322 49.86 -18.91 12.63
C THR A 322 48.41 -18.89 13.15
N LEU A 323 47.87 -20.07 13.42
CA LEU A 323 46.48 -20.21 13.89
C LEU A 323 46.30 -19.98 15.35
N ILE A 324 45.44 -19.01 15.68
CA ILE A 324 45.14 -18.80 17.07
C ILE A 324 44.05 -19.80 17.43
N GLU A 325 43.03 -19.92 16.58
CA GLU A 325 41.94 -20.86 16.87
C GLU A 325 40.96 -20.88 15.74
N ALA A 326 40.17 -21.97 15.75
CA ALA A 326 39.17 -22.12 14.71
C ALA A 326 37.79 -22.57 15.18
N GLU A 327 36.74 -22.06 14.48
CA GLU A 327 35.37 -22.48 14.72
C GLU A 327 34.72 -22.84 13.43
N ALA A 328 33.64 -23.61 13.57
CA ALA A 328 32.95 -23.96 12.36
C ALA A 328 31.48 -24.27 12.53
N CYS A 329 30.83 -24.34 11.38
CA CYS A 329 29.45 -24.72 11.38
C CYS A 329 29.06 -25.24 10.01
N ASP A 330 27.95 -25.98 9.95
CA ASP A 330 27.42 -26.45 8.67
C ASP A 330 26.62 -25.36 8.08
N VAL A 331 26.67 -25.24 6.78
CA VAL A 331 25.93 -24.19 6.13
C VAL A 331 24.98 -24.76 5.11
N GLY A 332 23.78 -24.19 5.06
CA GLY A 332 22.75 -24.59 4.14
C GLY A 332 22.27 -23.38 3.39
N PHE A 333 22.30 -23.47 2.09
CA PHE A 333 21.88 -22.36 1.30
C PHE A 333 20.39 -22.40 1.07
N ARG A 334 19.67 -21.48 1.68
CA ARG A 334 18.24 -21.46 1.49
C ARG A 334 17.74 -20.11 1.81
N GLU A 335 16.66 -19.77 1.13
CA GLU A 335 15.99 -18.55 1.34
C GLU A 335 14.60 -18.82 1.81
N VAL A 336 14.20 -18.13 2.88
CA VAL A 336 12.84 -18.23 3.46
C VAL A 336 12.14 -16.89 3.38
N ARG A 337 10.99 -16.86 2.76
CA ARG A 337 10.30 -15.59 2.64
C ARG A 337 8.81 -15.72 2.59
N ILE A 338 8.15 -14.72 3.12
CA ILE A 338 6.73 -14.66 2.94
C ILE A 338 6.50 -13.65 1.85
N GLU A 339 5.91 -14.11 0.81
CA GLU A 339 5.71 -13.18 -0.24
C GLU A 339 4.34 -13.28 -0.86
N ASN A 340 3.62 -12.22 -0.78
CA ASN A 340 2.35 -12.24 -1.38
C ASN A 340 1.40 -13.25 -0.76
N GLY A 341 1.49 -13.38 0.54
CA GLY A 341 0.62 -14.26 1.32
C GLY A 341 1.13 -15.65 1.40
N LEU A 342 2.20 -15.92 0.65
CA LEU A 342 2.73 -17.27 0.71
C LEU A 342 4.07 -17.36 1.36
N LEU A 343 4.29 -18.47 2.04
CA LEU A 343 5.56 -18.78 2.67
C LEU A 343 6.37 -19.57 1.67
N LEU A 344 7.54 -19.07 1.27
CA LEU A 344 8.38 -19.72 0.28
C LEU A 344 9.69 -20.15 0.79
N LEU A 345 10.08 -21.28 0.25
CA LEU A 345 11.37 -21.80 0.54
C LEU A 345 12.03 -21.91 -0.77
N ASN A 346 13.16 -21.24 -0.86
CA ASN A 346 13.89 -21.22 -2.11
C ASN A 346 12.94 -20.97 -3.26
N GLY A 347 12.09 -19.98 -3.10
CA GLY A 347 11.20 -19.64 -4.18
C GLY A 347 9.94 -20.45 -4.40
N LYS A 348 9.79 -21.62 -3.79
CA LYS A 348 8.57 -22.34 -3.98
C LYS A 348 7.86 -22.38 -2.66
N PRO A 349 6.57 -22.64 -2.71
CA PRO A 349 5.79 -22.58 -1.52
C PRO A 349 5.70 -23.88 -0.83
N LEU A 350 6.06 -23.84 0.42
CA LEU A 350 6.00 -25.02 1.20
C LEU A 350 4.60 -25.46 1.54
N LEU A 351 4.53 -26.72 1.88
CA LEU A 351 3.34 -27.36 2.42
C LEU A 351 3.89 -28.10 3.62
N ILE A 352 3.74 -27.58 4.83
CA ILE A 352 4.33 -28.14 6.03
C ILE A 352 3.58 -29.39 6.50
N ARG A 353 4.30 -30.51 6.51
CA ARG A 353 3.74 -31.72 7.02
C ARG A 353 4.46 -31.86 8.32
N GLY A 354 3.92 -31.27 9.39
CA GLY A 354 4.70 -31.28 10.59
C GLY A 354 4.03 -31.79 11.83
N VAL A 355 4.85 -31.83 12.86
CA VAL A 355 4.39 -32.30 14.16
C VAL A 355 5.13 -31.58 15.27
N ASN A 356 4.48 -31.49 16.40
CA ASN A 356 5.04 -30.85 17.57
C ASN A 356 5.71 -31.94 18.32
N ARG A 357 6.91 -31.70 18.83
CA ARG A 357 7.60 -32.71 19.59
C ARG A 357 8.25 -32.19 20.87
N HIS A 358 8.01 -32.88 21.98
CA HIS A 358 8.61 -32.53 23.27
C HIS A 358 9.84 -33.37 23.50
N GLU A 359 10.69 -32.88 24.40
CA GLU A 359 11.87 -33.69 24.71
C GLU A 359 11.48 -34.64 25.85
N HIS A 360 11.10 -35.88 25.47
CA HIS A 360 10.60 -36.85 26.44
C HIS A 360 11.07 -38.28 26.22
N HIS A 361 11.53 -38.82 27.31
CA HIS A 361 12.02 -40.16 27.44
C HIS A 361 11.35 -40.77 28.68
N PRO A 362 10.66 -41.87 28.47
CA PRO A 362 9.93 -42.60 29.51
C PRO A 362 10.81 -43.04 30.69
N LEU A 363 12.07 -43.28 30.37
CA LEU A 363 13.03 -43.69 31.37
C LEU A 363 13.83 -42.56 31.94
N HIS A 364 14.34 -41.70 31.05
CA HIS A 364 15.17 -40.59 31.42
C HIS A 364 14.46 -39.31 31.70
N GLY A 365 13.14 -39.32 31.61
CA GLY A 365 12.41 -38.09 31.84
C GLY A 365 12.70 -37.13 30.69
N GLN A 366 13.31 -35.97 30.99
CA GLN A 366 13.56 -34.98 29.97
C GLN A 366 14.99 -34.84 29.51
N VAL A 367 15.76 -35.90 29.71
CA VAL A 367 17.16 -35.90 29.29
C VAL A 367 17.21 -36.48 27.91
N MET A 368 17.82 -35.77 26.99
CA MET A 368 17.88 -36.29 25.62
C MET A 368 19.19 -36.90 25.23
N ASP A 369 19.14 -37.88 24.33
CA ASP A 369 20.33 -38.54 23.81
C ASP A 369 20.28 -38.68 22.29
N GLU A 370 21.44 -38.84 21.72
CA GLU A 370 21.52 -38.92 20.30
C GLU A 370 20.68 -40.01 19.67
N GLN A 371 20.69 -41.18 20.31
CA GLN A 371 19.95 -42.30 19.78
C GLN A 371 18.49 -41.95 19.65
N THR A 372 17.92 -41.44 20.74
CA THR A 372 16.53 -41.06 20.74
C THR A 372 16.19 -40.02 19.67
N MET A 373 17.04 -39.01 19.58
CA MET A 373 16.79 -37.99 18.61
C MET A 373 16.69 -38.60 17.24
N VAL A 374 17.69 -39.39 16.95
CA VAL A 374 17.74 -40.04 15.65
C VAL A 374 16.56 -40.96 15.35
N GLN A 375 16.17 -41.70 16.37
CA GLN A 375 15.04 -42.54 16.15
C GLN A 375 13.85 -41.71 15.69
N ASP A 376 13.54 -40.71 16.51
CA ASP A 376 12.47 -39.80 16.22
C ASP A 376 12.55 -39.27 14.81
N ILE A 377 13.73 -38.77 14.48
CA ILE A 377 13.86 -38.23 13.15
C ILE A 377 13.50 -39.22 12.05
N LEU A 378 14.11 -40.37 12.14
CA LEU A 378 13.78 -41.33 11.12
C LEU A 378 12.33 -41.75 11.10
N LEU A 379 11.72 -41.89 12.23
CA LEU A 379 10.32 -42.24 12.15
C LEU A 379 9.50 -41.21 11.46
N MET A 380 9.85 -39.98 11.74
CA MET A 380 9.14 -38.90 11.17
C MET A 380 9.32 -38.90 9.69
N LYS A 381 10.60 -38.92 9.26
CA LYS A 381 10.83 -38.89 7.83
C LYS A 381 10.15 -40.06 7.15
N GLN A 382 10.13 -41.19 7.82
CA GLN A 382 9.54 -42.35 7.21
C GLN A 382 8.08 -42.24 7.08
N ASN A 383 7.57 -41.48 7.98
CA ASN A 383 6.16 -41.31 7.96
C ASN A 383 5.67 -40.08 7.25
N ASN A 384 6.48 -39.48 6.39
CA ASN A 384 5.99 -38.33 5.65
C ASN A 384 5.92 -36.94 6.24
N PHE A 385 6.70 -36.72 7.31
CA PHE A 385 6.86 -35.42 7.96
C PHE A 385 8.08 -34.69 7.39
N ASN A 386 7.95 -33.39 7.25
CA ASN A 386 8.85 -32.36 6.71
C ASN A 386 9.46 -31.50 7.77
N ALA A 387 8.66 -31.34 8.83
CA ALA A 387 8.95 -30.39 9.82
C ALA A 387 8.48 -30.72 11.21
N VAL A 388 9.17 -30.09 12.13
CA VAL A 388 8.88 -30.21 13.54
C VAL A 388 8.90 -28.82 14.27
N ARG A 389 8.04 -28.67 15.27
CA ARG A 389 7.98 -27.48 16.12
C ARG A 389 8.53 -27.83 17.50
N CYS A 390 9.49 -27.03 18.00
CA CYS A 390 10.07 -27.28 19.32
C CYS A 390 9.19 -26.83 20.47
N SER A 391 8.06 -27.52 20.59
CA SER A 391 7.09 -27.22 21.63
C SER A 391 7.75 -27.54 22.93
N HIS A 392 8.00 -26.54 23.81
CA HIS A 392 7.79 -25.12 23.65
C HIS A 392 8.96 -24.41 24.29
N TYR A 393 10.13 -24.76 23.75
CA TYR A 393 11.37 -24.21 24.27
C TYR A 393 12.50 -24.69 23.41
N PRO A 394 13.64 -24.04 23.58
CA PRO A 394 14.78 -24.41 22.80
C PRO A 394 15.18 -25.82 23.16
N ASN A 395 15.62 -26.57 22.19
CA ASN A 395 15.94 -27.95 22.42
C ASN A 395 17.41 -28.14 22.60
N HIS A 396 17.73 -29.37 22.92
CA HIS A 396 19.09 -29.80 23.02
C HIS A 396 19.78 -29.58 21.67
N PRO A 397 20.91 -28.92 21.75
CA PRO A 397 21.70 -28.47 20.63
C PRO A 397 21.87 -29.40 19.49
N LEU A 398 22.04 -30.64 19.82
CA LEU A 398 22.27 -31.58 18.77
C LEU A 398 21.09 -31.69 17.81
N TRP A 399 19.92 -31.46 18.37
CA TRP A 399 18.72 -31.53 17.57
C TRP A 399 18.84 -30.78 16.24
N TYR A 400 19.27 -29.51 16.31
CA TYR A 400 19.35 -28.73 15.10
C TYR A 400 20.30 -29.29 14.09
N THR A 401 21.37 -29.75 14.66
CA THR A 401 22.34 -30.33 13.81
C THR A 401 21.80 -31.54 13.01
N LEU A 402 21.14 -32.48 13.71
CA LEU A 402 20.54 -33.59 13.04
C LEU A 402 19.53 -33.13 11.98
N CYS A 403 18.68 -32.16 12.33
CA CYS A 403 17.69 -31.69 11.38
C CYS A 403 18.36 -31.09 10.18
N ASP A 404 19.45 -30.40 10.47
CA ASP A 404 20.20 -29.77 9.41
C ASP A 404 20.64 -30.82 8.43
N ARG A 405 21.08 -31.91 9.03
CA ARG A 405 21.64 -33.03 8.29
C ARG A 405 20.69 -34.00 7.67
N TYR A 406 19.66 -34.40 8.40
CA TYR A 406 18.71 -35.33 7.82
C TYR A 406 17.67 -34.60 6.99
N GLY A 407 17.49 -33.32 7.25
CA GLY A 407 16.49 -32.63 6.51
C GLY A 407 15.09 -32.49 7.13
N LEU A 408 14.96 -31.65 8.13
CA LEU A 408 13.63 -31.35 8.63
C LEU A 408 13.54 -29.86 8.84
N TYR A 409 12.42 -29.23 8.51
CA TYR A 409 12.26 -27.82 8.82
C TYR A 409 11.95 -27.69 10.29
N VAL A 410 12.60 -26.74 10.95
CA VAL A 410 12.37 -26.55 12.36
C VAL A 410 11.88 -25.15 12.68
N VAL A 411 10.88 -25.11 13.54
CA VAL A 411 10.35 -23.88 14.11
C VAL A 411 10.99 -23.80 15.54
N ASP A 412 11.94 -22.90 15.81
CA ASP A 412 12.60 -22.78 17.11
C ASP A 412 11.74 -21.85 17.99
N GLU A 413 11.42 -22.28 19.21
CA GLU A 413 10.52 -21.56 20.10
C GLU A 413 11.11 -21.19 21.46
N ALA A 414 10.88 -19.96 21.87
CA ALA A 414 11.37 -19.45 23.12
C ALA A 414 10.74 -20.17 24.27
N ASN A 415 11.51 -20.27 25.31
CA ASN A 415 11.04 -20.94 26.46
C ASN A 415 10.15 -20.01 27.25
N ILE A 416 8.96 -19.70 26.74
CA ILE A 416 8.08 -18.81 27.51
C ILE A 416 6.62 -19.25 27.47
N GLU A 417 6.09 -19.73 28.59
CA GLU A 417 4.69 -20.10 28.62
C GLU A 417 4.09 -19.78 29.94
N THR A 418 3.15 -18.87 29.92
CA THR A 418 2.50 -18.46 31.14
C THR A 418 1.02 -18.80 31.11
N HIS A 419 0.72 -19.92 30.51
CA HIS A 419 -0.64 -20.39 30.36
C HIS A 419 -1.52 -20.22 31.60
N GLY A 420 -1.00 -20.52 32.78
CA GLY A 420 -1.78 -20.47 34.00
C GLY A 420 -2.11 -19.11 34.61
N MET A 421 -1.77 -17.98 34.00
CA MET A 421 -2.14 -16.71 34.60
C MET A 421 -3.53 -16.29 34.21
N VAL A 422 -4.10 -15.39 34.96
CA VAL A 422 -5.38 -14.84 34.58
C VAL A 422 -5.28 -13.33 34.60
N PRO A 423 -5.58 -12.69 33.50
CA PRO A 423 -5.81 -13.37 32.25
C PRO A 423 -4.42 -13.86 31.80
N MET A 424 -4.37 -14.43 30.62
CA MET A 424 -3.14 -15.03 30.10
C MET A 424 -1.92 -14.12 29.97
N ASN A 425 -2.22 -12.90 29.57
CA ASN A 425 -1.49 -11.65 29.35
C ASN A 425 -0.70 -11.06 30.49
N ARG A 426 -1.27 -11.30 31.66
CA ARG A 426 -0.86 -10.74 32.90
C ARG A 426 0.62 -10.44 33.04
N LEU A 427 1.50 -11.38 32.75
CA LEU A 427 2.90 -11.04 32.85
C LEU A 427 3.50 -10.43 31.57
N THR A 428 3.06 -10.94 30.42
CA THR A 428 3.54 -10.55 29.10
C THR A 428 3.14 -9.17 28.70
N ASP A 429 2.19 -8.65 29.46
CA ASP A 429 1.80 -7.30 29.21
C ASP A 429 2.50 -6.38 30.22
N ASP A 430 3.27 -6.98 31.12
CA ASP A 430 3.92 -6.22 32.15
C ASP A 430 5.38 -5.97 31.87
N PRO A 431 5.64 -4.66 31.76
CA PRO A 431 6.96 -4.13 31.52
C PRO A 431 7.95 -4.74 32.49
N ARG A 432 7.53 -5.00 33.71
CA ARG A 432 8.51 -5.62 34.60
C ARG A 432 9.01 -7.01 34.20
N TRP A 433 8.30 -7.69 33.30
CA TRP A 433 8.73 -8.98 32.85
C TRP A 433 9.42 -8.93 31.54
N LEU A 434 9.42 -7.73 31.01
CA LEU A 434 10.06 -7.52 29.72
C LEU A 434 11.51 -8.03 29.69
N PRO A 435 12.28 -7.68 30.66
CA PRO A 435 13.66 -8.14 30.65
C PRO A 435 13.81 -9.65 30.66
N ALA A 436 13.21 -10.26 31.65
CA ALA A 436 13.22 -11.71 31.72
C ALA A 436 12.79 -12.33 30.41
N MET A 437 11.72 -11.80 29.82
CA MET A 437 11.27 -12.42 28.59
C MET A 437 12.28 -12.27 27.51
N SER A 438 12.77 -11.06 27.50
CA SER A 438 13.72 -10.63 26.52
C SER A 438 14.90 -11.61 26.42
N GLU A 439 15.40 -12.02 27.54
CA GLU A 439 16.51 -12.95 27.52
C GLU A 439 16.15 -14.31 27.00
N ARG A 440 14.89 -14.67 27.09
CA ARG A 440 14.51 -15.97 26.60
C ARG A 440 14.46 -16.02 25.12
N VAL A 441 14.28 -14.83 24.52
CA VAL A 441 14.21 -14.72 23.07
C VAL A 441 15.57 -14.46 22.47
N THR A 442 16.18 -13.41 22.98
CA THR A 442 17.49 -13.08 22.46
C THR A 442 18.49 -14.20 22.52
N ARG A 443 18.60 -14.89 23.65
CA ARG A 443 19.62 -15.91 23.69
C ARG A 443 19.39 -17.07 22.77
N MET A 444 18.13 -17.35 22.58
CA MET A 444 17.80 -18.41 21.64
C MET A 444 18.33 -18.09 20.26
N VAL A 445 18.07 -16.87 19.86
CA VAL A 445 18.48 -16.44 18.54
C VAL A 445 19.99 -16.43 18.40
N GLN A 446 20.68 -15.86 19.40
CA GLN A 446 22.13 -15.82 19.32
C GLN A 446 22.72 -17.20 19.23
N ARG A 447 22.02 -18.15 19.78
CA ARG A 447 22.56 -19.48 19.76
C ARG A 447 22.22 -20.28 18.53
N ASP A 448 20.99 -20.17 18.02
CA ASP A 448 20.57 -21.07 16.92
C ASP A 448 20.51 -20.52 15.53
N ARG A 449 20.79 -19.25 15.47
CA ARG A 449 20.68 -18.52 14.23
C ARG A 449 21.40 -19.00 13.02
N ASN A 450 22.47 -19.78 13.22
CA ASN A 450 23.23 -20.24 12.07
C ASN A 450 22.78 -21.57 11.53
N HIS A 451 21.77 -22.18 12.14
CA HIS A 451 21.35 -23.47 11.59
C HIS A 451 20.39 -23.33 10.41
N PRO A 452 20.63 -24.01 9.30
CA PRO A 452 19.71 -23.92 8.17
C PRO A 452 18.34 -24.50 8.40
N SER A 453 18.24 -25.50 9.28
CA SER A 453 16.95 -26.15 9.51
C SER A 453 15.94 -25.23 10.16
N VAL A 454 16.45 -24.22 10.84
CA VAL A 454 15.52 -23.33 11.49
C VAL A 454 14.96 -22.36 10.50
N ILE A 455 13.66 -22.40 10.31
CA ILE A 455 13.14 -21.50 9.33
C ILE A 455 12.16 -20.51 9.88
N ILE A 456 11.73 -20.72 11.11
CA ILE A 456 10.81 -19.80 11.70
C ILE A 456 11.08 -19.72 13.15
N TRP A 457 10.94 -18.54 13.69
CA TRP A 457 11.11 -18.26 15.12
C TRP A 457 9.74 -18.06 15.71
N SER A 458 9.61 -18.54 16.91
CA SER A 458 8.36 -18.44 17.63
C SER A 458 8.66 -17.82 18.98
N LEU A 459 7.78 -16.92 19.43
CA LEU A 459 7.93 -16.16 20.69
C LEU A 459 7.56 -16.92 21.95
N GLY A 460 7.11 -18.16 21.83
CA GLY A 460 6.66 -18.89 23.01
C GLY A 460 5.32 -19.49 22.69
N ASN A 461 4.60 -19.80 23.76
CA ASN A 461 3.32 -20.44 23.66
C ASN A 461 2.43 -20.01 24.81
N GLU A 462 1.20 -19.97 24.43
CA GLU A 462 0.09 -19.69 25.30
C GLU A 462 0.42 -18.81 26.49
N SER A 463 0.66 -17.56 26.13
CA SER A 463 0.97 -16.53 27.10
C SER A 463 0.21 -15.28 26.76
N GLY A 464 -0.96 -15.48 26.12
CA GLY A 464 -1.80 -14.39 25.68
C GLY A 464 -1.02 -13.47 24.75
N HIS A 465 -1.44 -12.21 24.68
CA HIS A 465 -0.77 -11.28 23.81
C HIS A 465 -0.43 -10.00 24.53
N GLY A 466 0.85 -9.70 24.80
CA GLY A 466 1.19 -8.48 25.52
C GLY A 466 2.16 -7.60 24.77
N ALA A 467 2.29 -6.36 25.24
CA ALA A 467 3.23 -5.43 24.61
C ALA A 467 4.61 -6.02 24.63
N ASN A 468 4.93 -6.83 25.63
CA ASN A 468 6.23 -7.48 25.55
C ASN A 468 6.41 -8.32 24.27
N HIS A 469 5.33 -8.85 23.72
CA HIS A 469 5.54 -9.67 22.52
C HIS A 469 5.87 -8.85 21.32
N ASP A 470 5.12 -7.77 21.26
CA ASP A 470 5.34 -6.86 20.17
C ASP A 470 6.75 -6.35 20.10
N ALA A 471 7.32 -6.07 21.25
CA ALA A 471 8.66 -5.58 21.23
C ALA A 471 9.59 -6.64 20.80
N LEU A 472 9.39 -7.83 21.33
CA LEU A 472 10.31 -8.91 21.01
C LEU A 472 10.20 -9.38 19.61
N TYR A 473 9.04 -9.28 19.08
CA TYR A 473 8.90 -9.64 17.70
C TYR A 473 9.64 -8.65 16.85
N ARG A 474 9.51 -7.37 17.16
CA ARG A 474 10.26 -6.38 16.39
C ARG A 474 11.76 -6.59 16.52
N TRP A 475 12.18 -6.98 17.69
CA TRP A 475 13.60 -7.17 17.89
C TRP A 475 14.17 -8.18 16.91
N ILE A 476 13.47 -9.29 16.83
CA ILE A 476 13.93 -10.36 15.97
C ILE A 476 13.99 -9.93 14.56
N LYS A 477 12.90 -9.33 14.12
CA LYS A 477 12.85 -8.86 12.75
C LYS A 477 14.03 -8.00 12.41
N SER A 478 14.43 -7.22 13.37
CA SER A 478 15.57 -6.37 13.16
C SER A 478 16.83 -7.15 13.11
N VAL A 479 16.97 -8.03 14.03
CA VAL A 479 18.21 -8.73 14.11
C VAL A 479 18.44 -9.79 13.04
N ASP A 480 17.38 -10.52 12.72
CA ASP A 480 17.47 -11.57 11.75
C ASP A 480 16.24 -11.62 10.92
N PRO A 481 16.29 -10.87 9.92
CA PRO A 481 15.26 -10.76 8.92
C PRO A 481 15.22 -12.01 7.98
N SER A 482 16.12 -12.98 8.13
CA SER A 482 16.17 -14.16 7.28
C SER A 482 15.01 -15.10 7.51
N ARG A 483 14.31 -14.94 8.64
CA ARG A 483 13.24 -15.82 9.02
C ARG A 483 12.03 -15.10 9.53
N PRO A 484 10.90 -15.76 9.43
CA PRO A 484 9.69 -15.15 9.89
C PRO A 484 9.43 -15.44 11.31
N VAL A 485 8.63 -14.61 11.88
CA VAL A 485 8.36 -14.86 13.26
C VAL A 485 6.93 -15.26 13.41
N GLN A 486 6.68 -16.17 14.34
CA GLN A 486 5.31 -16.55 14.62
C GLN A 486 5.03 -16.64 16.10
N TYR A 487 3.79 -16.39 16.45
CA TYR A 487 3.29 -16.47 17.83
C TYR A 487 1.79 -16.61 17.76
N GLU A 488 1.25 -17.59 18.46
CA GLU A 488 -0.18 -17.79 18.39
C GLU A 488 -1.03 -17.06 19.43
N GLY A 489 -0.43 -16.78 20.60
CA GLY A 489 -1.13 -16.17 21.70
C GLY A 489 -2.01 -15.02 21.30
N GLY A 490 -3.09 -14.91 22.03
CA GLY A 490 -3.95 -13.78 21.86
C GLY A 490 -4.80 -13.75 20.62
N GLY A 491 -5.11 -14.90 20.06
CA GLY A 491 -5.98 -14.86 18.92
C GLY A 491 -5.43 -15.39 17.61
N ALA A 492 -4.11 -15.69 17.57
CA ALA A 492 -3.42 -16.29 16.42
C ALA A 492 -3.15 -15.40 15.24
N ASP A 493 -3.73 -14.24 15.28
CA ASP A 493 -3.43 -13.38 14.17
C ASP A 493 -2.99 -12.02 14.63
N THR A 494 -2.39 -11.89 15.80
CA THR A 494 -1.99 -10.57 16.27
C THR A 494 -0.93 -9.92 15.42
N THR A 495 -0.49 -8.78 15.90
CA THR A 495 0.55 -8.01 15.26
C THR A 495 1.90 -8.57 15.54
N ALA A 496 1.93 -9.64 16.33
CA ALA A 496 3.19 -10.23 16.70
C ALA A 496 3.45 -11.48 15.93
N THR A 497 2.73 -11.72 14.84
CA THR A 497 3.00 -12.94 14.12
C THR A 497 2.94 -12.64 12.65
N ASP A 498 3.81 -13.27 11.88
CA ASP A 498 3.87 -13.13 10.43
C ASP A 498 2.96 -14.11 9.75
N ILE A 499 2.46 -15.08 10.52
CA ILE A 499 1.64 -16.15 10.03
C ILE A 499 0.43 -16.40 10.91
N ILE A 500 -0.71 -16.69 10.31
CA ILE A 500 -1.83 -16.99 11.16
C ILE A 500 -1.58 -18.39 11.62
N CYS A 501 -1.41 -18.58 12.92
CA CYS A 501 -1.02 -19.90 13.38
C CYS A 501 -1.84 -20.43 14.55
N PRO A 502 -3.10 -20.62 14.32
CA PRO A 502 -3.94 -21.11 15.39
C PRO A 502 -3.69 -22.55 15.76
N MET A 503 -4.28 -22.91 16.90
CA MET A 503 -4.30 -24.26 17.38
C MET A 503 -5.76 -24.77 17.47
N TYR A 504 -6.03 -25.91 16.85
CA TYR A 504 -7.34 -26.55 16.89
C TYR A 504 -8.49 -25.88 16.18
N ALA A 505 -8.15 -25.05 15.22
CA ALA A 505 -9.16 -24.44 14.41
C ALA A 505 -9.75 -25.51 13.48
N ARG A 506 -11.03 -25.54 13.34
CA ARG A 506 -11.58 -26.56 12.52
C ARG A 506 -11.55 -26.19 11.07
N VAL A 507 -11.78 -27.16 10.26
CA VAL A 507 -11.70 -26.88 8.88
C VAL A 507 -12.80 -25.98 8.38
N ASP A 508 -13.97 -26.49 8.67
CA ASP A 508 -15.15 -25.84 8.18
C ASP A 508 -16.00 -25.15 9.20
N GLU A 509 -15.93 -25.58 10.45
CA GLU A 509 -16.72 -24.93 11.50
C GLU A 509 -15.99 -23.88 12.31
N ASP A 510 -16.71 -22.82 12.66
CA ASP A 510 -16.14 -21.77 13.49
C ASP A 510 -16.42 -22.02 14.95
N GLN A 511 -15.52 -21.57 15.81
CA GLN A 511 -15.59 -21.63 17.26
C GLN A 511 -15.25 -20.23 17.71
N PRO A 512 -16.31 -19.48 17.88
CA PRO A 512 -16.21 -18.07 18.15
C PRO A 512 -16.24 -17.71 19.60
N PHE A 513 -15.20 -18.08 20.25
CA PHE A 513 -15.06 -17.63 21.59
C PHE A 513 -14.84 -16.13 21.57
N PRO A 514 -15.31 -15.53 22.63
CA PRO A 514 -15.13 -14.13 22.86
C PRO A 514 -13.67 -13.87 22.94
N ALA A 515 -13.34 -12.78 22.29
CA ALA A 515 -12.00 -12.27 22.26
C ALA A 515 -11.09 -13.06 21.38
N VAL A 516 -11.21 -14.36 21.46
CA VAL A 516 -10.25 -15.13 20.73
C VAL A 516 -10.90 -16.27 20.01
N PRO A 517 -11.73 -15.94 19.06
CA PRO A 517 -12.38 -17.00 18.33
C PRO A 517 -11.42 -17.73 17.47
N LYS A 518 -11.88 -18.88 17.08
CA LYS A 518 -11.19 -19.74 16.16
C LYS A 518 -12.08 -19.98 14.95
N TRP A 519 -11.91 -19.16 13.93
CA TRP A 519 -12.68 -19.33 12.73
C TRP A 519 -12.29 -20.60 12.03
N SER A 520 -13.12 -21.04 11.11
CA SER A 520 -12.84 -22.16 10.28
C SER A 520 -11.62 -21.69 9.51
N ILE A 521 -10.67 -22.55 9.30
CA ILE A 521 -9.51 -22.14 8.58
C ILE A 521 -9.77 -21.60 7.22
N LYS A 522 -10.67 -22.20 6.46
CA LYS A 522 -10.91 -21.67 5.12
C LYS A 522 -11.46 -20.32 5.36
N LYS A 523 -12.27 -20.08 6.29
CA LYS A 523 -12.79 -18.73 6.38
C LYS A 523 -11.83 -17.67 6.89
N TRP A 524 -10.98 -18.08 7.81
CA TRP A 524 -10.10 -17.17 8.45
C TRP A 524 -9.31 -16.34 7.45
N LEU A 525 -8.86 -16.99 6.39
CA LEU A 525 -8.05 -16.32 5.37
C LEU A 525 -8.67 -15.17 4.65
N SER A 526 -9.99 -15.16 4.54
CA SER A 526 -10.58 -14.15 3.71
C SER A 526 -11.29 -13.09 4.48
N LEU A 527 -11.01 -13.08 5.75
CA LEU A 527 -11.54 -12.08 6.63
C LEU A 527 -10.98 -10.81 6.06
N PRO A 528 -11.72 -9.75 6.20
CA PRO A 528 -11.35 -8.50 5.58
C PRO A 528 -10.08 -7.95 6.08
N GLY A 529 -9.23 -7.70 5.12
CA GLY A 529 -7.91 -7.15 5.34
C GLY A 529 -6.79 -8.16 5.46
N GLU A 530 -7.12 -9.42 5.77
CA GLU A 530 -6.19 -10.52 5.98
C GLU A 530 -5.53 -10.96 4.72
N THR A 531 -4.24 -11.20 4.82
CA THR A 531 -3.44 -11.64 3.70
C THR A 531 -2.32 -12.60 4.03
N ARG A 532 -2.10 -12.90 5.30
CA ARG A 532 -1.04 -13.81 5.63
C ARG A 532 -1.41 -15.24 5.37
N PRO A 533 -0.37 -16.02 5.23
CA PRO A 533 -0.48 -17.46 5.07
C PRO A 533 -0.98 -18.05 6.39
N LEU A 534 -1.59 -19.21 6.32
CA LEU A 534 -2.02 -19.84 7.53
C LEU A 534 -1.45 -21.23 7.69
N ILE A 535 -0.77 -21.43 8.80
CA ILE A 535 -0.21 -22.70 9.16
C ILE A 535 -0.53 -23.00 10.62
N LEU A 536 -1.24 -24.07 10.90
CA LEU A 536 -1.64 -24.42 12.25
C LEU A 536 -0.50 -24.85 13.12
N CYS A 537 -0.32 -24.18 14.28
CA CYS A 537 0.73 -24.57 15.21
C CYS A 537 0.39 -25.89 15.91
N GLU A 538 -0.89 -26.17 16.02
CA GLU A 538 -1.30 -27.45 16.57
C GLU A 538 -2.63 -27.73 15.98
N TYR A 539 -2.77 -28.95 15.53
CA TYR A 539 -4.07 -29.35 15.03
C TYR A 539 -4.12 -30.84 15.18
N ALA A 540 -5.34 -31.41 15.08
CA ALA A 540 -5.53 -32.87 15.12
C ALA A 540 -4.92 -33.49 16.35
N HIS A 541 -5.54 -33.24 17.47
CA HIS A 541 -5.12 -33.73 18.77
C HIS A 541 -5.10 -35.26 18.81
N ALA A 542 -3.91 -35.80 18.81
CA ALA A 542 -3.76 -37.21 18.69
C ALA A 542 -3.84 -38.03 19.97
N MET A 543 -4.70 -37.62 20.90
CA MET A 543 -4.88 -38.31 22.18
C MET A 543 -5.69 -39.60 22.15
N GLY A 544 -4.97 -40.72 22.32
CA GLY A 544 -5.57 -42.03 22.33
C GLY A 544 -6.16 -42.46 20.99
N ASN A 545 -7.39 -42.97 21.02
CA ASN A 545 -8.00 -43.37 19.76
C ASN A 545 -8.49 -42.11 19.04
N SER A 546 -7.61 -41.57 18.18
CA SER A 546 -7.90 -40.29 17.58
C SER A 546 -7.49 -40.21 16.13
N LEU A 547 -7.49 -38.94 15.67
CA LEU A 547 -7.13 -38.56 14.34
C LEU A 547 -8.28 -38.63 13.33
N GLY A 548 -9.50 -38.65 13.83
CA GLY A 548 -10.62 -38.67 12.92
C GLY A 548 -10.74 -37.35 12.20
N GLY A 549 -10.98 -37.40 10.91
CA GLY A 549 -11.13 -36.13 10.22
C GLY A 549 -9.82 -35.60 9.68
N PHE A 550 -8.72 -36.30 9.99
CA PHE A 550 -7.41 -35.87 9.55
C PHE A 550 -7.43 -35.52 8.07
N ALA A 551 -8.10 -36.36 7.35
CA ALA A 551 -8.15 -36.09 5.92
C ALA A 551 -8.80 -34.77 5.52
N LYS A 552 -9.80 -34.35 6.26
CA LYS A 552 -10.45 -33.09 5.90
C LYS A 552 -9.39 -32.00 5.81
N TYR A 553 -8.52 -31.98 6.79
CA TYR A 553 -7.46 -31.02 6.82
C TYR A 553 -6.62 -31.12 5.60
N TRP A 554 -6.15 -32.36 5.31
CA TRP A 554 -5.28 -32.53 4.16
C TRP A 554 -5.88 -32.03 2.90
N GLN A 555 -7.18 -32.07 2.87
CA GLN A 555 -7.78 -31.65 1.64
C GLN A 555 -7.89 -30.17 1.46
N ALA A 556 -8.03 -29.48 2.56
CA ALA A 556 -8.11 -28.06 2.43
C ALA A 556 -6.74 -27.57 2.07
N PHE A 557 -5.76 -28.12 2.81
CA PHE A 557 -4.38 -27.75 2.59
C PHE A 557 -4.10 -27.85 1.13
N ARG A 558 -4.54 -28.94 0.56
CA ARG A 558 -4.29 -29.09 -0.86
C ARG A 558 -5.08 -28.17 -1.79
N GLN A 559 -6.27 -27.72 -1.42
CA GLN A 559 -7.05 -26.86 -2.28
C GLN A 559 -6.77 -25.37 -2.11
N TYR A 560 -6.45 -24.93 -0.91
CA TYR A 560 -6.14 -23.54 -0.67
C TYR A 560 -4.64 -23.28 -0.48
N PRO A 561 -4.10 -22.51 -1.40
CA PRO A 561 -2.71 -22.10 -1.38
C PRO A 561 -2.22 -21.53 -0.10
N ARG A 562 -2.98 -20.60 0.48
CA ARG A 562 -2.61 -19.92 1.70
C ARG A 562 -2.66 -20.79 2.94
N LEU A 563 -3.21 -21.99 2.77
CA LEU A 563 -3.25 -23.01 3.83
C LEU A 563 -2.05 -23.90 3.58
N GLN A 564 -0.93 -23.56 4.22
CA GLN A 564 0.31 -24.28 4.01
C GLN A 564 0.64 -25.34 5.01
N GLY A 565 -0.44 -25.95 5.52
CA GLY A 565 -0.25 -27.07 6.44
C GLY A 565 -0.32 -26.80 7.91
N GLY A 566 0.36 -27.63 8.70
CA GLY A 566 0.33 -27.45 10.13
C GLY A 566 1.15 -28.51 10.84
N PHE A 567 1.14 -28.36 12.16
CA PHE A 567 1.83 -29.21 13.11
C PHE A 567 0.86 -30.05 13.93
N VAL A 568 0.93 -31.33 13.72
CA VAL A 568 0.06 -32.17 14.51
C VAL A 568 0.50 -32.16 15.97
N TRP A 569 -0.49 -32.33 16.84
CA TRP A 569 -0.19 -32.40 18.24
C TRP A 569 -0.54 -33.76 18.81
N ASP A 570 0.45 -34.57 19.22
CA ASP A 570 1.88 -34.33 19.15
C ASP A 570 2.63 -35.64 18.85
N TRP A 571 3.94 -35.61 18.96
CA TRP A 571 4.73 -36.76 18.60
C TRP A 571 4.65 -38.00 19.47
N VAL A 572 5.14 -37.89 20.71
CA VAL A 572 5.19 -38.98 21.66
C VAL A 572 4.28 -38.84 22.85
N ASP A 573 3.84 -39.96 23.38
CA ASP A 573 3.06 -39.98 24.60
C ASP A 573 4.00 -39.60 25.76
N GLN A 574 3.58 -38.67 26.63
CA GLN A 574 4.42 -38.27 27.77
C GLN A 574 4.15 -39.15 28.97
N SER A 575 4.12 -40.44 28.72
CA SER A 575 3.92 -41.40 29.77
C SER A 575 5.29 -41.77 30.32
N LEU A 576 5.31 -42.21 31.57
CA LEU A 576 6.56 -42.58 32.24
C LEU A 576 6.53 -44.02 32.74
N ILE A 577 7.70 -44.62 32.87
CA ILE A 577 7.73 -45.98 33.38
C ILE A 577 7.76 -46.16 34.89
N LYS A 578 6.83 -46.98 35.35
CA LYS A 578 6.71 -47.39 36.74
C LYS A 578 6.85 -48.91 36.83
N TYR A 579 7.18 -49.35 38.04
CA TYR A 579 7.37 -50.77 38.32
C TYR A 579 6.47 -51.29 39.41
N ASP A 580 6.01 -52.52 39.14
CA ASP A 580 5.12 -53.23 40.03
C ASP A 580 5.84 -54.07 41.08
N GLU A 581 4.95 -54.78 41.83
CA GLU A 581 5.24 -55.68 42.93
C GLU A 581 6.30 -56.73 42.57
N ASN A 582 6.50 -56.98 41.26
CA ASN A 582 7.45 -57.98 40.77
C ASN A 582 8.50 -57.43 39.80
N GLY A 583 8.78 -56.10 39.91
CA GLY A 583 9.77 -55.42 39.06
C GLY A 583 9.36 -55.41 37.59
N ASN A 584 8.04 -55.42 37.42
CA ASN A 584 7.40 -55.35 36.13
C ASN A 584 7.03 -53.89 35.84
N PRO A 585 7.38 -53.43 34.64
CA PRO A 585 7.15 -52.05 34.28
C PRO A 585 5.78 -51.80 33.69
N TRP A 586 5.39 -50.57 33.84
CA TRP A 586 4.12 -50.20 33.29
C TRP A 586 4.11 -48.71 33.11
N SER A 587 3.29 -48.32 32.13
CA SER A 587 3.18 -46.94 31.73
C SER A 587 2.29 -46.15 32.64
N ALA A 588 2.89 -45.14 33.24
CA ALA A 588 2.25 -44.28 34.20
C ALA A 588 1.91 -42.93 33.59
N TYR A 589 0.92 -42.28 34.19
CA TYR A 589 0.53 -40.96 33.78
C TYR A 589 0.19 -39.96 34.90
N GLY A 590 -0.49 -38.91 34.50
CA GLY A 590 -0.81 -37.88 35.46
C GLY A 590 -1.38 -38.50 36.72
N GLY A 591 -0.91 -37.95 37.82
CA GLY A 591 -1.34 -38.32 39.15
C GLY A 591 -0.88 -39.67 39.66
N ASP A 592 -0.17 -40.44 38.85
CA ASP A 592 0.33 -41.78 39.20
C ASP A 592 1.55 -41.82 40.12
N PHE A 593 2.03 -40.62 40.46
CA PHE A 593 3.19 -40.46 41.32
C PHE A 593 2.76 -39.73 42.58
N GLY A 594 1.45 -39.85 42.84
CA GLY A 594 0.78 -39.18 43.93
C GLY A 594 0.80 -37.67 43.69
N ASP A 595 1.12 -37.30 42.43
CA ASP A 595 1.26 -35.93 41.96
C ASP A 595 -0.06 -35.17 41.99
N THR A 596 0.03 -33.99 42.64
CA THR A 596 -1.08 -33.06 42.80
C THR A 596 -0.73 -31.57 42.62
N PRO A 597 -1.62 -30.86 41.88
CA PRO A 597 -2.82 -31.46 41.30
C PRO A 597 -2.42 -32.07 39.95
N ASN A 598 -3.27 -32.81 39.27
CA ASN A 598 -2.79 -33.35 38.00
C ASN A 598 -3.85 -33.52 36.93
N ASP A 599 -3.34 -33.64 35.70
CA ASP A 599 -4.15 -33.80 34.49
C ASP A 599 -4.25 -35.16 33.83
N ARG A 600 -3.98 -36.20 34.63
CA ARG A 600 -4.13 -37.57 34.20
C ARG A 600 -3.59 -37.86 32.83
N GLN A 601 -4.46 -38.50 31.98
CA GLN A 601 -4.06 -38.90 30.62
C GLN A 601 -3.70 -37.78 29.70
N PHE A 602 -4.13 -36.56 30.05
CA PHE A 602 -3.82 -35.42 29.21
C PHE A 602 -2.38 -35.29 28.71
N CYS A 603 -1.49 -36.08 29.27
CA CYS A 603 -0.09 -36.05 28.88
C CYS A 603 0.19 -37.06 27.77
N MET A 604 -0.83 -37.76 27.32
CA MET A 604 -0.67 -38.75 26.27
C MET A 604 -1.48 -38.39 25.03
N ASN A 605 -0.81 -37.75 24.07
CA ASN A 605 -1.41 -37.28 22.84
C ASN A 605 -0.54 -37.56 21.65
N GLY A 606 0.43 -38.43 21.86
CA GLY A 606 1.35 -38.75 20.80
C GLY A 606 0.78 -39.66 19.73
N LEU A 607 1.51 -39.68 18.65
CA LEU A 607 1.26 -40.53 17.51
C LEU A 607 2.01 -41.84 17.70
N VAL A 608 3.03 -41.77 18.54
CA VAL A 608 3.80 -42.92 18.95
C VAL A 608 3.80 -42.98 20.46
N PHE A 609 3.91 -44.20 20.95
CA PHE A 609 4.01 -44.48 22.37
C PHE A 609 5.39 -44.00 22.84
N ALA A 610 5.53 -43.80 24.14
CA ALA A 610 6.80 -43.36 24.69
C ALA A 610 8.02 -44.16 24.23
N ASP A 611 7.80 -45.47 23.94
CA ASP A 611 8.88 -46.37 23.48
C ASP A 611 9.16 -46.21 22.00
N ARG A 612 8.41 -45.28 21.39
CA ARG A 612 8.52 -45.03 19.97
C ARG A 612 7.81 -46.09 19.11
N THR A 613 6.86 -46.79 19.68
CA THR A 613 6.10 -47.68 18.87
C THR A 613 4.84 -46.90 18.55
N PRO A 614 4.46 -47.00 17.31
CA PRO A 614 3.36 -46.28 16.75
C PRO A 614 2.02 -46.70 17.20
N HIS A 615 1.18 -45.66 17.25
CA HIS A 615 -0.23 -45.77 17.44
C HIS A 615 -0.71 -45.92 15.99
N PRO A 616 -1.86 -46.53 15.80
CA PRO A 616 -2.37 -46.70 14.46
C PRO A 616 -2.59 -45.38 13.71
N ALA A 617 -2.91 -44.31 14.42
CA ALA A 617 -3.11 -43.03 13.77
C ALA A 617 -1.99 -42.67 12.81
N LEU A 618 -0.80 -43.04 13.24
CA LEU A 618 0.40 -42.75 12.48
C LEU A 618 0.31 -43.07 10.98
N THR A 619 -0.39 -44.11 10.62
CA THR A 619 -0.56 -44.47 9.23
C THR A 619 -1.44 -43.50 8.46
N GLU A 620 -2.56 -43.17 9.11
CA GLU A 620 -3.47 -42.24 8.54
C GLU A 620 -2.69 -40.97 8.16
N ALA A 621 -1.79 -40.55 9.04
CA ALA A 621 -0.94 -39.39 8.76
C ALA A 621 -0.07 -39.64 7.54
N LYS A 622 0.76 -40.65 7.68
CA LYS A 622 1.66 -41.08 6.63
C LYS A 622 1.02 -41.06 5.26
N HIS A 623 -0.19 -41.58 5.19
CA HIS A 623 -0.85 -41.64 3.91
C HIS A 623 -1.36 -40.30 3.43
N GLN A 624 -1.95 -39.56 4.34
CA GLN A 624 -2.44 -38.26 3.94
C GLN A 624 -1.33 -37.31 3.56
N GLN A 625 -0.19 -37.44 4.23
CA GLN A 625 0.94 -36.57 3.98
C GLN A 625 1.81 -37.05 2.85
N GLN A 626 1.43 -38.14 2.20
CA GLN A 626 2.28 -38.66 1.14
C GLN A 626 2.59 -37.66 0.02
N PHE A 627 3.79 -37.75 -0.58
CA PHE A 627 4.26 -36.81 -1.60
C PHE A 627 3.86 -37.03 -3.03
N PHE A 628 3.21 -38.15 -3.28
CA PHE A 628 2.70 -38.49 -4.60
C PHE A 628 1.22 -38.67 -4.50
N GLN A 629 0.59 -38.17 -5.52
CA GLN A 629 -0.84 -38.20 -5.65
C GLN A 629 -1.31 -38.83 -6.92
N PHE A 630 -2.38 -39.59 -6.79
CA PHE A 630 -2.92 -40.36 -7.87
C PHE A 630 -4.32 -40.10 -8.25
N ARG A 631 -4.49 -40.33 -9.53
CA ARG A 631 -5.77 -40.27 -10.16
C ARG A 631 -5.80 -41.35 -11.21
N LEU A 632 -6.94 -41.98 -11.20
CA LEU A 632 -7.21 -43.03 -12.12
C LEU A 632 -8.25 -42.62 -13.13
N SER A 633 -7.88 -42.72 -14.39
CA SER A 633 -8.77 -42.40 -15.50
C SER A 633 -8.76 -43.52 -16.50
N GLY A 634 -9.79 -44.35 -16.43
CA GLY A 634 -9.78 -45.49 -17.32
C GLY A 634 -8.71 -46.47 -16.90
N GLN A 635 -7.63 -46.58 -17.67
CA GLN A 635 -6.64 -47.53 -17.22
C GLN A 635 -5.27 -46.91 -17.19
N THR A 636 -5.43 -45.59 -17.07
CA THR A 636 -4.37 -44.66 -17.00
C THR A 636 -4.30 -44.03 -15.62
N ILE A 637 -3.14 -44.12 -15.05
CA ILE A 637 -2.91 -43.53 -13.79
C ILE A 637 -2.09 -42.30 -13.93
N GLU A 638 -2.60 -41.27 -13.35
CA GLU A 638 -1.94 -40.01 -13.30
C GLU A 638 -1.28 -39.81 -11.95
N VAL A 639 0.03 -39.60 -12.01
CA VAL A 639 0.79 -39.39 -10.81
C VAL A 639 1.23 -37.96 -10.66
N THR A 640 0.99 -37.40 -9.48
CA THR A 640 1.43 -36.04 -9.27
C THR A 640 2.46 -35.91 -8.18
N SER A 641 3.55 -35.21 -8.47
CA SER A 641 4.52 -35.14 -7.42
C SER A 641 4.35 -33.89 -6.59
N GLU A 642 4.37 -34.05 -5.28
CA GLU A 642 4.32 -32.92 -4.38
C GLU A 642 5.72 -32.50 -3.94
N TYR A 643 6.77 -33.11 -4.48
CA TYR A 643 8.10 -32.66 -4.13
C TYR A 643 8.27 -31.37 -4.85
N LEU A 644 9.02 -30.48 -4.23
CA LEU A 644 9.22 -29.16 -4.79
C LEU A 644 10.58 -29.08 -5.43
N PHE A 645 11.49 -29.88 -4.91
CA PHE A 645 12.85 -29.80 -5.40
C PHE A 645 13.40 -31.03 -6.03
N ARG A 646 13.06 -32.20 -5.55
CA ARG A 646 13.61 -33.41 -6.10
C ARG A 646 12.76 -34.15 -7.09
N HIS A 647 13.44 -34.97 -7.88
CA HIS A 647 12.82 -35.77 -8.93
C HIS A 647 12.58 -37.20 -8.44
N SER A 648 11.51 -37.88 -8.87
CA SER A 648 11.25 -39.23 -8.32
C SER A 648 12.41 -40.12 -8.66
N ASP A 649 13.48 -40.11 -7.89
CA ASP A 649 14.60 -40.93 -8.33
C ASP A 649 14.96 -42.11 -7.50
N ASN A 650 13.99 -42.57 -6.72
CA ASN A 650 14.21 -43.74 -5.93
C ASN A 650 12.82 -44.22 -5.64
N GLU A 651 12.19 -44.40 -6.76
CA GLU A 651 10.82 -44.70 -6.72
C GLU A 651 10.35 -45.58 -7.82
N LEU A 652 9.69 -46.58 -7.33
CA LEU A 652 9.07 -47.52 -8.18
C LEU A 652 7.65 -47.65 -7.80
N LEU A 653 6.89 -47.79 -8.84
CA LEU A 653 5.50 -48.00 -8.60
C LEU A 653 5.06 -49.45 -8.83
N HIS A 654 4.52 -50.04 -7.78
CA HIS A 654 4.02 -51.38 -7.91
C HIS A 654 2.54 -51.36 -8.11
N TRP A 655 2.03 -52.07 -9.08
CA TRP A 655 0.60 -52.02 -9.15
C TRP A 655 -0.02 -53.37 -9.07
N MET A 656 -1.31 -53.42 -8.84
CA MET A 656 -1.82 -54.75 -8.73
C MET A 656 -3.31 -54.84 -8.71
N VAL A 657 -3.84 -55.92 -9.31
CA VAL A 657 -5.27 -56.09 -9.38
C VAL A 657 -5.73 -57.32 -8.71
N ALA A 658 -6.85 -57.27 -8.03
CA ALA A 658 -7.28 -58.44 -7.33
C ALA A 658 -8.77 -58.44 -7.11
N LEU A 659 -9.28 -59.66 -7.11
CA LEU A 659 -10.70 -59.90 -6.97
C LEU A 659 -10.93 -60.47 -5.63
N ASP A 660 -11.62 -59.73 -4.80
CA ASP A 660 -11.86 -60.18 -3.47
C ASP A 660 -10.68 -60.89 -2.85
N GLY A 661 -9.56 -60.19 -2.82
CA GLY A 661 -8.37 -60.71 -2.19
C GLY A 661 -7.48 -61.55 -3.08
N LYS A 662 -8.00 -61.91 -4.24
CA LYS A 662 -7.25 -62.76 -5.13
C LYS A 662 -6.68 -61.97 -6.26
N PRO A 663 -5.40 -62.12 -6.29
CA PRO A 663 -4.54 -61.44 -7.21
C PRO A 663 -4.65 -62.00 -8.56
N LEU A 664 -4.84 -61.12 -9.46
CA LEU A 664 -4.89 -61.43 -10.85
C LEU A 664 -3.80 -60.76 -11.64
N ALA A 665 -3.14 -59.73 -11.11
CA ALA A 665 -2.15 -59.03 -11.92
C ALA A 665 -1.35 -58.05 -11.12
N SER A 666 -0.11 -57.88 -11.62
CA SER A 666 0.91 -57.05 -11.04
C SER A 666 1.84 -56.50 -12.08
N GLY A 667 2.31 -55.33 -11.75
CA GLY A 667 3.25 -54.58 -12.52
C GLY A 667 4.16 -53.87 -11.56
N GLU A 668 5.10 -53.17 -12.15
CA GLU A 668 6.11 -52.35 -11.53
C GLU A 668 6.53 -51.31 -12.53
N VAL A 669 6.55 -50.08 -12.10
CA VAL A 669 6.92 -49.04 -13.02
C VAL A 669 7.62 -47.95 -12.28
N PRO A 670 8.73 -47.69 -12.83
CA PRO A 670 9.64 -46.68 -12.41
C PRO A 670 9.03 -45.32 -12.68
N LEU A 671 9.11 -44.45 -11.66
CA LEU A 671 8.55 -43.13 -11.75
C LEU A 671 9.57 -42.17 -12.27
N ASP A 672 9.21 -41.40 -13.26
CA ASP A 672 10.06 -40.32 -13.74
C ASP A 672 9.16 -39.09 -13.69
N VAL A 673 8.97 -38.49 -12.50
CA VAL A 673 8.17 -37.29 -12.35
C VAL A 673 9.00 -36.26 -11.68
N ALA A 674 8.95 -35.08 -12.24
CA ALA A 674 9.66 -34.02 -11.61
C ALA A 674 8.80 -33.36 -10.55
N PRO A 675 9.45 -32.60 -9.65
CA PRO A 675 8.77 -31.91 -8.55
C PRO A 675 7.63 -31.16 -9.14
N GLN A 676 6.47 -31.21 -8.51
CA GLN A 676 5.33 -30.51 -9.07
C GLN A 676 4.91 -30.99 -10.45
N GLY A 677 5.40 -32.17 -10.85
CA GLY A 677 5.02 -32.73 -12.12
C GLY A 677 4.02 -33.89 -12.08
N LYS A 678 3.64 -34.23 -13.30
CA LYS A 678 2.72 -35.31 -13.57
C LYS A 678 3.42 -36.37 -14.40
N GLN A 679 3.00 -37.60 -14.25
CA GLN A 679 3.49 -38.76 -14.98
C GLN A 679 2.28 -39.59 -15.31
N LEU A 680 2.23 -40.04 -16.55
CA LEU A 680 1.10 -40.83 -17.00
C LEU A 680 1.40 -42.26 -17.09
N ILE A 681 0.47 -43.03 -16.58
CA ILE A 681 0.71 -44.42 -16.61
C ILE A 681 -0.40 -45.27 -17.10
N GLU A 682 -0.08 -45.90 -18.21
CA GLU A 682 -1.07 -46.71 -18.77
C GLU A 682 -0.78 -48.12 -18.50
N LEU A 683 -1.85 -48.67 -18.01
CA LEU A 683 -1.84 -50.04 -17.62
C LEU A 683 -2.14 -50.97 -18.79
N PRO A 684 -1.60 -52.16 -18.61
CA PRO A 684 -1.78 -53.20 -19.55
C PRO A 684 -3.24 -53.53 -19.57
N GLU A 685 -3.67 -54.29 -20.58
CA GLU A 685 -5.05 -54.65 -20.58
C GLU A 685 -5.25 -55.47 -19.34
N LEU A 686 -6.28 -55.09 -18.62
CA LEU A 686 -6.57 -55.75 -17.38
C LEU A 686 -7.55 -56.84 -17.56
N PRO A 687 -7.14 -57.91 -16.96
CA PRO A 687 -7.91 -59.11 -16.96
C PRO A 687 -9.25 -58.74 -16.40
N GLN A 688 -10.22 -59.60 -16.63
CA GLN A 688 -11.52 -59.42 -16.05
C GLN A 688 -12.22 -60.74 -16.11
N PRO A 689 -12.61 -61.21 -14.93
CA PRO A 689 -13.18 -62.55 -14.78
C PRO A 689 -14.69 -62.57 -14.77
N GLU A 690 -15.24 -63.76 -14.92
CA GLU A 690 -16.67 -63.88 -14.90
C GLU A 690 -17.12 -63.83 -13.45
N SER A 691 -16.34 -64.53 -12.60
CA SER A 691 -16.59 -64.63 -11.17
C SER A 691 -17.10 -63.36 -10.55
N ALA A 692 -17.91 -63.57 -9.56
CA ALA A 692 -18.47 -62.47 -8.87
C ALA A 692 -17.42 -61.91 -7.96
N GLY A 693 -17.70 -60.67 -7.48
CA GLY A 693 -16.83 -60.00 -6.57
C GLY A 693 -16.36 -58.69 -7.10
N GLN A 694 -15.59 -58.02 -6.25
CA GLN A 694 -15.03 -56.72 -6.50
C GLN A 694 -13.61 -56.82 -6.90
N LEU A 695 -13.41 -56.02 -7.89
CA LEU A 695 -12.12 -55.91 -8.44
C LEU A 695 -11.46 -54.62 -7.98
N TRP A 696 -10.29 -54.80 -7.39
CA TRP A 696 -9.59 -53.65 -6.87
C TRP A 696 -8.20 -53.45 -7.37
N LEU A 697 -7.93 -52.20 -7.68
CA LEU A 697 -6.64 -51.80 -8.10
C LEU A 697 -5.90 -51.18 -6.93
N THR A 698 -4.70 -51.65 -6.71
CA THR A 698 -3.95 -51.06 -5.64
C THR A 698 -2.55 -50.73 -6.12
N VAL A 699 -2.07 -49.52 -5.81
CA VAL A 699 -0.71 -49.09 -6.17
C VAL A 699 0.06 -48.60 -4.97
N ARG A 700 1.36 -48.83 -5.04
CA ARG A 700 2.27 -48.51 -3.98
C ARG A 700 3.58 -47.90 -4.53
N VAL A 701 4.09 -46.89 -3.87
CA VAL A 701 5.36 -46.38 -4.32
C VAL A 701 6.42 -46.87 -3.41
N VAL A 702 7.43 -47.40 -4.08
CA VAL A 702 8.53 -47.97 -3.36
C VAL A 702 9.85 -47.33 -3.64
N GLN A 703 10.60 -47.29 -2.55
CA GLN A 703 11.96 -46.83 -2.54
C GLN A 703 12.86 -48.02 -2.58
N PRO A 704 13.33 -48.24 -3.76
CA PRO A 704 14.13 -49.38 -4.07
C PRO A 704 15.44 -49.38 -3.35
N ASN A 705 16.03 -48.18 -3.27
CA ASN A 705 17.30 -48.03 -2.58
C ASN A 705 17.15 -47.38 -1.24
N ALA A 706 18.07 -47.70 -0.37
CA ALA A 706 18.05 -47.14 0.95
C ALA A 706 18.61 -45.74 0.91
N THR A 707 18.12 -44.93 1.84
CA THR A 707 18.54 -43.58 2.01
C THR A 707 19.10 -43.55 3.40
N ALA A 708 19.39 -42.34 3.84
CA ALA A 708 19.86 -42.25 5.20
C ALA A 708 18.77 -42.44 6.25
N TRP A 709 17.48 -42.31 5.87
CA TRP A 709 16.44 -42.45 6.87
C TRP A 709 15.45 -43.52 6.50
N SER A 710 15.72 -44.21 5.41
CA SER A 710 14.82 -45.25 5.01
C SER A 710 15.63 -46.44 4.54
N GLU A 711 15.06 -47.60 4.72
CA GLU A 711 15.61 -48.86 4.28
C GLU A 711 15.26 -49.07 2.84
N ALA A 712 15.88 -50.06 2.25
CA ALA A 712 15.45 -50.35 0.91
C ALA A 712 14.09 -51.01 0.95
N GLY A 713 13.30 -50.71 -0.07
CA GLY A 713 11.97 -51.25 -0.16
C GLY A 713 10.94 -50.59 0.73
N HIS A 714 11.25 -49.38 1.17
CA HIS A 714 10.35 -48.63 1.97
C HIS A 714 9.25 -48.14 1.09
N ILE A 715 8.05 -48.19 1.67
CA ILE A 715 6.90 -47.72 0.93
C ILE A 715 6.60 -46.33 1.39
N SER A 716 6.57 -45.43 0.42
CA SER A 716 6.33 -44.04 0.66
C SER A 716 4.93 -43.56 0.36
N ALA A 717 4.14 -44.34 -0.36
CA ALA A 717 2.78 -43.89 -0.68
C ALA A 717 1.92 -45.01 -1.23
N TRP A 718 0.63 -44.78 -1.25
CA TRP A 718 -0.23 -45.76 -1.84
C TRP A 718 -1.62 -45.23 -2.01
N GLN A 719 -2.39 -45.98 -2.75
CA GLN A 719 -3.72 -45.58 -3.12
C GLN A 719 -4.41 -46.77 -3.74
N GLN A 720 -5.70 -46.82 -3.53
CA GLN A 720 -6.41 -47.93 -4.10
C GLN A 720 -7.73 -47.54 -4.70
N TRP A 721 -8.18 -48.27 -5.70
CA TRP A 721 -9.48 -47.94 -6.28
C TRP A 721 -10.25 -49.19 -6.52
N ARG A 722 -11.58 -49.08 -6.53
CA ARG A 722 -12.43 -50.20 -6.88
C ARG A 722 -12.71 -50.09 -8.36
N LEU A 723 -12.45 -51.14 -9.11
CA LEU A 723 -12.62 -51.10 -10.56
C LEU A 723 -13.93 -51.63 -11.07
N ALA A 724 -14.38 -52.68 -10.46
CA ALA A 724 -15.59 -53.25 -10.95
C ALA A 724 -16.11 -54.18 -9.97
N GLU A 725 -17.35 -54.45 -10.27
CA GLU A 725 -18.15 -55.33 -9.48
C GLU A 725 -19.02 -56.20 -10.33
N ASN A 726 -18.90 -57.48 -10.05
CA ASN A 726 -19.73 -58.44 -10.70
C ASN A 726 -20.56 -58.93 -9.58
N LEU A 727 -21.81 -58.51 -9.65
CA LEU A 727 -22.79 -58.90 -8.65
C LEU A 727 -23.15 -60.39 -8.81
N SER A 728 -23.41 -61.04 -7.66
CA SER A 728 -23.77 -62.46 -7.59
C SER A 728 -25.25 -62.71 -7.77
N VAL A 729 -25.59 -63.27 -8.93
CA VAL A 729 -26.96 -63.59 -9.30
C VAL A 729 -27.22 -65.07 -9.11
N THR A 730 -26.45 -65.66 -8.21
CA THR A 730 -26.59 -67.08 -7.95
C THR A 730 -27.16 -67.46 -6.58
N LEU A 731 -28.28 -68.17 -6.72
CA LEU A 731 -29.11 -68.77 -5.69
C LEU A 731 -28.43 -70.07 -5.23
N PRO A 732 -28.42 -70.29 -3.90
CA PRO A 732 -27.77 -71.47 -3.36
C PRO A 732 -28.52 -72.76 -3.74
N ALA A 733 -27.72 -73.86 -3.66
CA ALA A 733 -28.16 -75.24 -3.92
C ALA A 733 -29.17 -75.69 -2.83
N ALA A 734 -30.44 -75.92 -3.30
CA ALA A 734 -31.55 -76.35 -2.45
C ALA A 734 -31.10 -77.43 -1.44
N SER A 735 -31.12 -76.99 -0.15
CA SER A 735 -30.73 -77.78 1.00
C SER A 735 -31.07 -79.29 0.86
N HIS A 736 -30.06 -80.14 1.14
CA HIS A 736 -30.34 -81.58 1.09
C HIS A 736 -31.30 -81.96 2.23
N ALA A 737 -30.96 -81.43 3.42
CA ALA A 737 -31.66 -81.57 4.71
C ALA A 737 -32.70 -80.47 5.04
N ILE A 738 -33.12 -80.45 6.29
CA ILE A 738 -34.09 -79.50 6.76
C ILE A 738 -34.09 -79.49 8.27
N PRO A 739 -34.03 -78.31 8.79
CA PRO A 739 -33.92 -78.17 10.19
C PRO A 739 -35.16 -78.41 11.00
N HIS A 740 -34.86 -78.97 12.14
CA HIS A 740 -35.90 -79.30 13.01
C HIS A 740 -36.03 -78.33 14.13
N LEU A 741 -37.27 -77.93 14.36
CA LEU A 741 -37.55 -77.04 15.44
C LEU A 741 -38.24 -77.73 16.59
N THR A 742 -37.59 -77.68 17.71
CA THR A 742 -38.16 -78.26 18.88
C THR A 742 -38.56 -77.15 19.84
N THR A 743 -39.84 -77.05 20.10
CA THR A 743 -40.35 -76.02 21.00
C THR A 743 -40.38 -76.50 22.43
N SER A 744 -40.58 -75.57 23.36
CA SER A 744 -40.60 -75.77 24.80
C SER A 744 -41.02 -74.45 25.43
N GLU A 745 -41.30 -74.38 26.69
CA GLU A 745 -41.70 -73.04 27.06
C GLU A 745 -40.57 -72.05 27.34
N MET A 746 -39.40 -72.62 27.49
CA MET A 746 -38.21 -71.87 27.75
C MET A 746 -37.54 -71.43 26.48
N ASP A 747 -37.63 -72.26 25.45
CA ASP A 747 -36.92 -71.91 24.27
C ASP A 747 -37.31 -72.65 23.05
N PHE A 748 -36.61 -72.31 21.98
CA PHE A 748 -36.80 -72.91 20.70
C PHE A 748 -35.47 -73.48 20.34
N CYS A 749 -35.49 -74.72 19.88
CA CYS A 749 -34.24 -75.32 19.46
C CYS A 749 -34.28 -75.68 18.03
N ILE A 750 -33.13 -75.45 17.45
CA ILE A 750 -33.00 -75.79 16.11
C ILE A 750 -31.86 -76.71 15.99
N GLU A 751 -32.24 -77.80 15.36
CA GLU A 751 -31.26 -78.77 15.09
C GLU A 751 -31.30 -79.11 13.66
N LEU A 752 -30.06 -79.33 13.27
CA LEU A 752 -29.69 -79.72 11.96
C LEU A 752 -28.25 -80.19 12.04
N GLY A 753 -28.06 -81.48 11.74
CA GLY A 753 -26.75 -82.11 11.79
C GLY A 753 -26.25 -82.18 13.21
N ASN A 754 -24.95 -81.93 13.35
CA ASN A 754 -24.33 -81.92 14.67
C ASN A 754 -24.65 -80.61 15.39
N LYS A 755 -25.02 -79.64 14.55
CA LYS A 755 -25.35 -78.27 14.87
C LYS A 755 -26.70 -78.06 15.56
N ARG A 756 -26.65 -77.23 16.59
CA ARG A 756 -27.85 -76.87 17.28
C ARG A 756 -27.75 -75.47 17.80
N TRP A 757 -28.90 -74.79 17.70
CA TRP A 757 -29.07 -73.41 18.09
C TRP A 757 -30.22 -73.24 19.03
N GLN A 758 -29.99 -72.53 20.12
CA GLN A 758 -31.07 -72.31 21.02
C GLN A 758 -31.39 -70.86 21.31
N PHE A 759 -32.66 -70.57 21.18
CA PHE A 759 -33.15 -69.24 21.44
C PHE A 759 -34.02 -69.26 22.64
N ASN A 760 -33.66 -68.45 23.59
CA ASN A 760 -34.43 -68.34 24.80
C ASN A 760 -35.67 -67.50 24.62
N ARG A 761 -36.79 -68.16 24.82
CA ARG A 761 -38.03 -67.47 24.66
C ARG A 761 -38.34 -66.39 25.68
N GLN A 762 -37.60 -66.35 26.78
CA GLN A 762 -37.89 -65.29 27.77
C GLN A 762 -37.16 -63.97 27.48
N SER A 763 -35.92 -64.11 27.00
CA SER A 763 -35.06 -63.01 26.66
C SER A 763 -35.13 -62.60 25.19
N GLY A 764 -35.33 -63.57 24.29
CA GLY A 764 -35.44 -63.29 22.86
C GLY A 764 -34.08 -63.35 22.17
N PHE A 765 -33.07 -63.84 22.90
CA PHE A 765 -31.74 -63.91 22.34
C PHE A 765 -31.27 -65.32 22.10
N LEU A 766 -30.37 -65.43 21.15
CA LEU A 766 -29.82 -66.72 20.89
C LEU A 766 -28.85 -67.00 22.02
N SER A 767 -29.26 -67.85 22.94
CA SER A 767 -28.49 -68.13 24.14
C SER A 767 -27.40 -69.12 23.95
N GLN A 768 -27.55 -69.99 22.97
CA GLN A 768 -26.44 -70.89 22.85
C GLN A 768 -26.49 -71.62 21.57
N MET A 769 -25.32 -72.17 21.27
CA MET A 769 -25.19 -72.91 20.08
C MET A 769 -24.11 -73.96 20.17
N TRP A 770 -24.40 -75.11 19.55
CA TRP A 770 -23.46 -76.21 19.60
C TRP A 770 -23.11 -76.72 18.28
N ILE A 771 -21.86 -77.13 18.24
CA ILE A 771 -21.31 -77.80 17.08
C ILE A 771 -20.94 -79.16 17.64
N GLY A 772 -21.74 -80.16 17.39
CA GLY A 772 -21.37 -81.35 18.08
C GLY A 772 -21.84 -81.20 19.55
N ASP A 773 -20.91 -81.56 20.47
CA ASP A 773 -21.16 -81.54 21.91
C ASP A 773 -20.71 -80.25 22.56
N LYS A 774 -19.92 -79.47 21.80
CA LYS A 774 -19.35 -78.20 22.22
C LYS A 774 -20.24 -76.99 22.03
N LYS A 775 -20.35 -76.25 23.14
CA LYS A 775 -21.07 -75.00 23.20
C LYS A 775 -20.14 -73.94 22.63
N GLN A 776 -20.72 -72.88 22.01
CA GLN A 776 -19.90 -71.87 21.37
C GLN A 776 -19.90 -70.51 22.01
N LEU A 777 -20.98 -70.24 22.71
CA LEU A 777 -21.14 -68.98 23.36
C LEU A 777 -20.88 -69.08 24.83
N LEU A 778 -20.50 -67.98 25.43
CA LEU A 778 -20.39 -67.90 26.87
C LEU A 778 -21.42 -66.90 27.27
N THR A 779 -21.79 -66.15 26.25
CA THR A 779 -22.77 -65.10 26.39
C THR A 779 -23.57 -65.04 25.13
N PRO A 780 -24.84 -64.79 25.35
CA PRO A 780 -25.78 -64.67 24.27
C PRO A 780 -25.43 -63.53 23.33
N LEU A 781 -25.88 -63.73 22.13
CA LEU A 781 -25.71 -62.78 21.10
C LEU A 781 -26.70 -61.66 21.35
N ARG A 782 -26.21 -60.48 21.62
CA ARG A 782 -27.17 -59.40 21.82
C ARG A 782 -26.83 -58.05 21.25
N ASP A 783 -27.89 -57.24 21.10
CA ASP A 783 -27.75 -55.90 20.54
C ASP A 783 -26.85 -55.02 21.41
N GLN A 784 -26.01 -54.21 20.77
CA GLN A 784 -25.11 -53.30 21.45
C GLN A 784 -25.17 -51.90 20.85
N PHE A 785 -25.38 -50.90 21.71
CA PHE A 785 -25.47 -49.54 21.21
C PHE A 785 -24.47 -48.61 21.81
N THR A 786 -23.62 -49.15 22.67
CA THR A 786 -22.61 -48.32 23.31
C THR A 786 -21.19 -48.76 23.04
N ARG A 787 -20.29 -47.98 23.62
CA ARG A 787 -18.87 -48.24 23.48
C ARG A 787 -18.06 -47.71 24.67
N ALA A 788 -16.97 -48.41 24.99
CA ALA A 788 -16.10 -47.95 26.05
C ALA A 788 -15.42 -46.73 25.48
N PRO A 789 -15.85 -45.60 26.01
CA PRO A 789 -15.49 -44.22 25.69
C PRO A 789 -14.06 -43.94 25.38
N LEU A 790 -13.88 -43.32 24.23
CA LEU A 790 -12.54 -42.96 23.90
C LEU A 790 -12.26 -41.68 24.63
N ASP A 791 -10.99 -41.34 24.62
CA ASP A 791 -10.56 -40.09 25.23
C ASP A 791 -11.38 -38.86 24.75
N ASN A 792 -11.65 -38.84 23.45
CA ASN A 792 -12.41 -37.82 22.80
C ASN A 792 -13.86 -37.84 23.26
N ASP A 793 -14.42 -39.02 23.58
CA ASP A 793 -15.84 -39.10 24.02
C ASP A 793 -16.00 -38.48 25.40
N ILE A 794 -14.92 -38.59 26.17
CA ILE A 794 -14.89 -38.09 27.53
C ILE A 794 -14.54 -36.62 27.65
N GLY A 795 -13.46 -36.23 26.96
CA GLY A 795 -13.03 -34.87 27.00
C GLY A 795 -12.45 -34.57 28.37
N VAL A 796 -12.84 -33.43 28.94
CA VAL A 796 -12.36 -32.98 30.23
C VAL A 796 -13.32 -33.24 31.38
N SER A 797 -14.35 -34.02 31.08
CA SER A 797 -15.33 -34.41 32.07
C SER A 797 -14.62 -35.25 33.14
N GLU A 798 -14.84 -34.91 34.42
CA GLU A 798 -14.27 -35.59 35.60
C GLU A 798 -15.45 -35.96 36.50
N ALA A 799 -15.24 -36.81 37.51
CA ALA A 799 -16.31 -37.19 38.42
C ALA A 799 -16.81 -36.01 39.26
N THR A 800 -15.82 -35.18 39.65
CA THR A 800 -15.97 -33.94 40.41
C THR A 800 -16.77 -32.94 39.57
N ARG A 801 -16.11 -32.52 38.48
CA ARG A 801 -16.55 -31.58 37.48
C ARG A 801 -16.98 -32.23 36.15
N ILE A 802 -18.27 -32.55 36.07
CA ILE A 802 -18.89 -33.15 34.89
C ILE A 802 -19.05 -32.15 33.71
N ASP A 803 -18.63 -32.59 32.49
CA ASP A 803 -18.82 -31.84 31.25
C ASP A 803 -19.99 -32.46 30.51
N PRO A 804 -21.15 -31.87 30.75
CA PRO A 804 -22.45 -32.30 30.22
C PRO A 804 -22.54 -32.39 28.72
N ASN A 805 -21.55 -31.82 28.05
CA ASN A 805 -21.49 -31.82 26.62
C ASN A 805 -20.67 -32.93 26.02
N ALA A 806 -19.78 -33.46 26.82
CA ALA A 806 -18.98 -34.58 26.44
C ALA A 806 -19.95 -35.68 25.99
N TRP A 807 -19.61 -36.36 24.91
CA TRP A 807 -20.44 -37.44 24.41
C TRP A 807 -20.83 -38.41 25.52
N VAL A 808 -19.83 -38.85 26.27
CA VAL A 808 -20.05 -39.82 27.32
C VAL A 808 -21.12 -39.42 28.33
N GLU A 809 -21.02 -38.17 28.74
CA GLU A 809 -21.98 -37.62 29.65
C GLU A 809 -23.37 -37.72 29.05
N ARG A 810 -23.52 -37.33 27.80
CA ARG A 810 -24.83 -37.36 27.15
C ARG A 810 -25.42 -38.75 27.12
N TRP A 811 -24.55 -39.64 26.75
CA TRP A 811 -24.91 -41.03 26.65
C TRP A 811 -25.26 -41.52 28.01
N LYS A 812 -24.39 -41.20 28.96
CA LYS A 812 -24.64 -41.63 30.32
C LYS A 812 -26.02 -41.15 30.79
N ALA A 813 -26.20 -39.87 30.70
CA ALA A 813 -27.40 -39.23 31.15
C ALA A 813 -28.69 -39.72 30.53
N ALA A 814 -28.57 -40.18 29.32
CA ALA A 814 -29.73 -40.62 28.59
C ALA A 814 -30.12 -42.09 28.85
N GLY A 815 -29.26 -42.83 29.58
CA GLY A 815 -29.48 -44.20 29.94
C GLY A 815 -28.88 -45.24 29.00
N HIS A 816 -28.18 -44.80 27.97
CA HIS A 816 -27.62 -45.74 27.00
C HIS A 816 -26.89 -46.88 27.61
N TYR A 817 -26.09 -46.55 28.58
CA TYR A 817 -25.31 -47.56 29.24
C TYR A 817 -26.11 -48.43 30.17
N GLN A 818 -27.29 -48.01 30.55
CA GLN A 818 -28.00 -48.87 31.46
C GLN A 818 -29.41 -49.12 31.09
N ALA A 819 -29.65 -49.10 29.82
CA ALA A 819 -30.98 -49.35 29.37
C ALA A 819 -31.24 -50.86 29.47
N GLU A 820 -32.52 -51.19 29.66
CA GLU A 820 -32.95 -52.56 29.80
C GLU A 820 -33.85 -53.00 28.64
N ALA A 821 -33.53 -54.21 28.11
CA ALA A 821 -34.30 -54.73 26.99
C ALA A 821 -35.70 -55.16 27.37
N ALA A 822 -36.51 -55.35 26.37
CA ALA A 822 -37.87 -55.75 26.64
C ALA A 822 -38.37 -56.56 25.47
N LEU A 823 -38.63 -57.83 25.76
CA LEU A 823 -39.19 -58.69 24.74
C LEU A 823 -40.56 -58.15 24.35
N LEU A 824 -40.74 -57.84 23.10
CA LEU A 824 -42.01 -57.40 22.62
C LEU A 824 -42.58 -58.58 21.88
N GLN A 825 -41.70 -59.38 21.25
CA GLN A 825 -42.11 -60.52 20.47
C GLN A 825 -40.99 -61.50 20.18
N CYS A 826 -41.36 -62.77 20.04
CA CYS A 826 -40.41 -63.84 19.79
C CYS A 826 -41.13 -65.05 19.28
N THR A 827 -41.01 -65.32 17.98
CA THR A 827 -41.73 -66.41 17.32
C THR A 827 -40.92 -67.25 16.41
N ALA A 828 -41.37 -68.48 16.34
CA ALA A 828 -40.75 -69.43 15.45
C ALA A 828 -41.74 -69.87 14.44
N ASP A 829 -41.28 -70.03 13.23
CA ASP A 829 -42.16 -70.40 12.17
C ASP A 829 -41.44 -71.39 11.30
N THR A 830 -42.21 -72.29 10.70
CA THR A 830 -41.56 -73.25 9.85
C THR A 830 -41.85 -72.97 8.41
N LEU A 831 -40.74 -72.81 7.74
CA LEU A 831 -40.76 -72.53 6.34
C LEU A 831 -40.55 -73.85 5.61
N ALA A 832 -40.85 -73.76 4.34
CA ALA A 832 -40.67 -74.89 3.48
C ALA A 832 -39.32 -75.56 3.67
N ASP A 833 -38.24 -74.78 3.65
CA ASP A 833 -36.86 -75.28 3.73
C ASP A 833 -35.99 -74.67 4.83
N ALA A 834 -36.63 -74.03 5.81
CA ALA A 834 -35.91 -73.36 6.85
C ALA A 834 -36.74 -73.00 8.04
N VAL A 835 -36.04 -72.61 9.07
CA VAL A 835 -36.75 -72.15 10.22
C VAL A 835 -36.55 -70.67 10.35
N LEU A 836 -37.61 -70.07 10.77
CA LEU A 836 -37.56 -68.69 10.89
C LEU A 836 -37.89 -68.16 12.26
N ILE A 837 -36.90 -67.56 12.90
CA ILE A 837 -37.21 -66.97 14.16
C ILE A 837 -37.42 -65.50 13.99
N THR A 838 -38.33 -64.91 14.74
CA THR A 838 -38.58 -63.48 14.66
C THR A 838 -38.71 -62.81 16.04
N THR A 839 -37.92 -61.77 16.31
CA THR A 839 -37.97 -61.09 17.60
C THR A 839 -38.13 -59.58 17.50
N ALA A 840 -38.32 -58.94 18.66
CA ALA A 840 -38.41 -57.49 18.78
C ALA A 840 -38.16 -57.02 20.21
N HIS A 841 -37.21 -56.12 20.40
CA HIS A 841 -37.05 -55.62 21.73
C HIS A 841 -37.11 -54.17 21.73
N ALA A 842 -37.34 -53.66 22.91
CA ALA A 842 -37.33 -52.24 23.10
C ALA A 842 -36.33 -51.94 24.20
N TRP A 843 -35.45 -50.95 24.00
CA TRP A 843 -34.57 -50.61 25.08
C TRP A 843 -35.13 -49.36 25.65
N GLN A 844 -35.27 -49.37 26.97
CA GLN A 844 -35.85 -48.20 27.57
C GLN A 844 -35.18 -47.85 28.85
N HIS A 845 -35.38 -46.60 29.23
CA HIS A 845 -34.79 -46.05 30.44
C HIS A 845 -35.71 -44.94 30.89
N GLN A 846 -36.26 -45.16 32.10
CA GLN A 846 -37.22 -44.29 32.72
C GLN A 846 -38.46 -44.09 31.86
N GLY A 847 -38.91 -45.20 31.28
CA GLY A 847 -40.13 -45.14 30.48
C GLY A 847 -39.98 -44.48 29.14
N LYS A 848 -38.73 -44.34 28.75
CA LYS A 848 -38.45 -43.78 27.47
C LYS A 848 -37.86 -44.90 26.65
N THR A 849 -38.46 -45.06 25.48
CA THR A 849 -37.91 -46.07 24.62
C THR A 849 -36.82 -45.41 23.78
N LEU A 850 -35.61 -45.86 24.00
CA LEU A 850 -34.52 -45.30 23.25
C LEU A 850 -34.44 -45.90 21.88
N PHE A 851 -34.36 -47.21 21.85
CA PHE A 851 -34.25 -47.89 20.60
C PHE A 851 -35.17 -49.07 20.54
N ILE A 852 -35.30 -49.54 19.31
CA ILE A 852 -36.08 -50.71 18.99
C ILE A 852 -35.35 -51.55 17.99
N SER A 853 -35.18 -52.82 18.34
CA SER A 853 -34.47 -53.74 17.48
C SER A 853 -35.38 -54.82 16.96
N ARG A 854 -35.42 -55.01 15.65
CA ARG A 854 -36.26 -56.03 15.06
C ARG A 854 -35.49 -57.01 14.19
N LYS A 855 -35.45 -58.26 14.59
CA LYS A 855 -34.71 -59.19 13.80
C LYS A 855 -35.51 -60.36 13.28
N THR A 856 -34.80 -61.12 12.45
CA THR A 856 -35.23 -62.36 11.88
C THR A 856 -34.01 -63.17 11.74
N TYR A 857 -34.11 -64.40 12.20
CA TYR A 857 -33.03 -65.33 12.02
C TYR A 857 -33.58 -66.38 11.11
N ARG A 858 -32.81 -66.73 10.14
CA ARG A 858 -33.37 -67.72 9.31
C ARG A 858 -32.34 -68.78 9.04
N ILE A 859 -32.63 -69.96 9.59
CA ILE A 859 -31.71 -71.08 9.44
C ILE A 859 -32.21 -72.00 8.36
N ASP A 860 -31.30 -72.41 7.51
CA ASP A 860 -31.68 -73.20 6.35
C ASP A 860 -30.93 -74.51 6.31
N GLY A 861 -31.29 -75.33 5.30
CA GLY A 861 -30.71 -76.65 5.16
C GLY A 861 -29.21 -76.67 5.07
N SER A 862 -28.64 -75.52 4.75
CA SER A 862 -27.21 -75.36 4.62
C SER A 862 -26.56 -75.22 5.97
N GLY A 863 -27.39 -74.95 7.00
CA GLY A 863 -26.90 -74.79 8.35
C GLY A 863 -26.16 -73.46 8.51
N GLN A 864 -26.83 -72.48 7.92
CA GLN A 864 -26.41 -71.13 7.88
C GLN A 864 -27.46 -70.25 8.47
N MET A 865 -27.06 -69.39 9.40
CA MET A 865 -28.10 -68.48 9.82
C MET A 865 -27.95 -67.08 9.30
N ALA A 866 -29.05 -66.60 8.84
CA ALA A 866 -29.06 -65.27 8.33
C ALA A 866 -29.79 -64.35 9.25
N ILE A 867 -29.04 -63.42 9.79
CA ILE A 867 -29.61 -62.44 10.66
C ILE A 867 -29.88 -61.14 9.95
N THR A 868 -31.05 -60.66 10.18
CA THR A 868 -31.44 -59.44 9.58
C THR A 868 -31.96 -58.58 10.67
N VAL A 869 -31.38 -57.40 10.74
CA VAL A 869 -31.64 -56.47 11.83
C VAL A 869 -32.08 -55.12 11.37
N ASP A 870 -32.99 -54.57 12.15
CA ASP A 870 -33.54 -53.30 11.85
C ASP A 870 -33.82 -52.50 13.11
N VAL A 871 -32.96 -51.46 13.37
CA VAL A 871 -33.08 -50.57 14.50
C VAL A 871 -33.80 -49.26 14.23
N GLU A 872 -34.52 -48.82 15.24
CA GLU A 872 -35.19 -47.55 15.24
C GLU A 872 -34.63 -46.82 16.45
N VAL A 873 -34.09 -45.61 16.20
CA VAL A 873 -33.47 -44.75 17.21
C VAL A 873 -34.30 -43.50 17.45
N ALA A 874 -34.59 -43.21 18.71
CA ALA A 874 -35.40 -42.06 18.97
C ALA A 874 -34.69 -40.76 18.59
N SER A 875 -35.42 -39.93 17.85
CA SER A 875 -34.90 -38.66 17.34
C SER A 875 -34.26 -37.83 18.42
N ASP A 876 -34.86 -37.89 19.58
CA ASP A 876 -34.44 -37.11 20.70
C ASP A 876 -33.49 -37.72 21.67
N THR A 877 -32.75 -38.71 21.28
CA THR A 877 -31.77 -39.29 22.17
C THR A 877 -30.43 -39.03 21.53
N PRO A 878 -29.38 -38.85 22.33
CA PRO A 878 -28.09 -38.63 21.73
C PRO A 878 -27.80 -39.80 20.81
N HIS A 879 -27.19 -39.51 19.66
CA HIS A 879 -26.90 -40.59 18.77
C HIS A 879 -25.89 -41.49 19.42
N PRO A 880 -26.19 -42.74 19.24
CA PRO A 880 -25.47 -43.87 19.74
C PRO A 880 -24.11 -43.97 19.11
N ALA A 881 -23.21 -44.52 19.88
CA ALA A 881 -21.84 -44.69 19.46
C ALA A 881 -21.80 -45.74 18.41
N ARG A 882 -22.72 -46.65 18.55
CA ARG A 882 -22.71 -47.71 17.59
C ARG A 882 -24.01 -48.45 17.62
N ILE A 883 -24.08 -49.36 16.68
CA ILE A 883 -25.25 -50.21 16.45
C ILE A 883 -24.86 -51.54 15.86
N GLY A 884 -24.89 -52.57 16.70
CA GLY A 884 -24.50 -53.88 16.23
C GLY A 884 -24.77 -54.90 17.30
N LEU A 885 -24.07 -55.99 17.21
CA LEU A 885 -24.27 -57.02 18.19
C LEU A 885 -22.96 -57.45 18.76
N ASN A 886 -23.07 -58.12 19.88
CA ASN A 886 -21.88 -58.69 20.43
C ASN A 886 -22.23 -59.95 21.18
N CYS A 887 -21.18 -60.69 21.50
CA CYS A 887 -21.41 -61.91 22.24
C CYS A 887 -20.08 -62.43 22.69
N GLN A 888 -20.06 -63.33 23.64
CA GLN A 888 -18.76 -63.82 24.01
C GLN A 888 -18.49 -65.21 23.52
N LEU A 889 -17.54 -65.37 22.65
CA LEU A 889 -17.34 -66.73 22.20
C LEU A 889 -16.56 -67.50 23.18
N ALA A 890 -16.85 -68.77 23.11
CA ALA A 890 -16.23 -69.75 23.93
C ALA A 890 -14.82 -70.05 23.46
N GLN A 891 -14.62 -70.17 22.15
CA GLN A 891 -13.31 -70.44 21.55
C GLN A 891 -12.35 -69.29 21.76
N VAL A 892 -11.11 -69.63 21.50
CA VAL A 892 -9.98 -68.72 21.50
C VAL A 892 -9.03 -69.25 20.47
N ALA A 893 -8.90 -68.54 19.36
CA ALA A 893 -8.03 -68.95 18.26
C ALA A 893 -6.80 -68.05 18.13
N GLU A 894 -5.82 -68.52 17.40
CA GLU A 894 -4.58 -67.80 17.25
C GLU A 894 -4.61 -66.71 16.19
N ARG A 895 -5.45 -66.90 15.19
CA ARG A 895 -5.50 -65.91 14.13
C ARG A 895 -6.86 -65.42 13.82
N VAL A 896 -6.87 -64.35 13.08
CA VAL A 896 -8.08 -63.73 12.60
C VAL A 896 -7.84 -63.41 11.17
N ASN A 897 -8.81 -63.77 10.39
CA ASN A 897 -8.69 -63.52 9.00
C ASN A 897 -9.94 -62.85 8.48
N TRP A 898 -9.74 -61.79 7.72
CA TRP A 898 -10.89 -61.11 7.20
C TRP A 898 -10.60 -60.46 5.89
N LEU A 899 -11.70 -60.26 5.22
CA LEU A 899 -11.65 -59.60 3.96
C LEU A 899 -12.34 -58.24 4.12
N GLY A 900 -11.55 -57.17 4.24
CA GLY A 900 -12.07 -55.83 4.42
C GLY A 900 -10.94 -54.83 4.57
N LEU A 901 -11.16 -53.76 5.34
CA LEU A 901 -10.10 -52.77 5.50
C LEU A 901 -9.13 -53.12 6.54
N GLY A 902 -7.90 -52.92 6.20
CA GLY A 902 -6.89 -53.19 7.16
C GLY A 902 -5.59 -52.93 6.48
N PRO A 903 -4.57 -53.49 7.06
CA PRO A 903 -4.62 -54.39 8.21
C PRO A 903 -4.91 -53.78 9.55
N GLN A 904 -4.56 -52.50 9.73
CA GLN A 904 -4.71 -51.79 11.00
C GLN A 904 -6.05 -51.26 11.44
N GLU A 905 -6.11 -50.95 12.73
CA GLU A 905 -7.31 -50.41 13.34
C GLU A 905 -7.78 -49.23 12.49
N ASN A 906 -9.07 -49.25 12.14
CA ASN A 906 -9.61 -48.20 11.33
C ASN A 906 -11.02 -47.87 11.71
N TYR A 907 -11.29 -46.56 11.81
CA TYR A 907 -12.60 -46.08 12.16
C TYR A 907 -13.11 -45.35 10.99
N PRO A 908 -14.35 -44.99 11.07
CA PRO A 908 -15.00 -44.34 9.93
C PRO A 908 -14.45 -43.01 9.48
N ASP A 909 -14.02 -42.18 10.41
CA ASP A 909 -13.49 -40.89 10.01
C ASP A 909 -12.00 -41.00 10.07
N ARG A 910 -11.58 -42.25 10.07
CA ARG A 910 -10.17 -42.49 10.07
C ARG A 910 -9.85 -43.80 9.38
N LEU A 911 -10.16 -43.87 8.09
CA LEU A 911 -9.84 -45.09 7.39
C LEU A 911 -9.24 -44.89 6.01
N THR A 912 -8.93 -43.67 5.63
CA THR A 912 -8.36 -43.54 4.31
C THR A 912 -7.05 -44.25 4.14
N ALA A 913 -6.26 -44.44 5.18
CA ALA A 913 -4.99 -45.12 4.93
C ALA A 913 -5.13 -46.64 4.79
N ALA A 914 -6.31 -47.17 5.06
CA ALA A 914 -6.49 -48.59 5.05
C ALA A 914 -6.87 -49.11 3.71
N CYS A 915 -6.48 -50.35 3.47
CA CYS A 915 -6.75 -51.02 2.21
C CYS A 915 -7.64 -52.22 2.36
N PHE A 916 -8.43 -52.37 1.30
CA PHE A 916 -9.36 -53.47 1.21
C PHE A 916 -8.63 -54.67 0.70
N ASP A 917 -8.72 -55.74 1.47
CA ASP A 917 -8.04 -56.93 1.11
C ASP A 917 -8.27 -57.97 2.16
N ARG A 918 -7.57 -59.06 1.95
CA ARG A 918 -7.66 -60.17 2.82
C ARG A 918 -6.52 -60.11 3.79
N TRP A 919 -6.87 -59.97 5.04
CA TRP A 919 -5.83 -59.84 6.01
C TRP A 919 -5.87 -60.99 6.94
N ASP A 920 -4.71 -61.37 7.39
CA ASP A 920 -4.63 -62.44 8.35
C ASP A 920 -3.65 -62.05 9.43
N LEU A 921 -4.11 -61.98 10.66
CA LEU A 921 -3.23 -61.64 11.75
C LEU A 921 -3.62 -62.39 13.00
N PRO A 922 -2.67 -62.37 13.91
CA PRO A 922 -2.77 -62.91 15.23
C PRO A 922 -3.74 -62.09 16.04
N LEU A 923 -4.47 -62.77 16.86
CA LEU A 923 -5.45 -62.16 17.70
C LEU A 923 -4.88 -60.96 18.44
N SER A 924 -3.65 -61.16 18.90
CA SER A 924 -2.98 -60.14 19.66
C SER A 924 -2.93 -58.81 18.96
N ASP A 925 -2.86 -58.88 17.66
CA ASP A 925 -2.79 -57.71 16.83
C ASP A 925 -4.12 -57.01 16.61
N MET A 926 -5.21 -57.66 17.02
CA MET A 926 -6.52 -57.06 16.94
C MET A 926 -6.90 -56.25 18.15
N TYR A 927 -5.91 -56.02 19.00
CA TYR A 927 -6.11 -55.16 20.16
C TYR A 927 -5.02 -54.08 20.15
N THR A 928 -5.48 -52.83 20.39
CA THR A 928 -4.65 -51.64 20.48
C THR A 928 -4.53 -51.17 21.94
N PRO A 929 -3.32 -51.33 22.42
CA PRO A 929 -2.91 -51.08 23.81
C PRO A 929 -2.77 -49.62 24.18
N TYR A 930 -3.81 -48.91 23.92
CA TYR A 930 -3.81 -47.54 24.33
C TYR A 930 -3.65 -47.59 25.85
N VAL A 931 -2.66 -46.92 26.38
CA VAL A 931 -2.47 -46.86 27.82
C VAL A 931 -3.76 -46.57 28.56
N PHE A 932 -4.63 -45.70 28.06
CA PHE A 932 -5.87 -45.51 28.83
C PHE A 932 -6.96 -46.32 28.11
N PRO A 933 -7.27 -47.50 28.58
CA PRO A 933 -8.15 -48.37 27.82
C PRO A 933 -9.45 -47.75 27.41
N SER A 934 -9.87 -48.11 26.17
CA SER A 934 -11.13 -47.68 25.56
C SER A 934 -11.48 -48.55 24.36
N GLU A 935 -12.63 -48.29 23.73
CA GLU A 935 -12.98 -49.02 22.51
C GLU A 935 -11.82 -48.90 21.54
N ASN A 936 -11.43 -50.02 20.94
CA ASN A 936 -10.32 -50.01 20.00
C ASN A 936 -10.34 -51.23 19.11
N GLY A 937 -9.44 -51.20 18.16
CA GLY A 937 -9.21 -52.33 17.29
C GLY A 937 -10.19 -52.48 16.15
N LEU A 938 -11.19 -51.62 16.08
CA LEU A 938 -12.15 -51.77 14.98
C LEU A 938 -11.51 -51.85 13.61
N ARG A 939 -12.16 -52.60 12.74
CA ARG A 939 -11.86 -52.65 11.32
C ARG A 939 -13.14 -52.50 10.53
N CYS A 940 -13.15 -51.53 9.64
CA CYS A 940 -14.34 -51.29 8.88
C CYS A 940 -14.32 -51.96 7.53
N GLY A 941 -15.46 -51.78 6.88
CA GLY A 941 -15.77 -52.32 5.59
C GLY A 941 -15.49 -53.81 5.45
N THR A 942 -15.80 -54.57 6.48
CA THR A 942 -15.56 -55.97 6.42
C THR A 942 -16.66 -56.73 5.75
N ARG A 943 -16.22 -57.64 4.91
CA ARG A 943 -17.14 -58.45 4.14
C ARG A 943 -17.23 -59.89 4.54
N GLU A 944 -16.17 -60.33 5.21
CA GLU A 944 -16.04 -61.66 5.69
C GLU A 944 -15.01 -61.75 6.78
N LEU A 945 -15.40 -62.40 7.81
CA LEU A 945 -14.52 -62.55 8.91
C LEU A 945 -14.54 -63.99 9.32
N ASN A 946 -13.36 -64.45 9.64
CA ASN A 946 -13.15 -65.82 10.04
C ASN A 946 -12.40 -65.98 11.33
N TYR A 947 -13.00 -66.71 12.26
CA TYR A 947 -12.38 -66.97 13.55
C TYR A 947 -12.86 -68.32 13.89
N GLY A 948 -11.84 -69.17 14.08
CA GLY A 948 -12.00 -70.59 14.33
C GLY A 948 -12.80 -71.17 13.18
N PRO A 949 -13.88 -71.83 13.58
CA PRO A 949 -14.85 -72.43 12.70
C PRO A 949 -15.92 -71.43 12.33
N HIS A 950 -15.79 -70.20 12.75
CA HIS A 950 -16.84 -69.32 12.38
C HIS A 950 -16.48 -68.44 11.24
N GLN A 951 -17.54 -68.14 10.55
CA GLN A 951 -17.41 -67.24 9.47
C GLN A 951 -18.63 -66.38 9.38
N TRP A 952 -18.39 -65.07 9.39
CA TRP A 952 -19.50 -64.19 9.26
C TRP A 952 -19.35 -63.45 8.01
N ARG A 953 -20.46 -63.21 7.36
CA ARG A 953 -20.43 -62.50 6.11
C ARG A 953 -21.45 -61.41 6.02
N GLY A 954 -21.05 -60.33 5.35
CA GLY A 954 -21.91 -59.17 5.12
C GLY A 954 -21.11 -57.90 4.84
N ASP A 955 -21.64 -56.80 5.35
CA ASP A 955 -21.02 -55.50 5.32
C ASP A 955 -21.03 -54.91 6.73
N PHE A 956 -19.92 -55.01 7.41
CA PHE A 956 -19.98 -54.50 8.74
C PHE A 956 -18.60 -54.10 9.20
N GLN A 957 -18.64 -53.50 10.36
CA GLN A 957 -17.42 -53.15 11.01
C GLN A 957 -17.40 -54.10 12.17
N PHE A 958 -16.21 -54.47 12.62
CA PHE A 958 -16.09 -55.34 13.78
C PHE A 958 -14.80 -55.17 14.56
N ASN A 959 -14.79 -55.78 15.74
CA ASN A 959 -13.64 -55.81 16.61
C ASN A 959 -13.73 -57.06 17.46
N ILE A 960 -12.57 -57.54 17.85
CA ILE A 960 -12.48 -58.79 18.55
C ILE A 960 -11.25 -58.93 19.45
N SER A 961 -11.46 -59.17 20.73
CA SER A 961 -10.36 -59.31 21.65
C SER A 961 -10.80 -60.18 22.82
N ARG A 962 -10.02 -60.14 23.90
CA ARG A 962 -10.33 -60.84 25.13
C ARG A 962 -10.78 -59.89 26.19
N TYR A 963 -11.33 -58.75 25.81
CA TYR A 963 -11.78 -57.82 26.83
C TYR A 963 -13.13 -57.31 26.50
N SER A 964 -14.01 -57.39 27.46
CA SER A 964 -15.32 -56.88 27.23
C SER A 964 -15.21 -55.36 27.22
N GLN A 965 -16.22 -54.74 26.61
CA GLN A 965 -16.33 -53.29 26.60
C GLN A 965 -16.30 -52.80 28.04
N GLN A 966 -17.07 -53.50 28.85
CA GLN A 966 -17.12 -53.14 30.25
C GLN A 966 -15.77 -53.23 30.93
N GLN A 967 -15.04 -54.27 30.69
CA GLN A 967 -13.76 -54.27 31.33
C GLN A 967 -12.94 -53.04 30.90
N LEU A 968 -12.99 -52.68 29.62
CA LEU A 968 -12.19 -51.57 29.06
C LEU A 968 -12.52 -50.25 29.71
N MET A 969 -13.81 -50.11 29.78
CA MET A 969 -14.46 -48.97 30.31
C MET A 969 -14.18 -48.78 31.78
N GLU A 970 -13.90 -49.87 32.49
CA GLU A 970 -13.63 -49.80 33.92
C GLU A 970 -12.20 -49.90 34.39
N THR A 971 -11.27 -50.01 33.45
CA THR A 971 -9.85 -50.04 33.75
C THR A 971 -9.14 -48.76 33.32
N SER A 972 -8.50 -48.16 34.31
CA SER A 972 -7.77 -46.92 34.16
C SER A 972 -6.47 -47.11 33.37
N HIS A 973 -5.87 -48.29 33.50
CA HIS A 973 -4.65 -48.51 32.76
C HIS A 973 -4.69 -49.82 32.10
N ARG A 974 -3.99 -49.84 31.02
CA ARG A 974 -3.99 -51.06 30.27
C ARG A 974 -3.31 -52.19 30.97
N HIS A 975 -2.34 -51.86 31.83
CA HIS A 975 -1.64 -52.92 32.52
C HIS A 975 -2.50 -53.69 33.50
N LEU A 976 -3.66 -53.16 33.80
CA LEU A 976 -4.53 -53.85 34.71
C LEU A 976 -5.59 -54.69 34.06
N LEU A 977 -5.60 -54.73 32.76
CA LEU A 977 -6.60 -55.53 32.09
C LEU A 977 -6.20 -56.98 32.19
N HIS A 978 -7.20 -57.83 32.26
CA HIS A 978 -6.97 -59.24 32.28
C HIS A 978 -7.78 -59.87 31.19
N ALA A 979 -7.18 -60.85 30.52
CA ALA A 979 -7.94 -61.51 29.49
C ALA A 979 -9.12 -62.26 30.08
N GLU A 980 -10.28 -62.19 29.43
CA GLU A 980 -11.52 -62.84 29.84
C GLU A 980 -11.63 -64.31 29.32
N GLU A 981 -12.68 -65.04 29.75
CA GLU A 981 -12.82 -66.44 29.38
C GLU A 981 -12.60 -66.81 27.91
N GLY A 982 -13.28 -66.17 26.99
CA GLY A 982 -13.06 -66.56 25.61
C GLY A 982 -12.73 -65.39 24.73
N THR A 983 -13.48 -65.26 23.66
CA THR A 983 -13.25 -64.16 22.79
C THR A 983 -14.48 -63.31 22.67
N TRP A 984 -14.30 -62.03 22.94
CA TRP A 984 -15.40 -61.08 22.79
C TRP A 984 -15.47 -60.53 21.37
N LEU A 985 -16.65 -60.64 20.78
CA LEU A 985 -16.82 -60.20 19.43
C LEU A 985 -17.91 -59.18 19.33
N ASN A 986 -17.55 -58.08 18.67
CA ASN A 986 -18.46 -56.97 18.44
C ASN A 986 -18.53 -56.81 16.94
N ILE A 987 -19.72 -56.89 16.41
CA ILE A 987 -19.98 -56.80 15.00
C ILE A 987 -20.96 -55.68 14.82
N ASP A 988 -20.49 -54.66 14.14
CA ASP A 988 -21.29 -53.50 13.98
C ASP A 988 -21.81 -53.30 12.60
N GLY A 989 -23.08 -53.00 12.60
CA GLY A 989 -23.66 -52.67 11.31
C GLY A 989 -23.17 -51.25 11.11
N PHE A 990 -23.13 -50.48 12.22
CA PHE A 990 -22.67 -49.10 12.22
C PHE A 990 -21.96 -48.64 13.47
N HIS A 991 -21.01 -47.74 13.23
CA HIS A 991 -20.17 -47.14 14.27
C HIS A 991 -19.95 -45.64 14.12
N MET A 992 -20.11 -44.88 15.18
CA MET A 992 -19.88 -43.47 15.03
C MET A 992 -18.38 -43.15 14.95
N GLY A 993 -18.00 -42.04 14.28
CA GLY A 993 -16.61 -41.61 14.11
C GLY A 993 -15.90 -41.35 15.46
N ILE A 994 -14.58 -41.17 15.39
CA ILE A 994 -13.83 -40.96 16.61
C ILE A 994 -13.51 -39.50 16.93
N GLY A 995 -13.60 -38.62 15.95
CA GLY A 995 -13.28 -37.22 16.22
C GLY A 995 -11.80 -37.03 16.47
N GLY A 996 -11.44 -35.89 17.02
CA GLY A 996 -10.04 -35.60 17.30
C GLY A 996 -9.66 -34.14 17.01
N ASP A 997 -10.54 -33.32 16.39
CA ASP A 997 -10.14 -31.91 16.13
C ASP A 997 -9.50 -31.32 17.37
N ASP A 998 -10.03 -31.78 18.48
CA ASP A 998 -9.52 -31.46 19.81
C ASP A 998 -10.08 -32.51 20.73
N SER A 999 -9.57 -32.55 21.94
CA SER A 999 -10.00 -33.55 22.89
C SER A 999 -10.70 -32.96 24.09
N TRP A 1000 -11.24 -31.76 23.92
CA TRP A 1000 -11.97 -31.22 25.05
C TRP A 1000 -13.33 -30.65 24.73
N SER A 1001 -13.84 -31.03 23.59
CA SER A 1001 -15.16 -30.64 23.14
C SER A 1001 -15.50 -31.63 22.07
N PRO A 1002 -16.80 -31.77 21.82
CA PRO A 1002 -17.23 -32.66 20.75
C PRO A 1002 -16.57 -32.29 19.41
N SER A 1003 -15.88 -33.28 18.83
CA SER A 1003 -15.15 -33.12 17.58
C SER A 1003 -15.60 -34.10 16.48
N VAL A 1004 -16.72 -34.81 16.71
CA VAL A 1004 -17.12 -35.73 15.67
C VAL A 1004 -17.99 -35.04 14.65
N SER A 1005 -17.55 -35.02 13.40
CA SER A 1005 -18.39 -34.35 12.44
C SER A 1005 -19.63 -35.10 12.18
N ALA A 1006 -20.63 -34.26 12.01
CA ALA A 1006 -21.97 -34.68 11.72
C ALA A 1006 -22.10 -35.88 10.80
N GLU A 1007 -21.30 -35.92 9.69
CA GLU A 1007 -21.32 -37.05 8.73
C GLU A 1007 -21.00 -38.33 9.42
N PHE A 1008 -20.29 -38.27 10.53
CA PHE A 1008 -19.94 -39.47 11.23
C PHE A 1008 -20.78 -39.82 12.44
N GLN A 1009 -21.89 -39.11 12.62
CA GLN A 1009 -22.77 -39.37 13.75
C GLN A 1009 -23.96 -40.20 13.26
N LEU A 1010 -24.34 -41.22 14.05
CA LEU A 1010 -25.43 -42.12 13.71
C LEU A 1010 -26.76 -41.43 14.02
N SER A 1011 -27.18 -40.60 13.08
CA SER A 1011 -28.33 -39.72 13.18
C SER A 1011 -29.46 -40.01 12.24
N ALA A 1012 -29.47 -41.18 11.64
CA ALA A 1012 -30.54 -41.45 10.72
C ALA A 1012 -31.88 -41.88 11.30
N GLY A 1013 -31.87 -42.50 12.46
CA GLY A 1013 -33.15 -42.92 13.00
C GLY A 1013 -33.44 -44.36 12.70
N ARG A 1014 -33.42 -44.73 11.43
CA ARG A 1014 -33.67 -46.05 10.90
C ARG A 1014 -32.33 -46.63 10.47
N TYR A 1015 -31.97 -47.81 10.95
CA TYR A 1015 -30.75 -48.47 10.56
C TYR A 1015 -31.03 -49.95 10.19
N HIS A 1016 -30.47 -50.43 9.11
CA HIS A 1016 -30.69 -51.77 8.69
C HIS A 1016 -29.40 -52.53 8.42
N TYR A 1017 -29.33 -53.82 8.78
CA TYR A 1017 -28.15 -54.62 8.48
C TYR A 1017 -28.37 -56.11 8.50
N GLN A 1018 -27.51 -56.83 7.80
CA GLN A 1018 -27.67 -58.27 7.76
C GLN A 1018 -26.40 -59.06 7.81
N LEU A 1019 -26.50 -60.22 8.42
CA LEU A 1019 -25.38 -61.09 8.56
C LEU A 1019 -25.62 -62.51 8.20
N VAL A 1020 -24.53 -63.18 7.95
CA VAL A 1020 -24.65 -64.58 7.76
C VAL A 1020 -23.64 -65.27 8.57
N TRP A 1021 -24.13 -65.99 9.55
CA TRP A 1021 -23.21 -66.70 10.37
C TRP A 1021 -23.17 -68.13 9.96
N CYS A 1022 -21.98 -68.65 9.93
CA CYS A 1022 -21.90 -70.03 9.63
C CYS A 1022 -20.58 -70.63 9.98
N GLN A 1023 -20.49 -71.92 9.67
CA GLN A 1023 -19.30 -72.70 9.96
C GLN A 1023 -18.64 -73.43 8.81
N LYS A 1024 -17.40 -73.76 9.13
CA LYS A 1024 -16.46 -74.56 8.37
C LYS A 1024 -15.84 -75.58 9.34
N ILE B 4 -34.33 14.86 -52.78
CA ILE B 4 -33.39 14.05 -53.64
C ILE B 4 -32.19 13.26 -52.99
N THR B 5 -31.47 14.00 -52.14
CA THR B 5 -30.37 13.55 -51.33
C THR B 5 -31.06 13.00 -50.06
N ASP B 6 -32.39 12.91 -50.15
CA ASP B 6 -33.30 12.40 -49.13
C ASP B 6 -33.82 11.06 -49.61
N SER B 7 -33.47 10.81 -50.82
CA SER B 7 -33.85 9.62 -51.48
C SER B 7 -33.29 8.40 -50.77
N LEU B 8 -34.12 7.35 -50.76
CA LEU B 8 -33.69 6.07 -50.25
C LEU B 8 -32.37 5.74 -50.89
N ALA B 9 -32.43 5.84 -52.18
CA ALA B 9 -31.30 5.55 -53.04
C ALA B 9 -30.00 6.16 -52.58
N VAL B 10 -30.13 7.42 -52.21
CA VAL B 10 -28.96 8.15 -51.77
C VAL B 10 -28.60 7.76 -50.35
N VAL B 11 -29.55 7.97 -49.46
CA VAL B 11 -29.42 7.56 -48.07
C VAL B 11 -28.81 6.13 -47.95
N LEU B 12 -29.59 5.11 -48.29
CA LEU B 12 -29.17 3.72 -48.16
C LEU B 12 -27.83 3.41 -48.72
N GLN B 13 -27.37 4.30 -49.54
CA GLN B 13 -26.15 4.02 -50.25
C GLN B 13 -24.93 3.82 -49.37
N ARG B 14 -24.84 4.68 -48.40
CA ARG B 14 -23.72 4.67 -47.50
C ARG B 14 -23.62 3.41 -46.61
N ARG B 15 -24.74 2.69 -46.49
CA ARG B 15 -24.78 1.50 -45.67
C ARG B 15 -24.20 1.74 -44.27
N ASP B 16 -24.76 2.73 -43.61
CA ASP B 16 -24.35 3.06 -42.28
C ASP B 16 -24.51 1.92 -41.27
N TRP B 17 -25.44 0.99 -41.53
CA TRP B 17 -25.70 -0.18 -40.67
C TRP B 17 -24.69 -1.30 -40.89
N GLU B 18 -23.68 -1.03 -41.69
CA GLU B 18 -22.63 -2.01 -41.87
C GLU B 18 -21.34 -1.28 -41.58
N ASN B 19 -21.39 -0.44 -40.53
CA ASN B 19 -20.26 0.36 -40.16
C ASN B 19 -20.33 0.96 -38.76
N PRO B 20 -19.55 0.30 -37.92
CA PRO B 20 -19.37 0.56 -36.51
C PRO B 20 -18.74 1.91 -36.27
N GLY B 21 -18.33 2.54 -37.35
CA GLY B 21 -17.77 3.89 -37.23
C GLY B 21 -18.90 4.95 -37.29
N VAL B 22 -20.13 4.52 -37.63
CA VAL B 22 -21.27 5.38 -37.66
C VAL B 22 -22.31 4.72 -36.80
N THR B 23 -22.50 5.28 -35.62
CA THR B 23 -23.42 4.71 -34.69
C THR B 23 -24.67 5.54 -34.62
N GLN B 24 -24.50 6.75 -35.13
CA GLN B 24 -25.61 7.67 -35.15
C GLN B 24 -25.30 8.80 -36.11
N LEU B 25 -26.34 9.52 -36.53
CA LEU B 25 -26.18 10.68 -37.38
C LEU B 25 -27.23 11.68 -36.90
N ASN B 26 -26.80 12.84 -36.43
CA ASN B 26 -27.73 13.88 -35.97
C ASN B 26 -28.56 13.61 -34.72
N ARG B 27 -28.06 12.74 -33.87
CA ARG B 27 -28.75 12.41 -32.67
C ARG B 27 -28.33 13.36 -31.58
N LEU B 28 -29.30 13.83 -30.82
CA LEU B 28 -28.99 14.70 -29.68
C LEU B 28 -28.26 13.97 -28.56
N ALA B 29 -27.69 14.71 -27.64
CA ALA B 29 -26.99 14.12 -26.51
C ALA B 29 -27.92 13.46 -25.54
N ALA B 30 -27.36 12.56 -24.74
CA ALA B 30 -28.11 11.85 -23.71
C ALA B 30 -28.26 12.69 -22.47
N HIS B 31 -29.24 12.35 -21.64
CA HIS B 31 -29.47 13.07 -20.42
C HIS B 31 -30.55 12.37 -19.69
N PRO B 32 -30.70 12.83 -18.46
CA PRO B 32 -31.73 12.29 -17.62
C PRO B 32 -33.04 12.70 -18.20
N PRO B 33 -34.04 11.98 -17.79
CA PRO B 33 -35.41 12.19 -18.22
C PRO B 33 -35.91 13.59 -17.96
N PHE B 34 -36.47 14.17 -19.01
CA PHE B 34 -37.03 15.52 -19.04
C PHE B 34 -38.50 15.49 -19.38
N ALA B 35 -39.21 16.51 -18.92
CA ALA B 35 -40.63 16.69 -19.20
C ALA B 35 -40.95 18.13 -19.57
N SER B 36 -40.07 19.03 -19.22
CA SER B 36 -40.30 20.41 -19.52
C SER B 36 -41.58 20.92 -18.93
N TRP B 37 -41.71 20.74 -17.65
CA TRP B 37 -42.88 21.29 -17.05
C TRP B 37 -42.77 22.81 -17.13
N ARG B 38 -43.91 23.48 -17.18
CA ARG B 38 -43.89 24.90 -17.18
C ARG B 38 -44.52 25.50 -15.96
N ASN B 39 -44.74 24.65 -14.98
CA ASN B 39 -45.23 25.01 -13.66
C ASN B 39 -44.54 24.13 -12.62
N SER B 40 -43.90 24.83 -11.73
CA SER B 40 -43.17 24.17 -10.69
C SER B 40 -44.00 23.14 -9.89
N GLU B 41 -45.26 23.39 -9.63
CA GLU B 41 -45.95 22.38 -8.84
C GLU B 41 -46.16 21.05 -9.52
N GLU B 42 -46.44 21.13 -10.79
CA GLU B 42 -46.66 19.93 -11.52
C GLU B 42 -45.40 19.17 -11.49
N ALA B 43 -44.35 19.94 -11.61
CA ALA B 43 -43.09 19.28 -11.55
C ALA B 43 -42.94 18.63 -10.19
N ARG B 44 -43.27 19.35 -9.17
CA ARG B 44 -43.06 18.78 -7.86
C ARG B 44 -43.86 17.55 -7.60
N THR B 45 -45.03 17.55 -8.11
CA THR B 45 -45.91 16.45 -7.83
C THR B 45 -45.91 15.43 -8.90
N ASP B 46 -44.99 15.59 -9.80
CA ASP B 46 -44.94 14.64 -10.87
C ASP B 46 -46.20 14.63 -11.67
N ARG B 47 -46.81 15.80 -11.83
CA ARG B 47 -47.96 15.76 -12.69
C ARG B 47 -47.48 15.64 -14.12
N PRO B 48 -48.38 15.49 -15.06
CA PRO B 48 -47.96 15.31 -16.42
C PRO B 48 -47.75 16.58 -17.18
N SER B 49 -46.71 16.55 -18.00
CA SER B 49 -46.35 17.71 -18.73
C SER B 49 -47.02 17.78 -20.06
N GLN B 50 -47.74 18.88 -20.19
CA GLN B 50 -48.39 19.09 -21.43
C GLN B 50 -47.34 19.21 -22.58
N GLN B 51 -46.05 19.46 -22.25
CA GLN B 51 -44.98 19.62 -23.23
C GLN B 51 -44.36 18.36 -23.69
N LEU B 52 -44.95 17.32 -23.19
CA LEU B 52 -44.52 16.00 -23.52
C LEU B 52 -45.67 15.10 -23.93
N ARG B 53 -45.64 14.80 -25.21
CA ARG B 53 -46.67 14.07 -25.92
C ARG B 53 -46.22 12.71 -26.46
N SER B 54 -47.09 11.71 -26.28
CA SER B 54 -46.83 10.36 -26.75
C SER B 54 -47.32 10.14 -28.15
N LEU B 55 -46.50 9.52 -28.97
CA LEU B 55 -46.96 9.16 -30.29
C LEU B 55 -47.27 7.66 -30.32
N ASN B 56 -47.53 7.12 -29.13
CA ASN B 56 -47.83 5.71 -29.17
C ASN B 56 -49.24 5.47 -29.65
N GLY B 57 -49.37 4.39 -30.41
CA GLY B 57 -50.65 3.96 -30.93
C GLY B 57 -50.67 3.20 -32.24
N GLU B 58 -51.64 3.61 -33.06
CA GLU B 58 -51.78 2.97 -34.32
C GLU B 58 -50.92 3.63 -35.33
N TRP B 59 -50.07 2.83 -35.93
CA TRP B 59 -49.14 3.30 -36.93
C TRP B 59 -49.32 2.45 -38.13
N ARG B 60 -48.78 2.89 -39.23
CA ARG B 60 -48.87 2.08 -40.41
C ARG B 60 -47.52 1.47 -40.60
N PHE B 61 -47.59 0.21 -40.95
CA PHE B 61 -46.43 -0.60 -41.10
C PHE B 61 -46.43 -1.46 -42.34
N ALA B 62 -45.24 -1.67 -42.88
CA ALA B 62 -45.04 -2.54 -44.02
C ALA B 62 -43.68 -3.18 -43.89
N TRP B 63 -43.62 -4.47 -44.08
CA TRP B 63 -42.42 -5.27 -43.97
C TRP B 63 -41.78 -5.58 -45.31
N PHE B 64 -40.45 -5.55 -45.36
CA PHE B 64 -39.65 -5.88 -46.53
C PHE B 64 -38.45 -6.67 -46.12
N PRO B 65 -38.11 -7.54 -47.01
CA PRO B 65 -37.02 -8.49 -46.90
C PRO B 65 -35.62 -7.91 -47.02
N ALA B 66 -35.55 -6.64 -47.43
CA ALA B 66 -34.29 -5.94 -47.57
C ALA B 66 -34.58 -4.50 -47.73
N PRO B 67 -33.72 -3.72 -47.13
CA PRO B 67 -33.86 -2.29 -47.15
C PRO B 67 -34.04 -1.78 -48.58
N GLU B 68 -33.29 -2.40 -49.46
CA GLU B 68 -33.27 -2.06 -50.88
C GLU B 68 -34.60 -2.23 -51.63
N ALA B 69 -35.47 -3.07 -51.12
CA ALA B 69 -36.78 -3.31 -51.69
C ALA B 69 -37.81 -2.25 -51.26
N VAL B 70 -37.35 -1.21 -50.60
CA VAL B 70 -38.27 -0.19 -50.22
C VAL B 70 -38.35 0.74 -51.41
N PRO B 71 -39.55 1.25 -51.63
CA PRO B 71 -39.90 2.10 -52.75
C PRO B 71 -39.88 3.54 -52.37
N GLU B 72 -39.20 4.28 -53.23
CA GLU B 72 -39.07 5.68 -52.99
C GLU B 72 -40.40 6.38 -52.63
N SER B 73 -41.48 5.80 -53.10
CA SER B 73 -42.80 6.34 -52.87
C SER B 73 -43.09 6.56 -51.40
N TRP B 74 -42.58 5.58 -50.64
CA TRP B 74 -42.84 5.48 -49.23
C TRP B 74 -42.53 6.76 -48.50
N LEU B 75 -41.51 7.40 -49.03
CA LEU B 75 -41.09 8.62 -48.42
C LEU B 75 -42.14 9.69 -48.50
N GLU B 76 -42.92 9.63 -49.57
CA GLU B 76 -43.93 10.64 -49.82
C GLU B 76 -45.34 10.25 -49.43
N CYS B 77 -45.64 8.99 -49.50
CA CYS B 77 -47.00 8.68 -49.22
C CYS B 77 -47.15 7.33 -48.63
N ASP B 78 -48.21 7.14 -47.84
CA ASP B 78 -48.44 5.80 -47.33
C ASP B 78 -48.52 4.73 -48.42
N LEU B 79 -48.70 3.51 -48.02
CA LEU B 79 -48.76 2.44 -48.97
C LEU B 79 -50.02 1.70 -48.76
N PRO B 80 -50.66 1.49 -49.87
CA PRO B 80 -51.91 0.78 -50.01
C PRO B 80 -52.10 -0.44 -49.07
N GLU B 81 -51.04 -1.23 -49.09
CA GLU B 81 -50.86 -2.50 -48.40
C GLU B 81 -50.20 -2.39 -47.03
N ALA B 82 -49.93 -1.17 -46.64
CA ALA B 82 -49.39 -0.95 -45.34
C ALA B 82 -50.50 -1.32 -44.39
N ASP B 83 -50.17 -2.01 -43.30
CA ASP B 83 -51.18 -2.40 -42.35
C ASP B 83 -51.21 -1.41 -41.23
N THR B 84 -52.21 -1.58 -40.40
CA THR B 84 -52.31 -0.72 -39.27
C THR B 84 -51.93 -1.52 -38.06
N VAL B 85 -50.76 -1.17 -37.58
CA VAL B 85 -50.15 -1.84 -36.48
C VAL B 85 -50.15 -0.94 -35.27
N VAL B 86 -50.01 -1.58 -34.14
CA VAL B 86 -49.91 -0.83 -32.91
C VAL B 86 -48.41 -0.69 -32.49
N VAL B 87 -48.07 0.48 -32.02
CA VAL B 87 -46.72 0.80 -31.63
C VAL B 87 -46.76 1.34 -30.21
N PRO B 88 -45.88 0.86 -29.35
CA PRO B 88 -44.78 -0.03 -29.63
C PRO B 88 -45.15 -1.49 -29.75
N SER B 89 -44.33 -2.19 -30.49
CA SER B 89 -44.52 -3.60 -30.68
C SER B 89 -43.28 -4.18 -31.34
N ASN B 90 -43.22 -5.50 -31.37
CA ASN B 90 -42.17 -6.27 -32.00
C ASN B 90 -42.83 -6.89 -33.20
N TRP B 91 -42.35 -6.55 -34.35
CA TRP B 91 -43.02 -7.06 -35.50
C TRP B 91 -43.05 -8.57 -35.62
N GLN B 92 -42.10 -9.24 -35.00
CA GLN B 92 -42.20 -10.70 -35.03
C GLN B 92 -43.48 -11.11 -34.29
N MET B 93 -43.92 -10.25 -33.38
CA MET B 93 -45.10 -10.50 -32.54
C MET B 93 -46.38 -10.40 -33.32
N HIS B 94 -46.26 -9.81 -34.49
CA HIS B 94 -47.38 -9.59 -35.37
C HIS B 94 -47.47 -10.56 -36.52
N GLY B 95 -46.38 -11.28 -36.80
CA GLY B 95 -46.38 -12.27 -37.85
C GLY B 95 -45.43 -12.04 -39.00
N TYR B 96 -44.87 -10.86 -39.14
CA TYR B 96 -44.00 -10.60 -40.27
C TYR B 96 -42.88 -11.58 -40.57
N ASP B 97 -42.12 -11.89 -39.53
CA ASP B 97 -41.05 -12.86 -39.64
C ASP B 97 -41.04 -13.57 -38.30
N ALA B 98 -40.10 -14.50 -38.16
CA ALA B 98 -39.99 -15.27 -36.94
C ALA B 98 -39.00 -14.68 -35.94
N PRO B 99 -39.28 -14.99 -34.70
CA PRO B 99 -38.40 -14.62 -33.66
C PRO B 99 -37.40 -15.77 -33.58
N ILE B 100 -36.14 -15.42 -33.31
CA ILE B 100 -35.17 -16.47 -33.21
C ILE B 100 -34.69 -16.58 -31.81
N TYR B 101 -34.78 -17.80 -31.36
CA TYR B 101 -34.24 -18.08 -30.08
C TYR B 101 -32.90 -18.80 -30.20
N THR B 102 -31.83 -18.01 -30.17
CA THR B 102 -30.48 -18.52 -30.16
C THR B 102 -29.75 -17.94 -28.92
N ASN B 103 -28.83 -18.70 -28.34
CA ASN B 103 -28.10 -18.25 -27.15
C ASN B 103 -26.82 -17.43 -27.43
N VAL B 104 -25.81 -18.22 -27.76
CA VAL B 104 -24.45 -17.80 -28.06
C VAL B 104 -24.25 -17.48 -29.52
N THR B 105 -24.40 -18.53 -30.29
CA THR B 105 -24.26 -18.51 -31.73
C THR B 105 -25.08 -17.38 -32.32
N TYR B 106 -24.39 -16.47 -33.02
CA TYR B 106 -25.10 -15.38 -33.61
C TYR B 106 -26.12 -15.87 -34.65
N PRO B 107 -27.23 -15.14 -34.66
CA PRO B 107 -28.39 -15.34 -35.52
C PRO B 107 -28.02 -15.29 -37.01
N ILE B 108 -27.19 -14.30 -37.36
CA ILE B 108 -26.63 -14.09 -38.68
C ILE B 108 -25.20 -14.62 -38.75
N THR B 109 -24.66 -14.57 -39.92
CA THR B 109 -23.33 -15.03 -40.21
C THR B 109 -22.30 -14.03 -39.75
N VAL B 110 -21.30 -14.56 -39.04
CA VAL B 110 -20.22 -13.78 -38.46
C VAL B 110 -19.19 -13.22 -39.45
N ASN B 111 -19.41 -11.96 -39.86
CA ASN B 111 -18.54 -11.22 -40.78
C ASN B 111 -18.58 -9.72 -40.56
N PRO B 112 -18.10 -9.37 -39.41
CA PRO B 112 -18.09 -8.00 -39.03
C PRO B 112 -17.26 -7.21 -40.02
N PRO B 113 -17.83 -6.06 -40.35
CA PRO B 113 -19.07 -5.59 -39.71
C PRO B 113 -20.27 -5.81 -40.58
N PHE B 114 -20.15 -6.80 -41.42
CA PHE B 114 -21.22 -7.02 -42.35
C PHE B 114 -22.35 -7.76 -41.83
N VAL B 115 -23.40 -7.45 -42.48
CA VAL B 115 -24.68 -8.00 -42.23
C VAL B 115 -25.17 -8.63 -43.53
N PRO B 116 -26.17 -9.48 -43.39
CA PRO B 116 -26.76 -10.20 -44.49
C PRO B 116 -27.53 -9.28 -45.43
N THR B 117 -27.53 -9.61 -46.73
CA THR B 117 -28.23 -8.73 -47.67
C THR B 117 -29.74 -8.79 -47.50
N GLU B 118 -30.17 -9.98 -47.09
CA GLU B 118 -31.54 -10.22 -46.76
C GLU B 118 -31.73 -9.70 -45.33
N ASN B 119 -32.22 -8.50 -45.24
CA ASN B 119 -32.29 -7.90 -43.97
C ASN B 119 -33.59 -7.15 -43.79
N PRO B 120 -34.39 -7.86 -43.07
CA PRO B 120 -35.75 -7.52 -42.74
C PRO B 120 -35.92 -6.12 -42.24
N THR B 121 -36.54 -5.36 -43.12
CA THR B 121 -36.82 -3.98 -42.90
C THR B 121 -38.29 -3.76 -42.60
N GLY B 122 -38.57 -2.90 -41.63
CA GLY B 122 -39.91 -2.60 -41.23
C GLY B 122 -40.12 -1.12 -41.40
N CYS B 123 -41.14 -0.77 -42.17
CA CYS B 123 -41.37 0.63 -42.44
C CYS B 123 -42.54 1.07 -41.67
N TYR B 124 -42.29 1.97 -40.73
CA TYR B 124 -43.35 2.50 -39.91
C TYR B 124 -43.64 3.90 -40.37
N SER B 125 -44.88 4.34 -40.19
CA SER B 125 -45.22 5.69 -40.56
C SER B 125 -46.34 6.21 -39.71
N LEU B 126 -46.32 7.51 -39.57
CA LEU B 126 -47.31 8.10 -38.72
C LEU B 126 -47.63 9.51 -39.14
N THR B 127 -48.93 9.74 -39.20
CA THR B 127 -49.41 11.04 -39.59
C THR B 127 -49.94 11.75 -38.36
N PHE B 128 -49.49 12.97 -38.14
CA PHE B 128 -49.90 13.60 -36.90
C PHE B 128 -49.82 15.10 -36.97
N ASN B 129 -50.46 15.62 -35.93
CA ASN B 129 -50.62 17.03 -35.82
C ASN B 129 -49.74 17.77 -34.85
N VAL B 130 -49.20 18.83 -35.36
CA VAL B 130 -48.41 19.59 -34.48
C VAL B 130 -49.11 20.90 -34.30
N ASP B 131 -49.22 21.26 -33.05
CA ASP B 131 -49.89 22.49 -32.75
C ASP B 131 -49.03 23.70 -33.07
N GLU B 132 -49.61 24.63 -33.83
CA GLU B 132 -48.91 25.83 -34.21
C GLU B 132 -48.09 26.48 -33.12
N SER B 133 -48.53 26.36 -31.85
CA SER B 133 -47.76 26.98 -30.76
C SER B 133 -46.34 26.48 -30.54
N TRP B 134 -46.17 25.20 -30.75
CA TRP B 134 -44.93 24.51 -30.65
C TRP B 134 -43.96 25.03 -31.69
N LEU B 135 -44.49 25.57 -32.79
CA LEU B 135 -43.59 26.10 -33.77
C LEU B 135 -43.22 27.56 -33.66
N GLN B 136 -43.92 28.27 -32.83
CA GLN B 136 -43.50 29.66 -32.64
C GLN B 136 -42.13 29.67 -32.09
N GLU B 137 -41.99 29.01 -30.91
CA GLU B 137 -40.71 28.89 -30.26
C GLU B 137 -40.43 27.55 -29.72
N GLY B 138 -39.27 27.55 -29.13
CA GLY B 138 -38.81 26.39 -28.48
C GLY B 138 -38.36 25.38 -29.48
N GLN B 139 -38.05 24.24 -28.90
CA GLN B 139 -37.60 23.17 -29.71
C GLN B 139 -38.47 21.99 -29.51
N THR B 140 -38.73 21.35 -30.65
CA THR B 140 -39.57 20.18 -30.70
C THR B 140 -38.73 19.02 -31.11
N ARG B 141 -38.63 18.10 -30.17
CA ARG B 141 -37.79 17.01 -30.55
C ARG B 141 -38.51 15.72 -30.34
N ILE B 142 -37.99 14.72 -31.04
CA ILE B 142 -38.56 13.40 -30.99
C ILE B 142 -37.68 12.39 -30.29
N ILE B 143 -38.33 11.46 -29.64
CA ILE B 143 -37.63 10.44 -28.90
C ILE B 143 -38.09 9.03 -29.07
N PHE B 144 -37.15 8.17 -29.34
CA PHE B 144 -37.49 6.79 -29.39
C PHE B 144 -36.71 6.09 -28.30
N ASP B 145 -37.45 5.56 -27.35
CA ASP B 145 -36.91 4.87 -26.20
C ASP B 145 -36.32 3.52 -26.48
N GLY B 146 -36.52 3.02 -27.69
CA GLY B 146 -35.99 1.73 -28.08
C GLY B 146 -36.41 1.28 -29.50
N VAL B 147 -35.44 1.22 -30.41
CA VAL B 147 -35.64 0.77 -31.77
C VAL B 147 -34.59 -0.30 -32.05
N ASN B 148 -35.04 -1.46 -32.45
CA ASN B 148 -34.18 -2.58 -32.60
C ASN B 148 -34.19 -3.11 -34.02
N SER B 149 -33.04 -3.15 -34.71
CA SER B 149 -31.73 -2.80 -34.20
C SER B 149 -31.16 -1.45 -34.60
N ALA B 150 -31.64 -0.89 -35.69
CA ALA B 150 -31.09 0.34 -36.19
C ALA B 150 -32.11 1.05 -37.04
N PHE B 151 -31.92 2.32 -37.31
CA PHE B 151 -32.94 2.90 -38.12
C PHE B 151 -32.61 4.25 -38.69
N HIS B 152 -33.32 4.59 -39.76
CA HIS B 152 -33.21 5.85 -40.42
C HIS B 152 -34.48 6.61 -40.25
N LEU B 153 -34.38 7.92 -40.27
CA LEU B 153 -35.59 8.65 -40.05
C LEU B 153 -35.80 9.83 -40.97
N TRP B 154 -37.06 9.92 -41.43
CA TRP B 154 -37.54 11.01 -42.28
C TRP B 154 -38.74 11.68 -41.68
N CYS B 155 -38.85 12.96 -41.99
CA CYS B 155 -39.97 13.72 -41.49
C CYS B 155 -40.39 14.67 -42.56
N ASN B 156 -41.66 14.54 -42.89
CA ASN B 156 -42.26 15.30 -43.96
C ASN B 156 -41.38 15.14 -45.20
N GLY B 157 -41.01 13.88 -45.43
CA GLY B 157 -40.25 13.48 -46.60
C GLY B 157 -38.79 13.84 -46.53
N ARG B 158 -38.36 14.52 -45.49
CA ARG B 158 -36.97 14.84 -45.35
C ARG B 158 -36.21 13.93 -44.40
N TRP B 159 -34.97 13.64 -44.76
CA TRP B 159 -34.14 12.77 -43.93
C TRP B 159 -33.64 13.46 -42.69
N VAL B 160 -33.88 12.82 -41.57
CA VAL B 160 -33.50 13.41 -40.31
C VAL B 160 -32.21 12.93 -39.66
N GLY B 161 -32.07 11.61 -39.57
CA GLY B 161 -30.96 10.98 -38.91
C GLY B 161 -31.12 9.47 -38.82
N TYR B 162 -30.11 8.90 -38.17
CA TYR B 162 -29.87 7.49 -38.00
C TYR B 162 -29.45 7.17 -36.57
N GLY B 163 -29.69 5.92 -36.13
CA GLY B 163 -29.32 5.55 -34.79
C GLY B 163 -29.16 4.06 -34.55
N GLN B 164 -28.20 3.74 -33.67
CA GLN B 164 -27.95 2.39 -33.22
C GLN B 164 -28.11 2.28 -31.69
N ASP B 165 -28.05 1.05 -31.19
CA ASP B 165 -28.29 0.78 -29.79
C ASP B 165 -29.76 0.61 -29.48
N SER B 166 -30.15 -0.65 -29.53
CA SER B 166 -31.52 -1.03 -29.30
C SER B 166 -32.07 -0.64 -27.96
N ARG B 167 -31.23 -0.57 -26.93
CA ARG B 167 -31.77 -0.35 -25.62
C ARG B 167 -31.66 1.04 -25.05
N LEU B 168 -31.26 2.05 -25.82
CA LEU B 168 -31.27 3.42 -25.23
C LEU B 168 -31.98 4.38 -26.18
N PRO B 169 -32.42 5.51 -25.68
CA PRO B 169 -33.13 6.47 -26.50
C PRO B 169 -32.30 7.23 -27.51
N SER B 170 -32.94 7.45 -28.64
CA SER B 170 -32.39 8.28 -29.68
C SER B 170 -33.34 9.44 -29.79
N GLU B 171 -32.76 10.63 -29.83
CA GLU B 171 -33.48 11.90 -29.92
C GLU B 171 -33.03 12.75 -31.05
N PHE B 172 -34.02 13.27 -31.73
CA PHE B 172 -33.75 14.16 -32.83
C PHE B 172 -34.59 15.40 -32.72
N ASP B 173 -33.98 16.48 -33.17
CA ASP B 173 -34.62 17.77 -33.19
C ASP B 173 -35.40 17.87 -34.49
N LEU B 174 -36.71 18.00 -34.39
CA LEU B 174 -37.55 18.02 -35.56
C LEU B 174 -37.97 19.43 -35.90
N SER B 175 -37.50 20.30 -35.06
CA SER B 175 -37.79 21.70 -35.09
C SER B 175 -37.95 22.30 -36.45
N ALA B 176 -37.06 21.97 -37.32
CA ALA B 176 -37.13 22.55 -38.65
C ALA B 176 -37.71 21.67 -39.74
N PHE B 177 -38.39 20.59 -39.42
CA PHE B 177 -38.93 19.76 -40.48
C PHE B 177 -40.42 19.77 -40.42
N LEU B 178 -40.84 20.18 -39.25
CA LEU B 178 -42.21 20.26 -38.89
C LEU B 178 -42.85 21.46 -39.53
N ARG B 179 -44.12 21.22 -39.87
CA ARG B 179 -45.04 22.17 -40.44
C ARG B 179 -46.25 22.15 -39.55
N ALA B 180 -46.95 23.27 -39.51
CA ALA B 180 -48.13 23.30 -38.68
C ALA B 180 -49.25 22.45 -39.24
N GLY B 181 -49.88 21.80 -38.27
CA GLY B 181 -50.92 20.86 -38.53
C GLY B 181 -50.36 19.47 -38.82
N GLU B 182 -50.55 19.07 -40.05
CA GLU B 182 -50.22 17.74 -40.46
C GLU B 182 -48.84 17.44 -40.91
N ASN B 183 -48.25 16.54 -40.12
CA ASN B 183 -46.93 16.03 -40.33
C ASN B 183 -46.98 14.52 -40.43
N ARG B 184 -45.95 14.01 -41.09
CA ARG B 184 -45.75 12.60 -41.31
C ARG B 184 -44.29 12.12 -41.10
N LEU B 185 -44.17 11.01 -40.38
CA LEU B 185 -42.92 10.37 -40.10
C LEU B 185 -42.80 9.08 -40.83
N ALA B 186 -41.60 8.88 -41.32
CA ALA B 186 -41.28 7.64 -41.95
C ALA B 186 -39.99 7.16 -41.30
N VAL B 187 -40.15 6.02 -40.65
CA VAL B 187 -39.13 5.34 -39.89
C VAL B 187 -38.81 4.01 -40.48
N MET B 188 -37.56 3.85 -40.89
CA MET B 188 -37.17 2.56 -41.38
C MET B 188 -36.16 1.84 -40.51
N VAL B 189 -36.67 0.78 -39.96
CA VAL B 189 -36.01 -0.08 -39.03
C VAL B 189 -35.44 -1.34 -39.62
N LEU B 190 -34.12 -1.47 -39.49
CA LEU B 190 -33.37 -2.61 -39.94
C LEU B 190 -33.19 -3.65 -38.86
N ARG B 191 -33.42 -4.89 -39.21
CA ARG B 191 -33.26 -5.87 -38.18
C ARG B 191 -31.83 -6.09 -37.77
N TRP B 192 -30.96 -6.28 -38.74
CA TRP B 192 -29.55 -6.48 -38.48
C TRP B 192 -28.76 -5.24 -38.81
N SER B 193 -27.70 -4.94 -38.03
CA SER B 193 -26.80 -3.81 -38.26
C SER B 193 -25.45 -4.13 -37.67
N ASP B 194 -24.46 -3.24 -37.80
CA ASP B 194 -23.18 -3.55 -37.21
C ASP B 194 -23.36 -3.58 -35.66
N GLY B 195 -24.44 -2.93 -35.18
CA GLY B 195 -24.80 -2.91 -33.76
C GLY B 195 -25.18 -4.28 -33.23
N SER B 196 -25.55 -5.15 -34.14
CA SER B 196 -25.95 -6.48 -33.74
C SER B 196 -24.80 -7.30 -33.21
N TYR B 197 -23.65 -6.98 -33.73
CA TYR B 197 -22.47 -7.70 -33.26
C TYR B 197 -22.27 -7.51 -31.77
N LEU B 198 -22.80 -6.39 -31.24
CA LEU B 198 -22.69 -6.08 -29.85
C LEU B 198 -23.96 -6.41 -29.09
N GLU B 199 -24.88 -7.09 -29.75
CA GLU B 199 -26.10 -7.43 -29.04
C GLU B 199 -26.42 -8.91 -29.11
N ASP B 200 -25.47 -9.74 -28.68
CA ASP B 200 -25.67 -11.16 -28.75
C ASP B 200 -26.11 -11.83 -27.45
N GLN B 201 -27.06 -11.22 -26.76
CA GLN B 201 -27.59 -11.80 -25.52
C GLN B 201 -28.43 -13.05 -25.71
N ASP B 202 -28.30 -13.94 -24.74
CA ASP B 202 -29.08 -15.17 -24.72
C ASP B 202 -30.58 -14.84 -24.50
N MET B 203 -31.30 -14.61 -25.60
CA MET B 203 -32.72 -14.27 -25.56
C MET B 203 -33.29 -14.30 -26.97
N TRP B 204 -34.62 -14.24 -27.08
CA TRP B 204 -35.22 -14.20 -28.40
C TRP B 204 -34.67 -13.01 -29.17
N ARG B 205 -34.43 -13.21 -30.47
CA ARG B 205 -33.97 -12.12 -31.33
C ARG B 205 -35.20 -11.57 -32.10
N MET B 206 -35.61 -10.34 -31.73
CA MET B 206 -36.76 -9.64 -32.28
C MET B 206 -36.37 -8.31 -32.87
N SER B 207 -37.40 -7.50 -33.23
CA SER B 207 -37.17 -6.20 -33.84
C SER B 207 -38.35 -5.28 -33.90
N GLY B 208 -38.02 -4.00 -34.06
CA GLY B 208 -39.02 -2.96 -34.18
C GLY B 208 -38.95 -1.83 -33.20
N ILE B 209 -39.97 -0.99 -33.27
CA ILE B 209 -40.14 0.13 -32.36
C ILE B 209 -40.88 -0.42 -31.13
N PHE B 210 -40.07 -1.00 -30.22
CA PHE B 210 -40.57 -1.71 -29.06
C PHE B 210 -40.68 -0.98 -27.74
N ARG B 211 -40.25 0.27 -27.71
CA ARG B 211 -40.42 1.10 -26.53
C ARG B 211 -41.12 2.32 -27.11
N ASP B 212 -41.49 3.24 -26.29
CA ASP B 212 -42.20 4.43 -26.67
C ASP B 212 -41.56 5.41 -27.62
N VAL B 213 -42.49 6.28 -28.08
CA VAL B 213 -42.25 7.36 -28.99
C VAL B 213 -42.92 8.58 -28.49
N SER B 214 -42.11 9.62 -28.37
CA SER B 214 -42.62 10.85 -27.81
C SER B 214 -42.07 12.10 -28.48
N LEU B 215 -42.74 13.16 -28.08
CA LEU B 215 -42.47 14.47 -28.52
C LEU B 215 -42.34 15.33 -27.35
N LEU B 216 -41.24 16.04 -27.40
CA LEU B 216 -40.98 16.94 -26.32
C LEU B 216 -40.68 18.32 -26.84
N HIS B 217 -41.39 19.22 -26.22
CA HIS B 217 -41.25 20.60 -26.58
C HIS B 217 -40.46 21.35 -25.52
N LYS B 218 -39.27 21.85 -25.86
CA LYS B 218 -38.53 22.60 -24.84
C LYS B 218 -38.36 24.03 -25.25
N PRO B 219 -38.14 24.85 -24.23
CA PRO B 219 -37.91 26.25 -24.43
C PRO B 219 -36.61 26.38 -25.19
N THR B 220 -36.31 27.56 -25.65
CA THR B 220 -35.10 27.73 -26.43
C THR B 220 -33.86 27.82 -25.58
N THR B 221 -34.11 28.38 -24.42
CA THR B 221 -33.14 28.52 -23.38
C THR B 221 -33.64 27.54 -22.37
N GLN B 222 -32.88 26.46 -22.16
CA GLN B 222 -33.38 25.38 -21.34
C GLN B 222 -32.31 24.69 -20.52
N ILE B 223 -32.80 23.75 -19.74
CA ILE B 223 -31.95 22.90 -18.96
C ILE B 223 -31.55 21.72 -19.85
N SER B 224 -30.24 21.57 -20.08
CA SER B 224 -29.71 20.55 -20.97
C SER B 224 -29.34 19.24 -20.26
N ASP B 225 -29.03 19.35 -18.96
CA ASP B 225 -28.69 18.21 -18.12
C ASP B 225 -28.57 18.66 -16.68
N PHE B 226 -28.67 17.68 -15.79
CA PHE B 226 -28.44 17.95 -14.41
C PHE B 226 -28.15 16.67 -13.67
N HIS B 227 -27.32 16.78 -12.64
CA HIS B 227 -27.00 15.65 -11.83
C HIS B 227 -27.08 15.99 -10.40
N VAL B 228 -27.40 14.95 -9.70
CA VAL B 228 -27.49 15.03 -8.30
C VAL B 228 -26.45 14.19 -7.61
N ALA B 229 -26.10 14.59 -6.42
CA ALA B 229 -25.12 13.90 -5.62
C ALA B 229 -25.32 14.20 -4.15
N THR B 230 -25.02 13.23 -3.32
CA THR B 230 -25.21 13.41 -1.92
C THR B 230 -24.02 12.98 -1.12
N ARG B 231 -23.48 13.91 -0.39
CA ARG B 231 -22.42 13.53 0.51
C ARG B 231 -22.95 13.52 1.94
N PHE B 232 -22.31 12.67 2.75
CA PHE B 232 -22.64 12.51 4.16
C PHE B 232 -21.45 12.71 5.06
N ASN B 233 -21.74 12.83 6.32
CA ASN B 233 -20.79 12.95 7.37
C ASN B 233 -20.59 11.60 8.01
N ASP B 234 -19.66 11.55 8.93
CA ASP B 234 -19.33 10.27 9.51
C ASP B 234 -20.50 9.39 9.95
N ASP B 235 -21.52 9.99 10.52
CA ASP B 235 -22.63 9.17 10.98
C ASP B 235 -23.90 9.39 10.21
N PHE B 236 -23.82 10.05 9.06
CA PHE B 236 -25.03 10.26 8.29
C PHE B 236 -26.02 11.17 8.94
N SER B 237 -25.63 11.90 9.93
CA SER B 237 -26.57 12.81 10.52
C SER B 237 -26.70 14.08 9.68
N ARG B 238 -25.78 14.26 8.73
CA ARG B 238 -25.87 15.39 7.85
C ARG B 238 -25.43 15.11 6.44
N ALA B 239 -26.15 15.68 5.50
CA ALA B 239 -25.83 15.47 4.12
C ALA B 239 -25.80 16.75 3.35
N VAL B 240 -25.19 16.66 2.20
CA VAL B 240 -25.18 17.75 1.29
C VAL B 240 -25.71 17.26 0.01
N LEU B 241 -26.65 17.97 -0.51
CA LEU B 241 -27.15 17.64 -1.79
C LEU B 241 -26.49 18.60 -2.73
N GLU B 242 -25.93 18.06 -3.77
CA GLU B 242 -25.22 18.86 -4.72
C GLU B 242 -25.78 18.68 -6.09
N ALA B 243 -26.20 19.78 -6.72
CA ALA B 243 -26.79 19.68 -8.04
C ALA B 243 -26.06 20.52 -9.02
N GLU B 244 -25.76 19.87 -10.12
CA GLU B 244 -25.05 20.54 -11.16
C GLU B 244 -25.97 20.62 -12.33
N VAL B 245 -26.09 21.86 -12.73
CA VAL B 245 -26.96 22.14 -13.80
C VAL B 245 -26.30 22.81 -14.98
N GLN B 246 -26.71 22.31 -16.13
CA GLN B 246 -26.28 22.97 -17.32
C GLN B 246 -27.42 23.33 -18.17
N MET B 247 -27.18 24.40 -18.88
CA MET B 247 -28.20 24.95 -19.74
C MET B 247 -27.72 25.13 -21.14
N CYS B 248 -28.67 25.31 -22.06
CA CYS B 248 -28.42 25.60 -23.47
C CYS B 248 -29.17 26.84 -23.91
N GLY B 249 -28.54 27.68 -24.74
CA GLY B 249 -29.25 28.85 -25.22
C GLY B 249 -28.57 30.13 -24.86
N GLU B 250 -29.28 31.23 -25.01
CA GLU B 250 -28.49 32.35 -24.63
C GLU B 250 -28.55 32.76 -23.27
N LEU B 251 -27.36 32.78 -22.84
CA LEU B 251 -26.95 33.17 -21.57
C LEU B 251 -27.13 34.65 -21.38
N ARG B 252 -28.03 34.93 -20.48
CA ARG B 252 -28.38 36.29 -20.12
C ARG B 252 -28.32 36.44 -18.59
N ASP B 253 -27.64 37.46 -18.16
CA ASP B 253 -27.43 37.71 -16.73
C ASP B 253 -28.65 37.66 -15.83
N TYR B 254 -29.81 37.72 -16.42
CA TYR B 254 -30.97 37.71 -15.56
C TYR B 254 -31.44 36.30 -15.24
N LEU B 255 -30.70 35.33 -15.81
CA LEU B 255 -31.01 33.93 -15.65
C LEU B 255 -30.60 33.43 -14.29
N ARG B 256 -31.49 32.60 -13.74
CA ARG B 256 -31.24 32.00 -12.45
C ARG B 256 -31.69 30.57 -12.43
N VAL B 257 -31.23 29.88 -11.41
CA VAL B 257 -31.59 28.52 -11.16
C VAL B 257 -31.89 28.34 -9.71
N THR B 258 -32.98 27.62 -9.52
CA THR B 258 -33.36 27.28 -8.20
C THR B 258 -33.58 25.79 -8.08
N VAL B 259 -32.93 25.29 -7.06
CA VAL B 259 -33.07 23.90 -6.78
C VAL B 259 -33.66 23.82 -5.41
N SER B 260 -34.79 23.12 -5.33
CA SER B 260 -35.55 22.98 -4.08
C SER B 260 -35.78 21.52 -3.78
N LEU B 261 -35.70 21.23 -2.50
CA LEU B 261 -35.86 19.88 -2.07
C LEU B 261 -37.05 19.73 -1.17
N TRP B 262 -37.93 18.90 -1.62
CA TRP B 262 -39.14 18.67 -0.89
C TRP B 262 -39.24 17.34 -0.31
N GLN B 263 -39.88 17.35 0.78
CA GLN B 263 -40.18 16.09 1.35
C GLN B 263 -41.66 16.11 1.58
N GLY B 264 -42.34 15.66 0.57
CA GLY B 264 -43.75 15.71 0.68
C GLY B 264 -44.23 17.04 0.20
N GLU B 265 -44.79 17.78 1.14
CA GLU B 265 -45.40 19.07 0.93
C GLU B 265 -44.53 20.15 1.50
N THR B 266 -43.67 19.59 2.30
CA THR B 266 -42.72 20.32 3.05
C THR B 266 -41.41 20.59 2.31
N GLN B 267 -41.11 21.86 2.12
CA GLN B 267 -39.87 22.15 1.45
C GLN B 267 -38.81 22.04 2.50
N VAL B 268 -37.72 21.39 2.16
CA VAL B 268 -36.70 21.09 3.12
C VAL B 268 -35.50 21.96 2.98
N ALA B 269 -35.26 22.29 1.74
CA ALA B 269 -34.17 23.16 1.39
C ALA B 269 -34.37 23.69 0.01
N SER B 270 -33.83 24.90 -0.20
CA SER B 270 -33.84 25.59 -1.49
C SER B 270 -32.57 26.41 -1.70
N GLY B 271 -32.17 26.51 -2.97
CA GLY B 271 -31.02 27.27 -3.33
C GLY B 271 -31.20 27.93 -4.68
N THR B 272 -30.71 29.18 -4.73
CA THR B 272 -30.79 29.93 -5.95
C THR B 272 -29.49 30.55 -6.41
N ALA B 273 -29.26 30.45 -7.71
CA ALA B 273 -28.06 31.07 -8.24
C ALA B 273 -28.12 31.23 -9.71
N PRO B 274 -27.21 32.00 -10.16
CA PRO B 274 -27.11 32.35 -11.57
C PRO B 274 -25.99 31.55 -12.13
N PHE B 275 -25.97 31.45 -13.44
CA PHE B 275 -24.99 30.66 -14.10
C PHE B 275 -23.59 31.09 -13.89
N GLY B 276 -22.65 30.15 -13.95
CA GLY B 276 -21.25 30.45 -13.82
C GLY B 276 -20.55 29.63 -12.74
N GLY B 277 -19.80 28.62 -13.16
CA GLY B 277 -19.05 27.81 -12.21
C GLY B 277 -17.70 28.38 -11.75
N GLU B 278 -17.05 27.61 -10.87
CA GLU B 278 -15.74 27.92 -10.32
C GLU B 278 -14.66 27.76 -11.39
N ILE B 279 -13.47 28.32 -11.15
CA ILE B 279 -12.40 28.21 -12.12
C ILE B 279 -11.98 26.77 -12.22
N ILE B 280 -11.87 26.24 -13.42
CA ILE B 280 -11.46 24.87 -13.48
C ILE B 280 -10.05 24.63 -13.97
N ASP B 281 -9.67 25.46 -14.89
CA ASP B 281 -8.35 25.39 -15.42
C ASP B 281 -7.86 26.76 -15.83
N GLU B 282 -6.80 26.75 -16.60
CA GLU B 282 -6.19 27.96 -17.09
C GLU B 282 -7.13 28.87 -17.91
N ARG B 283 -8.21 28.34 -18.51
CA ARG B 283 -9.13 29.15 -19.31
C ARG B 283 -10.36 29.61 -18.56
N GLY B 284 -10.56 29.08 -17.35
CA GLY B 284 -11.69 29.51 -16.56
C GLY B 284 -12.63 28.41 -16.18
N GLY B 285 -13.93 28.74 -16.24
CA GLY B 285 -14.98 27.81 -15.87
C GLY B 285 -16.09 27.78 -16.89
N TYR B 286 -17.08 27.03 -16.53
CA TYR B 286 -18.25 26.86 -17.34
C TYR B 286 -19.19 27.98 -17.00
N ALA B 287 -19.46 28.78 -17.99
CA ALA B 287 -20.41 29.85 -17.77
C ALA B 287 -21.87 29.39 -17.83
N ASP B 288 -22.07 28.28 -18.50
CA ASP B 288 -23.35 27.65 -18.70
C ASP B 288 -23.64 26.54 -17.70
N ARG B 289 -22.96 26.59 -16.57
CA ARG B 289 -23.25 25.63 -15.56
C ARG B 289 -23.26 26.33 -14.26
N VAL B 290 -23.91 25.68 -13.33
CA VAL B 290 -24.03 26.15 -11.96
C VAL B 290 -24.22 24.92 -11.11
N THR B 291 -23.65 24.98 -9.92
CA THR B 291 -23.76 23.89 -9.00
C THR B 291 -24.29 24.35 -7.68
N LEU B 292 -25.38 23.78 -7.21
CA LEU B 292 -25.79 24.25 -5.92
C LEU B 292 -25.54 23.19 -4.90
N ARG B 293 -25.46 23.60 -3.69
CA ARG B 293 -25.27 22.70 -2.60
C ARG B 293 -26.23 23.02 -1.49
N LEU B 294 -27.05 22.04 -1.18
CA LEU B 294 -28.02 22.19 -0.14
C LEU B 294 -27.64 21.32 1.01
N ASN B 295 -27.80 21.89 2.15
CA ASN B 295 -27.52 21.20 3.37
C ASN B 295 -28.80 20.59 3.92
N VAL B 296 -28.68 19.35 4.31
CA VAL B 296 -29.81 18.65 4.84
C VAL B 296 -29.42 17.98 6.14
N GLU B 297 -30.11 18.38 7.17
CA GLU B 297 -29.84 17.87 8.47
C GLU B 297 -30.72 16.66 8.70
N ASN B 298 -30.09 15.62 9.21
CA ASN B 298 -30.80 14.39 9.53
C ASN B 298 -31.72 13.94 8.44
N PRO B 299 -31.11 13.60 7.32
CA PRO B 299 -31.87 13.17 6.15
C PRO B 299 -32.39 11.78 6.39
N LYS B 300 -33.54 11.51 5.81
CA LYS B 300 -34.12 10.18 5.86
C LYS B 300 -33.42 9.40 4.75
N LEU B 301 -32.78 8.27 5.08
CA LEU B 301 -32.02 7.52 4.08
C LEU B 301 -32.75 6.51 3.28
N TRP B 302 -32.31 6.39 2.05
CA TRP B 302 -32.94 5.48 1.14
C TRP B 302 -32.27 4.16 1.19
N SER B 303 -33.07 3.12 1.13
CA SER B 303 -32.54 1.79 1.11
C SER B 303 -33.63 0.92 0.55
N ALA B 304 -33.34 -0.35 0.27
CA ALA B 304 -34.36 -1.24 -0.28
C ALA B 304 -35.27 -1.60 0.85
N GLU B 305 -34.79 -1.45 2.09
CA GLU B 305 -35.61 -1.74 3.26
C GLU B 305 -36.63 -0.62 3.49
N ILE B 306 -36.22 0.61 3.25
CA ILE B 306 -37.04 1.80 3.37
C ILE B 306 -36.58 2.85 2.39
N PRO B 307 -37.36 2.89 1.35
CA PRO B 307 -37.12 3.71 0.22
C PRO B 307 -37.40 5.17 0.45
N ASN B 308 -36.84 5.76 1.48
CA ASN B 308 -37.04 7.18 1.68
C ASN B 308 -36.62 7.96 0.46
N LEU B 309 -37.55 8.73 -0.05
CA LEU B 309 -37.36 9.57 -1.21
C LEU B 309 -37.65 11.08 -0.98
N TYR B 310 -36.98 11.95 -1.72
CA TYR B 310 -37.28 13.35 -1.66
C TYR B 310 -37.54 13.71 -3.08
N ARG B 311 -38.08 14.89 -3.26
CA ARG B 311 -38.31 15.39 -4.58
C ARG B 311 -37.43 16.57 -4.81
N ALA B 312 -36.78 16.54 -5.94
CA ALA B 312 -35.96 17.66 -6.29
C ALA B 312 -36.50 18.34 -7.53
N VAL B 313 -36.67 19.65 -7.35
CA VAL B 313 -37.13 20.51 -8.40
C VAL B 313 -36.07 21.51 -8.79
N VAL B 314 -35.90 21.55 -10.09
CA VAL B 314 -34.94 22.41 -10.73
C VAL B 314 -35.65 23.39 -11.61
N GLU B 315 -35.61 24.61 -11.17
CA GLU B 315 -36.26 25.62 -11.94
C GLU B 315 -35.29 26.52 -12.60
N LEU B 316 -35.57 26.76 -13.86
CA LEU B 316 -34.81 27.69 -14.65
C LEU B 316 -35.70 28.92 -14.85
N HIS B 317 -35.36 30.00 -14.18
CA HIS B 317 -36.12 31.23 -14.26
C HIS B 317 -35.26 32.46 -14.41
N THR B 318 -35.96 33.54 -14.58
CA THR B 318 -35.29 34.81 -14.70
C THR B 318 -35.29 35.38 -13.33
N ALA B 319 -34.58 36.46 -13.15
CA ALA B 319 -34.54 36.99 -11.81
C ALA B 319 -35.79 37.65 -11.30
N ASP B 320 -36.63 38.10 -12.21
CA ASP B 320 -37.84 38.76 -11.78
C ASP B 320 -38.87 37.75 -11.32
N GLY B 321 -38.45 36.49 -11.22
CA GLY B 321 -39.33 35.41 -10.75
C GLY B 321 -40.06 34.65 -11.86
N THR B 322 -39.82 35.03 -13.08
CA THR B 322 -40.49 34.35 -14.15
C THR B 322 -39.87 33.00 -14.53
N LEU B 323 -40.69 31.97 -14.58
CA LEU B 323 -40.25 30.60 -14.89
C LEU B 323 -40.08 30.32 -16.34
N ILE B 324 -38.86 29.93 -16.72
CA ILE B 324 -38.66 29.54 -18.10
C ILE B 324 -39.10 28.08 -18.20
N GLU B 325 -38.67 27.26 -17.25
CA GLU B 325 -39.04 25.84 -17.31
C GLU B 325 -38.51 25.13 -16.09
N ALA B 326 -39.13 23.95 -15.85
CA ALA B 326 -38.72 23.15 -14.71
C ALA B 326 -38.54 21.66 -15.00
N GLU B 327 -37.56 21.06 -14.28
CA GLU B 327 -37.33 19.61 -14.33
C GLU B 327 -37.24 19.08 -12.94
N ALA B 328 -37.45 17.76 -12.87
CA ALA B 328 -37.35 17.17 -11.56
C ALA B 328 -36.98 15.72 -11.55
N CYS B 329 -36.64 15.28 -10.35
CA CYS B 329 -36.37 13.89 -10.14
C CYS B 329 -36.53 13.53 -8.69
N ASP B 330 -36.68 12.23 -8.42
CA ASP B 330 -36.75 11.74 -7.04
C ASP B 330 -35.35 11.59 -6.54
N VAL B 331 -35.16 11.88 -5.28
CA VAL B 331 -33.83 11.78 -4.72
C VAL B 331 -33.83 10.84 -3.55
N GLY B 332 -32.78 10.02 -3.48
CA GLY B 332 -32.59 9.08 -2.40
C GLY B 332 -31.23 9.29 -1.81
N PHE B 333 -31.20 9.46 -0.52
CA PHE B 333 -29.95 9.69 0.15
C PHE B 333 -29.31 8.38 0.51
N ARG B 334 -28.22 8.06 -0.14
CA ARG B 334 -27.55 6.82 0.17
C ARG B 334 -26.14 6.92 -0.30
N GLU B 335 -25.29 6.21 0.43
CA GLU B 335 -23.92 6.11 0.10
C GLU B 335 -23.58 4.68 -0.19
N VAL B 336 -22.89 4.48 -1.31
CA VAL B 336 -22.42 3.15 -1.74
C VAL B 336 -20.91 3.12 -1.80
N ARG B 337 -20.30 2.20 -1.08
CA ARG B 337 -18.85 2.15 -1.08
C ARG B 337 -18.30 0.78 -0.86
N ILE B 338 -17.15 0.55 -1.48
CA ILE B 338 -16.45 -0.65 -1.18
C ILE B 338 -15.35 -0.26 -0.22
N GLU B 339 -15.40 -0.82 0.93
CA GLU B 339 -14.40 -0.45 1.83
C GLU B 339 -13.81 -1.61 2.59
N ASN B 340 -12.55 -1.81 2.43
CA ASN B 340 -11.94 -2.86 3.15
C ASN B 340 -12.47 -4.22 2.78
N GLY B 341 -12.74 -4.39 1.49
CA GLY B 341 -13.20 -5.67 0.94
C GLY B 341 -14.68 -5.83 1.01
N LEU B 342 -15.33 -4.88 1.70
CA LEU B 342 -16.76 -5.01 1.78
C LEU B 342 -17.51 -3.96 1.03
N LEU B 343 -18.66 -4.35 0.50
CA LEU B 343 -19.56 -3.45 -0.19
C LEU B 343 -20.54 -2.92 0.83
N LEU B 344 -20.57 -1.60 1.04
CA LEU B 344 -21.44 -1.00 2.03
C LEU B 344 -22.46 -0.09 1.47
N LEU B 345 -23.60 -0.15 2.13
CA LEU B 345 -24.66 0.72 1.80
C LEU B 345 -24.95 1.45 3.04
N ASN B 346 -24.85 2.76 2.92
CA ASN B 346 -25.05 3.61 4.08
C ASN B 346 -24.30 3.05 5.27
N GLY B 347 -23.05 2.69 5.04
CA GLY B 347 -22.25 2.22 6.16
C GLY B 347 -22.39 0.77 6.59
N LYS B 348 -23.40 0.04 6.18
CA LYS B 348 -23.49 -1.33 6.60
C LYS B 348 -23.31 -2.18 5.36
N PRO B 349 -22.96 -3.42 5.58
CA PRO B 349 -22.67 -4.27 4.46
C PRO B 349 -23.84 -5.02 3.99
N LEU B 350 -24.08 -4.87 2.71
CA LEU B 350 -25.17 -5.54 2.11
C LEU B 350 -24.97 -7.04 1.98
N LEU B 351 -26.08 -7.69 1.84
CA LEU B 351 -26.15 -9.10 1.52
C LEU B 351 -27.17 -9.13 0.39
N ILE B 352 -26.75 -9.21 -0.86
CA ILE B 352 -27.62 -9.12 -2.02
C ILE B 352 -28.43 -10.38 -2.23
N ARG B 353 -29.75 -10.24 -2.14
CA ARG B 353 -30.62 -11.35 -2.41
C ARG B 353 -31.18 -10.95 -3.75
N GLY B 354 -30.51 -11.34 -4.84
CA GLY B 354 -30.98 -10.83 -6.09
C GLY B 354 -31.24 -11.82 -7.17
N VAL B 355 -31.74 -11.27 -8.26
CA VAL B 355 -32.07 -12.08 -9.43
C VAL B 355 -31.86 -11.27 -10.68
N ASN B 356 -31.59 -11.97 -11.76
CA ASN B 356 -31.37 -11.38 -13.05
C ASN B 356 -32.72 -11.37 -13.70
N ARG B 357 -33.08 -10.28 -14.35
CA ARG B 357 -34.36 -10.22 -15.02
C ARG B 357 -34.31 -9.60 -16.42
N HIS B 358 -34.90 -10.28 -17.39
CA HIS B 358 -34.98 -9.79 -18.76
C HIS B 358 -36.30 -9.10 -18.99
N GLU B 359 -36.33 -8.26 -20.01
CA GLU B 359 -37.60 -7.61 -20.32
C GLU B 359 -38.38 -8.54 -21.26
N HIS B 360 -39.27 -9.37 -20.67
CA HIS B 360 -40.00 -10.37 -21.44
C HIS B 360 -41.46 -10.55 -21.05
N HIS B 361 -42.25 -10.54 -22.10
CA HIS B 361 -43.67 -10.71 -22.07
C HIS B 361 -44.02 -11.75 -23.14
N PRO B 362 -44.67 -12.80 -22.72
CA PRO B 362 -45.08 -13.94 -23.56
C PRO B 362 -45.97 -13.52 -24.74
N LEU B 363 -46.72 -12.46 -24.50
CA LEU B 363 -47.60 -11.92 -25.51
C LEU B 363 -47.02 -10.81 -26.32
N HIS B 364 -46.40 -9.84 -25.62
CA HIS B 364 -45.82 -8.68 -26.23
C HIS B 364 -44.38 -8.81 -26.62
N GLY B 365 -43.79 -9.97 -26.40
CA GLY B 365 -42.39 -10.12 -26.75
C GLY B 365 -41.57 -9.27 -25.77
N GLN B 366 -40.84 -8.27 -26.31
CA GLN B 366 -39.98 -7.46 -25.47
C GLN B 366 -40.46 -6.06 -25.17
N VAL B 367 -41.76 -5.87 -25.28
CA VAL B 367 -42.35 -4.57 -24.99
C VAL B 367 -42.78 -4.57 -23.56
N MET B 368 -42.33 -3.57 -22.81
CA MET B 368 -42.70 -3.55 -21.39
C MET B 368 -43.80 -2.58 -21.05
N ASP B 369 -44.56 -2.92 -20.02
CA ASP B 369 -45.65 -2.08 -19.51
C ASP B 369 -45.61 -1.96 -17.99
N GLU B 370 -46.22 -0.91 -17.52
CA GLU B 370 -46.19 -0.66 -16.11
C GLU B 370 -46.75 -1.79 -15.26
N GLN B 371 -47.84 -2.39 -15.72
CA GLN B 371 -48.45 -3.45 -14.96
C GLN B 371 -47.47 -4.58 -14.75
N THR B 372 -46.87 -5.01 -15.84
CA THR B 372 -45.90 -6.10 -15.76
C THR B 372 -44.73 -5.77 -14.82
N MET B 373 -44.21 -4.57 -14.97
CA MET B 373 -43.10 -4.20 -14.14
C MET B 373 -43.48 -4.36 -12.69
N VAL B 374 -44.60 -3.77 -12.39
CA VAL B 374 -45.08 -3.81 -11.01
C VAL B 374 -45.34 -5.22 -10.47
N GLN B 375 -45.91 -6.04 -11.34
CA GLN B 375 -46.14 -7.37 -10.89
C GLN B 375 -44.82 -8.00 -10.44
N ASP B 376 -43.87 -7.97 -11.36
CA ASP B 376 -42.56 -8.47 -11.12
C ASP B 376 -41.99 -7.95 -9.81
N ILE B 377 -42.04 -6.64 -9.67
CA ILE B 377 -41.51 -6.10 -8.45
C ILE B 377 -42.12 -6.68 -7.19
N LEU B 378 -43.43 -6.65 -7.17
CA LEU B 378 -44.06 -7.21 -6.00
C LEU B 378 -43.77 -8.68 -5.77
N LEU B 379 -43.72 -9.45 -6.81
CA LEU B 379 -43.39 -10.83 -6.54
C LEU B 379 -42.04 -11.01 -5.95
N MET B 380 -41.13 -10.21 -6.43
CA MET B 380 -39.80 -10.28 -5.96
C MET B 380 -39.75 -9.90 -4.52
N LYS B 381 -40.31 -8.71 -4.22
CA LYS B 381 -40.25 -8.28 -2.84
C LYS B 381 -40.93 -9.29 -1.93
N GLN B 382 -41.99 -9.90 -2.43
CA GLN B 382 -42.69 -10.84 -1.60
C GLN B 382 -41.93 -12.06 -1.34
N ASN B 383 -41.11 -12.32 -2.30
CA ASN B 383 -40.32 -13.50 -2.16
C ASN B 383 -38.94 -13.29 -1.61
N ASN B 384 -38.69 -12.18 -0.92
CA ASN B 384 -37.38 -12.02 -0.31
C ASN B 384 -36.17 -11.56 -1.09
N PHE B 385 -36.42 -10.93 -2.26
CA PHE B 385 -35.40 -10.32 -3.09
C PHE B 385 -35.24 -8.84 -2.76
N ASN B 386 -34.02 -8.35 -2.79
CA ASN B 386 -33.47 -7.03 -2.50
C ASN B 386 -33.07 -6.28 -3.72
N ALA B 387 -32.66 -7.08 -4.71
CA ALA B 387 -32.04 -6.55 -5.87
C ALA B 387 -32.24 -7.31 -7.13
N VAL B 388 -32.08 -6.57 -8.20
CA VAL B 388 -32.18 -7.09 -9.55
C VAL B 388 -31.01 -6.58 -10.46
N ARG B 389 -30.59 -7.42 -11.39
CA ARG B 389 -29.58 -7.08 -12.40
C ARG B 389 -30.26 -6.96 -13.76
N CYS B 390 -30.02 -5.84 -14.45
CA CYS B 390 -30.62 -5.62 -15.78
C CYS B 390 -29.93 -6.38 -16.89
N SER B 391 -30.04 -7.71 -16.81
CA SER B 391 -29.44 -8.59 -17.78
C SER B 391 -30.14 -8.34 -19.08
N HIS B 392 -29.43 -7.81 -20.11
CA HIS B 392 -28.05 -7.36 -20.14
C HIS B 392 -28.02 -6.10 -20.98
N TYR B 393 -28.81 -5.13 -20.51
CA TYR B 393 -28.92 -3.87 -21.22
C TYR B 393 -29.77 -2.95 -20.41
N PRO B 394 -29.73 -1.68 -20.78
CA PRO B 394 -30.49 -0.71 -20.06
C PRO B 394 -31.96 -1.02 -20.26
N ASN B 395 -32.74 -0.81 -19.23
CA ASN B 395 -34.14 -1.17 -19.29
C ASN B 395 -34.98 0.03 -19.57
N HIS B 396 -36.24 -0.27 -19.73
CA HIS B 396 -37.24 0.74 -19.89
C HIS B 396 -37.24 1.64 -18.67
N PRO B 397 -37.18 2.92 -18.95
CA PRO B 397 -37.03 3.98 -17.99
C PRO B 397 -37.83 3.92 -16.75
N LEU B 398 -39.03 3.47 -16.90
CA LEU B 398 -39.89 3.42 -15.75
C LEU B 398 -39.37 2.48 -14.67
N TRP B 399 -38.69 1.45 -15.16
CA TRP B 399 -38.14 0.48 -14.24
C TRP B 399 -37.40 1.11 -13.05
N TYR B 400 -36.48 2.02 -13.36
CA TYR B 400 -35.72 2.61 -12.28
C TYR B 400 -36.55 3.36 -11.30
N THR B 401 -37.48 4.02 -11.89
CA THR B 401 -38.36 4.77 -11.05
C THR B 401 -39.12 3.88 -10.04
N LEU B 402 -39.72 2.78 -10.53
CA LEU B 402 -40.38 1.86 -9.65
C LEU B 402 -39.42 1.34 -8.58
N CYS B 403 -38.21 0.94 -8.99
CA CYS B 403 -37.26 0.42 -8.03
C CYS B 403 -36.93 1.45 -7.00
N ASP B 404 -36.82 2.68 -7.48
CA ASP B 404 -36.51 3.77 -6.60
C ASP B 404 -37.56 3.85 -5.53
N ARG B 405 -38.77 3.68 -6.00
CA ARG B 405 -39.95 3.79 -5.15
C ARG B 405 -40.33 2.62 -4.32
N TYR B 406 -40.29 1.42 -4.88
CA TYR B 406 -40.63 0.26 -4.08
C TYR B 406 -39.45 -0.21 -3.28
N GLY B 407 -38.26 0.14 -3.71
CA GLY B 407 -37.13 -0.34 -2.98
C GLY B 407 -36.42 -1.61 -3.49
N LEU B 408 -35.70 -1.51 -4.58
CA LEU B 408 -34.88 -2.63 -4.98
C LEU B 408 -33.54 -2.10 -5.39
N TYR B 409 -32.44 -2.77 -5.06
CA TYR B 409 -31.15 -2.35 -5.55
C TYR B 409 -31.02 -2.78 -6.99
N VAL B 410 -30.54 -1.89 -7.85
CA VAL B 410 -30.38 -2.23 -9.24
C VAL B 410 -28.95 -2.09 -9.73
N VAL B 411 -28.54 -3.11 -10.48
CA VAL B 411 -27.26 -3.11 -11.17
C VAL B 411 -27.61 -2.73 -12.65
N ASP B 412 -27.26 -1.53 -13.13
CA ASP B 412 -27.56 -1.10 -14.50
C ASP B 412 -26.43 -1.58 -15.41
N GLU B 413 -26.78 -2.23 -16.52
CA GLU B 413 -25.81 -2.85 -17.42
C GLU B 413 -25.87 -2.38 -18.88
N ALA B 414 -24.71 -2.11 -19.43
CA ALA B 414 -24.58 -1.63 -20.79
C ALA B 414 -25.04 -2.68 -21.75
N ASN B 415 -25.57 -2.18 -22.83
CA ASN B 415 -26.05 -3.07 -23.82
C ASN B 415 -24.90 -3.57 -24.65
N ILE B 416 -24.04 -4.42 -24.09
CA ILE B 416 -22.92 -4.94 -24.89
C ILE B 416 -22.64 -6.42 -24.64
N GLU B 417 -22.94 -7.26 -25.63
CA GLU B 417 -22.64 -8.67 -25.48
C GLU B 417 -22.21 -9.26 -26.77
N THR B 418 -20.98 -9.69 -26.79
CA THR B 418 -20.43 -10.28 -27.99
C THR B 418 -20.06 -11.74 -27.77
N HIS B 419 -20.87 -12.39 -26.98
CA HIS B 419 -20.67 -13.78 -26.65
C HIS B 419 -20.22 -14.68 -27.81
N GLY B 420 -20.84 -14.53 -28.98
CA GLY B 420 -20.55 -15.38 -30.11
C GLY B 420 -19.24 -15.17 -30.88
N MET B 421 -18.34 -14.29 -30.47
CA MET B 421 -17.08 -14.16 -31.21
C MET B 421 -16.07 -15.14 -30.76
N VAL B 422 -15.07 -15.38 -31.58
CA VAL B 422 -13.98 -16.21 -31.17
C VAL B 422 -12.68 -15.48 -31.42
N PRO B 423 -11.87 -15.30 -30.40
CA PRO B 423 -12.28 -15.61 -29.05
C PRO B 423 -13.28 -14.53 -28.66
N MET B 424 -13.70 -14.56 -27.42
CA MET B 424 -14.76 -13.64 -26.95
C MET B 424 -14.48 -12.15 -27.06
N ASN B 425 -13.23 -11.82 -26.81
CA ASN B 425 -12.42 -10.59 -26.85
C ASN B 425 -12.35 -9.80 -28.13
N ARG B 426 -12.41 -10.59 -29.20
CA ARG B 426 -12.21 -10.17 -30.55
C ARG B 426 -12.63 -8.74 -30.84
N LEU B 427 -13.83 -8.33 -30.52
CA LEU B 427 -14.17 -6.96 -30.80
C LEU B 427 -13.77 -5.97 -29.68
N THR B 428 -13.94 -6.40 -28.44
CA THR B 428 -13.68 -5.62 -27.24
C THR B 428 -12.25 -5.31 -27.00
N ASP B 429 -11.42 -6.03 -27.74
CA ASP B 429 -10.01 -5.75 -27.65
C ASP B 429 -9.61 -4.89 -28.86
N ASP B 430 -10.57 -4.61 -29.72
CA ASP B 430 -10.28 -3.85 -30.90
C ASP B 430 -10.69 -2.40 -30.81
N PRO B 431 -9.63 -1.58 -30.91
CA PRO B 431 -9.73 -0.15 -30.88
C PRO B 431 -10.81 0.33 -31.84
N ARG B 432 -10.97 -0.34 -32.96
CA ARG B 432 -12.03 0.12 -33.84
C ARG B 432 -13.45 0.01 -33.29
N TRP B 433 -13.65 -0.77 -32.24
CA TRP B 433 -14.97 -0.88 -31.64
C TRP B 433 -15.11 -0.05 -30.43
N LEU B 434 -13.99 0.56 -30.09
CA LEU B 434 -13.98 1.41 -28.90
C LEU B 434 -15.08 2.47 -28.94
N PRO B 435 -15.20 3.16 -30.01
CA PRO B 435 -16.23 4.19 -30.07
C PRO B 435 -17.65 3.67 -29.87
N ALA B 436 -18.01 2.73 -30.70
CA ALA B 436 -19.30 2.09 -30.55
C ALA B 436 -19.55 1.63 -29.13
N MET B 437 -18.54 1.01 -28.53
CA MET B 437 -18.78 0.52 -27.19
C MET B 437 -19.00 1.65 -26.24
N SER B 438 -18.15 2.60 -26.44
CA SER B 438 -18.11 3.78 -25.64
C SER B 438 -19.50 4.42 -25.50
N GLU B 439 -20.19 4.52 -26.61
CA GLU B 439 -21.51 5.10 -26.56
C GLU B 439 -22.51 4.26 -25.80
N ARG B 440 -22.27 2.98 -25.73
CA ARG B 440 -23.22 2.14 -25.02
C ARG B 440 -23.10 2.31 -23.54
N VAL B 441 -21.92 2.75 -23.11
CA VAL B 441 -21.67 2.95 -21.69
C VAL B 441 -21.99 4.37 -21.27
N THR B 442 -21.37 5.28 -21.97
CA THR B 442 -21.61 6.67 -21.63
C THR B 442 -23.07 7.07 -21.64
N ARG B 443 -23.83 6.69 -22.65
CA ARG B 443 -25.21 7.15 -22.64
C ARG B 443 -26.05 6.58 -21.54
N MET B 444 -25.72 5.36 -21.19
CA MET B 444 -26.42 4.74 -20.09
C MET B 444 -26.26 5.57 -18.83
N VAL B 445 -25.02 5.92 -18.57
CA VAL B 445 -24.70 6.68 -17.39
C VAL B 445 -25.36 8.04 -17.38
N GLN B 446 -25.25 8.75 -18.51
CA GLN B 446 -25.87 10.07 -18.58
C GLN B 446 -27.35 10.00 -18.35
N ARG B 447 -27.93 8.89 -18.69
CA ARG B 447 -29.35 8.79 -18.52
C ARG B 447 -29.80 8.33 -17.16
N ASP B 448 -29.10 7.36 -16.56
CA ASP B 448 -29.61 6.76 -15.31
C ASP B 448 -28.97 7.15 -14.02
N ARG B 449 -27.97 7.98 -14.16
CA ARG B 449 -27.16 8.37 -13.04
C ARG B 449 -27.80 8.98 -11.84
N ASN B 450 -28.98 9.56 -12.02
CA ASN B 450 -29.65 10.21 -10.90
C ASN B 450 -30.57 9.30 -10.13
N HIS B 451 -30.72 8.06 -10.56
CA HIS B 451 -31.62 7.20 -9.78
C HIS B 451 -30.97 6.59 -8.56
N PRO B 452 -31.58 6.67 -7.38
CA PRO B 452 -30.99 6.07 -6.19
C PRO B 452 -30.90 4.55 -6.20
N SER B 453 -31.82 3.90 -6.92
CA SER B 453 -31.84 2.45 -6.93
C SER B 453 -30.63 1.85 -7.60
N VAL B 454 -30.01 2.64 -8.47
CA VAL B 454 -28.87 2.09 -9.15
C VAL B 454 -27.67 2.17 -8.27
N ILE B 455 -27.11 1.03 -7.95
CA ILE B 455 -25.98 1.11 -7.06
C ILE B 455 -24.70 0.58 -7.66
N ILE B 456 -24.82 -0.07 -8.80
CA ILE B 456 -23.63 -0.58 -9.42
C ILE B 456 -23.82 -0.53 -10.90
N TRP B 457 -22.74 -0.20 -11.59
CA TRP B 457 -22.71 -0.15 -13.05
C TRP B 457 -21.96 -1.37 -13.54
N SER B 458 -22.43 -1.87 -14.64
CA SER B 458 -21.85 -3.05 -15.24
C SER B 458 -21.55 -2.73 -16.69
N LEU B 459 -20.41 -3.16 -17.18
CA LEU B 459 -19.91 -2.90 -18.54
C LEU B 459 -20.52 -3.74 -19.65
N GLY B 460 -21.41 -4.66 -19.31
CA GLY B 460 -21.96 -5.55 -20.31
C GLY B 460 -21.86 -6.96 -19.79
N ASN B 461 -21.91 -7.90 -20.73
CA ASN B 461 -21.90 -9.30 -20.41
C ASN B 461 -21.22 -10.07 -21.52
N GLU B 462 -20.58 -11.09 -21.04
CA GLU B 462 -19.91 -12.07 -21.83
C GLU B 462 -19.38 -11.58 -23.17
N SER B 463 -18.36 -10.78 -23.02
CA SER B 463 -17.67 -10.19 -24.15
C SER B 463 -16.19 -10.28 -23.92
N GLY B 464 -15.79 -11.30 -23.15
CA GLY B 464 -14.39 -11.51 -22.81
C GLY B 464 -13.84 -10.28 -22.09
N HIS B 465 -12.52 -10.10 -22.17
CA HIS B 465 -11.92 -8.96 -21.51
C HIS B 465 -11.00 -8.21 -22.43
N GLY B 466 -11.35 -6.99 -22.86
CA GLY B 466 -10.47 -6.26 -23.79
C GLY B 466 -10.06 -4.90 -23.27
N ALA B 467 -9.07 -4.32 -23.93
CA ALA B 467 -8.60 -2.99 -23.54
C ALA B 467 -9.75 -2.02 -23.60
N ASN B 468 -10.69 -2.24 -24.50
CA ASN B 468 -11.85 -1.36 -24.45
C ASN B 468 -12.57 -1.38 -23.08
N HIS B 469 -12.50 -2.48 -22.35
CA HIS B 469 -13.22 -2.46 -21.08
C HIS B 469 -12.52 -1.64 -20.05
N ASP B 470 -11.23 -1.82 -20.07
CA ASP B 470 -10.42 -1.08 -19.15
C ASP B 470 -10.59 0.42 -19.28
N ALA B 471 -10.70 0.86 -20.51
CA ALA B 471 -10.87 2.27 -20.70
C ALA B 471 -12.19 2.71 -20.20
N LEU B 472 -13.21 1.93 -20.54
CA LEU B 472 -14.55 2.32 -20.15
C LEU B 472 -14.80 2.24 -18.69
N TYR B 473 -14.14 1.33 -18.07
CA TYR B 473 -14.28 1.24 -16.65
C TYR B 473 -13.65 2.47 -16.03
N ARG B 474 -12.48 2.86 -16.51
CA ARG B 474 -11.88 4.07 -15.95
C ARG B 474 -12.74 5.29 -16.19
N TRP B 475 -13.39 5.32 -17.34
CA TRP B 475 -14.22 6.46 -17.64
C TRP B 475 -15.28 6.68 -16.59
N ILE B 476 -15.96 5.59 -16.27
CA ILE B 476 -17.03 5.65 -15.32
C ILE B 476 -16.55 6.11 -13.99
N LYS B 477 -15.48 5.47 -13.55
CA LYS B 477 -14.93 5.82 -12.26
C LYS B 477 -14.65 7.30 -12.17
N SER B 478 -14.23 7.86 -13.27
CA SER B 478 -13.97 9.27 -13.28
C SER B 478 -15.22 10.05 -13.23
N VAL B 479 -16.14 9.65 -14.03
CA VAL B 479 -17.34 10.45 -14.13
C VAL B 479 -18.29 10.35 -12.94
N ASP B 480 -18.42 9.14 -12.41
CA ASP B 480 -19.32 8.91 -11.30
C ASP B 480 -18.73 7.92 -10.37
N PRO B 481 -18.00 8.44 -9.50
CA PRO B 481 -17.36 7.72 -8.43
C PRO B 481 -18.35 7.29 -7.32
N SER B 482 -19.64 7.64 -7.41
CA SER B 482 -20.64 7.30 -6.42
C SER B 482 -20.98 5.82 -6.38
N ARG B 483 -20.62 5.11 -7.46
CA ARG B 483 -20.95 3.71 -7.61
C ARG B 483 -19.81 2.87 -8.10
N PRO B 484 -19.88 1.60 -7.80
CA PRO B 484 -18.82 0.72 -8.23
C PRO B 484 -19.10 0.16 -9.56
N VAL B 485 -18.04 -0.29 -10.17
CA VAL B 485 -18.28 -0.84 -11.46
C VAL B 485 -18.00 -2.31 -11.41
N GLN B 486 -18.78 -3.05 -12.18
CA GLN B 486 -18.52 -4.49 -12.27
C GLN B 486 -18.62 -4.99 -13.68
N TYR B 487 -17.85 -6.04 -13.95
CA TYR B 487 -17.83 -6.72 -15.25
C TYR B 487 -17.27 -8.11 -15.02
N GLU B 488 -17.97 -9.11 -15.51
CA GLU B 488 -17.51 -10.46 -15.27
C GLU B 488 -16.56 -11.05 -16.33
N GLY B 489 -16.68 -10.57 -17.58
CA GLY B 489 -15.92 -11.09 -18.69
C GLY B 489 -14.45 -11.32 -18.38
N GLY B 490 -13.95 -12.34 -19.01
CA GLY B 490 -12.54 -12.58 -18.93
C GLY B 490 -12.02 -13.13 -17.63
N GLY B 491 -12.86 -13.84 -16.88
CA GLY B 491 -12.33 -14.43 -15.68
C GLY B 491 -12.92 -13.96 -14.37
N ALA B 492 -13.79 -12.92 -14.41
CA ALA B 492 -14.52 -12.39 -13.26
C ALA B 492 -13.75 -11.59 -12.26
N ASP B 493 -12.46 -11.60 -12.41
CA ASP B 493 -11.73 -10.80 -11.47
C ASP B 493 -10.76 -9.88 -12.15
N THR B 494 -11.03 -9.47 -13.39
CA THR B 494 -10.07 -8.61 -14.07
C THR B 494 -9.91 -7.27 -13.44
N THR B 495 -9.13 -6.45 -14.12
CA THR B 495 -8.86 -5.09 -13.69
C THR B 495 -9.99 -4.18 -14.03
N ALA B 496 -11.02 -4.74 -14.65
CA ALA B 496 -12.14 -3.93 -15.04
C ALA B 496 -13.30 -4.13 -14.12
N THR B 497 -13.09 -4.72 -12.94
CA THR B 497 -14.24 -4.89 -12.09
C THR B 497 -13.81 -4.59 -10.68
N ASP B 498 -14.70 -3.98 -9.91
CA ASP B 498 -14.47 -3.64 -8.51
C ASP B 498 -14.87 -4.79 -7.61
N ILE B 499 -15.57 -5.76 -8.17
CA ILE B 499 -16.12 -6.89 -7.45
C ILE B 499 -15.87 -8.19 -8.18
N ILE B 500 -15.56 -9.25 -7.43
CA ILE B 500 -15.39 -10.50 -8.13
C ILE B 500 -16.80 -10.96 -8.39
N CYS B 501 -17.15 -11.09 -9.66
CA CYS B 501 -18.54 -11.38 -9.96
C CYS B 501 -18.75 -12.51 -10.95
N PRO B 502 -18.34 -13.67 -10.58
CA PRO B 502 -18.48 -14.80 -11.49
C PRO B 502 -19.91 -15.24 -11.67
N MET B 503 -20.07 -16.10 -12.68
CA MET B 503 -21.31 -16.79 -12.95
C MET B 503 -21.11 -18.31 -12.83
N TYR B 504 -21.93 -18.95 -12.02
CA TYR B 504 -21.92 -20.41 -11.85
C TYR B 504 -20.74 -21.02 -11.13
N ALA B 505 -20.08 -20.23 -10.34
CA ALA B 505 -19.00 -20.73 -9.55
C ALA B 505 -19.62 -21.58 -8.42
N ARG B 506 -19.05 -22.72 -8.16
CA ARG B 506 -19.64 -23.53 -7.14
C ARG B 506 -19.19 -23.12 -5.78
N VAL B 507 -19.88 -23.63 -4.82
CA VAL B 507 -19.54 -23.22 -3.50
C VAL B 507 -18.20 -23.74 -3.04
N ASP B 508 -18.15 -25.04 -3.14
CA ASP B 508 -17.00 -25.73 -2.64
C ASP B 508 -16.10 -26.33 -3.66
N GLU B 509 -16.62 -26.66 -4.84
CA GLU B 509 -15.78 -27.23 -5.89
C GLU B 509 -15.25 -26.24 -6.91
N ASP B 510 -14.01 -26.47 -7.34
CA ASP B 510 -13.41 -25.63 -8.38
C ASP B 510 -13.64 -26.20 -9.75
N GLN B 511 -13.72 -25.34 -10.74
CA GLN B 511 -13.86 -25.65 -12.16
C GLN B 511 -12.82 -24.81 -12.84
N PRO B 512 -11.69 -25.44 -13.01
CA PRO B 512 -10.51 -24.79 -13.49
C PRO B 512 -10.30 -24.87 -14.97
N PHE B 513 -11.16 -24.20 -15.66
CA PHE B 513 -10.94 -24.09 -17.05
C PHE B 513 -9.70 -23.23 -17.27
N PRO B 514 -9.05 -23.55 -18.37
CA PRO B 514 -7.91 -22.81 -18.80
C PRO B 514 -8.34 -21.43 -19.07
N ALA B 515 -7.46 -20.56 -18.61
CA ALA B 515 -7.62 -19.14 -18.77
C ALA B 515 -8.65 -18.55 -17.89
N VAL B 516 -9.76 -19.23 -17.77
CA VAL B 516 -10.80 -18.61 -17.03
C VAL B 516 -11.46 -19.56 -16.09
N PRO B 517 -10.71 -20.01 -15.13
CA PRO B 517 -11.29 -20.96 -14.19
C PRO B 517 -12.31 -20.28 -13.33
N LYS B 518 -13.08 -21.13 -12.72
CA LYS B 518 -14.07 -20.76 -11.77
C LYS B 518 -13.78 -21.47 -10.46
N TRP B 519 -13.05 -20.81 -9.58
CA TRP B 519 -12.73 -21.39 -8.30
C TRP B 519 -13.98 -21.49 -7.46
N SER B 520 -13.90 -22.28 -6.41
CA SER B 520 -14.96 -22.40 -5.47
C SER B 520 -15.01 -21.00 -4.89
N ILE B 521 -16.20 -20.49 -4.65
CA ILE B 521 -16.29 -19.17 -4.11
C ILE B 521 -15.57 -18.96 -2.83
N LYS B 522 -15.63 -19.91 -1.91
CA LYS B 522 -14.93 -19.69 -0.64
C LYS B 522 -13.51 -19.64 -1.02
N LYS B 523 -13.02 -20.39 -1.90
CA LYS B 523 -11.59 -20.27 -2.13
C LYS B 523 -11.12 -19.04 -2.88
N TRP B 524 -11.95 -18.61 -3.80
CA TRP B 524 -11.60 -17.52 -4.65
C TRP B 524 -11.13 -16.31 -3.86
N LEU B 525 -11.80 -16.03 -2.76
CA LEU B 525 -11.48 -14.87 -1.94
C LEU B 525 -10.12 -14.81 -1.34
N SER B 526 -9.51 -15.96 -1.10
CA SER B 526 -8.27 -15.92 -0.38
C SER B 526 -7.08 -16.20 -1.22
N LEU B 527 -7.31 -16.15 -2.51
CA LEU B 527 -6.26 -16.32 -3.47
C LEU B 527 -5.33 -15.17 -3.15
N PRO B 528 -4.08 -15.39 -3.37
CA PRO B 528 -3.07 -14.43 -2.97
C PRO B 528 -3.20 -13.13 -3.67
N GLY B 529 -3.27 -12.13 -2.84
CA GLY B 529 -3.40 -10.75 -3.26
C GLY B 529 -4.81 -10.22 -3.34
N GLU B 530 -5.80 -11.10 -3.42
CA GLU B 530 -7.22 -10.78 -3.56
C GLU B 530 -7.80 -10.20 -2.31
N THR B 531 -8.60 -9.17 -2.50
CA THR B 531 -9.25 -8.49 -1.40
C THR B 531 -10.64 -7.96 -1.69
N ARG B 532 -11.12 -8.09 -2.92
CA ARG B 532 -12.43 -7.59 -3.21
C ARG B 532 -13.52 -8.50 -2.72
N PRO B 533 -14.66 -7.90 -2.56
CA PRO B 533 -15.88 -8.60 -2.18
C PRO B 533 -16.29 -9.49 -3.35
N LEU B 534 -17.06 -10.52 -3.05
CA LEU B 534 -17.51 -11.36 -4.12
C LEU B 534 -19.03 -11.49 -4.12
N ILE B 535 -19.61 -11.14 -5.25
CA ILE B 535 -21.02 -11.25 -5.48
C ILE B 535 -21.27 -11.89 -6.84
N LEU B 536 -21.93 -13.02 -6.89
CA LEU B 536 -22.18 -13.73 -8.13
C LEU B 536 -23.16 -13.03 -9.03
N CYS B 537 -22.74 -12.75 -10.28
CA CYS B 537 -23.65 -12.12 -11.24
C CYS B 537 -24.72 -13.11 -11.71
N GLU B 538 -24.42 -14.38 -11.65
CA GLU B 538 -25.40 -15.38 -11.97
C GLU B 538 -25.01 -16.60 -11.24
N TYR B 539 -25.99 -17.19 -10.59
CA TYR B 539 -25.72 -18.43 -9.92
C TYR B 539 -27.03 -19.16 -9.83
N ALA B 540 -26.97 -20.46 -9.54
CA ALA B 540 -28.19 -21.28 -9.36
C ALA B 540 -29.13 -21.19 -10.54
N HIS B 541 -28.73 -21.80 -11.62
CA HIS B 541 -29.47 -21.84 -12.86
C HIS B 541 -30.84 -22.49 -12.68
N ALA B 542 -31.86 -21.66 -12.71
CA ALA B 542 -33.17 -22.12 -12.40
C ALA B 542 -33.97 -22.74 -13.54
N MET B 543 -33.30 -23.48 -14.43
CA MET B 543 -33.94 -24.12 -15.57
C MET B 543 -34.73 -25.40 -15.28
N GLY B 544 -36.06 -25.26 -15.35
CA GLY B 544 -36.96 -26.38 -15.11
C GLY B 544 -36.95 -26.89 -13.67
N ASN B 545 -36.85 -28.21 -13.51
CA ASN B 545 -36.83 -28.74 -12.14
C ASN B 545 -35.42 -28.52 -11.58
N SER B 546 -35.26 -27.37 -10.91
CA SER B 546 -33.95 -26.97 -10.46
C SER B 546 -33.92 -26.37 -9.09
N LEU B 547 -32.76 -25.75 -8.82
CA LEU B 547 -32.46 -25.07 -7.60
C LEU B 547 -31.92 -25.95 -6.49
N GLY B 548 -31.42 -27.12 -6.86
CA GLY B 548 -30.86 -28.00 -5.86
C GLY B 548 -29.57 -27.42 -5.33
N GLY B 549 -29.40 -27.46 -4.03
CA GLY B 549 -28.15 -26.94 -3.52
C GLY B 549 -28.21 -25.47 -3.19
N PHE B 550 -29.36 -24.84 -3.49
CA PHE B 550 -29.52 -23.43 -3.25
C PHE B 550 -29.07 -23.07 -1.84
N ALA B 551 -29.46 -23.92 -0.94
CA ALA B 551 -29.06 -23.63 0.42
C ALA B 551 -27.57 -23.58 0.69
N LYS B 552 -26.80 -24.41 -0.01
CA LYS B 552 -25.37 -24.37 0.22
C LYS B 552 -24.85 -22.94 0.05
N TYR B 553 -25.32 -22.31 -1.01
CA TYR B 553 -24.95 -20.95 -1.28
C TYR B 553 -25.31 -20.06 -0.13
N TRP B 554 -26.59 -20.14 0.30
CA TRP B 554 -27.02 -19.27 1.37
C TRP B 554 -26.21 -19.40 2.60
N GLN B 555 -25.65 -20.57 2.74
CA GLN B 555 -24.89 -20.73 3.96
C GLN B 555 -23.51 -20.16 3.93
N ALA B 556 -22.94 -20.16 2.75
CA ALA B 556 -21.63 -19.59 2.68
C ALA B 556 -21.78 -18.11 2.83
N PHE B 557 -22.78 -17.58 2.10
CA PHE B 557 -23.05 -16.16 2.13
C PHE B 557 -23.13 -15.74 3.56
N ARG B 558 -23.85 -16.52 4.32
CA ARG B 558 -23.97 -16.16 5.71
C ARG B 558 -22.71 -16.31 6.57
N GLN B 559 -21.82 -17.23 6.26
CA GLN B 559 -20.63 -17.43 7.05
C GLN B 559 -19.44 -16.55 6.64
N TYR B 560 -19.30 -16.25 5.36
CA TYR B 560 -18.23 -15.41 4.88
C TYR B 560 -18.69 -13.99 4.53
N PRO B 561 -18.18 -13.04 5.26
CA PRO B 561 -18.43 -11.64 5.06
C PRO B 561 -18.25 -11.14 3.67
N ARG B 562 -17.14 -11.50 3.04
CA ARG B 562 -16.81 -11.05 1.69
C ARG B 562 -17.66 -11.65 0.61
N LEU B 563 -18.47 -12.65 0.99
CA LEU B 563 -19.46 -13.28 0.12
C LEU B 563 -20.77 -12.57 0.37
N GLN B 564 -21.03 -11.52 -0.41
CA GLN B 564 -22.20 -10.70 -0.21
C GLN B 564 -23.38 -11.02 -1.07
N GLY B 565 -23.49 -12.32 -1.38
CA GLY B 565 -24.65 -12.78 -2.15
C GLY B 565 -24.51 -12.94 -3.64
N GLY B 566 -25.62 -12.81 -4.34
CA GLY B 566 -25.58 -12.97 -5.78
C GLY B 566 -26.95 -12.81 -6.40
N PHE B 567 -26.93 -12.95 -7.72
CA PHE B 567 -28.08 -12.86 -8.59
C PHE B 567 -28.46 -14.20 -9.19
N VAL B 568 -29.61 -14.66 -8.82
CA VAL B 568 -30.03 -15.92 -9.38
C VAL B 568 -30.35 -15.74 -10.87
N TRP B 569 -30.15 -16.83 -11.60
CA TRP B 569 -30.46 -16.79 -13.00
C TRP B 569 -31.56 -17.78 -13.33
N ASP B 570 -32.76 -17.32 -13.71
CA ASP B 570 -33.18 -15.94 -13.81
C ASP B 570 -34.67 -15.79 -13.39
N TRP B 571 -35.23 -14.63 -13.62
CA TRP B 571 -36.58 -14.39 -13.18
C TRP B 571 -37.72 -15.12 -13.86
N VAL B 572 -37.95 -14.82 -15.12
CA VAL B 572 -39.03 -15.40 -15.92
C VAL B 572 -38.60 -16.33 -17.02
N ASP B 573 -39.45 -17.28 -17.33
CA ASP B 573 -39.23 -18.16 -18.45
C ASP B 573 -39.40 -17.33 -19.74
N GLN B 574 -38.47 -17.44 -20.69
CA GLN B 574 -38.60 -16.68 -21.95
C GLN B 574 -39.37 -17.49 -22.99
N SER B 575 -40.47 -18.03 -22.55
CA SER B 575 -41.33 -18.78 -23.42
C SER B 575 -42.33 -17.81 -24.04
N LEU B 576 -42.84 -18.16 -25.21
CA LEU B 576 -43.79 -17.33 -25.92
C LEU B 576 -45.10 -18.06 -26.21
N ILE B 577 -46.18 -17.29 -26.37
CA ILE B 577 -47.44 -17.94 -26.66
C ILE B 577 -47.74 -18.21 -28.13
N LYS B 578 -48.09 -19.47 -28.37
CA LYS B 578 -48.53 -19.95 -29.67
C LYS B 578 -49.95 -20.50 -29.55
N TYR B 579 -50.60 -20.58 -30.71
CA TYR B 579 -51.97 -21.07 -30.79
C TYR B 579 -52.13 -22.25 -31.71
N ASP B 580 -52.98 -23.16 -31.22
CA ASP B 580 -53.30 -24.39 -31.92
C ASP B 580 -54.46 -24.28 -32.88
N GLU B 581 -54.74 -25.49 -33.44
CA GLU B 581 -55.78 -25.79 -34.42
C GLU B 581 -57.16 -25.25 -34.01
N ASN B 582 -57.36 -24.99 -32.70
CA ASN B 582 -58.63 -24.50 -32.16
C ASN B 582 -58.52 -23.18 -31.39
N GLY B 583 -57.48 -22.37 -31.71
CA GLY B 583 -57.25 -21.08 -31.07
C GLY B 583 -56.92 -21.21 -29.58
N ASN B 584 -56.32 -22.36 -29.29
CA ASN B 584 -55.86 -22.70 -27.96
C ASN B 584 -54.37 -22.36 -27.87
N PRO B 585 -54.02 -21.68 -26.78
CA PRO B 585 -52.65 -21.22 -26.61
C PRO B 585 -51.75 -22.23 -25.94
N TRP B 586 -50.50 -22.07 -26.23
CA TRP B 586 -49.56 -22.96 -25.62
C TRP B 586 -48.20 -22.30 -25.66
N SER B 587 -47.41 -22.70 -24.68
CA SER B 587 -46.10 -22.15 -24.47
C SER B 587 -45.07 -22.72 -25.41
N ALA B 588 -44.50 -21.83 -26.20
CA ALA B 588 -43.53 -22.18 -27.20
C ALA B 588 -42.12 -21.80 -26.77
N TYR B 589 -41.16 -22.49 -27.37
CA TYR B 589 -39.77 -22.20 -27.12
C TYR B 589 -38.83 -22.25 -28.34
N GLY B 590 -37.55 -22.31 -28.04
CA GLY B 590 -36.58 -22.31 -29.10
C GLY B 590 -37.00 -23.27 -30.19
N GLY B 591 -36.82 -22.77 -31.40
CA GLY B 591 -37.06 -23.52 -32.61
C GLY B 591 -38.52 -23.77 -32.97
N ASP B 592 -39.45 -23.35 -32.11
CA ASP B 592 -40.89 -23.55 -32.32
C ASP B 592 -41.55 -22.62 -33.32
N PHE B 593 -40.73 -21.72 -33.89
CA PHE B 593 -41.19 -20.75 -34.87
C PHE B 593 -40.47 -21.00 -36.17
N GLY B 594 -40.01 -22.26 -36.29
CA GLY B 594 -39.21 -22.72 -37.40
C GLY B 594 -37.85 -22.01 -37.39
N ASP B 595 -37.56 -21.38 -36.22
CA ASP B 595 -36.36 -20.59 -35.97
C ASP B 595 -35.09 -21.43 -35.99
N THR B 596 -34.13 -20.95 -36.81
CA THR B 596 -32.82 -21.55 -37.01
C THR B 596 -31.65 -20.57 -37.08
N PRO B 597 -30.55 -20.93 -36.37
CA PRO B 597 -30.49 -22.17 -35.60
C PRO B 597 -31.09 -21.88 -34.22
N ASN B 598 -31.31 -22.86 -33.35
CA ASN B 598 -31.89 -22.48 -32.06
C ASN B 598 -31.47 -23.32 -30.89
N ASP B 599 -31.69 -22.74 -29.71
CA ASP B 599 -31.36 -23.35 -28.42
C ASP B 599 -32.47 -23.95 -27.56
N ARG B 600 -33.59 -24.27 -28.22
CA ARG B 600 -34.70 -24.93 -27.60
C ARG B 600 -35.08 -24.37 -26.25
N GLN B 601 -35.18 -25.30 -25.24
CA GLN B 601 -35.59 -24.92 -23.87
C GLN B 601 -34.68 -23.97 -23.16
N PHE B 602 -33.43 -23.88 -23.64
CA PHE B 602 -32.48 -22.97 -23.02
C PHE B 602 -32.97 -21.57 -22.67
N CYS B 603 -34.13 -21.20 -23.20
CA CYS B 603 -34.69 -19.88 -22.95
C CYS B 603 -35.63 -19.91 -21.74
N MET B 604 -35.73 -21.06 -21.09
CA MET B 604 -36.60 -21.19 -19.93
C MET B 604 -35.81 -21.57 -18.69
N ASN B 605 -35.46 -20.55 -17.90
CA ASN B 605 -34.65 -20.70 -16.69
C ASN B 605 -35.19 -19.86 -15.56
N GLY B 606 -36.41 -19.41 -15.74
CA GLY B 606 -37.01 -18.57 -14.73
C GLY B 606 -37.48 -19.31 -13.50
N LEU B 607 -37.73 -18.51 -12.50
CA LEU B 607 -38.27 -18.93 -11.23
C LEU B 607 -39.78 -18.87 -11.28
N VAL B 608 -40.26 -18.06 -12.23
CA VAL B 608 -41.66 -17.94 -12.53
C VAL B 608 -41.86 -18.19 -14.01
N PHE B 609 -43.03 -18.69 -14.32
CA PHE B 609 -43.45 -18.94 -15.69
C PHE B 609 -43.68 -17.58 -16.36
N ALA B 610 -43.69 -17.56 -17.68
CA ALA B 610 -43.91 -16.32 -18.40
C ALA B 610 -45.14 -15.53 -17.95
N ASP B 611 -46.17 -16.23 -17.45
CA ASP B 611 -47.42 -15.60 -16.97
C ASP B 611 -47.26 -15.06 -15.55
N ARG B 612 -46.05 -15.23 -15.03
CA ARG B 612 -45.76 -14.81 -13.67
C ARG B 612 -46.30 -15.78 -12.61
N THR B 613 -46.54 -17.01 -12.98
CA THR B 613 -46.93 -17.94 -11.97
C THR B 613 -45.65 -18.68 -11.66
N PRO B 614 -45.45 -18.88 -10.38
CA PRO B 614 -44.25 -19.46 -9.83
C PRO B 614 -44.06 -20.90 -10.09
N HIS B 615 -42.77 -21.20 -10.21
CA HIS B 615 -42.24 -22.53 -10.24
C HIS B 615 -42.04 -22.81 -8.76
N PRO B 616 -42.04 -24.07 -8.37
CA PRO B 616 -41.84 -24.40 -6.98
C PRO B 616 -40.51 -23.90 -6.41
N ALA B 617 -39.47 -23.82 -7.24
CA ALA B 617 -38.19 -23.35 -6.76
C ALA B 617 -38.29 -22.05 -5.98
N LEU B 618 -39.19 -21.22 -6.46
CA LEU B 618 -39.41 -19.91 -5.87
C LEU B 618 -39.51 -19.90 -4.34
N THR B 619 -40.10 -20.93 -3.76
CA THR B 619 -40.21 -21.02 -2.32
C THR B 619 -38.89 -21.28 -1.63
N GLU B 620 -38.15 -22.23 -2.22
CA GLU B 620 -36.86 -22.55 -1.69
C GLU B 620 -36.05 -21.24 -1.58
N ALA B 621 -36.16 -20.39 -2.59
CA ALA B 621 -35.49 -19.08 -2.57
C ALA B 621 -35.99 -18.25 -1.41
N LYS B 622 -37.27 -17.97 -1.49
CA LYS B 622 -37.98 -17.19 -0.47
C LYS B 622 -37.55 -17.56 0.93
N HIS B 623 -37.45 -18.83 1.20
CA HIS B 623 -37.09 -19.26 2.52
C HIS B 623 -35.64 -19.06 2.84
N GLN B 624 -34.79 -19.40 1.91
CA GLN B 624 -33.38 -19.21 2.16
C GLN B 624 -33.00 -17.75 2.29
N GLN B 625 -33.68 -16.90 1.54
CA GLN B 625 -33.40 -15.49 1.56
C GLN B 625 -34.12 -14.76 2.64
N GLN B 626 -34.87 -15.47 3.49
CA GLN B 626 -35.61 -14.77 4.52
C GLN B 626 -34.76 -13.89 5.44
N PHE B 627 -35.33 -12.78 5.94
CA PHE B 627 -34.61 -11.80 6.76
C PHE B 627 -34.51 -12.04 8.25
N PHE B 628 -35.18 -13.08 8.71
CA PHE B 628 -35.14 -13.47 10.10
C PHE B 628 -34.64 -14.88 10.18
N GLN B 629 -33.81 -15.06 11.17
CA GLN B 629 -33.19 -16.33 11.43
C GLN B 629 -33.43 -16.84 12.83
N PHE B 630 -33.64 -18.13 12.91
CA PHE B 630 -33.98 -18.79 14.15
C PHE B 630 -33.08 -19.86 14.61
N ARG B 631 -33.10 -19.91 15.91
CA ARG B 631 -32.42 -20.94 16.65
C ARG B 631 -33.27 -21.27 17.83
N LEU B 632 -33.32 -22.56 18.03
CA LEU B 632 -34.05 -23.12 19.12
C LEU B 632 -33.11 -23.71 20.14
N SER B 633 -33.27 -23.24 21.37
CA SER B 633 -32.48 -23.73 22.49
C SER B 633 -33.40 -24.06 23.65
N GLY B 634 -33.67 -25.34 23.80
CA GLY B 634 -34.60 -25.70 24.83
C GLY B 634 -36.00 -25.23 24.47
N GLN B 635 -36.52 -24.21 25.14
CA GLN B 635 -37.84 -23.82 24.74
C GLN B 635 -37.91 -22.32 24.49
N THR B 636 -36.68 -21.92 24.20
CA THR B 636 -36.35 -20.58 23.88
C THR B 636 -35.93 -20.45 22.44
N ILE B 637 -36.59 -19.54 21.78
CA ILE B 637 -36.28 -19.28 20.42
C ILE B 637 -35.55 -17.98 20.30
N GLU B 638 -34.44 -18.08 19.63
CA GLU B 638 -33.63 -16.95 19.35
C GLU B 638 -33.87 -16.48 17.92
N VAL B 639 -34.27 -15.22 17.81
CA VAL B 639 -34.53 -14.63 16.53
C VAL B 639 -33.47 -13.64 16.14
N THR B 640 -32.97 -13.77 14.93
CA THR B 640 -31.97 -12.83 14.47
C THR B 640 -32.42 -12.03 13.28
N SER B 641 -32.27 -10.72 13.36
CA SER B 641 -32.73 -9.97 12.24
C SER B 641 -31.61 -9.71 11.25
N GLU B 642 -31.89 -9.96 9.98
CA GLU B 642 -30.94 -9.64 8.93
C GLU B 642 -31.23 -8.28 8.31
N TYR B 643 -32.19 -7.53 8.84
CA TYR B 643 -32.43 -6.21 8.29
C TYR B 643 -31.29 -5.39 8.79
N LEU B 644 -30.90 -4.43 7.98
CA LEU B 644 -29.77 -3.60 8.32
C LEU B 644 -30.25 -2.26 8.81
N PHE B 645 -31.41 -1.87 8.33
CA PHE B 645 -31.91 -0.56 8.67
C PHE B 645 -33.20 -0.50 9.43
N ARG B 646 -34.14 -1.39 9.16
CA ARG B 646 -35.40 -1.35 9.82
C ARG B 646 -35.59 -2.28 10.99
N HIS B 647 -36.55 -1.92 11.82
CA HIS B 647 -36.89 -2.66 13.03
C HIS B 647 -38.10 -3.56 12.77
N SER B 648 -38.19 -4.74 13.40
CA SER B 648 -39.31 -5.64 13.09
C SER B 648 -40.59 -4.95 13.44
N ASP B 649 -41.14 -4.11 12.58
CA ASP B 649 -42.32 -3.41 13.03
C ASP B 649 -43.62 -3.73 12.35
N ASN B 650 -43.65 -4.89 11.73
CA ASN B 650 -44.88 -5.33 11.11
C ASN B 650 -44.70 -6.82 11.01
N GLU B 651 -44.47 -7.29 12.20
CA GLU B 651 -44.13 -8.64 12.34
C GLU B 651 -44.60 -9.29 13.60
N LEU B 652 -45.23 -10.37 13.33
CA LEU B 652 -45.71 -11.20 14.35
C LEU B 652 -45.22 -12.58 14.14
N LEU B 653 -44.91 -13.16 15.26
CA LEU B 653 -44.49 -14.51 15.19
C LEU B 653 -45.56 -15.51 15.65
N HIS B 654 -45.94 -16.40 14.76
CA HIS B 654 -46.89 -17.40 15.13
C HIS B 654 -46.19 -18.69 15.47
N TRP B 655 -46.50 -19.31 16.58
CA TRP B 655 -45.81 -20.53 16.76
C TRP B 655 -46.74 -21.69 16.94
N MET B 656 -46.22 -22.89 16.85
CA MET B 656 -47.18 -23.94 16.98
C MET B 656 -46.60 -25.30 17.12
N VAL B 657 -47.27 -26.15 17.91
CA VAL B 657 -46.76 -27.48 18.15
C VAL B 657 -47.72 -28.53 17.71
N ALA B 658 -47.22 -29.60 17.14
CA ALA B 658 -48.13 -30.60 16.65
C ALA B 658 -47.47 -31.95 16.58
N LEU B 659 -48.35 -32.94 16.80
CA LEU B 659 -47.92 -34.32 16.85
C LEU B 659 -48.45 -34.98 15.62
N ASP B 660 -47.54 -35.38 14.77
CA ASP B 660 -47.96 -36.01 13.54
C ASP B 660 -49.17 -35.34 12.92
N GLY B 661 -49.06 -34.05 12.69
CA GLY B 661 -50.12 -33.32 12.03
C GLY B 661 -51.18 -32.77 12.94
N LYS B 662 -51.17 -33.21 14.19
CA LYS B 662 -52.18 -32.78 15.12
C LYS B 662 -51.63 -31.77 16.06
N PRO B 663 -52.34 -30.68 15.99
CA PRO B 663 -52.04 -29.49 16.72
C PRO B 663 -52.38 -29.63 18.13
N LEU B 664 -51.42 -29.28 18.91
CA LEU B 664 -51.55 -29.26 20.33
C LEU B 664 -51.38 -27.87 20.91
N ALA B 665 -50.81 -26.92 20.18
CA ALA B 665 -50.55 -25.61 20.78
C ALA B 665 -50.12 -24.59 19.77
N SER B 666 -50.48 -23.35 20.12
CA SER B 666 -50.25 -22.17 19.34
C SER B 666 -50.09 -20.95 20.20
N GLY B 667 -49.30 -20.07 19.65
CA GLY B 667 -48.99 -18.79 20.22
C GLY B 667 -48.85 -17.82 19.09
N GLU B 668 -48.60 -16.59 19.47
CA GLU B 668 -48.39 -15.43 18.66
C GLU B 668 -47.54 -14.45 19.44
N VAL B 669 -46.51 -13.97 18.84
CA VAL B 669 -45.67 -13.05 19.56
C VAL B 669 -45.08 -12.07 18.60
N PRO B 670 -45.30 -10.89 19.00
CA PRO B 670 -44.84 -9.70 18.35
C PRO B 670 -43.34 -9.61 18.47
N LEU B 671 -42.69 -9.32 17.33
CA LEU B 671 -41.26 -9.22 17.29
C LEU B 671 -40.82 -7.81 17.55
N ASP B 672 -39.88 -7.65 18.46
CA ASP B 672 -39.27 -6.36 18.69
C ASP B 672 -37.78 -6.64 18.54
N VAL B 673 -37.26 -6.72 17.30
CA VAL B 673 -35.84 -6.93 17.05
C VAL B 673 -35.36 -5.84 16.17
N ALA B 674 -34.24 -5.30 16.55
CA ALA B 674 -33.68 -4.29 15.72
C ALA B 674 -32.79 -4.93 14.65
N PRO B 675 -32.50 -4.16 13.60
CA PRO B 675 -31.67 -4.62 12.48
C PRO B 675 -30.44 -5.22 13.05
N GLN B 676 -30.02 -6.38 12.54
CA GLN B 676 -28.83 -6.99 13.11
C GLN B 676 -28.95 -7.38 14.58
N GLY B 677 -30.17 -7.39 15.09
CA GLY B 677 -30.40 -7.79 16.46
C GLY B 677 -30.99 -9.18 16.69
N LYS B 678 -31.01 -9.48 17.97
CA LYS B 678 -31.52 -10.72 18.48
C LYS B 678 -32.71 -10.44 19.38
N GLN B 679 -33.63 -11.38 19.46
CA GLN B 679 -34.81 -11.33 20.30
C GLN B 679 -34.98 -12.73 20.86
N LEU B 680 -35.24 -12.78 22.16
CA LEU B 680 -35.39 -14.05 22.82
C LEU B 680 -36.80 -14.40 23.09
N ILE B 681 -37.10 -15.63 22.78
CA ILE B 681 -38.46 -16.02 23.00
C ILE B 681 -38.66 -17.30 23.71
N GLU B 682 -39.26 -17.13 24.86
CA GLU B 682 -39.49 -18.27 25.63
C GLU B 682 -40.89 -18.67 25.53
N LEU B 683 -40.95 -19.94 25.23
CA LEU B 683 -42.20 -20.57 25.05
C LEU B 683 -42.78 -21.07 26.36
N PRO B 684 -44.10 -21.14 26.32
CA PRO B 684 -44.87 -21.61 27.41
C PRO B 684 -44.50 -23.05 27.61
N GLU B 685 -44.89 -23.61 28.76
CA GLU B 685 -44.58 -24.99 28.94
C GLU B 685 -45.34 -25.71 27.86
N LEU B 686 -44.61 -26.57 27.19
CA LEU B 686 -45.17 -27.29 26.10
C LEU B 686 -45.67 -28.62 26.52
N PRO B 687 -46.87 -28.81 26.06
CA PRO B 687 -47.59 -30.01 26.30
C PRO B 687 -46.71 -31.12 25.81
N GLN B 688 -47.01 -32.32 26.27
CA GLN B 688 -46.32 -33.49 25.79
C GLN B 688 -47.17 -34.67 26.10
N PRO B 689 -47.53 -35.40 25.05
CA PRO B 689 -48.46 -36.51 25.15
C PRO B 689 -47.80 -37.85 25.29
N GLU B 690 -48.61 -38.84 25.65
CA GLU B 690 -48.07 -40.16 25.80
C GLU B 690 -47.95 -40.76 24.40
N SER B 691 -49.00 -40.51 23.59
CA SER B 691 -49.10 -40.98 22.22
C SER B 691 -47.79 -40.98 21.47
N ALA B 692 -47.71 -41.93 20.60
CA ALA B 692 -46.53 -42.06 19.82
C ALA B 692 -46.59 -41.01 18.74
N GLY B 693 -45.42 -40.81 18.12
CA GLY B 693 -45.28 -39.87 17.03
C GLY B 693 -44.29 -38.80 17.33
N GLN B 694 -44.13 -37.96 16.31
CA GLN B 694 -43.19 -36.86 16.31
C GLN B 694 -43.89 -35.58 16.58
N LEU B 695 -43.17 -34.91 17.43
CA LEU B 695 -43.60 -33.64 17.84
C LEU B 695 -42.80 -32.55 17.13
N TRP B 696 -43.53 -31.68 16.46
CA TRP B 696 -42.87 -30.64 15.72
C TRP B 696 -43.28 -29.24 16.05
N LEU B 697 -42.27 -28.42 16.15
CA LEU B 697 -42.46 -27.03 16.39
C LEU B 697 -42.34 -26.28 15.08
N THR B 698 -43.32 -25.45 14.81
CA THR B 698 -43.23 -24.68 13.60
C THR B 698 -43.51 -23.22 13.89
N VAL B 699 -42.69 -22.31 13.37
CA VAL B 699 -42.88 -20.87 13.53
C VAL B 699 -42.92 -20.16 12.21
N ARG B 700 -43.69 -19.10 12.19
CA ARG B 700 -43.91 -18.30 11.00
C ARG B 700 -43.90 -16.80 11.34
N VAL B 701 -43.29 -15.99 10.48
CA VAL B 701 -43.37 -14.58 10.74
C VAL B 701 -44.37 -13.98 9.83
N VAL B 702 -45.24 -13.22 10.46
CA VAL B 702 -46.29 -12.60 9.72
C VAL B 702 -46.30 -11.12 9.79
N GLN B 703 -46.70 -10.59 8.64
CA GLN B 703 -46.89 -9.18 8.44
C GLN B 703 -48.37 -8.89 8.55
N PRO B 704 -48.66 -8.39 9.72
CA PRO B 704 -50.01 -8.13 10.12
C PRO B 704 -50.66 -7.08 9.27
N ASN B 705 -49.87 -6.05 8.96
CA ASN B 705 -50.36 -4.95 8.15
C ASN B 705 -49.83 -5.01 6.74
N ALA B 706 -50.62 -4.45 5.86
CA ALA B 706 -50.23 -4.42 4.48
C ALA B 706 -49.22 -3.31 4.25
N THR B 707 -48.38 -3.54 3.27
CA THR B 707 -47.38 -2.61 2.86
C THR B 707 -47.72 -2.30 1.44
N ALA B 708 -46.82 -1.59 0.80
CA ALA B 708 -47.07 -1.33 -0.60
C ALA B 708 -46.85 -2.54 -1.51
N TRP B 709 -46.11 -3.57 -1.03
CA TRP B 709 -45.86 -4.71 -1.89
C TRP B 709 -46.33 -5.99 -1.27
N SER B 710 -46.97 -5.89 -0.14
CA SER B 710 -47.46 -7.08 0.50
C SER B 710 -48.84 -6.80 1.06
N GLU B 711 -49.63 -7.85 1.11
CA GLU B 711 -50.95 -7.84 1.68
C GLU B 711 -50.85 -8.02 3.15
N ALA B 712 -51.96 -7.81 3.83
CA ALA B 712 -51.90 -8.13 5.22
C ALA B 712 -51.89 -9.63 5.40
N GLY B 713 -51.17 -10.04 6.43
CA GLY B 713 -51.04 -11.45 6.74
C GLY B 713 -50.07 -12.21 5.87
N HIS B 714 -49.18 -11.47 5.21
CA HIS B 714 -48.17 -12.06 4.40
C HIS B 714 -47.17 -12.71 5.31
N ILE B 715 -46.73 -13.87 4.86
CA ILE B 715 -45.73 -14.58 5.62
C ILE B 715 -44.39 -14.31 5.00
N SER B 716 -43.49 -13.81 5.83
CA SER B 716 -42.18 -13.45 5.41
C SER B 716 -41.09 -14.43 5.75
N ALA B 717 -41.36 -15.36 6.66
CA ALA B 717 -40.32 -16.33 7.03
C ALA B 717 -40.88 -17.50 7.82
N TRP B 718 -40.09 -18.54 7.93
CA TRP B 718 -40.53 -19.65 8.73
C TRP B 718 -39.41 -20.62 8.96
N GLN B 719 -39.67 -21.51 9.87
CA GLN B 719 -38.68 -22.47 10.30
C GLN B 719 -39.37 -23.50 11.15
N GLN B 720 -38.86 -24.71 11.07
CA GLN B 720 -39.48 -25.74 11.85
C GLN B 720 -38.48 -26.66 12.52
N TRP B 721 -38.83 -27.22 13.66
CA TRP B 721 -37.90 -28.14 14.29
C TRP B 721 -38.65 -29.33 14.79
N ARG B 722 -37.95 -30.47 14.91
CA ARG B 722 -38.54 -31.65 15.50
C ARG B 722 -38.17 -31.64 16.96
N LEU B 723 -39.17 -31.74 17.83
CA LEU B 723 -38.91 -31.67 19.26
C LEU B 723 -38.76 -32.98 19.98
N ALA B 724 -39.54 -33.93 19.57
CA ALA B 724 -39.46 -35.18 20.25
C ALA B 724 -40.15 -36.18 19.46
N GLU B 725 -39.79 -37.37 19.92
CA GLU B 725 -40.28 -38.58 19.35
C GLU B 725 -40.60 -39.60 20.39
N ASN B 726 -41.81 -40.09 20.30
CA ASN B 726 -42.23 -41.16 21.14
C ASN B 726 -42.39 -42.27 20.19
N LEU B 727 -41.45 -43.18 20.31
CA LEU B 727 -41.44 -44.37 19.48
C LEU B 727 -42.60 -45.32 19.89
N SER B 728 -43.17 -46.00 18.88
CA SER B 728 -44.27 -46.95 19.06
C SER B 728 -43.80 -48.36 19.41
N VAL B 729 -44.05 -48.72 20.66
CA VAL B 729 -43.69 -50.02 21.20
C VAL B 729 -44.90 -50.91 21.26
N THR B 730 -45.84 -50.64 20.39
CA THR B 730 -47.07 -51.41 20.34
C THR B 730 -47.27 -52.29 19.11
N LEU B 731 -47.39 -53.57 19.46
CA LEU B 731 -47.64 -54.72 18.60
C LEU B 731 -49.13 -54.75 18.28
N PRO B 732 -49.46 -55.03 17.00
CA PRO B 732 -50.85 -55.05 16.58
C PRO B 732 -51.62 -56.22 17.22
N ALA B 733 -52.96 -56.00 17.23
CA ALA B 733 -53.97 -56.96 17.72
C ALA B 733 -54.01 -58.21 16.80
N ALA B 734 -53.60 -59.37 17.43
CA ALA B 734 -53.56 -60.66 16.75
C ALA B 734 -54.81 -60.89 15.87
N SER B 735 -54.53 -60.91 14.55
CA SER B 735 -55.50 -61.07 13.48
C SER B 735 -56.69 -62.00 13.88
N HIS B 736 -57.92 -61.53 13.63
CA HIS B 736 -59.07 -62.39 13.92
C HIS B 736 -59.08 -63.59 12.94
N ALA B 737 -58.87 -63.23 11.65
CA ALA B 737 -58.79 -64.10 10.47
C ALA B 737 -57.37 -64.60 10.09
N ILE B 738 -57.28 -65.14 8.90
CA ILE B 738 -56.03 -65.67 8.38
C ILE B 738 -56.17 -65.89 6.89
N PRO B 739 -55.18 -65.41 6.20
CA PRO B 739 -55.23 -65.44 4.80
C PRO B 739 -54.96 -66.78 4.15
N HIS B 740 -55.70 -66.93 3.08
CA HIS B 740 -55.61 -68.13 2.37
C HIS B 740 -54.78 -67.98 1.14
N LEU B 741 -53.90 -68.94 0.97
CA LEU B 741 -53.07 -68.97 -0.20
C LEU B 741 -53.48 -70.05 -1.16
N THR B 742 -53.82 -69.62 -2.34
CA THR B 742 -54.18 -70.56 -3.35
C THR B 742 -53.11 -70.57 -4.43
N THR B 743 -52.46 -71.70 -4.57
CA THR B 743 -51.40 -71.84 -5.56
C THR B 743 -51.94 -72.29 -6.90
N SER B 744 -51.11 -72.20 -7.92
CA SER B 744 -51.39 -72.52 -9.33
C SER B 744 -50.09 -72.42 -10.08
N GLU B 745 -50.01 -72.82 -11.32
CA GLU B 745 -48.68 -72.64 -11.84
C GLU B 745 -48.33 -71.26 -12.35
N MET B 746 -49.38 -70.50 -12.54
CA MET B 746 -49.28 -69.14 -13.01
C MET B 746 -49.06 -68.17 -11.89
N ASP B 747 -49.68 -68.45 -10.74
CA ASP B 747 -49.58 -67.49 -9.70
C ASP B 747 -49.95 -68.00 -8.36
N PHE B 748 -49.86 -67.05 -7.42
CA PHE B 748 -50.20 -67.29 -6.05
C PHE B 748 -51.28 -66.31 -5.74
N CYS B 749 -52.33 -66.79 -5.10
CA CYS B 749 -53.38 -65.88 -4.72
C CYS B 749 -53.56 -65.86 -3.26
N ILE B 750 -53.81 -64.65 -2.84
CA ILE B 750 -54.06 -64.48 -1.47
C ILE B 750 -55.38 -63.86 -1.33
N GLU B 751 -56.12 -64.56 -0.51
CA GLU B 751 -57.40 -64.08 -0.20
C GLU B 751 -57.55 -64.05 1.27
N LEU B 752 -58.28 -62.99 1.57
CA LEU B 752 -58.68 -62.63 2.88
C LEU B 752 -59.75 -61.57 2.74
N GLY B 753 -60.96 -61.92 3.20
CA GLY B 753 -62.10 -61.03 3.13
C GLY B 753 -62.52 -60.84 1.69
N ASN B 754 -62.90 -59.59 1.38
CA ASN B 754 -63.29 -59.23 0.03
C ASN B 754 -62.04 -59.06 -0.85
N LYS B 755 -60.93 -58.83 -0.12
CA LYS B 755 -59.59 -58.58 -0.61
C LYS B 755 -58.86 -59.80 -1.19
N ARG B 756 -58.23 -59.54 -2.33
CA ARG B 756 -57.44 -60.56 -2.94
C ARG B 756 -56.29 -59.94 -3.68
N TRP B 757 -55.16 -60.65 -3.56
CA TRP B 757 -53.89 -60.26 -4.14
C TRP B 757 -53.31 -61.34 -4.98
N GLN B 758 -52.87 -60.99 -6.18
CA GLN B 758 -52.27 -61.99 -7.00
C GLN B 758 -50.87 -61.68 -7.46
N PHE B 759 -50.03 -62.67 -7.25
CA PHE B 759 -48.66 -62.56 -7.67
C PHE B 759 -48.38 -63.52 -8.76
N ASN B 760 -47.90 -62.99 -9.86
CA ASN B 760 -47.57 -63.82 -10.99
C ASN B 760 -46.26 -64.52 -10.81
N ARG B 761 -46.35 -65.83 -10.81
CA ARG B 761 -45.17 -66.62 -10.63
C ARG B 761 -44.16 -66.58 -11.76
N GLN B 762 -44.55 -66.06 -12.93
CA GLN B 762 -43.57 -66.00 -14.02
C GLN B 762 -42.70 -64.73 -14.00
N SER B 763 -43.34 -63.63 -13.63
CA SER B 763 -42.71 -62.33 -13.54
C SER B 763 -42.18 -62.00 -12.14
N GLY B 764 -42.88 -62.46 -11.09
CA GLY B 764 -42.46 -62.21 -9.72
C GLY B 764 -43.06 -60.94 -9.16
N PHE B 765 -44.02 -60.37 -9.90
CA PHE B 765 -44.63 -59.13 -9.45
C PHE B 765 -46.06 -59.29 -9.06
N LEU B 766 -46.49 -58.40 -8.20
CA LEU B 766 -47.86 -58.43 -7.81
C LEU B 766 -48.64 -57.85 -8.97
N SER B 767 -49.29 -58.73 -9.71
CA SER B 767 -49.99 -58.35 -10.92
C SER B 767 -51.35 -57.78 -10.69
N GLN B 768 -51.96 -58.14 -9.59
CA GLN B 768 -53.26 -57.53 -9.45
C GLN B 768 -53.78 -57.71 -8.07
N MET B 769 -54.76 -56.87 -7.80
CA MET B 769 -55.36 -56.89 -6.53
C MET B 769 -56.81 -56.40 -6.57
N TRP B 770 -57.64 -57.07 -5.77
CA TRP B 770 -59.04 -56.72 -5.74
C TRP B 770 -59.54 -56.43 -4.40
N ILE B 771 -60.45 -55.48 -4.42
CA ILE B 771 -61.20 -55.12 -3.23
C ILE B 771 -62.62 -55.47 -3.63
N GLY B 772 -63.13 -56.57 -3.15
CA GLY B 772 -64.41 -56.87 -3.70
C GLY B 772 -64.20 -57.43 -5.12
N ASP B 773 -65.02 -56.91 -6.06
CA ASP B 773 -65.01 -57.33 -7.46
C ASP B 773 -64.12 -56.46 -8.33
N LYS B 774 -63.72 -55.32 -7.77
CA LYS B 774 -62.89 -54.32 -8.41
C LYS B 774 -61.39 -54.56 -8.32
N LYS B 775 -60.79 -54.50 -9.52
CA LYS B 775 -59.36 -54.60 -9.69
C LYS B 775 -58.77 -53.23 -9.37
N GLN B 776 -57.53 -53.19 -8.86
CA GLN B 776 -56.93 -51.93 -8.46
C GLN B 776 -55.79 -51.43 -9.29
N LEU B 777 -55.12 -52.38 -9.90
CA LEU B 777 -53.99 -52.08 -10.72
C LEU B 777 -54.33 -52.10 -12.18
N LEU B 778 -53.57 -51.38 -12.97
CA LEU B 778 -53.68 -51.46 -14.40
C LEU B 778 -52.37 -52.00 -14.84
N THR B 779 -51.45 -51.85 -13.92
CA THR B 779 -50.09 -52.30 -14.12
C THR B 779 -49.55 -52.79 -12.81
N PRO B 780 -48.77 -53.83 -12.95
CA PRO B 780 -48.15 -54.46 -11.81
C PRO B 780 -47.23 -53.51 -11.09
N LEU B 781 -47.09 -53.83 -9.83
CA LEU B 781 -46.23 -53.10 -8.98
C LEU B 781 -44.81 -53.54 -9.28
N ARG B 782 -44.00 -52.62 -9.78
CA ARG B 782 -42.63 -53.04 -10.04
C ARG B 782 -41.53 -52.06 -9.70
N ASP B 783 -40.32 -52.62 -9.57
CA ASP B 783 -39.14 -51.83 -9.24
C ASP B 783 -38.84 -50.79 -10.31
N GLN B 784 -38.44 -49.59 -9.87
CA GLN B 784 -38.10 -48.49 -10.75
C GLN B 784 -36.78 -47.86 -10.37
N PHE B 785 -35.87 -47.74 -11.34
CA PHE B 785 -34.58 -47.15 -11.04
C PHE B 785 -34.25 -45.95 -11.85
N THR B 786 -35.19 -45.55 -12.71
CA THR B 786 -34.96 -44.39 -13.55
C THR B 786 -35.98 -43.28 -13.35
N ARG B 787 -35.74 -42.22 -14.13
CA ARG B 787 -36.60 -41.06 -14.08
C ARG B 787 -36.60 -40.28 -15.41
N ALA B 788 -37.73 -39.67 -15.73
CA ALA B 788 -37.81 -38.86 -16.92
C ALA B 788 -36.98 -37.64 -16.59
N PRO B 789 -35.83 -37.61 -17.24
CA PRO B 789 -34.74 -36.64 -17.17
C PRO B 789 -35.11 -35.20 -17.04
N LEU B 790 -34.53 -34.60 -16.01
CA LEU B 790 -34.80 -33.20 -15.86
C LEU B 790 -33.84 -32.51 -16.80
N ASP B 791 -34.11 -31.23 -16.96
CA ASP B 791 -33.26 -30.40 -17.78
C ASP B 791 -31.74 -30.52 -17.41
N ASN B 792 -31.49 -30.55 -16.11
CA ASN B 792 -30.18 -30.69 -15.55
C ASN B 792 -29.59 -32.05 -15.86
N ASP B 793 -30.41 -33.12 -15.95
CA ASP B 793 -29.89 -34.47 -16.23
C ASP B 793 -29.38 -34.56 -17.67
N ILE B 794 -30.03 -33.76 -18.51
CA ILE B 794 -29.73 -33.71 -19.92
C ILE B 794 -28.59 -32.79 -20.29
N GLY B 795 -28.67 -31.55 -19.78
CA GLY B 795 -27.65 -30.58 -20.06
C GLY B 795 -27.78 -30.15 -21.50
N VAL B 796 -26.63 -30.08 -22.19
CA VAL B 796 -26.55 -29.65 -23.58
C VAL B 796 -26.46 -30.79 -24.57
N SER B 797 -26.68 -32.01 -24.08
CA SER B 797 -26.66 -33.19 -24.89
C SER B 797 -27.82 -33.07 -25.89
N GLU B 798 -27.53 -33.32 -27.19
CA GLU B 798 -28.50 -33.29 -28.30
C GLU B 798 -28.37 -34.63 -29.01
N ALA B 799 -29.32 -34.95 -29.90
CA ALA B 799 -29.26 -36.21 -30.65
C ALA B 799 -28.06 -36.27 -31.60
N THR B 800 -27.80 -35.09 -32.21
CA THR B 800 -26.70 -34.79 -33.11
C THR B 800 -25.37 -34.95 -32.37
N ARG B 801 -25.20 -34.01 -31.42
CA ARG B 801 -24.08 -33.84 -30.52
C ARG B 801 -24.34 -34.32 -29.07
N ILE B 802 -24.04 -35.59 -28.83
CA ILE B 802 -24.20 -36.22 -27.53
C ILE B 802 -23.13 -35.76 -26.49
N ASP B 803 -23.59 -35.39 -25.27
CA ASP B 803 -22.73 -35.04 -24.14
C ASP B 803 -22.70 -36.25 -23.21
N PRO B 804 -21.67 -37.06 -23.42
CA PRO B 804 -21.42 -38.31 -22.72
C PRO B 804 -21.33 -38.21 -21.21
N ASN B 805 -21.21 -36.98 -20.74
CA ASN B 805 -21.09 -36.71 -19.33
C ASN B 805 -22.40 -36.38 -18.65
N ALA B 806 -23.35 -35.94 -19.46
CA ALA B 806 -24.67 -35.66 -18.98
C ALA B 806 -25.17 -36.93 -18.30
N TRP B 807 -25.82 -36.77 -17.16
CA TRP B 807 -26.37 -37.89 -16.43
C TRP B 807 -27.16 -38.83 -17.35
N VAL B 808 -28.06 -38.24 -18.11
CA VAL B 808 -28.93 -39.03 -18.99
C VAL B 808 -28.18 -39.95 -19.94
N GLU B 809 -27.16 -39.38 -20.53
CA GLU B 809 -26.30 -40.12 -21.42
C GLU B 809 -25.71 -41.31 -20.69
N ARG B 810 -25.20 -41.10 -19.49
CA ARG B 810 -24.57 -42.16 -18.73
C ARG B 810 -25.53 -43.29 -18.43
N TRP B 811 -26.69 -42.86 -18.03
CA TRP B 811 -27.75 -43.76 -17.69
C TRP B 811 -28.15 -44.49 -18.92
N LYS B 812 -28.34 -43.72 -19.98
CA LYS B 812 -28.73 -44.33 -21.25
C LYS B 812 -27.72 -45.41 -21.64
N ALA B 813 -26.50 -45.00 -21.73
CA ALA B 813 -25.44 -45.87 -22.14
C ALA B 813 -25.23 -47.13 -21.35
N ALA B 814 -25.59 -47.04 -20.09
CA ALA B 814 -25.39 -48.16 -19.22
C ALA B 814 -26.54 -49.18 -19.21
N GLY B 815 -27.65 -48.85 -19.90
CA GLY B 815 -28.81 -49.70 -20.04
C GLY B 815 -29.91 -49.47 -19.02
N HIS B 816 -29.75 -48.50 -18.13
CA HIS B 816 -30.74 -48.27 -17.09
C HIS B 816 -32.15 -48.21 -17.60
N TYR B 817 -32.29 -47.50 -18.68
CA TYR B 817 -33.61 -47.34 -19.25
C TYR B 817 -34.10 -48.56 -19.96
N GLN B 818 -33.23 -49.50 -20.29
CA GLN B 818 -33.75 -50.63 -20.99
C GLN B 818 -33.30 -51.94 -20.47
N ALA B 819 -33.07 -51.95 -19.18
CA ALA B 819 -32.66 -53.18 -18.57
C ALA B 819 -33.88 -54.09 -18.44
N GLU B 820 -33.62 -55.40 -18.46
CA GLU B 820 -34.66 -56.39 -18.36
C GLU B 820 -34.54 -57.21 -17.05
N ALA B 821 -35.71 -57.35 -16.39
CA ALA B 821 -35.73 -58.11 -15.14
C ALA B 821 -35.52 -59.59 -15.31
N ALA B 822 -35.23 -60.25 -14.23
CA ALA B 822 -35.00 -61.66 -14.31
C ALA B 822 -35.38 -62.29 -12.99
N LEU B 823 -36.42 -63.12 -13.07
CA LEU B 823 -36.84 -63.83 -11.89
C LEU B 823 -35.71 -64.76 -11.45
N LEU B 824 -35.25 -64.60 -10.24
CA LEU B 824 -34.25 -65.46 -9.72
C LEU B 824 -34.97 -66.37 -8.76
N GLN B 825 -36.02 -65.84 -8.12
CA GLN B 825 -36.79 -66.58 -7.13
C GLN B 825 -38.13 -65.97 -6.81
N CYS B 826 -39.08 -66.84 -6.46
CA CYS B 826 -40.44 -66.42 -6.15
C CYS B 826 -41.14 -67.51 -5.39
N THR B 827 -41.33 -67.33 -4.10
CA THR B 827 -41.90 -68.34 -3.22
C THR B 827 -42.92 -67.85 -2.27
N ALA B 828 -43.82 -68.78 -1.97
CA ALA B 828 -44.87 -68.49 -1.02
C ALA B 828 -44.72 -69.42 0.14
N ASP B 829 -44.96 -68.89 1.30
CA ASP B 829 -44.81 -69.69 2.49
C ASP B 829 -45.93 -69.34 3.43
N THR B 830 -46.32 -70.34 4.21
CA THR B 830 -47.40 -70.04 5.13
C THR B 830 -46.90 -69.97 6.53
N LEU B 831 -47.18 -68.81 7.07
CA LEU B 831 -46.81 -68.50 8.41
C LEU B 831 -48.00 -68.78 9.30
N ALA B 832 -47.68 -68.82 10.56
CA ALA B 832 -48.68 -69.02 11.56
C ALA B 832 -49.91 -68.14 11.34
N ASP B 833 -49.69 -66.84 11.14
CA ASP B 833 -50.76 -65.85 11.00
C ASP B 833 -50.72 -64.97 9.75
N ALA B 834 -49.95 -65.41 8.76
CA ALA B 834 -49.77 -64.62 7.57
C ALA B 834 -49.17 -65.39 6.42
N VAL B 835 -49.25 -64.75 5.27
CA VAL B 835 -48.62 -65.34 4.16
C VAL B 835 -47.39 -64.55 3.79
N LEU B 836 -46.43 -65.29 3.39
CA LEU B 836 -45.24 -64.68 3.06
C LEU B 836 -44.74 -64.92 1.66
N ILE B 837 -44.70 -63.89 0.86
CA ILE B 837 -44.15 -64.10 -0.45
C ILE B 837 -42.74 -63.61 -0.47
N THR B 838 -41.87 -64.28 -1.21
CA THR B 838 -40.48 -63.87 -1.31
C THR B 838 -39.96 -63.90 -2.76
N THR B 839 -39.41 -62.79 -3.25
CA THR B 839 -38.90 -62.73 -4.62
C THR B 839 -37.47 -62.19 -4.72
N ALA B 840 -36.92 -62.26 -5.94
CA ALA B 840 -35.60 -61.73 -6.27
C ALA B 840 -35.42 -61.52 -7.76
N HIS B 841 -35.08 -60.32 -8.18
CA HIS B 841 -34.83 -60.15 -9.57
C HIS B 841 -33.50 -59.57 -9.77
N ALA B 842 -33.05 -59.74 -10.99
CA ALA B 842 -31.80 -59.14 -11.38
C ALA B 842 -32.09 -58.28 -12.61
N TRP B 843 -31.59 -57.04 -12.64
CA TRP B 843 -31.78 -56.28 -13.83
C TRP B 843 -30.47 -56.31 -14.53
N GLN B 844 -30.54 -56.64 -15.80
CA GLN B 844 -29.29 -56.74 -16.52
C GLN B 844 -29.39 -56.17 -17.89
N HIS B 845 -28.23 -55.87 -18.44
CA HIS B 845 -28.09 -55.29 -19.76
C HIS B 845 -26.74 -55.68 -20.28
N GLN B 846 -26.81 -56.46 -21.39
CA GLN B 846 -25.64 -57.02 -22.04
C GLN B 846 -24.83 -57.91 -21.10
N GLY B 847 -25.56 -58.70 -20.32
CA GLY B 847 -24.89 -59.63 -19.43
C GLY B 847 -24.26 -59.01 -18.22
N LYS B 848 -24.67 -57.78 -17.97
CA LYS B 848 -24.18 -57.10 -16.82
C LYS B 848 -25.36 -56.95 -15.90
N THR B 849 -25.14 -57.38 -14.68
CA THR B 849 -26.19 -57.19 -13.73
C THR B 849 -26.04 -55.81 -13.11
N LEU B 850 -26.99 -54.96 -13.36
CA LEU B 850 -26.93 -53.64 -12.82
C LEU B 850 -27.37 -53.63 -11.38
N PHE B 851 -28.57 -54.12 -11.17
CA PHE B 851 -29.11 -54.13 -9.85
C PHE B 851 -29.73 -55.45 -9.53
N ILE B 852 -29.98 -55.60 -8.24
CA ILE B 852 -30.64 -56.74 -7.67
C ILE B 852 -31.63 -56.32 -6.64
N SER B 853 -32.87 -56.77 -6.82
CA SER B 853 -33.93 -56.41 -5.90
C SER B 853 -34.43 -57.62 -5.15
N ARG B 854 -34.47 -57.53 -3.82
CA ARG B 854 -34.94 -58.64 -3.02
C ARG B 854 -36.08 -58.24 -2.08
N LYS B 855 -37.25 -58.82 -2.30
CA LYS B 855 -38.33 -58.43 -1.46
C LYS B 855 -38.97 -59.59 -0.69
N THR B 856 -39.89 -59.16 0.16
CA THR B 856 -40.75 -59.99 0.94
C THR B 856 -42.01 -59.24 1.09
N TYR B 857 -43.10 -59.93 0.81
CA TYR B 857 -44.38 -59.35 1.04
C TYR B 857 -44.99 -60.16 2.14
N ARG B 858 -45.56 -59.48 3.07
CA ARG B 858 -46.12 -60.28 4.08
C ARG B 858 -47.51 -59.80 4.40
N ILE B 859 -48.47 -60.65 4.06
CA ILE B 859 -49.86 -60.30 4.30
C ILE B 859 -50.35 -60.97 5.53
N ASP B 860 -51.05 -60.21 6.34
CA ASP B 860 -51.49 -60.73 7.63
C ASP B 860 -52.99 -60.62 7.81
N GLY B 861 -53.46 -61.16 8.94
CA GLY B 861 -54.88 -61.19 9.22
C GLY B 861 -55.56 -59.85 9.17
N SER B 862 -54.78 -58.80 9.27
CA SER B 862 -55.26 -57.44 9.24
C SER B 862 -55.55 -57.01 7.82
N GLY B 863 -55.03 -57.78 6.86
CA GLY B 863 -55.23 -57.47 5.45
C GLY B 863 -54.40 -56.26 5.04
N GLN B 864 -53.17 -56.34 5.52
CA GLN B 864 -52.16 -55.38 5.34
C GLN B 864 -50.95 -56.00 4.72
N MET B 865 -50.44 -55.43 3.65
CA MET B 865 -49.20 -56.01 3.20
C MET B 865 -47.98 -55.19 3.49
N ALA B 866 -47.02 -55.90 3.98
CA ALA B 866 -45.80 -55.25 4.28
C ALA B 866 -44.73 -55.63 3.31
N ILE B 867 -44.29 -54.64 2.57
CA ILE B 867 -43.25 -54.85 1.62
C ILE B 867 -41.90 -54.42 2.16
N THR B 868 -40.97 -55.29 1.97
CA THR B 868 -39.66 -55.02 2.43
C THR B 868 -38.76 -55.26 1.27
N VAL B 869 -37.96 -54.25 0.97
CA VAL B 869 -37.12 -54.24 -0.20
C VAL B 869 -35.69 -53.98 0.08
N ASP B 870 -34.86 -54.66 -0.67
CA ASP B 870 -33.45 -54.54 -0.52
C ASP B 870 -32.72 -54.63 -1.84
N VAL B 871 -32.22 -53.47 -2.33
CA VAL B 871 -31.47 -53.36 -3.57
C VAL B 871 -29.97 -53.39 -3.42
N GLU B 872 -29.33 -53.97 -4.41
CA GLU B 872 -27.90 -54.02 -4.54
C GLU B 872 -27.62 -53.38 -5.89
N VAL B 873 -26.76 -52.35 -5.87
CA VAL B 873 -26.37 -51.58 -7.05
C VAL B 873 -24.90 -51.81 -7.38
N ALA B 874 -24.63 -52.12 -8.65
CA ALA B 874 -23.26 -52.38 -9.00
C ALA B 874 -22.40 -51.12 -8.87
N SER B 875 -21.27 -51.31 -8.20
CA SER B 875 -20.32 -50.21 -7.93
C SER B 875 -19.96 -49.44 -9.17
N ASP B 876 -19.85 -50.18 -10.25
CA ASP B 876 -19.45 -49.63 -11.50
C ASP B 876 -20.51 -49.21 -12.48
N THR B 877 -21.68 -48.91 -12.01
CA THR B 877 -22.71 -48.43 -12.90
C THR B 877 -23.05 -47.03 -12.42
N PRO B 878 -23.42 -46.14 -13.34
CA PRO B 878 -23.75 -44.81 -12.90
C PRO B 878 -24.83 -44.92 -11.84
N HIS B 879 -24.76 -44.08 -10.82
CA HIS B 879 -25.76 -44.16 -9.81
C HIS B 879 -27.07 -43.75 -10.41
N PRO B 880 -28.03 -44.55 -10.02
CA PRO B 880 -29.40 -44.46 -10.42
C PRO B 880 -30.06 -43.19 -9.91
N ALA B 881 -31.02 -42.76 -10.68
CA ALA B 881 -31.75 -41.56 -10.37
C ALA B 881 -32.60 -41.81 -9.19
N ARG B 882 -33.02 -43.05 -9.10
CA ARG B 882 -33.87 -43.36 -8.00
C ARG B 882 -33.96 -44.84 -7.79
N ILE B 883 -34.64 -45.17 -6.72
CA ILE B 883 -34.84 -46.53 -6.28
C ILE B 883 -36.15 -46.68 -5.53
N GLY B 884 -37.13 -47.28 -6.20
CA GLY B 884 -38.42 -47.44 -5.59
C GLY B 884 -39.30 -48.27 -6.47
N LEU B 885 -40.59 -48.10 -6.30
CA LEU B 885 -41.49 -48.88 -7.09
C LEU B 885 -42.51 -47.99 -7.71
N ASN B 886 -43.16 -48.54 -8.70
CA ASN B 886 -44.26 -47.82 -9.27
C ASN B 886 -45.28 -48.78 -9.79
N CYS B 887 -46.45 -48.23 -10.11
CA CYS B 887 -47.48 -49.07 -10.62
C CYS B 887 -48.59 -48.18 -11.12
N GLN B 888 -49.48 -48.70 -11.92
CA GLN B 888 -50.53 -47.81 -12.35
C GLN B 888 -51.85 -48.10 -11.67
N LEU B 889 -52.34 -47.21 -10.88
CA LEU B 889 -53.59 -47.54 -10.26
C LEU B 889 -54.73 -47.34 -11.19
N ALA B 890 -55.71 -48.13 -10.91
CA ALA B 890 -56.94 -48.13 -11.63
C ALA B 890 -57.80 -46.93 -11.26
N GLN B 891 -57.87 -46.62 -9.96
CA GLN B 891 -58.64 -45.48 -9.46
C GLN B 891 -58.08 -44.17 -9.92
N VAL B 892 -58.91 -43.17 -9.74
CA VAL B 892 -58.61 -41.77 -9.97
C VAL B 892 -59.43 -41.01 -8.98
N ALA B 893 -58.75 -40.42 -7.99
CA ALA B 893 -59.40 -39.66 -6.94
C ALA B 893 -59.15 -38.16 -7.06
N GLU B 894 -59.95 -37.38 -6.36
CA GLU B 894 -59.86 -35.94 -6.43
C GLU B 894 -58.78 -35.34 -5.54
N ARG B 895 -58.48 -36.01 -4.46
CA ARG B 895 -57.49 -35.47 -3.55
C ARG B 895 -56.40 -36.42 -3.19
N VAL B 896 -55.38 -35.85 -2.62
CA VAL B 896 -54.24 -36.58 -2.12
C VAL B 896 -53.95 -36.02 -0.78
N ASN B 897 -53.75 -36.92 0.13
CA ASN B 897 -53.46 -36.50 1.45
C ASN B 897 -52.27 -37.24 1.98
N TRP B 898 -51.34 -36.49 2.56
CA TRP B 898 -50.16 -37.13 3.08
C TRP B 898 -49.60 -36.40 4.25
N LEU B 899 -48.88 -37.20 4.98
CA LEU B 899 -48.21 -36.68 6.12
C LEU B 899 -46.69 -36.72 5.82
N GLY B 900 -46.12 -35.56 5.48
CA GLY B 900 -44.70 -35.47 5.15
C GLY B 900 -44.33 -34.05 4.76
N LEU B 901 -43.35 -33.90 3.86
CA LEU B 901 -42.96 -32.55 3.47
C LEU B 901 -43.80 -32.00 2.39
N GLY B 902 -44.15 -30.77 2.59
CA GLY B 902 -44.93 -30.14 1.59
C GLY B 902 -45.22 -28.76 2.09
N PRO B 903 -46.24 -28.19 1.52
CA PRO B 903 -47.12 -28.80 0.52
C PRO B 903 -46.57 -28.99 -0.88
N GLN B 904 -45.60 -28.15 -1.27
CA GLN B 904 -45.00 -28.16 -2.61
C GLN B 904 -43.98 -29.19 -2.99
N GLU B 905 -43.78 -29.30 -4.31
CA GLU B 905 -42.82 -30.22 -4.86
C GLU B 905 -41.49 -30.01 -4.16
N ASN B 906 -40.90 -31.11 -3.70
CA ASN B 906 -39.64 -30.99 -3.00
C ASN B 906 -38.75 -32.16 -3.29
N TYR B 907 -37.48 -31.85 -3.56
CA TYR B 907 -36.49 -32.87 -3.84
C TYR B 907 -35.50 -32.82 -2.74
N PRO B 908 -34.63 -33.78 -2.76
CA PRO B 908 -33.67 -33.91 -1.68
C PRO B 908 -32.69 -32.76 -1.48
N ASP B 909 -32.23 -32.17 -2.57
CA ASP B 909 -31.29 -31.08 -2.40
C ASP B 909 -32.07 -29.81 -2.58
N ARG B 910 -33.36 -29.98 -2.43
CA ARG B 910 -34.21 -28.84 -2.53
C ARG B 910 -35.45 -29.01 -1.70
N LEU B 911 -35.26 -29.12 -0.39
CA LEU B 911 -36.44 -29.27 0.45
C LEU B 911 -36.39 -28.44 1.73
N THR B 912 -35.41 -27.57 1.89
CA THR B 912 -35.44 -26.81 3.12
C THR B 912 -36.66 -25.93 3.27
N ALA B 913 -37.27 -25.48 2.19
CA ALA B 913 -38.41 -24.60 2.42
C ALA B 913 -39.69 -25.37 2.80
N ALA B 914 -39.64 -26.69 2.72
CA ALA B 914 -40.83 -27.47 2.95
C ALA B 914 -41.01 -27.82 4.38
N CYS B 915 -42.27 -27.98 4.77
CA CYS B 915 -42.63 -28.32 6.12
C CYS B 915 -43.31 -29.66 6.24
N PHE B 916 -42.99 -30.27 7.38
CA PHE B 916 -43.54 -31.55 7.72
C PHE B 916 -44.89 -31.36 8.32
N ASP B 917 -45.87 -32.02 7.74
CA ASP B 917 -47.20 -31.88 8.20
C ASP B 917 -48.12 -32.69 7.33
N ARG B 918 -49.38 -32.51 7.64
CA ARG B 918 -50.40 -33.20 6.95
C ARG B 918 -50.95 -32.31 5.88
N TRP B 919 -50.77 -32.74 4.66
CA TRP B 919 -51.22 -31.91 3.58
C TRP B 919 -52.30 -32.60 2.86
N ASP B 920 -53.20 -31.78 2.35
CA ASP B 920 -54.27 -32.32 1.55
C ASP B 920 -54.47 -31.44 0.34
N LEU B 921 -54.30 -32.01 -0.83
CA LEU B 921 -54.49 -31.24 -2.04
C LEU B 921 -55.09 -32.10 -3.13
N PRO B 922 -55.58 -31.38 -4.11
CA PRO B 922 -56.13 -31.91 -5.33
C PRO B 922 -55.05 -32.53 -6.16
N LEU B 923 -55.40 -33.60 -6.80
CA LEU B 923 -54.48 -34.33 -7.62
C LEU B 923 -53.75 -33.41 -8.57
N SER B 924 -54.51 -32.48 -9.12
CA SER B 924 -53.98 -31.56 -10.08
C SER B 924 -52.76 -30.82 -9.59
N ASP B 925 -52.73 -30.60 -8.29
CA ASP B 925 -51.66 -29.90 -7.66
C ASP B 925 -50.42 -30.75 -7.43
N MET B 926 -50.55 -32.06 -7.64
CA MET B 926 -49.41 -32.96 -7.51
C MET B 926 -48.62 -33.11 -8.80
N TYR B 927 -48.94 -32.26 -9.76
CA TYR B 927 -48.19 -32.24 -11.00
C TYR B 927 -47.72 -30.80 -11.25
N THR B 928 -46.43 -30.70 -11.62
CA THR B 928 -45.74 -29.45 -11.97
C THR B 928 -45.50 -29.36 -13.49
N PRO B 929 -46.25 -28.44 -14.06
CA PRO B 929 -46.33 -28.17 -15.49
C PRO B 929 -45.13 -27.47 -16.08
N TYR B 930 -44.00 -28.03 -15.83
CA TYR B 930 -42.83 -27.51 -16.45
C TYR B 930 -43.08 -27.62 -17.94
N VAL B 931 -42.97 -26.52 -18.66
CA VAL B 931 -43.13 -26.54 -20.10
C VAL B 931 -42.35 -27.67 -20.76
N PHE B 932 -41.15 -27.99 -20.31
CA PHE B 932 -40.50 -29.13 -20.98
C PHE B 932 -40.65 -30.33 -20.05
N PRO B 933 -41.62 -31.20 -20.30
CA PRO B 933 -41.93 -32.24 -19.35
C PRO B 933 -40.75 -33.07 -18.91
N SER B 934 -40.76 -33.41 -17.60
CA SER B 934 -39.76 -34.25 -16.94
C SER B 934 -40.27 -34.76 -15.60
N GLU B 935 -39.46 -35.58 -14.92
CA GLU B 935 -39.85 -36.02 -13.57
C GLU B 935 -40.18 -34.79 -12.74
N ASN B 936 -41.30 -34.84 -12.02
CA ASN B 936 -41.71 -33.73 -11.20
C ASN B 936 -42.71 -34.13 -10.15
N GLY B 937 -42.99 -33.17 -9.29
CA GLY B 937 -44.03 -33.34 -8.29
C GLY B 937 -43.61 -34.10 -7.06
N LEU B 938 -42.39 -34.61 -7.02
CA LEU B 938 -42.00 -35.35 -5.83
C LEU B 938 -42.24 -34.62 -4.53
N ARG B 939 -42.53 -35.39 -3.50
CA ARG B 939 -42.58 -34.94 -2.12
C ARG B 939 -41.80 -35.89 -1.25
N CYS B 940 -40.86 -35.34 -0.52
CA CYS B 940 -40.04 -36.18 0.31
C CYS B 940 -40.53 -36.26 1.73
N GLY B 941 -39.80 -37.10 2.45
CA GLY B 941 -40.03 -37.41 3.84
C GLY B 941 -41.46 -37.79 4.18
N THR B 942 -42.09 -38.55 3.28
CA THR B 942 -43.44 -38.92 3.54
C THR B 942 -43.56 -40.13 4.42
N ARG B 943 -44.49 -40.02 5.34
CA ARG B 943 -44.73 -41.08 6.30
C ARG B 943 -46.00 -41.84 6.11
N GLU B 944 -46.93 -41.18 5.42
CA GLU B 944 -48.20 -41.72 5.13
C GLU B 944 -48.84 -41.01 3.97
N LEU B 945 -49.35 -41.79 3.09
CA LEU B 945 -49.97 -41.24 1.95
C LEU B 945 -51.27 -41.95 1.75
N ASN B 946 -52.25 -41.15 1.39
CA ASN B 946 -53.60 -41.61 1.18
C ASN B 946 -54.19 -41.21 -0.15
N TYR B 947 -54.65 -42.20 -0.88
CA TYR B 947 -55.27 -41.96 -2.17
C TYR B 947 -56.29 -43.03 -2.27
N GLY B 948 -57.53 -42.51 -2.43
CA GLY B 948 -58.73 -43.30 -2.44
C GLY B 948 -58.78 -44.11 -1.15
N PRO B 949 -58.92 -45.40 -1.36
CA PRO B 949 -58.94 -46.40 -0.31
C PRO B 949 -57.53 -46.86 0.01
N HIS B 950 -56.53 -46.27 -0.60
CA HIS B 950 -55.25 -46.76 -0.27
C HIS B 950 -54.54 -45.90 0.69
N GLN B 951 -53.72 -46.60 1.43
CA GLN B 951 -52.90 -45.93 2.35
C GLN B 951 -51.57 -46.62 2.43
N TRP B 952 -50.52 -45.85 2.20
CA TRP B 952 -49.22 -46.43 2.30
C TRP B 952 -48.51 -45.78 3.42
N ARG B 953 -47.75 -46.57 4.14
CA ARG B 953 -47.03 -46.04 5.26
C ARG B 953 -45.59 -46.48 5.28
N GLY B 954 -44.74 -45.55 5.74
CA GLY B 954 -43.31 -45.76 5.88
C GLY B 954 -42.51 -44.47 5.90
N ASP B 955 -41.34 -44.53 5.28
CA ASP B 955 -40.46 -43.41 5.06
C ASP B 955 -40.06 -43.37 3.59
N PHE B 956 -40.70 -42.52 2.82
CA PHE B 956 -40.34 -42.55 1.45
C PHE B 956 -40.65 -41.24 0.81
N GLN B 957 -40.21 -41.18 -0.42
CA GLN B 957 -40.50 -40.04 -1.22
C GLN B 957 -41.46 -40.62 -2.22
N PHE B 958 -42.35 -39.78 -2.72
CA PHE B 958 -43.29 -40.23 -3.75
C PHE B 958 -43.79 -39.13 -4.67
N ASN B 959 -44.44 -39.56 -5.74
CA ASN B 959 -45.06 -38.68 -6.71
C ASN B 959 -46.20 -39.43 -7.36
N ILE B 960 -47.19 -38.66 -7.78
CA ILE B 960 -48.40 -39.22 -8.29
C ILE B 960 -49.16 -38.33 -9.27
N SER B 961 -49.40 -38.82 -10.47
CA SER B 961 -50.10 -38.04 -11.47
C SER B 961 -50.78 -38.99 -12.45
N ARG B 962 -51.18 -38.43 -13.59
CA ARG B 962 -51.78 -39.20 -14.67
C ARG B 962 -50.82 -39.35 -15.81
N TYR B 963 -49.53 -39.28 -15.55
CA TYR B 963 -48.59 -39.42 -16.65
C TYR B 963 -47.50 -40.36 -16.27
N SER B 964 -47.27 -41.32 -17.12
CA SER B 964 -46.21 -42.23 -16.85
C SER B 964 -44.91 -41.46 -17.07
N GLN B 965 -43.83 -42.00 -16.46
CA GLN B 965 -42.50 -41.46 -16.66
C GLN B 965 -42.20 -41.44 -18.15
N GLN B 966 -42.55 -42.55 -18.77
CA GLN B 966 -42.34 -42.65 -20.20
C GLN B 966 -43.08 -41.59 -20.98
N GLN B 967 -44.33 -41.36 -20.67
CA GLN B 967 -44.95 -40.32 -21.41
C GLN B 967 -44.19 -38.98 -21.24
N LEU B 968 -43.73 -38.68 -20.03
CA LEU B 968 -43.06 -37.41 -19.73
C LEU B 968 -41.79 -37.23 -20.53
N MET B 969 -41.10 -38.32 -20.49
CA MET B 969 -39.84 -38.49 -21.12
C MET B 969 -39.93 -38.36 -22.61
N GLU B 970 -41.08 -38.70 -23.18
CA GLU B 970 -41.27 -38.65 -24.63
C GLU B 970 -42.04 -37.48 -25.21
N THR B 971 -42.47 -36.56 -24.35
CA THR B 971 -43.16 -35.36 -24.78
C THR B 971 -42.30 -34.11 -24.61
N SER B 972 -42.15 -33.43 -25.73
CA SER B 972 -41.35 -32.22 -25.84
C SER B 972 -42.04 -31.04 -25.15
N HIS B 973 -43.38 -31.03 -25.17
CA HIS B 973 -44.06 -29.94 -24.51
C HIS B 973 -45.15 -30.44 -23.68
N ARG B 974 -45.39 -29.67 -22.68
CA ARG B 974 -46.40 -30.07 -21.76
C ARG B 974 -47.77 -30.07 -22.35
N HIS B 975 -47.99 -29.20 -23.33
CA HIS B 975 -49.31 -29.14 -23.93
C HIS B 975 -49.69 -30.39 -24.70
N LEU B 976 -48.72 -31.22 -24.96
CA LEU B 976 -49.02 -32.44 -25.68
C LEU B 976 -49.24 -33.65 -24.81
N LEU B 977 -49.16 -33.49 -23.52
CA LEU B 977 -49.37 -34.62 -22.65
C LEU B 977 -50.83 -34.90 -22.58
N HIS B 978 -51.14 -36.18 -22.42
CA HIS B 978 -52.51 -36.59 -22.26
C HIS B 978 -52.61 -37.42 -21.01
N ALA B 979 -53.68 -37.21 -20.27
CA ALA B 979 -53.84 -38.02 -19.08
C ALA B 979 -54.03 -39.48 -19.45
N GLU B 980 -53.38 -40.38 -18.71
CA GLU B 980 -53.45 -41.83 -18.90
C GLU B 980 -54.64 -42.49 -18.16
N GLU B 981 -54.87 -43.80 -18.39
CA GLU B 981 -56.03 -44.49 -17.80
C GLU B 981 -56.32 -44.22 -16.33
N GLY B 982 -55.35 -44.41 -15.44
CA GLY B 982 -55.69 -44.18 -14.05
C GLY B 982 -54.71 -43.25 -13.38
N THR B 983 -54.16 -43.70 -12.29
CA THR B 983 -53.20 -42.89 -11.60
C THR B 983 -51.89 -43.59 -11.50
N TRP B 984 -50.85 -42.92 -11.96
CA TRP B 984 -49.51 -43.45 -11.85
C TRP B 984 -48.86 -43.07 -10.53
N LEU B 985 -48.37 -44.07 -9.82
CA LEU B 985 -47.78 -43.83 -8.54
C LEU B 985 -46.37 -44.34 -8.50
N ASN B 986 -45.50 -43.44 -8.04
CA ASN B 986 -44.09 -43.74 -7.87
C ASN B 986 -43.78 -43.50 -6.43
N ILE B 987 -43.26 -44.52 -5.78
CA ILE B 987 -42.94 -44.50 -4.38
C ILE B 987 -41.50 -44.85 -4.27
N ASP B 988 -40.74 -43.89 -3.79
CA ASP B 988 -39.34 -44.08 -3.74
C ASP B 988 -38.80 -44.25 -2.36
N GLY B 989 -37.97 -45.24 -2.27
CA GLY B 989 -37.30 -45.42 -1.00
C GLY B 989 -36.23 -44.33 -1.05
N PHE B 990 -35.67 -44.13 -2.27
CA PHE B 990 -34.64 -43.13 -2.52
C PHE B 990 -34.67 -42.48 -3.88
N HIS B 991 -34.27 -41.21 -3.87
CA HIS B 991 -34.22 -40.36 -5.05
C HIS B 991 -32.97 -39.49 -5.14
N MET B 992 -32.31 -39.46 -6.28
CA MET B 992 -31.15 -38.61 -6.37
C MET B 992 -31.54 -37.14 -6.48
N GLY B 993 -30.66 -36.22 -6.01
CA GLY B 993 -30.88 -34.77 -6.04
C GLY B 993 -31.10 -34.22 -7.47
N ILE B 994 -31.52 -32.97 -7.55
CA ILE B 994 -31.77 -32.39 -8.85
C ILE B 994 -30.66 -31.52 -9.41
N GLY B 995 -29.75 -31.06 -8.57
CA GLY B 995 -28.67 -30.23 -9.06
C GLY B 995 -29.19 -28.86 -9.48
N GLY B 996 -28.38 -28.12 -10.23
CA GLY B 996 -28.79 -26.80 -10.67
C GLY B 996 -27.64 -25.78 -10.64
N ASP B 997 -26.45 -26.12 -10.06
CA ASP B 997 -25.36 -25.11 -10.06
C ASP B 997 -25.23 -24.47 -11.43
N ASP B 998 -25.50 -25.30 -12.40
CA ASP B 998 -25.56 -24.92 -13.80
C ASP B 998 -26.32 -26.01 -14.49
N SER B 999 -26.69 -25.75 -15.73
CA SER B 999 -27.48 -26.71 -16.48
C SER B 999 -26.75 -27.25 -17.68
N TRP B 1000 -25.42 -27.20 -17.65
CA TRP B 1000 -24.71 -27.77 -18.77
C TRP B 1000 -23.57 -28.68 -18.41
N SER B 1001 -23.57 -29.12 -17.19
CA SER B 1001 -22.60 -30.05 -16.68
C SER B 1001 -23.22 -30.64 -15.45
N PRO B 1002 -22.74 -31.82 -15.05
CA PRO B 1002 -23.25 -32.42 -13.82
C PRO B 1002 -23.09 -31.46 -12.62
N SER B 1003 -24.24 -31.20 -11.97
CA SER B 1003 -24.31 -30.30 -10.83
C SER B 1003 -24.87 -30.96 -9.57
N VAL B 1004 -25.03 -32.30 -9.59
CA VAL B 1004 -25.57 -32.90 -8.39
C VAL B 1004 -24.48 -33.21 -7.40
N SER B 1005 -24.53 -32.64 -6.21
CA SER B 1005 -23.48 -32.95 -5.29
C SER B 1005 -23.56 -34.33 -4.81
N ALA B 1006 -22.37 -34.82 -4.67
CA ALA B 1006 -22.11 -36.16 -4.20
C ALA B 1006 -23.03 -36.66 -3.10
N GLU B 1007 -23.33 -35.80 -2.07
CA GLU B 1007 -24.23 -36.17 -0.97
C GLU B 1007 -25.58 -36.54 -1.48
N PHE B 1008 -25.94 -36.05 -2.66
CA PHE B 1008 -27.23 -36.36 -3.21
C PHE B 1008 -27.26 -37.44 -4.26
N GLN B 1009 -26.16 -38.14 -4.44
CA GLN B 1009 -26.10 -39.22 -5.42
C GLN B 1009 -26.25 -40.55 -4.72
N LEU B 1010 -27.05 -41.45 -5.31
CA LEU B 1010 -27.32 -42.77 -4.74
C LEU B 1010 -26.15 -43.69 -5.02
N SER B 1011 -25.14 -43.56 -4.17
CA SER B 1011 -23.85 -44.22 -4.30
C SER B 1011 -23.51 -45.21 -3.22
N ALA B 1012 -24.50 -45.63 -2.46
CA ALA B 1012 -24.17 -46.56 -1.41
C ALA B 1012 -24.01 -48.02 -1.80
N GLY B 1013 -24.67 -48.47 -2.84
CA GLY B 1013 -24.51 -49.86 -3.19
C GLY B 1013 -25.63 -50.71 -2.66
N ARG B 1014 -25.86 -50.64 -1.36
CA ARG B 1014 -26.88 -51.38 -0.62
C ARG B 1014 -27.96 -50.37 -0.24
N TYR B 1015 -29.20 -50.63 -0.58
CA TYR B 1015 -30.31 -49.79 -0.21
C TYR B 1015 -31.45 -50.62 0.40
N HIS B 1016 -32.05 -50.16 1.48
CA HIS B 1016 -33.10 -50.89 2.11
C HIS B 1016 -34.33 -50.03 2.36
N TYR B 1017 -35.54 -50.57 2.19
CA TYR B 1017 -36.75 -49.84 2.49
C TYR B 1017 -37.99 -50.67 2.71
N GLN B 1018 -38.94 -50.12 3.43
CA GLN B 1018 -40.15 -50.89 3.69
C GLN B 1018 -41.43 -50.11 3.64
N LEU B 1019 -42.46 -50.79 3.21
CA LEU B 1019 -43.76 -50.20 3.10
C LEU B 1019 -44.88 -50.97 3.69
N VAL B 1020 -45.95 -50.26 3.92
CA VAL B 1020 -47.11 -50.96 4.34
C VAL B 1020 -48.26 -50.47 3.54
N TRP B 1021 -48.76 -51.37 2.73
CA TRP B 1021 -49.88 -50.98 1.93
C TRP B 1021 -51.14 -51.51 2.54
N CYS B 1022 -52.13 -50.66 2.54
CA CYS B 1022 -53.37 -51.16 3.02
C CYS B 1022 -54.52 -50.30 2.65
N GLN B 1023 -55.68 -50.73 3.13
CA GLN B 1023 -56.94 -50.07 2.85
C GLN B 1023 -57.77 -49.61 4.03
N LYS B 1024 -58.66 -48.70 3.63
CA LYS B 1024 -59.72 -48.11 4.42
C LYS B 1024 -60.99 -48.14 3.55
N ILE C 4 -22.86 8.76 -59.85
CA ILE C 4 -23.97 9.64 -59.32
C ILE C 4 -24.05 9.97 -57.78
N THR C 5 -23.96 8.90 -57.00
CA THR C 5 -23.92 8.88 -55.57
C THR C 5 -22.42 9.10 -55.24
N ASP C 6 -21.66 9.42 -56.30
CA ASP C 6 -20.23 9.71 -56.30
C ASP C 6 -20.07 11.19 -56.54
N SER C 7 -21.19 11.77 -56.84
CA SER C 7 -21.28 13.15 -57.11
C SER C 7 -20.86 13.97 -55.89
N LEU C 8 -20.18 15.07 -56.19
CA LEU C 8 -19.82 16.04 -55.19
C LEU C 8 -21.06 16.33 -54.40
N ALA C 9 -22.06 16.67 -55.16
CA ALA C 9 -23.35 17.03 -54.65
C ALA C 9 -23.89 16.11 -53.59
N VAL C 10 -23.74 14.84 -53.89
CA VAL C 10 -24.21 13.82 -52.98
C VAL C 10 -23.25 13.68 -51.81
N VAL C 11 -22.02 13.34 -52.13
CA VAL C 11 -20.96 13.25 -51.16
C VAL C 11 -21.00 14.45 -50.15
N LEU C 12 -20.63 15.64 -50.62
CA LEU C 12 -20.55 16.83 -49.78
C LEU C 12 -21.74 17.09 -48.93
N GLN C 13 -22.81 16.45 -49.30
CA GLN C 13 -24.05 16.74 -48.64
C GLN C 13 -24.08 16.45 -47.16
N ARG C 14 -23.51 15.32 -46.83
CA ARG C 14 -23.48 14.85 -45.47
C ARG C 14 -22.64 15.72 -44.53
N ARG C 15 -21.75 16.54 -45.09
CA ARG C 15 -20.89 17.39 -44.30
C ARG C 15 -20.19 16.63 -43.17
N ASP C 16 -19.50 15.58 -43.58
CA ASP C 16 -18.77 14.77 -42.65
C ASP C 16 -17.70 15.54 -41.86
N TRP C 17 -17.19 16.64 -42.43
CA TRP C 17 -16.17 17.50 -41.79
C TRP C 17 -16.76 18.45 -40.77
N GLU C 18 -18.04 18.29 -40.50
CA GLU C 18 -18.66 19.10 -39.47
C GLU C 18 -19.33 18.11 -38.52
N ASN C 19 -18.63 17.00 -38.27
CA ASN C 19 -19.15 15.95 -37.46
C ASN C 19 -18.11 14.95 -36.94
N PRO C 20 -17.81 15.17 -35.67
CA PRO C 20 -16.89 14.45 -34.86
C PRO C 20 -17.30 13.01 -34.67
N GLY C 21 -18.50 12.70 -35.14
CA GLY C 21 -18.96 11.32 -35.07
C GLY C 21 -18.50 10.53 -36.31
N VAL C 22 -17.95 11.23 -37.32
CA VAL C 22 -17.42 10.63 -38.51
C VAL C 22 -16.01 11.14 -38.64
N THR C 23 -15.07 10.27 -38.33
CA THR C 23 -13.69 10.64 -38.37
C THR C 23 -13.02 10.04 -39.56
N GLN C 24 -13.73 9.05 -40.10
CA GLN C 24 -13.23 8.37 -41.27
C GLN C 24 -14.34 7.57 -41.90
N LEU C 25 -14.16 7.22 -43.16
CA LEU C 25 -15.11 6.38 -43.87
C LEU C 25 -14.27 5.45 -44.75
N ASN C 26 -14.36 4.15 -44.54
CA ASN C 26 -13.61 3.18 -45.35
C ASN C 26 -12.09 3.17 -45.24
N ARG C 27 -11.58 3.63 -44.11
CA ARG C 27 -10.17 3.66 -43.90
C ARG C 27 -9.73 2.35 -43.29
N LEU C 28 -8.63 1.82 -43.78
CA LEU C 28 -8.08 0.59 -43.22
C LEU C 28 -7.53 0.80 -41.81
N ALA C 29 -7.28 -0.28 -41.11
CA ALA C 29 -6.71 -0.21 -39.77
C ALA C 29 -5.29 0.24 -39.76
N ALA C 30 -4.85 0.74 -38.60
CA ALA C 30 -3.49 1.19 -38.41
C ALA C 30 -2.56 0.03 -38.13
N HIS C 31 -1.28 0.24 -38.34
CA HIS C 31 -0.30 -0.80 -38.09
C HIS C 31 1.04 -0.20 -38.30
N PRO C 32 2.01 -1.00 -37.92
CA PRO C 32 3.38 -0.61 -38.09
C PRO C 32 3.65 -0.59 -39.56
N PRO C 33 4.69 0.11 -39.88
CA PRO C 33 5.15 0.27 -41.25
C PRO C 33 5.43 -1.04 -41.95
N PHE C 34 4.85 -1.16 -43.14
CA PHE C 34 4.95 -2.32 -44.02
C PHE C 34 5.58 -1.94 -45.34
N ALA C 35 6.19 -2.93 -45.98
CA ALA C 35 6.81 -2.77 -47.29
C ALA C 35 6.48 -3.95 -48.20
N SER C 36 6.05 -5.04 -47.62
CA SER C 36 5.73 -6.19 -48.40
C SER C 36 6.88 -6.65 -49.24
N TRP C 37 7.99 -6.88 -48.59
CA TRP C 37 9.08 -7.40 -49.36
C TRP C 37 8.69 -8.81 -49.80
N ARG C 38 9.24 -9.23 -50.93
CA ARG C 38 8.98 -10.57 -51.37
C ARG C 38 10.22 -11.41 -51.40
N ASN C 39 11.26 -10.90 -50.77
CA ASN C 39 12.51 -11.59 -50.56
C ASN C 39 13.06 -11.22 -49.18
N SER C 40 13.24 -12.24 -48.43
CA SER C 40 13.74 -12.09 -47.09
C SER C 40 15.02 -11.24 -46.97
N GLU C 41 15.95 -11.37 -47.89
CA GLU C 41 17.15 -10.56 -47.69
C GLU C 41 16.97 -9.09 -47.80
N GLU C 42 16.13 -8.69 -48.72
CA GLU C 42 15.89 -7.31 -48.91
C GLU C 42 15.29 -6.81 -47.66
N ALA C 43 14.42 -7.66 -47.15
CA ALA C 43 13.81 -7.26 -45.92
C ALA C 43 14.90 -7.12 -44.86
N ARG C 44 15.76 -8.07 -44.80
CA ARG C 44 16.76 -8.00 -43.76
C ARG C 44 17.65 -6.80 -43.84
N THR C 45 17.96 -6.45 -45.03
CA THR C 45 18.90 -5.38 -45.21
C THR C 45 18.22 -4.08 -45.47
N ASP C 46 16.93 -4.08 -45.28
CA ASP C 46 16.24 -2.86 -45.51
C ASP C 46 16.38 -2.39 -46.93
N ARG C 47 16.43 -3.32 -47.86
CA ARG C 47 16.46 -2.82 -49.20
C ARG C 47 15.08 -2.34 -49.58
N PRO C 48 14.92 -1.75 -50.72
CA PRO C 48 13.64 -1.20 -51.07
C PRO C 48 12.71 -2.18 -51.73
N SER C 49 11.45 -2.06 -51.34
CA SER C 49 10.46 -2.96 -51.83
C SER C 49 9.82 -2.49 -53.08
N GLN C 50 9.97 -3.36 -54.07
CA GLN C 50 9.36 -3.05 -55.31
C GLN C 50 7.82 -2.96 -55.15
N GLN C 51 7.25 -3.50 -54.05
CA GLN C 51 5.81 -3.51 -53.78
C GLN C 51 5.27 -2.28 -53.15
N LEU C 52 6.21 -1.38 -53.01
CA LEU C 52 5.91 -0.11 -52.43
C LEU C 52 6.43 1.04 -53.26
N ARG C 53 5.47 1.74 -53.83
CA ARG C 53 5.65 2.80 -54.78
C ARG C 53 5.19 4.18 -54.28
N SER C 54 6.03 5.20 -54.55
CA SER C 54 5.72 6.56 -54.16
C SER C 54 4.96 7.30 -55.22
N LEU C 55 3.94 8.01 -54.83
CA LEU C 55 3.24 8.85 -55.78
C LEU C 55 3.64 10.30 -55.56
N ASN C 56 4.82 10.46 -54.96
CA ASN C 56 5.20 11.84 -54.75
C ASN C 56 5.72 12.44 -56.04
N GLY C 57 5.39 13.72 -56.21
CA GLY C 57 5.84 14.49 -57.35
C GLY C 57 4.95 15.62 -57.82
N GLU C 58 4.83 15.66 -59.13
CA GLU C 58 4.05 16.70 -59.73
C GLU C 58 2.62 16.25 -59.82
N TRP C 59 1.76 17.08 -59.21
CA TRP C 59 0.35 16.80 -59.18
C TRP C 59 -0.34 18.02 -59.69
N ARG C 60 -1.60 17.87 -60.00
CA ARG C 60 -2.31 19.02 -60.44
C ARG C 60 -3.19 19.44 -59.31
N PHE C 61 -3.21 20.73 -59.14
CA PHE C 61 -3.88 21.35 -58.05
C PHE C 61 -4.71 22.56 -58.45
N ALA C 62 -5.82 22.73 -57.75
CA ALA C 62 -6.68 23.88 -57.93
C ALA C 62 -7.30 24.21 -56.59
N TRP C 63 -7.27 25.48 -56.23
CA TRP C 63 -7.78 25.99 -54.99
C TRP C 63 -9.16 26.61 -55.10
N PHE C 64 -10.00 26.39 -54.10
CA PHE C 64 -11.35 26.94 -54.01
C PHE C 64 -11.62 27.36 -52.60
N PRO C 65 -12.37 28.40 -52.53
CA PRO C 65 -12.79 29.08 -51.31
C PRO C 65 -13.83 28.35 -50.48
N ALA C 66 -14.40 27.28 -51.05
CA ALA C 66 -15.39 26.48 -50.37
C ALA C 66 -15.57 25.22 -51.13
N PRO C 67 -15.76 24.16 -50.39
CA PRO C 67 -15.92 22.85 -50.97
C PRO C 67 -17.01 22.88 -52.04
N GLU C 68 -18.05 23.61 -51.73
CA GLU C 68 -19.23 23.76 -52.58
C GLU C 68 -18.98 24.37 -53.99
N ALA C 69 -17.91 25.13 -54.11
CA ALA C 69 -17.52 25.74 -55.36
C ALA C 69 -16.75 24.78 -56.28
N VAL C 70 -16.69 23.53 -55.88
CA VAL C 70 -15.99 22.60 -56.74
C VAL C 70 -17.02 22.13 -57.74
N PRO C 71 -16.56 21.92 -58.95
CA PRO C 71 -17.36 21.55 -60.09
C PRO C 71 -17.31 20.08 -60.34
N GLU C 72 -18.52 19.55 -60.51
CA GLU C 72 -18.64 18.15 -60.73
C GLU C 72 -17.68 17.60 -61.79
N SER C 73 -17.29 18.46 -62.70
CA SER C 73 -16.39 18.09 -63.78
C SER C 73 -15.11 17.46 -63.28
N TRP C 74 -14.66 18.04 -62.16
CA TRP C 74 -13.40 17.73 -61.58
C TRP C 74 -13.23 16.25 -61.36
N LEU C 75 -14.37 15.65 -61.05
CA LEU C 75 -14.34 14.25 -60.79
C LEU C 75 -13.94 13.45 -61.98
N GLU C 76 -14.31 13.97 -63.15
CA GLU C 76 -14.05 13.28 -64.40
C GLU C 76 -12.83 13.73 -65.16
N CYS C 77 -12.50 14.99 -65.04
CA CYS C 77 -11.40 15.40 -65.84
C CYS C 77 -10.63 16.50 -65.21
N ASP C 78 -9.34 16.59 -65.55
CA ASP C 78 -8.58 17.72 -65.03
C ASP C 78 -9.20 19.08 -65.33
N LEU C 79 -8.59 20.11 -64.87
CA LEU C 79 -9.11 21.42 -65.08
C LEU C 79 -8.06 22.25 -65.72
N PRO C 80 -8.51 22.91 -66.74
CA PRO C 80 -7.74 23.82 -67.57
C PRO C 80 -6.70 24.68 -66.82
N GLU C 81 -7.22 25.26 -65.75
CA GLU C 81 -6.59 26.18 -64.83
C GLU C 81 -5.94 25.54 -63.62
N ALA C 82 -5.99 24.22 -63.59
CA ALA C 82 -5.36 23.52 -62.53
C ALA C 82 -3.87 23.74 -62.77
N ASP C 83 -3.11 23.97 -61.71
CA ASP C 83 -1.70 24.20 -61.86
C ASP C 83 -0.95 22.91 -61.59
N THR C 84 0.32 22.97 -61.87
CA THR C 84 1.12 21.81 -61.62
C THR C 84 1.96 22.11 -60.41
N VAL C 85 1.57 21.45 -59.36
CA VAL C 85 2.17 21.61 -58.09
C VAL C 85 2.96 20.38 -57.71
N VAL C 86 3.87 20.60 -56.79
CA VAL C 86 4.63 19.48 -56.29
C VAL C 86 4.03 18.98 -54.94
N VAL C 87 4.00 17.68 -54.80
CA VAL C 87 3.43 17.04 -53.63
C VAL C 87 4.47 16.08 -53.08
N PRO C 88 4.69 16.11 -51.77
CA PRO C 88 3.94 16.86 -50.79
C PRO C 88 4.33 18.31 -50.67
N SER C 89 3.36 19.07 -50.20
CA SER C 89 3.57 20.49 -50.00
C SER C 89 2.39 21.03 -49.21
N ASN C 90 2.55 22.27 -48.76
CA ASN C 90 1.55 23.02 -48.02
C ASN C 90 1.12 24.08 -48.99
N TRP C 91 -0.12 24.07 -49.34
CA TRP C 91 -0.52 25.02 -50.32
C TRP C 91 -0.34 26.48 -49.92
N GLN C 92 -0.32 26.75 -48.63
CA GLN C 92 -0.05 28.13 -48.26
C GLN C 92 1.37 28.49 -48.73
N MET C 93 2.21 27.45 -48.87
CA MET C 93 3.60 27.62 -49.24
C MET C 93 3.76 27.97 -50.70
N HIS C 94 2.68 27.79 -51.42
CA HIS C 94 2.64 28.04 -52.84
C HIS C 94 1.95 29.33 -53.21
N GLY C 95 1.20 29.92 -52.29
CA GLY C 95 0.54 31.17 -52.55
C GLY C 95 -0.97 31.19 -52.49
N TYR C 96 -1.61 30.03 -52.50
CA TYR C 96 -3.06 30.01 -52.53
C TYR C 96 -3.80 30.86 -51.49
N ASP C 97 -3.41 30.68 -50.24
CA ASP C 97 -3.98 31.45 -49.16
C ASP C 97 -2.82 31.68 -48.20
N ALA C 98 -3.13 32.36 -47.10
CA ALA C 98 -2.12 32.66 -46.11
C ALA C 98 -2.04 31.63 -44.98
N PRO C 99 -0.85 31.56 -44.44
CA PRO C 99 -0.64 30.75 -43.30
C PRO C 99 -0.99 31.63 -42.11
N ILE C 100 -1.60 31.02 -41.10
CA ILE C 100 -1.94 31.80 -39.96
C ILE C 100 -1.11 31.38 -38.80
N TYR C 101 -0.51 32.39 -38.22
CA TYR C 101 0.21 32.15 -37.03
C TYR C 101 -0.58 32.64 -35.81
N THR C 102 -1.33 31.72 -35.22
CA THR C 102 -2.06 31.97 -34.00
C THR C 102 -1.62 30.92 -32.96
N ASN C 103 -1.61 31.29 -31.68
CA ASN C 103 -1.19 30.38 -30.61
C ASN C 103 -2.32 29.49 -30.03
N VAL C 104 -3.06 30.18 -29.15
CA VAL C 104 -4.18 29.66 -28.40
C VAL C 104 -5.50 29.80 -29.13
N THR C 105 -5.84 31.06 -29.33
CA THR C 105 -7.04 31.48 -30.00
C THR C 105 -7.20 30.74 -31.31
N TYR C 106 -8.31 30.02 -31.44
CA TYR C 106 -8.52 29.30 -32.67
C TYR C 106 -8.63 30.25 -33.86
N PRO C 107 -8.07 29.75 -34.97
CA PRO C 107 -8.02 30.40 -36.28
C PRO C 107 -9.42 30.79 -36.80
N ILE C 108 -10.35 29.84 -36.65
CA ILE C 108 -11.75 29.98 -37.00
C ILE C 108 -12.58 30.27 -35.75
N THR C 109 -13.83 30.51 -35.97
CA THR C 109 -14.78 30.82 -34.95
C THR C 109 -15.22 29.57 -34.20
N VAL C 110 -15.18 29.68 -32.88
CA VAL C 110 -15.51 28.59 -31.98
C VAL C 110 -17.00 28.22 -31.88
N ASN C 111 -17.39 27.22 -32.68
CA ASN C 111 -18.75 26.68 -32.73
C ASN C 111 -18.81 25.23 -33.13
N PRO C 112 -18.27 24.45 -32.25
CA PRO C 112 -18.20 23.04 -32.49
C PRO C 112 -19.60 22.49 -32.61
N PRO C 113 -19.71 21.61 -33.60
CA PRO C 113 -18.54 21.17 -34.38
C PRO C 113 -18.45 21.85 -35.71
N PHE C 114 -19.01 23.03 -35.76
CA PHE C 114 -19.06 23.69 -37.01
C PHE C 114 -17.84 24.40 -37.38
N VAL C 115 -17.77 24.49 -38.65
CA VAL C 115 -16.70 25.13 -39.34
C VAL C 115 -17.32 26.22 -40.22
N PRO C 116 -16.46 27.12 -40.64
CA PRO C 116 -16.85 28.24 -41.47
C PRO C 116 -17.26 27.82 -42.86
N THR C 117 -18.21 28.54 -43.46
CA THR C 117 -18.67 28.14 -44.80
C THR C 117 -17.62 28.37 -45.86
N GLU C 118 -16.83 29.42 -45.60
CA GLU C 118 -15.71 29.76 -46.42
C GLU C 118 -14.57 28.85 -45.95
N ASN C 119 -14.40 27.78 -46.67
CA ASN C 119 -13.47 26.82 -46.24
C ASN C 119 -12.66 26.27 -47.39
N PRO C 120 -11.51 26.83 -47.40
CA PRO C 120 -10.49 26.63 -48.40
C PRO C 120 -10.22 25.18 -48.72
N THR C 121 -10.65 24.86 -49.90
CA THR C 121 -10.55 23.54 -50.46
C THR C 121 -9.47 23.47 -51.50
N GLY C 122 -8.68 22.41 -51.47
CA GLY C 122 -7.59 22.21 -52.41
C GLY C 122 -7.86 20.92 -53.14
N CYS C 123 -7.90 21.00 -54.46
CA CYS C 123 -8.19 19.83 -55.23
C CYS C 123 -6.95 19.35 -55.86
N TYR C 124 -6.53 18.16 -55.45
CA TYR C 124 -5.34 17.58 -56.00
C TYR C 124 -5.75 16.47 -56.93
N SER C 125 -4.93 16.19 -57.94
CA SER C 125 -5.24 15.11 -58.85
C SER C 125 -3.98 14.54 -59.43
N LEU C 126 -4.11 13.27 -59.74
CA LEU C 126 -2.94 12.61 -60.25
C LEU C 126 -3.30 11.48 -61.18
N THR C 127 -2.61 11.49 -62.30
CA THR C 127 -2.83 10.48 -63.29
C THR C 127 -1.68 9.51 -63.28
N PHE C 128 -1.97 8.21 -63.20
CA PHE C 128 -0.87 7.31 -63.05
C PHE C 128 -1.21 5.93 -63.50
N ASN C 129 -0.11 5.20 -63.61
CA ASN C 129 -0.16 3.87 -64.13
C ASN C 129 -0.06 2.74 -63.16
N VAL C 130 -0.96 1.82 -63.35
CA VAL C 130 -0.88 0.70 -62.51
C VAL C 130 -0.52 -0.47 -63.37
N ASP C 131 0.46 -1.20 -62.91
CA ASP C 131 0.89 -2.33 -63.65
C ASP C 131 -0.07 -3.49 -63.56
N GLU C 132 -0.47 -4.01 -64.69
CA GLU C 132 -1.40 -5.14 -64.76
C GLU C 132 -1.15 -6.22 -63.72
N SER C 133 0.12 -6.45 -63.35
CA SER C 133 0.42 -7.50 -62.36
C SER C 133 -0.21 -7.33 -60.97
N TRP C 134 -0.24 -6.10 -60.55
CA TRP C 134 -0.81 -5.68 -59.30
C TRP C 134 -2.29 -6.00 -59.28
N LEU C 135 -2.92 -6.06 -60.45
CA LEU C 135 -4.32 -6.38 -60.44
C LEU C 135 -4.69 -7.83 -60.57
N GLN C 136 -3.75 -8.64 -60.90
CA GLN C 136 -4.07 -10.08 -60.92
C GLN C 136 -4.47 -10.49 -59.55
N GLU C 137 -3.54 -10.27 -58.59
CA GLU C 137 -3.78 -10.57 -57.20
C GLU C 137 -3.31 -9.54 -56.27
N GLY C 138 -3.55 -9.92 -55.04
CA GLY C 138 -3.14 -9.12 -53.95
C GLY C 138 -4.02 -7.93 -53.84
N GLN C 139 -3.57 -7.09 -52.91
CA GLN C 139 -4.29 -5.91 -52.65
C GLN C 139 -3.40 -4.74 -52.84
N THR C 140 -4.04 -3.74 -53.46
CA THR C 140 -3.38 -2.49 -53.76
C THR C 140 -4.00 -1.41 -52.96
N ARG C 141 -3.19 -0.88 -52.09
CA ARG C 141 -3.81 0.14 -51.27
C ARG C 141 -3.00 1.39 -51.32
N ILE C 142 -3.69 2.46 -50.97
CA ILE C 142 -3.09 3.76 -50.97
C ILE C 142 -2.91 4.35 -49.58
N ILE C 143 -1.85 5.11 -49.44
CA ILE C 143 -1.54 5.70 -48.17
C ILE C 143 -1.16 7.15 -48.17
N PHE C 144 -1.79 7.89 -47.31
CA PHE C 144 -1.40 9.25 -47.15
C PHE C 144 -0.91 9.42 -45.74
N ASP C 145 0.37 9.73 -45.64
CA ASP C 145 1.06 9.91 -44.37
C ASP C 145 0.70 11.17 -43.63
N GLY C 146 -0.04 12.06 -44.27
CA GLY C 146 -0.45 13.30 -43.66
C GLY C 146 -1.22 14.25 -44.61
N VAL C 147 -2.51 14.45 -44.32
CA VAL C 147 -3.38 15.33 -45.06
C VAL C 147 -4.05 16.25 -44.06
N ASN C 148 -3.90 17.54 -44.26
CA ASN C 148 -4.35 18.49 -43.30
C ASN C 148 -5.37 19.45 -43.89
N SER C 149 -6.60 19.53 -43.36
CA SER C 149 -7.04 18.81 -42.18
C SER C 149 -7.93 17.60 -42.38
N ALA C 150 -8.57 17.51 -43.52
CA ALA C 150 -9.51 16.42 -43.75
C ALA C 150 -9.66 16.21 -45.24
N PHE C 151 -10.21 15.08 -45.64
CA PHE C 151 -10.31 14.96 -47.06
C PHE C 151 -11.17 13.83 -47.55
N HIS C 152 -11.63 13.98 -48.78
CA HIS C 152 -12.43 13.00 -49.46
C HIS C 152 -11.65 12.43 -50.60
N LEU C 153 -11.94 11.20 -50.94
CA LEU C 153 -11.15 10.65 -52.00
C LEU C 153 -11.94 9.88 -53.05
N TRP C 154 -11.56 10.14 -54.31
CA TRP C 154 -12.10 9.47 -55.47
C TRP C 154 -11.02 8.85 -56.31
N CYS C 155 -11.40 7.78 -56.97
CA CYS C 155 -10.46 7.08 -57.82
C CYS C 155 -11.20 6.61 -59.03
N ASN C 156 -10.67 7.04 -60.15
CA ASN C 156 -11.26 6.77 -61.42
C ASN C 156 -12.73 7.18 -61.36
N GLY C 157 -12.94 8.38 -60.79
CA GLY C 157 -14.24 9.00 -60.70
C GLY C 157 -15.13 8.41 -59.64
N ARG C 158 -14.68 7.37 -58.97
CA ARG C 158 -15.48 6.80 -57.91
C ARG C 158 -15.04 7.23 -56.52
N TRP C 159 -16.03 7.42 -55.65
CA TRP C 159 -15.74 7.82 -54.28
C TRP C 159 -15.18 6.70 -53.44
N VAL C 160 -14.07 6.98 -52.83
CA VAL C 160 -13.42 5.95 -52.04
C VAL C 160 -13.60 5.98 -50.53
N GLY C 161 -13.40 7.16 -49.95
CA GLY C 161 -13.46 7.36 -48.52
C GLY C 161 -13.04 8.77 -48.12
N TYR C 162 -13.06 8.92 -46.79
CA TYR C 162 -12.83 10.16 -46.07
C TYR C 162 -11.92 9.92 -44.87
N GLY C 163 -11.22 10.98 -44.43
CA GLY C 163 -10.35 10.83 -43.30
C GLY C 163 -10.00 12.12 -42.57
N GLN C 164 -9.85 11.98 -41.23
CA GLN C 164 -9.42 13.06 -40.37
C GLN C 164 -8.11 12.69 -39.64
N ASP C 165 -7.57 13.67 -38.93
CA ASP C 165 -6.28 13.51 -38.27
C ASP C 165 -5.13 13.80 -39.20
N SER C 166 -4.71 15.06 -39.11
CA SER C 166 -3.64 15.55 -39.94
C SER C 166 -2.33 14.85 -39.78
N ARG C 167 -2.06 14.32 -38.60
CA ARG C 167 -0.75 13.76 -38.39
C ARG C 167 -0.60 12.27 -38.43
N LEU C 168 -1.60 11.51 -38.86
CA LEU C 168 -1.37 10.05 -38.98
C LEU C 168 -1.83 9.57 -40.37
N PRO C 169 -1.36 8.43 -40.80
CA PRO C 169 -1.74 7.91 -42.11
C PRO C 169 -3.14 7.40 -42.23
N SER C 170 -3.68 7.65 -43.41
CA SER C 170 -4.96 7.14 -43.81
C SER C 170 -4.65 6.25 -44.98
N GLU C 171 -5.24 5.04 -44.94
CA GLU C 171 -5.08 4.01 -45.95
C GLU C 171 -6.38 3.50 -46.47
N PHE C 172 -6.39 3.40 -47.79
CA PHE C 172 -7.56 2.88 -48.44
C PHE C 172 -7.17 1.83 -49.44
N ASP C 173 -8.07 0.86 -49.54
CA ASP C 173 -7.90 -0.24 -50.47
C ASP C 173 -8.46 0.22 -51.81
N LEU C 174 -7.61 0.28 -52.82
CA LEU C 174 -8.02 0.77 -54.11
C LEU C 174 -8.26 -0.37 -55.08
N SER C 175 -8.04 -1.53 -54.53
CA SER C 175 -8.12 -2.77 -55.23
C SER C 175 -9.18 -2.88 -56.28
N ALA C 176 -10.35 -2.43 -55.95
CA ALA C 176 -11.43 -2.53 -56.90
C ALA C 176 -11.79 -1.27 -57.66
N PHE C 177 -10.95 -0.25 -57.67
CA PHE C 177 -11.30 0.94 -58.40
C PHE C 177 -10.36 1.16 -59.52
N LEU C 178 -9.27 0.47 -59.35
CA LEU C 178 -8.17 0.50 -60.26
C LEU C 178 -8.48 -0.31 -61.49
N ARG C 179 -7.94 0.22 -62.57
CA ARG C 179 -7.99 -0.32 -63.91
C ARG C 179 -6.56 -0.40 -64.36
N ALA C 180 -6.28 -1.34 -65.25
CA ALA C 180 -4.93 -1.46 -65.73
C ALA C 180 -4.55 -0.29 -66.64
N GLY C 181 -3.31 0.10 -66.40
CA GLY C 181 -2.73 1.23 -67.05
C GLY C 181 -3.06 2.52 -66.32
N GLU C 182 -3.83 3.33 -67.01
CA GLU C 182 -4.12 4.64 -66.54
C GLU C 182 -5.27 4.86 -65.61
N ASN C 183 -4.86 5.34 -64.43
CA ASN C 183 -5.73 5.67 -63.35
C ASN C 183 -5.53 7.11 -62.97
N ARG C 184 -6.59 7.64 -62.36
CA ARG C 184 -6.64 8.99 -61.86
C ARG C 184 -7.29 9.15 -60.46
N LEU C 185 -6.61 9.92 -59.63
CA LEU C 185 -7.05 10.23 -58.29
C LEU C 185 -7.47 11.65 -58.18
N ALA C 186 -8.55 11.81 -57.44
CA ALA C 186 -9.02 13.11 -57.14
C ALA C 186 -9.22 13.14 -55.63
N VAL C 187 -8.43 14.02 -55.04
CA VAL C 187 -8.35 14.24 -53.63
C VAL C 187 -8.78 15.64 -53.25
N MET C 188 -9.82 15.70 -52.46
CA MET C 188 -10.23 17.00 -52.00
C MET C 188 -10.05 17.23 -50.52
N VAL C 189 -9.13 18.13 -50.28
CA VAL C 189 -8.67 18.53 -48.99
C VAL C 189 -9.25 19.81 -48.45
N LEU C 190 -9.93 19.67 -47.31
CA LEU C 190 -10.55 20.76 -46.60
C LEU C 190 -9.64 21.34 -45.55
N ARG C 191 -9.58 22.66 -45.52
CA ARG C 191 -8.72 23.21 -44.53
C ARG C 191 -9.22 23.05 -43.12
N TRP C 192 -10.47 23.41 -42.91
CA TRP C 192 -11.08 23.28 -41.61
C TRP C 192 -12.03 22.10 -41.56
N SER C 193 -12.11 21.41 -40.41
CA SER C 193 -13.03 20.28 -40.19
C SER C 193 -13.32 20.18 -38.73
N ASP C 194 -14.17 19.23 -38.30
CA ASP C 194 -14.44 19.12 -36.88
C ASP C 194 -13.12 18.68 -36.19
N GLY C 195 -12.19 18.09 -36.98
CA GLY C 195 -10.88 17.67 -36.50
C GLY C 195 -10.01 18.84 -36.08
N SER C 196 -10.35 20.00 -36.57
CA SER C 196 -9.57 21.17 -36.23
C SER C 196 -9.72 21.58 -34.80
N TYR C 197 -10.87 21.27 -34.28
CA TYR C 197 -11.10 21.61 -32.88
C TYR C 197 -10.08 20.91 -31.98
N LEU C 198 -9.56 19.79 -32.47
CA LEU C 198 -8.58 19.02 -31.75
C LEU C 198 -7.18 19.30 -32.22
N GLU C 199 -7.01 20.29 -33.08
CA GLU C 199 -5.66 20.56 -33.54
C GLU C 199 -5.28 22.02 -33.34
N ASP C 200 -5.38 22.51 -32.10
CA ASP C 200 -5.08 23.90 -31.85
C ASP C 200 -3.69 24.16 -31.27
N GLN C 201 -2.68 23.54 -31.85
CA GLN C 201 -1.29 23.75 -31.41
C GLN C 201 -0.73 25.11 -31.76
N ASP C 202 0.09 25.62 -30.85
CA ASP C 202 0.78 26.87 -31.07
C ASP C 202 1.80 26.74 -32.21
N MET C 203 1.35 27.00 -33.44
CA MET C 203 2.18 26.88 -34.62
C MET C 203 1.43 27.47 -35.83
N TRP C 204 2.14 27.66 -36.94
CA TRP C 204 1.47 28.15 -38.14
C TRP C 204 0.34 27.19 -38.50
N ARG C 205 -0.79 27.76 -38.95
CA ARG C 205 -1.92 26.95 -39.40
C ARG C 205 -1.86 26.87 -40.95
N MET C 206 -1.53 25.69 -41.46
CA MET C 206 -1.38 25.39 -42.87
C MET C 206 -2.28 24.28 -43.33
N SER C 207 -2.08 23.80 -44.57
CA SER C 207 -2.91 22.74 -45.14
C SER C 207 -2.40 22.09 -46.39
N GLY C 208 -2.94 20.90 -46.63
CA GLY C 208 -2.60 20.14 -47.79
C GLY C 208 -2.06 18.74 -47.57
N ILE C 209 -1.63 18.15 -48.70
CA ILE C 209 -1.00 16.85 -48.69
C ILE C 209 0.48 17.08 -48.42
N PHE C 210 0.81 17.19 -47.12
CA PHE C 210 2.13 17.56 -46.66
C PHE C 210 3.10 16.47 -46.27
N ARG C 211 2.66 15.23 -46.32
CA ARG C 211 3.55 14.11 -46.09
C ARG C 211 3.31 13.26 -47.32
N ASP C 212 4.02 12.20 -47.46
CA ASP C 212 3.96 11.33 -48.60
C ASP C 212 2.68 10.62 -48.94
N VAL C 213 2.73 10.11 -50.19
CA VAL C 213 1.70 9.35 -50.84
C VAL C 213 2.30 8.15 -51.47
N SER C 214 1.72 7.01 -51.11
CA SER C 214 2.26 5.76 -51.60
C SER C 214 1.21 4.74 -51.93
N LEU C 215 1.75 3.72 -52.58
CA LEU C 215 1.02 2.60 -53.02
C LEU C 215 1.71 1.40 -52.57
N LEU C 216 0.90 0.57 -51.97
CA LEU C 216 1.43 -0.65 -51.47
C LEU C 216 0.62 -1.82 -51.96
N HIS C 217 1.38 -2.75 -52.48
CA HIS C 217 0.78 -3.95 -53.00
C HIS C 217 1.00 -5.11 -52.04
N LYS C 218 -0.06 -5.66 -51.46
CA LYS C 218 0.16 -6.80 -50.58
C LYS C 218 -0.50 -8.03 -51.12
N PRO C 219 0.02 -9.16 -50.67
CA PRO C 219 -0.50 -10.43 -51.04
C PRO C 219 -1.89 -10.53 -50.48
N THR C 220 -2.64 -11.52 -50.87
CA THR C 220 -4.01 -11.63 -50.40
C THR C 220 -4.10 -12.18 -49.01
N THR C 221 -3.14 -13.03 -48.75
CA THR C 221 -2.94 -13.66 -47.49
C THR C 221 -1.69 -12.98 -47.01
N GLN C 222 -1.80 -12.18 -45.97
CA GLN C 222 -0.69 -11.35 -45.57
C GLN C 222 -0.59 -11.14 -44.08
N ILE C 223 0.47 -10.44 -43.74
CA ILE C 223 0.71 -10.03 -42.38
C ILE C 223 -0.02 -8.72 -42.17
N SER C 224 -0.98 -8.70 -41.23
CA SER C 224 -1.82 -7.55 -40.96
C SER C 224 -1.28 -6.62 -39.87
N ASP C 225 -0.47 -7.20 -38.97
CA ASP C 225 0.16 -6.45 -37.88
C ASP C 225 1.13 -7.37 -37.16
N PHE C 226 2.06 -6.71 -36.44
CA PHE C 226 2.94 -7.45 -35.61
C PHE C 226 3.56 -6.55 -34.58
N HIS C 227 3.85 -7.11 -33.42
CA HIS C 227 4.47 -6.37 -32.38
C HIS C 227 5.56 -7.14 -31.76
N VAL C 228 6.48 -6.35 -31.31
CA VAL C 228 7.61 -6.85 -30.65
C VAL C 228 7.66 -6.44 -29.20
N ALA C 229 8.31 -7.27 -28.41
CA ALA C 229 8.46 -7.04 -26.99
C ALA C 229 9.68 -7.76 -26.46
N THR C 230 10.29 -7.18 -25.46
CA THR C 230 11.47 -7.76 -24.92
C THR C 230 11.45 -7.81 -23.42
N ARG C 231 11.55 -9.00 -22.90
CA ARG C 231 11.66 -9.11 -21.48
C ARG C 231 13.10 -9.47 -21.12
N PHE C 232 13.49 -9.05 -19.91
CA PHE C 232 14.80 -9.30 -19.36
C PHE C 232 14.75 -9.96 -18.01
N ASN C 233 15.88 -10.44 -17.60
CA ASN C 233 16.10 -11.04 -16.33
C ASN C 233 16.71 -10.02 -15.40
N ASP C 234 16.88 -10.41 -14.16
CA ASP C 234 17.33 -9.45 -13.18
C ASP C 234 18.52 -8.59 -13.58
N ASP C 235 19.50 -9.17 -14.26
CA ASP C 235 20.65 -8.38 -14.62
C ASP C 235 20.79 -8.14 -16.09
N PHE C 236 19.74 -8.39 -16.86
CA PHE C 236 19.85 -8.15 -18.28
C PHE C 236 20.80 -9.05 -19.00
N SER C 237 21.20 -10.12 -18.39
CA SER C 237 22.08 -11.00 -19.10
C SER C 237 21.29 -11.89 -20.05
N ARG C 238 19.98 -11.90 -19.90
CA ARG C 238 19.16 -12.66 -20.81
C ARG C 238 17.84 -12.00 -21.13
N ALA C 239 17.45 -12.13 -22.40
CA ALA C 239 16.21 -11.54 -22.81
C ALA C 239 15.38 -12.48 -23.61
N VAL C 240 14.13 -12.12 -23.73
CA VAL C 240 13.23 -12.86 -24.55
C VAL C 240 12.63 -11.90 -25.51
N LEU C 241 12.69 -12.24 -26.75
CA LEU C 241 12.05 -11.43 -27.71
C LEU C 241 10.75 -12.15 -28.02
N GLU C 242 9.69 -11.39 -27.97
CA GLU C 242 8.40 -11.94 -28.18
C GLU C 242 7.70 -11.24 -29.30
N ALA C 243 7.27 -12.00 -30.32
CA ALA C 243 6.64 -11.39 -31.45
C ALA C 243 5.28 -11.96 -31.68
N GLU C 244 4.34 -11.06 -31.83
CA GLU C 244 3.00 -11.45 -32.05
C GLU C 244 2.63 -11.00 -33.41
N VAL C 245 2.18 -12.02 -34.13
CA VAL C 245 1.83 -11.80 -35.47
C VAL C 245 0.41 -12.14 -35.81
N GLN C 246 -0.16 -11.24 -36.58
CA GLN C 246 -1.46 -11.54 -37.08
C GLN C 246 -1.49 -11.42 -38.56
N MET C 247 -2.36 -12.23 -39.10
CA MET C 247 -2.50 -12.30 -40.53
C MET C 247 -3.92 -12.09 -40.97
N CYS C 248 -4.09 -11.82 -42.26
CA CYS C 248 -5.38 -11.66 -42.92
C CYS C 248 -5.47 -12.56 -44.13
N GLY C 249 -6.65 -13.18 -44.37
CA GLY C 249 -6.79 -14.00 -45.55
C GLY C 249 -7.13 -15.42 -45.23
N GLU C 250 -7.00 -16.29 -46.23
CA GLU C 250 -7.36 -17.59 -45.76
C GLU C 250 -6.33 -18.39 -45.21
N LEU C 251 -6.73 -18.74 -44.05
CA LEU C 251 -6.05 -19.58 -43.17
C LEU C 251 -6.04 -20.98 -43.68
N ARG C 252 -4.85 -21.40 -43.99
CA ARG C 252 -4.57 -22.73 -44.50
C ARG C 252 -3.44 -23.37 -43.69
N ASP C 253 -3.67 -24.56 -43.25
CA ASP C 253 -2.74 -25.30 -42.41
C ASP C 253 -1.30 -25.34 -42.84
N TYR C 254 -1.05 -25.02 -44.08
CA TYR C 254 0.32 -25.10 -44.52
C TYR C 254 1.08 -23.82 -44.26
N LEU C 255 0.35 -22.85 -43.69
CA LEU C 255 0.89 -21.55 -43.39
C LEU C 255 1.79 -21.59 -42.19
N ARG C 256 2.89 -20.83 -42.31
CA ARG C 256 3.84 -20.73 -41.24
C ARG C 256 4.37 -19.33 -41.12
N VAL C 257 5.00 -19.10 -39.99
CA VAL C 257 5.64 -17.85 -39.69
C VAL C 257 6.98 -18.11 -39.10
N THR C 258 7.90 -17.32 -39.62
CA THR C 258 9.22 -17.37 -39.10
C THR C 258 9.69 -15.99 -38.73
N VAL C 259 10.18 -15.94 -37.51
CA VAL C 259 10.71 -14.72 -37.02
C VAL C 259 12.13 -14.99 -36.72
N SER C 260 13.00 -14.19 -37.33
CA SER C 260 14.45 -14.35 -37.21
C SER C 260 15.08 -13.02 -36.76
N LEU C 261 16.07 -13.18 -35.92
CA LEU C 261 16.73 -12.04 -35.38
C LEU C 261 18.17 -12.00 -35.77
N TRP C 262 18.50 -10.94 -36.44
CA TRP C 262 19.83 -10.77 -36.92
C TRP C 262 20.56 -9.70 -36.25
N GLN C 263 21.79 -9.96 -36.17
CA GLN C 263 22.63 -8.93 -35.69
C GLN C 263 23.70 -8.77 -36.73
N GLY C 264 23.40 -7.92 -37.66
CA GLY C 264 24.32 -7.77 -38.71
C GLY C 264 24.03 -8.78 -39.78
N GLU C 265 24.99 -9.69 -39.93
CA GLU C 265 24.97 -10.73 -40.95
C GLU C 265 24.72 -12.06 -40.31
N THR C 266 24.90 -11.93 -39.02
CA THR C 266 24.80 -13.00 -38.11
C THR C 266 23.38 -13.22 -37.58
N GLN C 267 22.84 -14.40 -37.85
CA GLN C 267 21.52 -14.65 -37.34
C GLN C 267 21.71 -15.07 -35.92
N VAL C 268 20.90 -14.52 -35.03
CA VAL C 268 21.08 -14.72 -33.62
C VAL C 268 20.10 -15.67 -33.05
N ALA C 269 18.93 -15.61 -33.63
CA ALA C 269 17.87 -16.49 -33.24
C ALA C 269 16.82 -16.51 -34.32
N SER C 270 16.13 -17.65 -34.41
CA SER C 270 15.01 -17.88 -35.32
C SER C 270 13.94 -18.78 -34.69
N GLY C 271 12.70 -18.53 -35.11
CA GLY C 271 11.59 -19.31 -34.64
C GLY C 271 10.55 -19.46 -35.73
N THR C 272 10.00 -20.69 -35.77
CA THR C 272 8.98 -20.98 -36.72
C THR C 272 7.73 -21.61 -36.15
N ALA C 273 6.59 -21.14 -36.65
CA ALA C 273 5.35 -21.74 -36.20
C ALA C 273 4.22 -21.40 -37.09
N PRO C 274 3.18 -22.13 -36.85
CA PRO C 274 1.97 -22.01 -37.64
C PRO C 274 0.99 -21.26 -36.82
N PHE C 275 -0.02 -20.76 -37.48
CA PHE C 275 -1.00 -19.96 -36.82
C PHE C 275 -1.76 -20.66 -35.75
N GLY C 276 -2.21 -19.91 -34.76
CA GLY C 276 -3.01 -20.46 -33.68
C GLY C 276 -2.46 -20.15 -32.30
N GLY C 277 -3.08 -19.20 -31.62
CA GLY C 277 -2.65 -18.86 -30.27
C GLY C 277 -3.20 -19.76 -29.14
N GLU C 278 -2.79 -19.43 -27.92
CA GLU C 278 -3.19 -20.10 -26.70
C GLU C 278 -4.66 -19.78 -26.38
N ILE C 279 -5.29 -20.57 -25.50
CA ILE C 279 -6.67 -20.34 -25.15
C ILE C 279 -6.76 -19.03 -24.41
N ILE C 280 -7.69 -18.16 -24.81
CA ILE C 280 -7.75 -16.92 -24.08
C ILE C 280 -8.95 -16.77 -23.18
N ASP C 281 -10.02 -17.31 -23.64
CA ASP C 281 -11.22 -17.28 -22.86
C ASP C 281 -12.06 -18.51 -23.15
N GLU C 282 -13.31 -18.41 -22.73
CA GLU C 282 -14.26 -19.49 -22.91
C GLU C 282 -14.47 -19.93 -24.37
N ARG C 283 -14.20 -19.05 -25.36
CA ARG C 283 -14.41 -19.41 -26.77
C ARG C 283 -13.16 -19.89 -27.47
N GLY C 284 -12.00 -19.75 -26.81
CA GLY C 284 -10.78 -20.22 -27.40
C GLY C 284 -9.72 -19.17 -27.57
N GLY C 285 -9.05 -19.25 -28.74
CA GLY C 285 -7.96 -18.34 -29.06
C GLY C 285 -8.09 -17.79 -30.45
N TYR C 286 -7.08 -17.05 -30.80
CA TYR C 286 -6.97 -16.45 -32.09
C TYR C 286 -6.33 -17.45 -33.00
N ALA C 287 -7.07 -17.83 -34.00
CA ALA C 287 -6.49 -18.75 -34.96
C ALA C 287 -5.59 -18.08 -35.98
N ASP C 288 -5.81 -16.79 -36.14
CA ASP C 288 -5.07 -15.92 -37.05
C ASP C 288 -3.93 -15.16 -36.38
N ARG C 289 -3.48 -15.69 -35.26
CA ARG C 289 -2.35 -15.08 -34.64
C ARG C 289 -1.45 -16.15 -34.17
N VAL C 290 -0.23 -15.74 -33.98
CA VAL C 290 0.82 -16.59 -33.48
C VAL C 290 1.82 -15.70 -32.77
N THR C 291 2.39 -16.23 -31.71
CA THR C 291 3.35 -15.49 -30.96
C THR C 291 4.63 -16.26 -30.81
N LEU C 292 5.74 -15.70 -31.21
CA LEU C 292 6.92 -16.48 -30.99
C LEU C 292 7.73 -15.87 -29.91
N ARG C 293 8.57 -16.65 -29.32
CA ARG C 293 9.45 -16.19 -28.31
C ARG C 293 10.84 -16.70 -28.56
N LEU C 294 11.73 -15.76 -28.72
CA LEU C 294 13.11 -16.07 -28.96
C LEU C 294 13.92 -15.69 -27.78
N ASN C 295 14.81 -16.57 -27.46
CA ASN C 295 15.70 -16.36 -26.37
C ASN C 295 17.01 -15.76 -26.87
N VAL C 296 17.45 -14.76 -26.18
CA VAL C 296 18.66 -14.09 -26.55
C VAL C 296 19.53 -13.95 -25.33
N GLU C 297 20.69 -14.55 -25.44
CA GLU C 297 21.62 -14.53 -24.37
C GLU C 297 22.52 -13.34 -24.54
N ASN C 298 22.73 -12.63 -23.45
CA ASN C 298 23.61 -11.47 -23.44
C ASN C 298 23.40 -10.56 -24.59
N PRO C 299 22.22 -9.97 -24.61
CA PRO C 299 21.82 -9.08 -25.69
C PRO C 299 22.55 -7.78 -25.53
N LYS C 300 22.86 -7.14 -26.65
CA LYS C 300 23.45 -5.83 -26.65
C LYS C 300 22.29 -4.85 -26.45
N LEU C 301 22.35 -4.02 -25.42
CA LEU C 301 21.24 -3.11 -25.12
C LEU C 301 21.22 -1.80 -25.79
N TRP C 302 20.02 -1.35 -26.07
CA TRP C 302 19.85 -0.11 -26.77
C TRP C 302 19.70 0.99 -25.79
N SER C 303 20.30 2.11 -26.12
CA SER C 303 20.19 3.29 -25.29
C SER C 303 20.56 4.45 -26.17
N ALA C 304 20.37 5.66 -25.68
CA ALA C 304 20.71 6.84 -26.49
C ALA C 304 22.20 6.96 -26.47
N GLU C 305 22.85 6.34 -25.47
CA GLU C 305 24.30 6.37 -25.40
C GLU C 305 24.92 5.41 -26.43
N ILE C 306 24.28 4.27 -26.62
CA ILE C 306 24.67 3.27 -27.58
C ILE C 306 23.44 2.52 -28.08
N PRO C 307 23.11 2.95 -29.26
CA PRO C 307 21.94 2.51 -29.95
C PRO C 307 22.07 1.11 -30.52
N ASN C 308 22.42 0.15 -29.72
CA ASN C 308 22.47 -1.21 -30.22
C ASN C 308 21.13 -1.61 -30.80
N LEU C 309 21.17 -2.02 -32.04
CA LEU C 309 20.01 -2.47 -32.78
C LEU C 309 20.11 -3.90 -33.36
N TYR C 310 18.99 -4.58 -33.52
CA TYR C 310 18.98 -5.85 -34.18
C TYR C 310 17.98 -5.69 -35.25
N ARG C 311 17.97 -6.65 -36.15
CA ARG C 311 16.99 -6.65 -37.20
C ARG C 311 16.08 -7.82 -37.02
N ALA C 312 14.82 -7.53 -37.12
CA ALA C 312 13.87 -8.59 -37.01
C ALA C 312 13.12 -8.74 -38.31
N VAL C 313 13.14 -10.00 -38.77
CA VAL C 313 12.46 -10.39 -39.98
C VAL C 313 11.36 -11.37 -39.68
N VAL C 314 10.24 -11.01 -40.26
CA VAL C 314 9.01 -11.75 -40.12
C VAL C 314 8.59 -12.26 -41.47
N GLU C 315 8.71 -13.56 -41.59
CA GLU C 315 8.34 -14.15 -42.84
C GLU C 315 7.09 -14.94 -42.72
N LEU C 316 6.23 -14.70 -43.70
CA LEU C 316 5.00 -15.45 -43.83
C LEU C 316 5.19 -16.38 -45.03
N HIS C 317 5.32 -17.66 -44.75
CA HIS C 317 5.52 -18.65 -45.77
C HIS C 317 4.68 -19.89 -45.58
N THR C 318 4.78 -20.73 -46.56
CA THR C 318 4.07 -21.99 -46.50
C THR C 318 5.05 -22.97 -45.96
N ALA C 319 4.59 -24.15 -45.65
CA ALA C 319 5.51 -25.07 -45.07
C ALA C 319 6.55 -25.65 -45.97
N ASP C 320 6.28 -25.64 -47.26
CA ASP C 320 7.25 -26.20 -48.20
C ASP C 320 8.39 -25.24 -48.41
N GLY C 321 8.43 -24.17 -47.64
CA GLY C 321 9.50 -23.18 -47.72
C GLY C 321 9.20 -21.99 -48.65
N THR C 322 8.04 -21.99 -49.23
CA THR C 322 7.73 -20.90 -50.11
C THR C 322 7.28 -19.61 -49.40
N LEU C 323 7.92 -18.51 -49.74
CA LEU C 323 7.62 -17.20 -49.12
C LEU C 323 6.44 -16.51 -49.68
N ILE C 324 5.47 -16.20 -48.82
CA ILE C 324 4.34 -15.44 -49.28
C ILE C 324 4.77 -13.97 -49.20
N GLU C 325 5.39 -13.58 -48.10
CA GLU C 325 5.79 -12.17 -47.95
C GLU C 325 6.55 -11.98 -46.67
N ALA C 326 7.30 -10.87 -46.64
CA ALA C 326 8.07 -10.55 -45.46
C ALA C 326 7.99 -9.10 -44.99
N GLU C 327 8.05 -8.94 -43.64
CA GLU C 327 8.12 -7.61 -43.03
C GLU C 327 9.23 -7.57 -42.05
N ALA C 328 9.63 -6.33 -41.75
CA ALA C 328 10.68 -6.22 -40.78
C ALA C 328 10.71 -4.93 -40.01
N CYS C 329 11.52 -4.95 -38.97
CA CYS C 329 11.73 -3.76 -38.20
C CYS C 329 13.03 -3.87 -37.42
N ASP C 330 13.54 -2.73 -36.98
CA ASP C 330 14.74 -2.70 -36.13
C ASP C 330 14.31 -2.95 -34.74
N VAL C 331 15.13 -3.65 -34.00
CA VAL C 331 14.78 -3.94 -32.63
C VAL C 331 15.84 -3.45 -31.70
N GLY C 332 15.40 -2.88 -30.58
CA GLY C 332 16.27 -2.38 -29.55
C GLY C 332 15.89 -2.99 -28.24
N PHE C 333 16.84 -3.58 -27.57
CA PHE C 333 16.57 -4.20 -26.31
C PHE C 333 16.68 -3.20 -25.20
N ARG C 334 15.56 -2.86 -24.61
CA ARG C 334 15.60 -1.92 -23.51
C ARG C 334 14.37 -2.08 -22.69
N GLU C 335 14.53 -1.80 -21.42
CA GLU C 335 13.48 -1.81 -20.49
C GLU C 335 13.28 -0.44 -19.92
N VAL C 336 12.02 0.01 -19.92
CA VAL C 336 11.62 1.31 -19.37
C VAL C 336 10.67 1.11 -18.21
N ARG C 337 11.01 1.64 -17.05
CA ARG C 337 10.14 1.44 -15.90
C ARG C 337 10.20 2.57 -14.91
N ILE C 338 9.07 2.80 -14.28
CA ILE C 338 9.08 3.71 -13.18
C ILE C 338 9.09 2.87 -11.94
N GLU C 339 10.11 3.03 -11.18
CA GLU C 339 10.14 2.22 -10.03
C GLU C 339 10.57 2.97 -8.79
N ASN C 340 9.71 3.00 -7.84
CA ASN C 340 10.07 3.65 -6.64
C ASN C 340 10.33 5.12 -6.81
N GLY C 341 9.53 5.75 -7.67
CA GLY C 341 9.58 7.19 -7.91
C GLY C 341 10.56 7.54 -8.97
N LEU C 342 11.33 6.55 -9.42
CA LEU C 342 12.29 6.88 -10.45
C LEU C 342 11.98 6.26 -11.77
N LEU C 343 12.32 6.98 -12.82
CA LEU C 343 12.19 6.51 -14.19
C LEU C 343 13.49 5.84 -14.57
N LEU C 344 13.46 4.54 -14.91
CA LEU C 344 14.65 3.80 -15.25
C LEU C 344 14.68 3.30 -16.63
N LEU C 345 15.89 3.33 -17.15
CA LEU C 345 16.13 2.79 -18.44
C LEU C 345 17.15 1.75 -18.22
N ASN C 346 16.79 0.55 -18.62
CA ASN C 346 17.68 -0.57 -18.43
C ASN C 346 18.23 -0.56 -17.03
N GLY C 347 17.36 -0.35 -16.06
CA GLY C 347 17.82 -0.41 -14.69
C GLY C 347 18.49 0.83 -14.08
N LYS C 348 18.91 1.81 -14.88
CA LYS C 348 19.50 2.96 -14.28
C LYS C 348 18.57 4.12 -14.53
N PRO C 349 18.73 5.16 -13.75
CA PRO C 349 17.82 6.27 -13.84
C PRO C 349 18.29 7.31 -14.78
N LEU C 350 17.41 7.62 -15.69
CA LEU C 350 17.72 8.61 -16.65
C LEU C 350 17.75 10.01 -16.09
N LEU C 351 18.41 10.85 -16.82
CA LEU C 351 18.44 12.28 -16.60
C LEU C 351 18.19 12.82 -17.99
N ILE C 352 16.97 13.24 -18.31
CA ILE C 352 16.58 13.66 -19.64
C ILE C 352 17.12 15.05 -19.99
N ARG C 353 17.96 15.10 -21.01
CA ARG C 353 18.45 16.36 -21.48
C ARG C 353 17.69 16.51 -22.76
N GLY C 354 16.50 17.11 -22.69
CA GLY C 354 15.73 17.11 -23.91
C GLY C 354 15.21 18.44 -24.36
N VAL C 355 14.56 18.35 -25.52
CA VAL C 355 13.99 19.53 -26.14
C VAL C 355 12.75 19.15 -26.92
N ASN C 356 11.86 20.12 -27.06
CA ASN C 356 10.62 19.95 -27.78
C ASN C 356 10.93 20.36 -29.18
N ARG C 357 10.48 19.61 -30.16
CA ARG C 357 10.71 19.97 -31.54
C ARG C 357 9.49 19.84 -32.45
N HIS C 358 9.20 20.88 -33.21
CA HIS C 358 8.11 20.88 -34.17
C HIS C 358 8.61 20.51 -35.55
N GLU C 359 7.69 20.08 -36.39
CA GLU C 359 8.12 19.77 -37.76
C GLU C 359 8.01 21.07 -38.57
N HIS C 360 9.13 21.79 -38.68
CA HIS C 360 9.15 23.09 -39.34
C HIS C 360 10.37 23.36 -40.22
N HIS C 361 10.02 23.82 -41.39
CA HIS C 361 10.93 24.20 -42.44
C HIS C 361 10.49 25.58 -42.95
N PRO C 362 11.39 26.51 -42.88
CA PRO C 362 11.16 27.91 -43.30
C PRO C 362 10.71 28.05 -44.76
N LEU C 363 11.17 27.10 -45.56
CA LEU C 363 10.84 27.07 -46.97
C LEU C 363 9.66 26.20 -47.30
N HIS C 364 9.68 24.98 -46.75
CA HIS C 364 8.67 24.00 -46.99
C HIS C 364 7.51 24.00 -46.05
N GLY C 365 7.51 24.92 -45.09
CA GLY C 365 6.42 24.95 -44.15
C GLY C 365 6.54 23.72 -43.25
N GLN C 366 5.52 22.84 -43.28
CA GLN C 366 5.52 21.67 -42.43
C GLN C 366 5.81 20.34 -43.08
N VAL C 367 6.48 20.41 -44.23
CA VAL C 367 6.85 19.21 -44.95
C VAL C 367 8.23 18.80 -44.50
N MET C 368 8.38 17.57 -44.07
CA MET C 368 9.70 17.14 -43.60
C MET C 368 10.47 16.31 -44.59
N ASP C 369 11.79 16.42 -44.51
CA ASP C 369 12.70 15.64 -45.37
C ASP C 369 13.84 15.03 -44.56
N GLU C 370 14.40 14.00 -45.11
CA GLU C 370 15.44 13.32 -44.42
C GLU C 370 16.63 14.17 -44.02
N GLN C 371 17.02 15.05 -44.94
CA GLN C 371 18.17 15.90 -44.67
C GLN C 371 17.92 16.72 -43.42
N THR C 372 16.78 17.39 -43.40
CA THR C 372 16.44 18.22 -42.25
C THR C 372 16.40 17.43 -40.94
N MET C 373 15.77 16.27 -41.00
CA MET C 373 15.69 15.48 -39.81
C MET C 373 17.07 15.21 -39.27
N VAL C 374 17.89 14.75 -40.18
CA VAL C 374 19.26 14.42 -39.79
C VAL C 374 20.07 15.60 -39.26
N GLN C 375 19.88 16.73 -39.91
CA GLN C 375 20.59 17.87 -39.41
C GLN C 375 20.24 18.10 -37.94
N ASP C 376 18.94 18.21 -37.72
CA ASP C 376 18.43 18.40 -36.39
C ASP C 376 19.01 17.41 -35.41
N ILE C 377 18.94 16.15 -35.80
CA ILE C 377 19.47 15.15 -34.90
C ILE C 377 20.93 15.39 -34.52
N LEU C 378 21.72 15.57 -35.53
CA LEU C 378 23.11 15.80 -35.21
C LEU C 378 23.35 17.06 -34.39
N LEU C 379 22.64 18.10 -34.67
CA LEU C 379 22.88 19.26 -33.84
C LEU C 379 22.56 19.02 -32.39
N MET C 380 21.50 18.28 -32.20
CA MET C 380 21.07 17.99 -30.88
C MET C 380 22.10 17.15 -30.20
N LYS C 381 22.47 16.04 -30.85
CA LYS C 381 23.45 15.18 -30.19
C LYS C 381 24.72 15.95 -29.92
N GLN C 382 25.08 16.84 -30.82
CA GLN C 382 26.31 17.56 -30.62
C GLN C 382 26.25 18.50 -29.49
N ASN C 383 25.05 18.91 -29.29
CA ASN C 383 24.87 19.84 -28.22
C ASN C 383 24.44 19.25 -26.91
N ASN C 384 24.64 17.96 -26.70
CA ASN C 384 24.30 17.39 -25.42
C ASN C 384 22.88 17.02 -25.03
N PHE C 385 22.02 16.85 -26.05
CA PHE C 385 20.64 16.38 -25.89
C PHE C 385 20.57 14.86 -26.07
N ASN C 386 19.72 14.23 -25.29
CA ASN C 386 19.40 12.82 -25.13
C ASN C 386 18.08 12.45 -25.72
N ALA C 387 17.19 13.45 -25.68
CA ALA C 387 15.83 13.22 -25.97
C ALA C 387 15.09 14.38 -26.58
N VAL C 388 14.04 14.00 -27.26
CA VAL C 388 13.14 14.94 -27.90
C VAL C 388 11.63 14.57 -27.64
N ARG C 389 10.79 15.59 -27.54
CA ARG C 389 9.34 15.44 -27.41
C ARG C 389 8.68 15.87 -28.70
N CYS C 390 7.80 15.01 -29.25
CA CYS C 390 7.11 15.33 -30.50
C CYS C 390 5.95 16.29 -30.31
N SER C 391 6.30 17.52 -29.93
CA SER C 391 5.30 18.56 -29.70
C SER C 391 4.68 18.86 -31.02
N HIS C 392 3.37 18.57 -31.21
CA HIS C 392 2.44 17.94 -30.29
C HIS C 392 1.55 17.04 -31.12
N TYR C 393 2.24 16.11 -31.79
CA TYR C 393 1.54 15.19 -32.67
C TYR C 393 2.54 14.20 -33.20
N PRO C 394 2.02 13.13 -33.75
CA PRO C 394 2.88 12.11 -34.28
C PRO C 394 3.66 12.69 -35.44
N ASN C 395 4.91 12.30 -35.55
CA ASN C 395 5.76 12.87 -36.56
C ASN C 395 5.85 11.99 -37.75
N HIS C 396 6.53 12.51 -38.72
CA HIS C 396 6.85 11.78 -39.91
C HIS C 396 7.65 10.54 -39.54
N PRO C 397 7.18 9.44 -40.05
CA PRO C 397 7.67 8.11 -39.75
C PRO C 397 9.14 7.90 -39.70
N LEU C 398 9.81 8.56 -40.57
CA LEU C 398 11.23 8.37 -40.62
C LEU C 398 11.92 8.82 -39.33
N TRP C 399 11.30 9.83 -38.72
CA TRP C 399 11.84 10.36 -37.50
C TRP C 399 12.21 9.26 -36.48
N TYR C 400 11.27 8.36 -36.21
CA TYR C 400 11.55 7.34 -35.22
C TYR C 400 12.69 6.45 -35.58
N THR C 401 12.68 6.17 -36.85
CA THR C 401 13.75 5.35 -37.32
C THR C 401 15.15 5.98 -37.09
N LEU C 402 15.30 7.25 -37.46
CA LEU C 402 16.54 7.94 -37.20
C LEU C 402 16.88 7.93 -35.72
N CYS C 403 15.89 8.23 -34.87
CA CYS C 403 16.16 8.26 -33.44
C CYS C 403 16.59 6.91 -32.96
N ASP C 404 15.94 5.90 -33.54
CA ASP C 404 16.26 4.55 -33.16
C ASP C 404 17.71 4.30 -33.43
N ARG C 405 18.11 4.80 -34.57
CA ARG C 405 19.46 4.62 -35.08
C ARG C 405 20.54 5.50 -34.55
N TYR C 406 20.27 6.79 -34.43
CA TYR C 406 21.29 7.67 -33.90
C TYR C 406 21.28 7.67 -32.39
N GLY C 407 20.17 7.28 -31.80
CA GLY C 407 20.13 7.31 -30.38
C GLY C 407 19.53 8.55 -29.69
N LEU C 408 18.22 8.69 -29.75
CA LEU C 408 17.59 9.74 -28.97
C LEU C 408 16.36 9.16 -28.32
N TYR C 409 16.08 9.50 -27.08
CA TYR C 409 14.84 9.06 -26.46
C TYR C 409 13.71 9.92 -27.01
N VAL C 410 12.61 9.28 -27.37
CA VAL C 410 11.49 10.02 -27.90
C VAL C 410 10.22 9.82 -27.07
N VAL C 411 9.56 10.94 -26.83
CA VAL C 411 8.24 10.97 -26.21
C VAL C 411 7.24 11.15 -27.39
N ASP C 412 6.45 10.12 -27.76
CA ASP C 412 5.49 10.21 -28.88
C ASP C 412 4.18 10.77 -28.34
N GLU C 413 3.64 11.78 -28.99
CA GLU C 413 2.44 12.51 -28.52
C GLU C 413 1.27 12.54 -29.50
N ALA C 414 0.09 12.29 -28.98
CA ALA C 414 -1.12 12.26 -29.76
C ALA C 414 -1.42 13.62 -30.31
N ASN C 415 -2.02 13.59 -31.46
CA ASN C 415 -2.35 14.82 -32.08
C ASN C 415 -3.61 15.36 -31.46
N ILE C 416 -3.55 15.84 -30.22
CA ILE C 416 -4.77 16.39 -29.61
C ILE C 416 -4.50 17.65 -28.80
N GLU C 417 -4.95 18.80 -29.29
CA GLU C 417 -4.77 20.02 -28.52
C GLU C 417 -5.95 20.92 -28.69
N THR C 418 -6.65 21.13 -27.60
CA THR C 418 -7.81 21.98 -27.63
C THR C 418 -7.61 23.21 -26.75
N HIS C 419 -6.41 23.70 -26.76
CA HIS C 419 -6.04 24.85 -25.98
C HIS C 419 -7.06 26.00 -25.96
N GLY C 420 -7.63 26.32 -27.12
CA GLY C 420 -8.54 27.45 -27.23
C GLY C 420 -9.97 27.28 -26.69
N MET C 421 -10.35 26.19 -26.04
CA MET C 421 -11.70 26.10 -25.53
C MET C 421 -11.81 26.72 -24.17
N VAL C 422 -12.99 27.04 -23.75
CA VAL C 422 -13.21 27.50 -22.41
C VAL C 422 -14.30 26.69 -21.77
N PRO C 423 -14.04 26.07 -20.65
CA PRO C 423 -12.69 25.99 -20.13
C PRO C 423 -11.95 25.01 -21.06
N MET C 424 -10.72 24.71 -20.71
CA MET C 424 -9.87 23.87 -21.57
C MET C 424 -10.38 22.47 -21.89
N ASN C 425 -11.00 21.88 -20.89
CA ASN C 425 -11.71 20.62 -20.68
C ASN C 425 -12.88 20.29 -21.56
N ARG C 426 -13.55 21.37 -21.93
CA ARG C 426 -14.79 21.38 -22.63
C ARG C 426 -15.01 20.21 -23.57
N LEU C 427 -14.10 19.92 -24.46
CA LEU C 427 -14.33 18.79 -25.32
C LEU C 427 -13.87 17.44 -24.73
N THR C 428 -12.73 17.48 -24.05
CA THR C 428 -12.08 16.31 -23.46
C THR C 428 -12.82 15.71 -22.31
N ASP C 429 -13.76 16.50 -21.83
CA ASP C 429 -14.59 15.98 -20.78
C ASP C 429 -15.92 15.50 -21.39
N ASP C 430 -16.06 15.66 -22.69
CA ASP C 430 -17.29 15.29 -23.34
C ASP C 430 -17.20 13.98 -24.08
N PRO C 431 -18.05 13.08 -23.57
CA PRO C 431 -18.20 11.75 -24.09
C PRO C 431 -18.38 11.79 -25.59
N ARG C 432 -19.04 12.79 -26.11
CA ARG C 432 -19.17 12.82 -27.56
C ARG C 432 -17.86 12.96 -28.35
N TRP C 433 -16.80 13.39 -27.68
CA TRP C 433 -15.51 13.51 -28.34
C TRP C 433 -14.62 12.36 -28.07
N LEU C 434 -15.12 11.51 -27.21
CA LEU C 434 -14.35 10.34 -26.83
C LEU C 434 -13.89 9.53 -28.06
N PRO C 435 -14.77 9.25 -28.94
CA PRO C 435 -14.36 8.47 -30.11
C PRO C 435 -13.26 9.12 -30.93
N ALA C 436 -13.53 10.33 -31.36
CA ALA C 436 -12.52 11.09 -32.10
C ALA C 436 -11.20 11.09 -31.38
N MET C 437 -11.25 11.32 -30.06
CA MET C 437 -9.96 11.38 -29.37
C MET C 437 -9.28 10.07 -29.39
N SER C 438 -10.11 9.10 -29.15
CA SER C 438 -9.71 7.73 -29.06
C SER C 438 -8.86 7.33 -30.28
N GLU C 439 -9.33 7.69 -31.44
CA GLU C 439 -8.58 7.34 -32.62
C GLU C 439 -7.25 8.05 -32.74
N ARG C 440 -7.12 9.18 -32.09
CA ARG C 440 -5.86 9.88 -32.19
C ARG C 440 -4.81 9.23 -31.34
N VAL C 441 -5.26 8.50 -30.33
CA VAL C 441 -4.35 7.81 -29.45
C VAL C 441 -4.05 6.40 -29.91
N THR C 442 -5.13 5.67 -30.11
CA THR C 442 -4.94 4.31 -30.57
C THR C 442 -4.14 4.17 -31.83
N ARG C 443 -4.40 4.97 -32.84
CA ARG C 443 -3.64 4.76 -34.06
C ARG C 443 -2.17 5.07 -33.94
N MET C 444 -1.90 6.04 -33.10
CA MET C 444 -0.51 6.39 -32.86
C MET C 444 0.24 5.17 -32.32
N VAL C 445 -0.37 4.56 -31.33
CA VAL C 445 0.23 3.43 -30.69
C VAL C 445 0.40 2.26 -31.64
N GLN C 446 -0.66 1.94 -32.38
CA GLN C 446 -0.55 0.84 -33.33
C GLN C 446 0.54 1.06 -34.33
N ARG C 447 0.81 2.30 -34.62
CA ARG C 447 1.81 2.57 -35.60
C ARG C 447 3.22 2.63 -35.07
N ASP C 448 3.42 3.23 -33.90
CA ASP C 448 4.80 3.47 -33.43
C ASP C 448 5.36 2.59 -32.36
N ARG C 449 4.50 1.70 -31.91
CA ARG C 449 4.82 0.84 -30.80
C ARG C 449 6.04 -0.01 -30.87
N ASN C 450 6.52 -0.29 -32.07
CA ASN C 450 7.69 -1.17 -32.18
C ASN C 450 8.99 -0.43 -32.21
N HIS C 451 8.97 0.90 -32.15
CA HIS C 451 10.25 1.60 -32.16
C HIS C 451 10.91 1.66 -30.79
N PRO C 452 12.18 1.30 -30.66
CA PRO C 452 12.85 1.39 -29.37
C PRO C 452 13.04 2.79 -28.83
N SER C 453 13.15 3.78 -29.72
CA SER C 453 13.40 5.15 -29.27
C SER C 453 12.24 5.72 -28.50
N VAL C 454 11.07 5.17 -28.74
CA VAL C 454 9.92 5.71 -28.04
C VAL C 454 9.87 5.17 -26.66
N ILE C 455 9.97 6.03 -25.68
CA ILE C 455 9.97 5.50 -24.34
C ILE C 455 8.81 5.98 -23.51
N ILE C 456 8.10 6.97 -23.99
CA ILE C 456 6.98 7.45 -23.25
C ILE C 456 5.94 7.92 -24.20
N TRP C 457 4.70 7.66 -23.84
CA TRP C 457 3.53 8.07 -24.61
C TRP C 457 2.90 9.26 -23.90
N SER C 458 2.42 10.15 -24.70
CA SER C 458 1.79 11.35 -24.19
C SER C 458 0.43 11.47 -24.84
N LEU C 459 -0.58 11.86 -24.07
CA LEU C 459 -1.99 11.96 -24.50
C LEU C 459 -2.33 13.21 -25.31
N GLY C 460 -1.38 14.09 -25.53
CA GLY C 460 -1.68 15.33 -26.21
C GLY C 460 -1.10 16.47 -25.40
N ASN C 461 -1.64 17.65 -25.64
CA ASN C 461 -1.19 18.85 -25.02
C ASN C 461 -2.33 19.83 -24.84
N GLU C 462 -2.17 20.53 -23.76
CA GLU C 462 -3.02 21.59 -23.34
C GLU C 462 -4.47 21.47 -23.81
N SER C 463 -5.10 20.51 -23.19
CA SER C 463 -6.50 20.22 -23.44
C SER C 463 -7.21 19.98 -22.14
N GLY C 464 -6.69 20.63 -21.08
CA GLY C 464 -7.22 20.49 -19.75
C GLY C 464 -7.20 19.02 -19.32
N HIS C 465 -8.09 18.67 -18.39
CA HIS C 465 -8.13 17.30 -17.93
C HIS C 465 -9.53 16.75 -17.95
N GLY C 466 -9.85 15.80 -18.84
CA GLY C 466 -11.23 15.29 -18.89
C GLY C 466 -11.30 13.78 -18.73
N ALA C 467 -12.51 13.29 -18.49
CA ALA C 467 -12.70 11.85 -18.34
C ALA C 467 -12.22 11.15 -19.57
N ASN C 468 -12.31 11.79 -20.73
CA ASN C 468 -11.71 11.14 -21.89
C ASN C 468 -10.21 10.83 -21.71
N HIS C 469 -9.50 11.62 -20.91
CA HIS C 469 -8.07 11.31 -20.80
C HIS C 469 -7.83 10.10 -19.96
N ASP C 470 -8.60 10.06 -18.90
CA ASP C 470 -8.49 8.94 -18.02
C ASP C 470 -8.74 7.62 -18.70
N ALA C 471 -9.71 7.62 -19.60
CA ALA C 471 -9.99 6.39 -20.28
C ALA C 471 -8.88 6.03 -21.18
N LEU C 472 -8.39 7.04 -21.90
CA LEU C 472 -7.33 6.76 -22.87
C LEU C 472 -6.04 6.40 -22.24
N TYR C 473 -5.80 6.95 -21.10
CA TYR C 473 -4.61 6.59 -20.42
C TYR C 473 -4.68 5.15 -19.99
N ARG C 474 -5.84 4.75 -19.46
CA ARG C 474 -5.98 3.35 -19.08
C ARG C 474 -5.85 2.42 -20.28
N TRP C 475 -6.35 2.86 -21.40
CA TRP C 475 -6.28 2.02 -22.57
C TRP C 475 -4.84 1.65 -22.91
N ILE C 476 -4.01 2.68 -22.91
CA ILE C 476 -2.63 2.49 -23.26
C ILE C 476 -1.97 1.55 -22.32
N LYS C 477 -2.16 1.83 -21.04
CA LYS C 477 -1.54 1.00 -20.03
C LYS C 477 -1.89 -0.45 -20.24
N SER C 478 -3.10 -0.68 -20.68
CA SER C 478 -3.49 -2.04 -20.93
C SER C 478 -2.83 -2.59 -22.14
N VAL C 479 -2.82 -1.80 -23.16
CA VAL C 479 -2.31 -2.32 -24.40
C VAL C 479 -0.79 -2.47 -24.46
N ASP C 480 -0.10 -1.48 -23.91
CA ASP C 480 1.35 -1.48 -23.93
C ASP C 480 1.89 -0.95 -22.66
N PRO C 481 2.03 -1.84 -21.79
CA PRO C 481 2.59 -1.61 -20.47
C PRO C 481 4.13 -1.40 -20.51
N SER C 482 4.78 -1.50 -21.68
CA SER C 482 6.22 -1.35 -21.81
C SER C 482 6.70 0.08 -21.58
N ARG C 483 5.75 1.04 -21.66
CA ARG C 483 6.06 2.44 -21.54
C ARG C 483 5.13 3.20 -20.66
N PRO C 484 5.62 4.30 -20.15
CA PRO C 484 4.79 5.09 -19.27
C PRO C 484 4.01 6.09 -20.03
N VAL C 485 2.98 6.53 -19.39
CA VAL C 485 2.20 7.50 -20.08
C VAL C 485 2.31 8.81 -19.37
N GLN C 486 2.32 9.88 -20.15
CA GLN C 486 2.33 11.19 -19.54
C GLN C 486 1.37 12.14 -20.21
N TYR C 487 0.86 13.08 -19.43
CA TYR C 487 -0.04 14.14 -19.89
C TYR C 487 0.02 15.27 -18.89
N GLU C 488 0.22 16.48 -19.37
CA GLU C 488 0.35 17.58 -18.45
C GLU C 488 -0.94 18.32 -18.09
N GLY C 489 -1.92 18.30 -19.01
CA GLY C 489 -3.16 19.01 -18.85
C GLY C 489 -3.77 18.89 -17.47
N GLY C 490 -4.40 19.96 -17.09
CA GLY C 490 -5.14 19.94 -15.87
C GLY C 490 -4.36 19.96 -14.59
N GLY C 491 -3.15 20.50 -14.61
CA GLY C 491 -2.43 20.58 -13.37
C GLY C 491 -1.13 19.82 -13.28
N ALA C 492 -0.82 19.00 -14.30
CA ALA C 492 0.44 18.25 -14.43
C ALA C 492 0.63 17.05 -13.54
N ASP C 493 -0.27 16.91 -12.61
CA ASP C 493 -0.11 15.75 -11.80
C ASP C 493 -1.38 14.95 -11.69
N THR C 494 -2.26 15.01 -12.70
CA THR C 494 -3.51 14.27 -12.61
C THR C 494 -3.34 12.78 -12.56
N THR C 495 -4.47 12.13 -12.58
CA THR C 495 -4.53 10.67 -12.58
C THR C 495 -4.26 10.11 -13.93
N ALA C 496 -4.03 10.99 -14.89
CA ALA C 496 -3.79 10.55 -16.23
C ALA C 496 -2.34 10.62 -16.59
N THR C 497 -1.45 10.76 -15.61
CA THR C 497 -0.06 10.83 -15.98
C THR C 497 0.73 10.03 -14.98
N ASP C 498 1.76 9.35 -15.45
CA ASP C 498 2.66 8.55 -14.63
C ASP C 498 3.79 9.39 -14.09
N ILE C 499 3.94 10.59 -14.63
CA ILE C 499 5.02 11.50 -14.30
C ILE C 499 4.53 12.91 -14.09
N ILE C 500 5.08 13.60 -13.10
CA ILE C 500 4.65 14.97 -12.94
C ILE C 500 5.37 15.71 -14.03
N CYS C 501 4.61 16.29 -14.95
CA CYS C 501 5.27 16.89 -16.11
C CYS C 501 4.82 18.29 -16.44
N PRO C 502 5.04 19.20 -15.55
CA PRO C 502 4.61 20.56 -15.79
C PRO C 502 5.41 21.27 -16.86
N MET C 503 4.86 22.41 -17.24
CA MET C 503 5.51 23.34 -18.14
C MET C 503 5.73 24.69 -17.44
N TYR C 504 6.97 25.16 -17.44
CA TYR C 504 7.34 26.46 -16.87
C TYR C 504 7.28 26.62 -15.37
N ALA C 505 7.36 25.51 -14.68
CA ALA C 505 7.42 25.55 -13.26
C ALA C 505 8.81 26.09 -12.86
N ARG C 506 8.86 26.96 -11.91
CA ARG C 506 10.15 27.49 -11.56
C ARG C 506 10.87 26.60 -10.61
N VAL C 507 12.12 26.87 -10.46
CA VAL C 507 12.87 26.01 -9.62
C VAL C 507 12.50 26.14 -8.17
N ASP C 508 12.61 27.36 -7.76
CA ASP C 508 12.42 27.66 -6.38
C ASP C 508 11.17 28.42 -6.02
N GLU C 509 10.62 29.18 -6.98
CA GLU C 509 9.39 29.92 -6.70
C GLU C 509 8.12 29.24 -7.14
N ASP C 510 7.06 29.39 -6.33
CA ASP C 510 5.76 28.85 -6.69
C ASP C 510 4.92 29.86 -7.42
N GLN C 511 4.05 29.39 -8.30
CA GLN C 511 3.10 30.15 -9.07
C GLN C 511 1.79 29.42 -8.89
N PRO C 512 1.08 29.89 -7.91
CA PRO C 512 -0.12 29.25 -7.46
C PRO C 512 -1.38 29.77 -8.07
N PHE C 513 -1.52 29.51 -9.31
CA PHE C 513 -2.74 29.81 -9.92
C PHE C 513 -3.81 28.89 -9.36
N PRO C 514 -5.01 29.43 -9.33
CA PRO C 514 -6.15 28.71 -8.92
C PRO C 514 -6.32 27.56 -9.83
N ALA C 515 -6.65 26.47 -9.19
CA ALA C 515 -6.92 25.22 -9.85
C ALA C 515 -5.70 24.55 -10.37
N VAL C 516 -4.83 25.32 -10.94
CA VAL C 516 -3.72 24.67 -11.56
C VAL C 516 -2.43 25.36 -11.27
N PRO C 517 -2.06 25.35 -10.02
CA PRO C 517 -0.82 26.02 -9.67
C PRO C 517 0.35 25.27 -10.21
N LYS C 518 1.42 26.00 -10.22
CA LYS C 518 2.71 25.50 -10.60
C LYS C 518 3.67 25.70 -9.44
N TRP C 519 3.79 24.68 -8.60
CA TRP C 519 4.70 24.76 -7.49
C TRP C 519 6.13 24.78 -7.97
N SER C 520 7.04 25.17 -7.09
CA SER C 520 8.43 25.14 -7.37
C SER C 520 8.69 23.65 -7.55
N ILE C 521 9.50 23.29 -8.51
CA ILE C 521 9.76 21.91 -8.71
C ILE C 521 10.29 21.18 -7.53
N LYS C 522 11.20 21.78 -6.77
CA LYS C 522 11.72 21.06 -5.62
C LYS C 522 10.56 20.89 -4.73
N LYS C 523 9.70 21.80 -4.57
CA LYS C 523 8.64 21.54 -3.63
C LYS C 523 7.56 20.56 -4.06
N TRP C 524 7.28 20.59 -5.34
CA TRP C 524 6.22 19.79 -5.87
C TRP C 524 6.36 18.32 -5.46
N LEU C 525 7.57 17.82 -5.49
CA LEU C 525 7.83 16.42 -5.18
C LEU C 525 7.46 15.96 -3.81
N SER C 526 7.47 16.85 -2.84
CA SER C 526 7.27 16.38 -1.49
C SER C 526 5.94 16.73 -0.93
N LEU C 527 5.07 17.13 -1.82
CA LEU C 527 3.72 17.42 -1.46
C LEU C 527 3.21 16.11 -0.93
N PRO C 528 2.32 16.19 0.00
CA PRO C 528 1.86 15.00 0.69
C PRO C 528 1.18 14.04 -0.19
N GLY C 529 1.71 12.84 -0.13
CA GLY C 529 1.22 11.71 -0.90
C GLY C 529 1.93 11.46 -2.21
N GLU C 530 2.61 12.47 -2.75
CA GLU C 530 3.31 12.45 -4.02
C GLU C 530 4.54 11.60 -3.99
N THR C 531 4.70 10.83 -5.06
CA THR C 531 5.84 9.95 -5.18
C THR C 531 6.37 9.76 -6.59
N ARG C 532 5.73 10.35 -7.59
CA ARG C 532 6.21 10.20 -8.93
C ARG C 532 7.40 11.05 -9.22
N PRO C 533 8.11 10.63 -10.22
CA PRO C 533 9.26 11.36 -10.74
C PRO C 533 8.74 12.64 -11.40
N LEU C 534 9.62 13.62 -11.50
CA LEU C 534 9.21 14.82 -12.18
C LEU C 534 10.14 15.18 -13.31
N ILE C 535 9.55 15.32 -14.48
CA ILE C 535 10.24 15.72 -15.67
C ILE C 535 9.44 16.78 -16.40
N LEU C 536 9.99 17.97 -16.58
CA LEU C 536 9.29 19.07 -17.21
C LEU C 536 9.06 18.87 -18.68
N CYS C 537 7.80 18.95 -19.12
CA CYS C 537 7.50 18.82 -20.54
C CYS C 537 7.94 20.06 -21.33
N GLU C 538 8.00 21.18 -20.64
CA GLU C 538 8.52 22.37 -21.26
C GLU C 538 9.06 23.20 -20.17
N TYR C 539 10.25 23.70 -20.39
CA TYR C 539 10.82 24.60 -19.43
C TYR C 539 11.79 25.47 -20.18
N ALA C 540 12.20 26.58 -19.55
CA ALA C 540 13.22 27.48 -20.15
C ALA C 540 12.86 27.92 -21.53
N HIS C 541 11.87 28.79 -21.61
CA HIS C 541 11.35 29.34 -22.84
C HIS C 541 12.44 30.11 -23.60
N ALA C 542 12.88 29.50 -24.69
CA ALA C 542 14.00 30.04 -25.39
C ALA C 542 13.71 31.12 -26.43
N MET C 543 12.73 31.97 -26.15
CA MET C 543 12.33 33.06 -27.06
C MET C 543 13.25 34.28 -27.11
N GLY C 544 13.98 34.39 -28.23
CA GLY C 544 14.89 35.49 -28.44
C GLY C 544 16.09 35.51 -27.49
N ASN C 545 16.37 36.66 -26.92
CA ASN C 545 17.50 36.72 -26.00
C ASN C 545 17.06 36.11 -24.66
N SER C 546 17.30 34.80 -24.54
CA SER C 546 16.78 34.07 -23.40
C SER C 546 17.73 33.05 -22.84
N LEU C 547 17.14 32.20 -21.99
CA LEU C 547 17.80 31.12 -21.32
C LEU C 547 18.48 31.51 -20.01
N GLY C 548 18.08 32.64 -19.45
CA GLY C 548 18.67 33.05 -18.20
C GLY C 548 18.21 32.13 -17.08
N GLY C 549 19.11 31.72 -16.24
CA GLY C 549 18.67 30.86 -15.15
C GLY C 549 18.73 29.39 -15.50
N PHE C 550 19.07 29.09 -16.75
CA PHE C 550 19.13 27.72 -17.21
C PHE C 550 19.90 26.86 -16.22
N ALA C 551 20.97 27.43 -15.75
CA ALA C 551 21.75 26.65 -14.81
C ALA C 551 21.04 26.28 -13.52
N LYS C 552 20.17 27.15 -13.02
CA LYS C 552 19.48 26.81 -11.79
C LYS C 552 18.80 25.46 -11.95
N TYR C 553 18.17 25.28 -13.08
CA TYR C 553 17.50 24.04 -13.36
C TYR C 553 18.47 22.90 -13.32
N TRP C 554 19.58 23.04 -14.07
CA TRP C 554 20.54 21.96 -14.11
C TRP C 554 21.02 21.55 -12.76
N GLN C 555 20.99 22.50 -11.88
CA GLN C 555 21.51 22.14 -10.59
C GLN C 555 20.55 21.40 -9.71
N ALA C 556 19.29 21.68 -9.90
CA ALA C 556 18.34 20.96 -9.09
C ALA C 556 18.31 19.55 -9.60
N PHE C 557 18.25 19.46 -10.94
CA PHE C 557 18.21 18.17 -11.59
C PHE C 557 19.30 17.33 -11.02
N ARG C 558 20.46 17.93 -10.92
CA ARG C 558 21.56 17.15 -10.39
C ARG C 558 21.49 16.82 -8.89
N GLN C 559 20.85 17.64 -8.08
CA GLN C 559 20.78 17.37 -6.65
C GLN C 559 19.60 16.50 -6.22
N TYR C 560 18.48 16.60 -6.90
CA TYR C 560 17.31 15.81 -6.59
C TYR C 560 17.08 14.67 -7.60
N PRO C 561 17.18 13.47 -7.10
CA PRO C 561 16.94 12.26 -7.86
C PRO C 561 15.67 12.21 -8.63
N ARG C 562 14.57 12.57 -7.98
CA ARG C 562 13.25 12.54 -8.60
C ARG C 562 13.01 13.59 -9.65
N LEU C 563 13.98 14.52 -9.75
CA LEU C 563 13.99 15.55 -10.80
C LEU C 563 14.86 15.02 -11.91
N GLN C 564 14.24 14.33 -12.87
CA GLN C 564 14.97 13.70 -13.94
C GLN C 564 15.06 14.46 -15.22
N GLY C 565 15.11 15.79 -15.05
CA GLY C 565 15.28 16.64 -16.22
C GLY C 565 14.06 17.25 -16.86
N GLY C 566 14.17 17.54 -18.15
CA GLY C 566 13.05 18.16 -18.84
C GLY C 566 13.37 18.43 -20.29
N PHE C 567 12.36 18.98 -20.94
CA PHE C 567 12.36 19.36 -22.34
C PHE C 567 12.35 20.86 -22.53
N VAL C 568 13.41 21.36 -23.08
CA VAL C 568 13.42 22.77 -23.30
C VAL C 568 12.44 23.15 -24.41
N TRP C 569 11.91 24.35 -24.30
CA TRP C 569 11.02 24.84 -25.30
C TRP C 569 11.59 26.04 -26.02
N ASP C 570 11.94 25.92 -27.32
CA ASP C 570 11.88 24.73 -28.14
C ASP C 570 13.09 24.69 -29.12
N TRP C 571 13.06 23.78 -30.06
CA TRP C 571 14.18 23.63 -30.94
C TRP C 571 14.46 24.71 -31.96
N VAL C 572 13.56 24.87 -32.92
CA VAL C 572 13.70 25.85 -34.01
C VAL C 572 12.73 26.99 -33.97
N ASP C 573 13.15 28.12 -34.49
CA ASP C 573 12.29 29.27 -34.64
C ASP C 573 11.26 28.95 -35.73
N GLN C 574 9.97 29.19 -35.49
CA GLN C 574 8.94 28.92 -36.51
C GLN C 574 8.74 30.13 -37.41
N SER C 575 9.84 30.67 -37.86
CA SER C 575 9.80 31.79 -38.76
C SER C 575 9.77 31.24 -40.18
N LEU C 576 9.22 32.04 -41.08
CA LEU C 576 9.10 31.63 -42.49
C LEU C 576 9.79 32.62 -43.42
N ILE C 577 10.19 32.13 -44.59
CA ILE C 577 10.84 33.02 -45.53
C ILE C 577 9.92 33.80 -46.47
N LYS C 578 10.15 35.11 -46.48
CA LYS C 578 9.48 36.05 -47.35
C LYS C 578 10.52 36.75 -48.21
N TYR C 579 10.03 37.31 -49.33
CA TYR C 579 10.87 38.00 -50.29
C TYR C 579 10.45 39.44 -50.51
N ASP C 580 11.50 40.26 -50.64
CA ASP C 580 11.36 41.69 -50.86
C ASP C 580 11.29 42.08 -52.33
N GLU C 581 11.23 43.43 -52.46
CA GLU C 581 11.14 44.18 -53.70
C GLU C 581 12.20 43.78 -54.72
N ASN C 582 13.30 43.14 -54.26
CA ASN C 582 14.41 42.72 -55.12
C ASN C 582 14.72 41.22 -55.04
N GLY C 583 13.71 40.40 -54.66
CA GLY C 583 13.86 38.95 -54.55
C GLY C 583 14.84 38.54 -53.45
N ASN C 584 14.89 39.43 -52.46
CA ASN C 584 15.70 39.25 -51.28
C ASN C 584 14.82 38.66 -50.18
N PRO C 585 15.33 37.60 -49.52
CA PRO C 585 14.57 36.91 -48.51
C PRO C 585 14.73 37.49 -47.14
N TRP C 586 13.70 37.23 -46.36
CA TRP C 586 13.76 37.72 -45.01
C TRP C 586 12.80 36.90 -44.20
N SER C 587 13.15 36.83 -42.91
CA SER C 587 12.42 36.03 -41.95
C SER C 587 11.17 36.71 -41.47
N ALA C 588 10.07 36.04 -41.75
CA ALA C 588 8.74 36.53 -41.42
C ALA C 588 8.18 35.82 -40.21
N TYR C 589 7.23 36.50 -39.55
CA TYR C 589 6.55 35.92 -38.44
C TYR C 589 5.03 36.20 -38.34
N GLY C 590 4.50 35.97 -37.16
CA GLY C 590 3.09 36.14 -36.98
C GLY C 590 2.65 37.47 -37.57
N GLY C 591 1.51 37.36 -38.24
CA GLY C 591 0.84 38.48 -38.86
C GLY C 591 1.48 39.07 -40.10
N ASP C 592 2.64 38.56 -40.50
CA ASP C 592 3.39 39.04 -41.67
C ASP C 592 2.86 38.59 -43.03
N PHE C 593 1.78 37.82 -42.99
CA PHE C 593 1.13 37.29 -44.17
C PHE C 593 -0.28 37.83 -44.22
N GLY C 594 -0.44 38.97 -43.53
CA GLY C 594 -1.72 39.63 -43.36
C GLY C 594 -2.65 38.75 -42.52
N ASP C 595 -2.02 37.73 -41.87
CA ASP C 595 -2.68 36.74 -41.05
C ASP C 595 -3.33 37.32 -39.81
N THR C 596 -4.62 36.97 -39.66
CA THR C 596 -5.47 37.39 -38.55
C THR C 596 -6.40 36.31 -37.98
N PRO C 597 -6.45 36.25 -36.62
CA PRO C 597 -5.68 37.15 -35.75
C PRO C 597 -4.29 36.52 -35.59
N ASN C 598 -3.32 37.19 -34.98
CA ASN C 598 -2.04 36.51 -34.86
C ASN C 598 -1.23 36.86 -33.63
N ASP C 599 -0.27 35.96 -33.35
CA ASP C 599 0.64 36.07 -32.20
C ASP C 599 2.06 36.52 -32.42
N ARG C 600 2.28 37.22 -33.55
CA ARG C 600 3.55 37.81 -33.85
C ARG C 600 4.75 36.92 -33.61
N GLN C 601 5.75 37.46 -32.85
CA GLN C 601 6.99 36.74 -32.56
C GLN C 601 6.84 35.48 -31.77
N PHE C 602 5.70 35.35 -31.08
CA PHE C 602 5.45 34.15 -30.29
C PHE C 602 5.79 32.80 -30.93
N CYS C 603 6.02 32.82 -32.25
CA CYS C 603 6.33 31.60 -32.97
C CYS C 603 7.84 31.38 -33.04
N MET C 604 8.60 32.27 -32.41
CA MET C 604 10.06 32.15 -32.42
C MET C 604 10.61 31.97 -31.01
N ASN C 605 10.84 30.72 -30.64
CA ASN C 605 11.32 30.34 -29.31
C ASN C 605 12.38 29.28 -29.39
N GLY C 606 12.91 29.10 -30.59
CA GLY C 606 13.92 28.10 -30.79
C GLY C 606 15.29 28.46 -30.24
N LEU C 607 16.09 27.44 -30.15
CA LEU C 607 17.47 27.50 -29.76
C LEU C 607 18.34 27.71 -30.99
N VAL C 608 17.75 27.34 -32.13
CA VAL C 608 18.35 27.54 -33.42
C VAL C 608 17.35 28.28 -34.29
N PHE C 609 17.90 29.04 -35.21
CA PHE C 609 17.13 29.77 -36.19
C PHE C 609 16.53 28.77 -37.17
N ALA C 610 15.49 29.17 -37.90
CA ALA C 610 14.87 28.29 -38.85
C ALA C 610 15.83 27.60 -39.82
N ASP C 611 16.96 28.26 -40.13
CA ASP C 611 17.99 27.72 -41.05
C ASP C 611 18.91 26.74 -40.34
N ARG C 612 18.60 26.52 -39.06
CA ARG C 612 19.42 25.66 -38.23
C ARG C 612 20.75 26.29 -37.77
N THR C 613 20.80 27.60 -37.77
CA THR C 613 21.97 28.22 -37.22
C THR C 613 21.55 28.59 -35.82
N PRO C 614 22.46 28.33 -34.92
CA PRO C 614 22.27 28.51 -33.51
C PRO C 614 22.19 29.91 -33.04
N HIS C 615 21.37 30.02 -31.99
CA HIS C 615 21.24 31.18 -31.18
C HIS C 615 22.32 30.93 -30.13
N PRO C 616 22.83 31.98 -29.52
CA PRO C 616 23.85 31.80 -28.51
C PRO C 616 23.40 30.94 -27.33
N ALA C 617 22.11 30.97 -26.99
CA ALA C 617 21.63 30.17 -25.88
C ALA C 617 22.09 28.72 -25.95
N LEU C 618 22.12 28.24 -27.18
CA LEU C 618 22.50 26.87 -27.46
C LEU C 618 23.76 26.39 -26.71
N THR C 619 24.72 27.26 -26.53
CA THR C 619 25.93 26.90 -25.81
C THR C 619 25.70 26.69 -24.33
N GLU C 620 24.97 27.65 -23.76
CA GLU C 620 24.65 27.57 -22.37
C GLU C 620 24.02 26.19 -22.10
N ALA C 621 23.15 25.75 -23.00
CA ALA C 621 22.56 24.42 -22.89
C ALA C 621 23.63 23.33 -22.92
N LYS C 622 24.30 23.30 -24.05
CA LYS C 622 25.39 22.36 -24.31
C LYS C 622 26.27 22.19 -23.10
N HIS C 623 26.63 23.27 -22.47
CA HIS C 623 27.53 23.19 -21.34
C HIS C 623 26.85 22.65 -20.10
N GLN C 624 25.67 23.15 -19.83
CA GLN C 624 24.98 22.66 -18.65
C GLN C 624 24.61 21.20 -18.75
N GLN C 625 24.30 20.75 -19.97
CA GLN C 625 23.91 19.39 -20.19
C GLN C 625 25.08 18.47 -20.39
N GLN C 626 26.30 18.98 -20.30
CA GLN C 626 27.44 18.12 -20.55
C GLN C 626 27.50 16.86 -19.67
N PHE C 627 28.05 15.76 -20.20
CA PHE C 627 28.09 14.46 -19.51
C PHE C 627 29.22 14.19 -18.56
N PHE C 628 30.16 15.11 -18.50
CA PHE C 628 31.29 15.03 -17.59
C PHE C 628 31.28 16.24 -16.72
N GLN C 629 31.58 15.96 -15.48
CA GLN C 629 31.62 16.95 -14.45
C GLN C 629 32.93 17.01 -13.71
N PHE C 630 33.34 18.23 -13.42
CA PHE C 630 34.61 18.49 -12.82
C PHE C 630 34.61 19.21 -11.52
N ARG C 631 35.64 18.85 -10.81
CA ARG C 631 35.97 19.45 -9.56
C ARG C 631 37.46 19.52 -9.47
N LEU C 632 37.87 20.66 -9.00
CA LEU C 632 39.24 20.95 -8.81
C LEU C 632 39.58 21.02 -7.34
N SER C 633 40.55 20.21 -6.95
CA SER C 633 41.03 20.18 -5.57
C SER C 633 42.54 20.26 -5.56
N GLY C 634 43.03 21.45 -5.28
CA GLY C 634 44.46 21.59 -5.33
C GLY C 634 44.93 21.50 -6.78
N GLN C 635 45.61 20.41 -7.14
CA GLN C 635 46.03 20.39 -8.51
C GLN C 635 45.64 19.09 -9.18
N THR C 636 44.60 18.61 -8.50
CA THR C 636 43.92 17.40 -8.85
C THR C 636 42.53 17.68 -9.34
N ILE C 637 42.27 17.16 -10.50
CA ILE C 637 40.98 17.29 -11.07
C ILE C 637 40.22 16.01 -10.98
N GLU C 638 39.05 16.14 -10.44
CA GLU C 638 38.15 15.04 -10.32
C GLU C 638 37.10 15.10 -11.43
N VAL C 639 37.06 14.03 -12.21
CA VAL C 639 36.12 13.93 -13.29
C VAL C 639 35.01 12.96 -12.99
N THR C 640 33.78 13.41 -13.21
CA THR C 640 32.66 12.51 -12.98
C THR C 640 31.88 12.21 -14.23
N SER C 641 31.64 10.94 -14.48
CA SER C 641 30.91 10.69 -15.68
C SER C 641 29.42 10.58 -15.43
N GLU C 642 28.64 11.26 -16.25
CA GLU C 642 27.19 11.15 -16.18
C GLU C 642 26.67 10.14 -17.17
N TYR C 643 27.54 9.42 -17.88
CA TYR C 643 27.04 8.41 -18.78
C TYR C 643 26.60 7.29 -17.88
N LEU C 644 25.58 6.60 -18.32
CA LEU C 644 25.02 5.52 -17.52
C LEU C 644 25.47 4.21 -18.07
N PHE C 645 25.73 4.18 -19.35
CA PHE C 645 26.09 2.92 -19.98
C PHE C 645 27.44 2.84 -20.59
N ARG C 646 27.94 3.91 -21.19
CA ARG C 646 29.22 3.85 -21.82
C ARG C 646 30.40 4.37 -21.05
N HIS C 647 31.56 3.92 -21.47
CA HIS C 647 32.84 4.27 -20.85
C HIS C 647 33.51 5.40 -21.64
N SER C 648 34.26 6.31 -20.99
CA SER C 648 34.84 7.43 -21.75
C SER C 648 35.77 6.88 -22.78
N ASP C 649 35.30 6.46 -23.93
CA ASP C 649 36.26 5.85 -24.84
C ASP C 649 36.56 6.57 -26.12
N ASN C 650 36.29 7.87 -26.10
CA ASN C 650 36.61 8.67 -27.25
C ASN C 650 36.68 10.06 -26.68
N GLU C 651 37.55 10.08 -25.72
CA GLU C 651 37.67 11.24 -24.94
C GLU C 651 39.05 11.51 -24.43
N LEU C 652 39.39 12.71 -24.72
CA LEU C 652 40.62 13.24 -24.27
C LEU C 652 40.38 14.51 -23.57
N LEU C 653 41.16 14.64 -22.54
CA LEU C 653 41.08 15.86 -21.82
C LEU C 653 42.25 16.81 -22.08
N HIS C 654 41.93 17.99 -22.57
CA HIS C 654 42.97 18.95 -22.79
C HIS C 654 43.02 19.94 -21.65
N TRP C 655 44.17 20.19 -21.10
CA TRP C 655 44.10 21.17 -20.07
C TRP C 655 45.00 22.34 -20.33
N MET C 656 44.81 23.41 -19.60
CA MET C 656 45.66 24.50 -19.93
C MET C 656 45.65 25.64 -18.96
N VAL C 657 46.80 26.27 -18.79
CA VAL C 657 46.91 27.36 -17.84
C VAL C 657 47.31 28.64 -18.49
N ALA C 658 46.74 29.73 -18.07
CA ALA C 658 47.08 30.97 -18.72
C ALA C 658 46.85 32.15 -17.82
N LEU C 659 47.71 33.14 -18.05
CA LEU C 659 47.72 34.36 -17.26
C LEU C 659 47.19 35.44 -18.12
N ASP C 660 46.06 35.96 -17.74
CA ASP C 660 45.45 36.99 -18.53
C ASP C 660 45.60 36.78 -20.02
N GLY C 661 45.14 35.62 -20.47
CA GLY C 661 45.13 35.33 -21.89
C GLY C 661 46.40 34.68 -22.40
N LYS C 662 47.43 34.69 -21.58
CA LYS C 662 48.70 34.15 -22.01
C LYS C 662 48.94 32.82 -21.40
N PRO C 663 49.14 31.94 -22.32
CA PRO C 663 49.32 30.54 -22.10
C PRO C 663 50.64 30.27 -21.54
N LEU C 664 50.62 29.54 -20.49
CA LEU C 664 51.80 29.08 -19.85
C LEU C 664 51.92 27.58 -19.84
N ALA C 665 50.84 26.83 -20.08
CA ALA C 665 50.94 25.38 -19.98
C ALA C 665 49.73 24.69 -20.52
N SER C 666 50.01 23.46 -21.01
CA SER C 666 49.07 22.58 -21.62
C SER C 666 49.44 21.14 -21.43
N GLY C 667 48.38 20.37 -21.39
CA GLY C 667 48.42 18.95 -21.25
C GLY C 667 47.29 18.39 -22.06
N GLU C 668 47.25 17.08 -22.05
CA GLU C 668 46.28 16.21 -22.70
C GLU C 668 46.23 14.92 -21.93
N VAL C 669 45.05 14.50 -21.60
CA VAL C 669 44.95 13.28 -20.86
C VAL C 669 43.68 12.57 -21.23
N PRO C 670 43.93 11.38 -21.55
CA PRO C 670 42.96 10.40 -21.95
C PRO C 670 42.13 10.04 -20.72
N LEU C 671 40.81 10.03 -20.92
CA LEU C 671 39.89 9.73 -19.86
C LEU C 671 39.59 8.25 -19.82
N ASP C 672 39.70 7.66 -18.66
CA ASP C 672 39.30 6.29 -18.46
C ASP C 672 38.33 6.35 -17.30
N VAL C 673 37.06 6.75 -17.54
CA VAL C 673 36.05 6.80 -16.49
C VAL C 673 34.89 5.98 -16.94
N ALA C 674 34.42 5.18 -16.04
CA ALA C 674 33.25 4.42 -16.36
C ALA C 674 32.00 5.22 -16.05
N PRO C 675 30.87 4.80 -16.63
CA PRO C 675 29.57 5.46 -16.44
C PRO C 675 29.37 5.63 -14.98
N GLN C 676 28.91 6.79 -14.55
CA GLN C 676 28.74 7.00 -13.13
C GLN C 676 30.02 6.91 -12.30
N GLY C 677 31.16 6.95 -12.99
CA GLY C 677 32.43 6.91 -12.29
C GLY C 677 33.19 8.23 -12.18
N LYS C 678 34.26 8.10 -11.42
CA LYS C 678 35.17 9.18 -11.15
C LYS C 678 36.54 8.82 -11.68
N GLN C 679 37.32 9.82 -12.06
CA GLN C 679 38.68 9.69 -12.54
C GLN C 679 39.45 10.84 -11.92
N LEU C 680 40.62 10.51 -11.41
CA LEU C 680 41.44 11.51 -10.77
C LEU C 680 42.56 11.97 -11.59
N ILE C 681 42.71 13.26 -11.62
CA ILE C 681 43.75 13.77 -12.43
C ILE C 681 44.66 14.78 -11.80
N GLU C 682 45.88 14.33 -11.70
CA GLU C 682 46.80 15.21 -11.10
C GLU C 682 47.64 15.82 -12.11
N LEU C 683 47.66 17.10 -11.92
CA LEU C 683 48.38 17.97 -12.78
C LEU C 683 49.83 18.10 -12.38
N PRO C 684 50.60 18.39 -13.40
CA PRO C 684 52.00 18.60 -13.27
C PRO C 684 52.18 19.81 -12.41
N GLU C 685 53.38 20.02 -11.92
CA GLU C 685 53.58 21.21 -11.14
C GLU C 685 53.31 22.36 -12.08
N LEU C 686 52.50 23.25 -11.59
CA LEU C 686 52.10 24.37 -12.39
C LEU C 686 52.96 25.55 -12.13
N PRO C 687 53.34 26.07 -13.26
CA PRO C 687 54.17 27.23 -13.29
C PRO C 687 53.44 28.28 -12.52
N GLN C 688 54.18 29.30 -12.12
CA GLN C 688 53.58 30.43 -11.47
C GLN C 688 54.54 31.58 -11.59
N PRO C 689 54.05 32.66 -12.20
CA PRO C 689 54.87 33.80 -12.51
C PRO C 689 54.81 34.91 -11.50
N GLU C 690 55.75 35.84 -11.62
CA GLU C 690 55.75 36.94 -10.69
C GLU C 690 54.68 37.93 -11.15
N SER C 691 54.65 38.11 -12.49
CA SER C 691 53.73 39.01 -13.16
C SER C 691 52.35 39.05 -12.54
N ALA C 692 51.78 40.21 -12.63
CA ALA C 692 50.48 40.39 -12.11
C ALA C 692 49.49 39.77 -13.06
N GLY C 693 48.27 39.59 -12.54
CA GLY C 693 47.18 39.06 -13.33
C GLY C 693 46.64 37.80 -12.73
N GLN C 694 45.61 37.31 -13.42
CA GLN C 694 44.86 36.14 -13.05
C GLN C 694 45.29 34.97 -13.85
N LEU C 695 45.40 33.95 -13.05
CA LEU C 695 45.77 32.70 -13.58
C LEU C 695 44.55 31.79 -13.68
N TRP C 696 44.33 31.31 -14.89
CA TRP C 696 43.19 30.48 -15.11
C TRP C 696 43.45 29.12 -15.70
N LEU C 697 42.78 28.16 -15.11
CA LEU C 697 42.85 26.82 -15.58
C LEU C 697 41.63 26.52 -16.43
N THR C 698 41.88 26.00 -17.60
CA THR C 698 40.77 25.66 -18.43
C THR C 698 40.91 24.24 -18.97
N VAL C 699 39.85 23.43 -18.89
CA VAL C 699 39.87 22.07 -19.42
C VAL C 699 38.73 21.83 -20.39
N ARG C 700 39.01 20.98 -21.33
CA ARG C 700 38.10 20.64 -22.40
C ARG C 700 38.10 19.14 -22.70
N VAL C 701 36.93 18.56 -22.94
CA VAL C 701 36.95 17.18 -23.32
C VAL C 701 36.74 17.07 -24.77
N VAL C 702 37.64 16.30 -25.36
CA VAL C 702 37.60 16.12 -26.78
C VAL C 702 37.41 14.72 -27.21
N GLN C 703 36.66 14.66 -28.32
CA GLN C 703 36.39 13.44 -29.03
C GLN C 703 37.33 13.37 -30.21
N PRO C 704 38.33 12.59 -29.98
CA PRO C 704 39.41 12.43 -30.89
C PRO C 704 38.97 11.82 -32.20
N ASN C 705 38.09 10.83 -32.07
CA ASN C 705 37.57 10.15 -33.24
C ASN C 705 36.17 10.57 -33.57
N ALA C 706 35.84 10.47 -34.84
CA ALA C 706 34.54 10.82 -35.28
C ALA C 706 33.57 9.70 -34.98
N THR C 707 32.33 10.09 -34.77
CA THR C 707 31.25 9.19 -34.51
C THR C 707 30.30 9.42 -35.65
N ALA C 708 29.14 8.81 -35.50
CA ALA C 708 28.17 9.07 -36.54
C ALA C 708 27.53 10.45 -36.47
N TRP C 709 27.62 11.15 -35.32
CA TRP C 709 26.98 12.44 -35.21
C TRP C 709 27.96 13.52 -34.83
N SER C 710 29.21 13.15 -34.75
CA SER C 710 30.20 14.15 -34.41
C SER C 710 31.42 13.92 -35.27
N GLU C 711 32.12 15.01 -35.53
CA GLU C 711 33.36 15.02 -36.26
C GLU C 711 34.48 14.71 -35.32
N ALA C 712 35.64 14.47 -35.91
CA ALA C 712 36.75 14.30 -35.00
C ALA C 712 37.12 15.65 -34.41
N GLY C 713 37.56 15.59 -33.17
CA GLY C 713 37.96 16.78 -32.45
C GLY C 713 36.81 17.62 -31.92
N HIS C 714 35.64 16.98 -31.81
CA HIS C 714 34.50 17.64 -31.28
C HIS C 714 34.70 17.79 -29.80
N ILE C 715 34.28 18.95 -29.33
CA ILE C 715 34.39 19.20 -27.90
C ILE C 715 33.06 18.94 -27.28
N SER C 716 33.07 18.06 -26.30
CA SER C 716 31.88 17.65 -25.61
C SER C 716 31.66 18.29 -24.26
N ALA C 717 32.68 18.90 -23.69
CA ALA C 717 32.51 19.52 -22.37
C ALA C 717 33.65 20.43 -22.00
N TRP C 718 33.42 21.25 -21.00
CA TRP C 718 34.49 22.10 -20.55
C TRP C 718 34.17 22.76 -19.26
N GLN C 719 35.18 23.34 -18.67
CA GLN C 719 35.08 23.93 -17.36
C GLN C 719 36.32 24.73 -17.12
N GLN C 720 36.15 25.80 -16.37
CA GLN C 720 37.30 26.60 -16.11
C GLN C 720 37.37 27.08 -14.67
N TRP C 721 38.56 27.30 -14.16
CA TRP C 721 38.65 27.80 -12.80
C TRP C 721 39.69 28.88 -12.73
N ARG C 722 39.54 29.78 -11.76
CA ARG C 722 40.56 30.79 -11.52
C ARG C 722 41.47 30.24 -10.45
N LEU C 723 42.77 30.23 -10.73
CA LEU C 723 43.71 29.65 -9.79
C LEU C 723 44.39 30.61 -8.86
N ALA C 724 44.70 31.77 -9.39
CA ALA C 724 45.39 32.70 -8.56
C ALA C 724 45.37 34.00 -9.19
N GLU C 725 45.70 34.90 -8.29
CA GLU C 725 45.75 36.29 -8.60
C GLU C 725 46.92 36.96 -7.96
N ASN C 726 47.66 37.64 -8.79
CA ASN C 726 48.76 38.43 -8.32
C ASN C 726 48.29 39.80 -8.60
N LEU C 727 47.98 40.46 -7.51
CA LEU C 727 47.52 41.84 -7.58
C LEU C 727 48.69 42.77 -7.96
N SER C 728 48.36 43.83 -8.72
CA SER C 728 49.32 44.83 -9.18
C SER C 728 49.54 45.95 -8.18
N VAL C 729 50.74 45.93 -7.58
CA VAL C 729 51.15 46.92 -6.59
C VAL C 729 52.07 47.92 -7.21
N THR C 730 51.91 48.10 -8.52
CA THR C 730 52.75 49.03 -9.24
C THR C 730 52.05 50.27 -9.79
N LEU C 731 52.62 51.38 -9.27
CA LEU C 731 52.29 52.78 -9.56
C LEU C 731 52.95 53.14 -10.90
N PRO C 732 52.20 53.87 -11.74
CA PRO C 732 52.72 54.24 -13.05
C PRO C 732 53.87 55.26 -12.94
N ALA C 733 54.65 55.26 -14.05
CA ALA C 733 55.80 56.15 -14.27
C ALA C 733 55.32 57.63 -14.39
N ALA C 734 55.75 58.44 -13.36
CA ALA C 734 55.41 59.85 -13.27
C ALA C 734 55.53 60.55 -14.66
N SER C 735 54.33 60.95 -15.14
CA SER C 735 54.12 61.61 -16.42
C SER C 735 55.29 62.53 -16.82
N HIS C 736 55.77 62.37 -18.08
CA HIS C 736 56.83 63.27 -18.55
C HIS C 736 56.27 64.71 -18.69
N ALA C 737 55.08 64.75 -19.33
CA ALA C 737 54.26 65.94 -19.63
C ALA C 737 53.19 66.30 -18.58
N ILE C 738 52.29 67.17 -18.96
CA ILE C 738 51.22 67.62 -18.10
C ILE C 738 50.18 68.33 -18.94
N PRO C 739 48.97 67.95 -18.70
CA PRO C 739 47.90 68.44 -19.48
C PRO C 739 47.46 69.85 -19.19
N HIS C 740 47.10 70.45 -20.30
CA HIS C 740 46.69 71.79 -20.22
C HIS C 740 45.20 71.92 -20.28
N LEU C 741 44.69 72.72 -19.38
CA LEU C 741 43.29 72.99 -19.35
C LEU C 741 42.96 74.39 -19.84
N THR C 742 42.19 74.42 -20.88
CA THR C 742 41.76 75.68 -21.41
C THR C 742 40.29 75.85 -21.14
N THR C 743 39.97 76.86 -20.36
CA THR C 743 38.58 77.13 -20.01
C THR C 743 37.94 78.08 -21.01
N SER C 744 36.62 78.20 -20.94
CA SER C 744 35.76 78.99 -21.81
C SER C 744 34.36 78.92 -21.24
N GLU C 745 33.42 79.69 -21.72
CA GLU C 745 32.17 79.47 -21.01
C GLU C 745 31.34 78.30 -21.46
N MET C 746 31.70 77.81 -22.63
CA MET C 746 31.04 76.69 -23.22
C MET C 746 31.63 75.38 -22.78
N ASP C 747 32.93 75.37 -22.54
CA ASP C 747 33.53 74.12 -22.22
C ASP C 747 34.89 74.22 -21.62
N PHE C 748 35.40 73.03 -21.34
CA PHE C 748 36.72 72.86 -20.80
C PHE C 748 37.45 72.02 -21.78
N CYS C 749 38.67 72.43 -22.11
CA CYS C 749 39.44 71.62 -23.01
C CYS C 749 40.69 71.16 -22.38
N ILE C 750 40.98 69.94 -22.74
CA ILE C 750 42.16 69.38 -22.25
C ILE C 750 42.97 68.97 -23.41
N GLU C 751 44.17 69.47 -23.30
CA GLU C 751 45.10 69.13 -24.30
C GLU C 751 46.34 68.66 -23.64
N LEU C 752 46.82 67.69 -24.38
CA LEU C 752 48.03 66.99 -24.10
C LEU C 752 48.39 66.23 -25.35
N GLY C 753 49.55 66.59 -25.93
CA GLY C 753 50.04 65.97 -27.15
C GLY C 753 49.13 66.31 -28.31
N ASN C 754 48.92 65.32 -29.17
CA ASN C 754 48.03 65.47 -30.31
C ASN C 754 46.57 65.40 -29.87
N LYS C 755 46.43 64.77 -28.69
CA LYS C 755 45.20 64.49 -27.99
C LYS C 755 44.50 65.69 -27.35
N ARG C 756 43.19 65.73 -27.55
CA ARG C 756 42.41 66.74 -26.93
C ARG C 756 41.03 66.21 -26.63
N TRP C 757 40.56 66.65 -25.46
CA TRP C 757 39.28 66.28 -24.91
C TRP C 757 38.44 67.46 -24.55
N GLN C 758 37.20 67.45 -24.97
CA GLN C 758 36.35 68.55 -24.62
C GLN C 758 35.10 68.20 -23.88
N PHE C 759 34.91 68.91 -22.79
CA PHE C 759 33.74 68.72 -21.99
C PHE C 759 32.89 69.92 -22.04
N ASN C 760 31.65 69.72 -22.43
CA ASN C 760 30.72 70.78 -22.52
C ASN C 760 30.17 71.17 -21.16
N ARG C 761 30.44 72.41 -20.83
CA ARG C 761 29.99 72.91 -19.55
C ARG C 761 28.50 73.06 -19.40
N GLN C 762 27.74 73.02 -20.49
CA GLN C 762 26.29 73.17 -20.33
C GLN C 762 25.56 71.83 -20.04
N SER C 763 26.06 70.79 -20.70
CA SER C 763 25.54 69.45 -20.57
C SER C 763 26.25 68.61 -19.52
N GLY C 764 27.56 68.80 -19.35
CA GLY C 764 28.35 68.06 -18.36
C GLY C 764 28.93 66.79 -18.93
N PHE C 765 28.84 66.64 -20.26
CA PHE C 765 29.35 65.45 -20.90
C PHE C 765 30.54 65.70 -21.75
N LEU C 766 31.33 64.66 -21.91
CA LEU C 766 32.47 64.78 -22.75
C LEU C 766 31.94 64.75 -24.18
N SER C 767 31.90 65.91 -24.80
CA SER C 767 31.32 66.06 -26.12
C SER C 767 32.22 65.67 -27.24
N GLN C 768 33.52 65.75 -27.00
CA GLN C 768 34.31 65.34 -28.14
C GLN C 768 35.72 65.14 -27.74
N MET C 769 36.39 64.43 -28.63
CA MET C 769 37.75 64.14 -28.41
C MET C 769 38.51 63.92 -29.72
N TRP C 770 39.75 64.42 -29.72
CA TRP C 770 40.56 64.32 -30.90
C TRP C 770 41.87 63.69 -30.67
N ILE C 771 42.24 62.97 -31.70
CA ILE C 771 43.56 62.36 -31.76
C ILE C 771 44.17 63.03 -32.96
N GLY C 772 45.02 64.00 -32.75
CA GLY C 772 45.43 64.65 -33.95
C GLY C 772 44.28 65.60 -34.37
N ASP C 773 43.96 65.56 -35.69
CA ASP C 773 42.94 66.40 -36.29
C ASP C 773 41.57 65.73 -36.35
N LYS C 774 41.58 64.41 -36.10
CA LYS C 774 40.40 63.56 -36.12
C LYS C 774 39.62 63.50 -34.83
N LYS C 775 38.31 63.74 -35.02
CA LYS C 775 37.33 63.67 -33.96
C LYS C 775 37.00 62.19 -33.77
N GLN C 776 36.63 61.80 -32.54
CA GLN C 776 36.38 60.39 -32.26
C GLN C 776 34.95 60.01 -31.97
N LEU C 777 34.23 60.99 -31.49
CA LEU C 777 32.86 60.78 -31.14
C LEU C 777 31.94 61.33 -32.18
N LEU C 778 30.74 60.79 -32.24
CA LEU C 778 29.70 61.35 -33.08
C LEU C 778 28.65 61.78 -32.11
N THR C 779 28.79 61.19 -30.94
CA THR C 779 27.90 61.45 -29.85
C THR C 779 28.66 61.42 -28.58
N PRO C 780 28.26 62.30 -27.71
CA PRO C 780 28.87 62.42 -26.40
C PRO C 780 28.71 61.15 -25.59
N LEU C 781 29.66 61.02 -24.72
CA LEU C 781 29.70 59.93 -23.82
C LEU C 781 28.67 60.21 -22.74
N ARG C 782 27.64 59.38 -22.67
CA ARG C 782 26.67 59.63 -21.61
C ARG C 782 26.10 58.44 -20.88
N ASP C 783 25.57 58.72 -19.69
CA ASP C 783 24.98 57.69 -18.84
C ASP C 783 23.80 57.02 -19.51
N GLN C 784 23.71 55.69 -19.35
CA GLN C 784 22.62 54.91 -19.91
C GLN C 784 22.02 53.97 -18.88
N PHE C 785 20.70 54.03 -18.73
CA PHE C 785 20.05 53.17 -17.74
C PHE C 785 19.02 52.27 -18.32
N THR C 786 18.86 52.31 -19.63
CA THR C 786 17.87 51.48 -20.29
C THR C 786 18.45 50.54 -21.32
N ARG C 787 17.53 49.76 -21.89
CA ARG C 787 17.90 48.80 -22.91
C ARG C 787 16.73 48.50 -23.87
N ALA C 788 17.07 48.22 -25.12
CA ALA C 788 16.06 47.86 -26.09
C ALA C 788 15.61 46.48 -25.65
N PRO C 789 14.40 46.48 -25.11
CA PRO C 789 13.64 45.38 -24.54
C PRO C 789 13.73 44.04 -25.21
N LEU C 790 14.07 43.06 -24.40
CA LEU C 790 14.12 41.75 -24.97
C LEU C 790 12.70 41.26 -24.96
N ASP C 791 12.53 40.16 -25.66
CA ASP C 791 11.23 39.51 -25.70
C ASP C 791 10.62 39.26 -24.29
N ASN C 792 11.49 38.83 -23.37
CA ASN C 792 11.16 38.57 -22.01
C ASN C 792 10.78 39.85 -21.28
N ASP C 793 11.39 41.00 -21.63
CA ASP C 793 11.07 42.27 -20.94
C ASP C 793 9.66 42.74 -21.28
N ILE C 794 9.27 42.36 -22.51
CA ILE C 794 7.97 42.73 -23.04
C ILE C 794 6.85 41.80 -22.65
N GLY C 795 7.10 40.50 -22.84
CA GLY C 795 6.10 39.51 -22.49
C GLY C 795 4.97 39.60 -23.51
N VAL C 796 3.74 39.58 -23.00
CA VAL C 796 2.54 39.61 -23.84
C VAL C 796 1.89 40.97 -23.93
N SER C 797 2.61 41.98 -23.44
CA SER C 797 2.16 43.35 -23.50
C SER C 797 2.07 43.74 -24.97
N GLU C 798 0.93 44.35 -25.37
CA GLU C 798 0.64 44.85 -26.74
C GLU C 798 0.23 46.30 -26.59
N ALA C 799 0.16 47.04 -27.70
CA ALA C 799 -0.25 48.45 -27.64
C ALA C 799 -1.71 48.61 -27.21
N THR C 800 -2.52 47.67 -27.70
CA THR C 800 -3.94 47.51 -27.43
C THR C 800 -4.14 47.20 -25.94
N ARG C 801 -3.66 45.99 -25.61
CA ARG C 801 -3.68 45.36 -24.29
C ARG C 801 -2.32 45.38 -23.58
N ILE C 802 -2.09 46.44 -22.80
CA ILE C 802 -0.88 46.63 -22.01
C ILE C 802 -0.79 45.70 -20.78
N ASP C 803 0.38 45.03 -20.60
CA ASP C 803 0.68 44.22 -19.43
C ASP C 803 1.58 45.02 -18.52
N PRO C 804 0.93 45.69 -17.57
CA PRO C 804 1.53 46.59 -16.59
C PRO C 804 2.63 45.99 -15.75
N ASN C 805 2.72 44.68 -15.78
CA ASN C 805 3.71 43.95 -15.04
C ASN C 805 4.98 43.64 -15.79
N ALA C 806 4.85 43.63 -17.10
CA ALA C 806 5.96 43.42 -17.97
C ALA C 806 7.01 44.48 -17.58
N TRP C 807 8.27 44.07 -17.54
CA TRP C 807 9.35 44.97 -17.20
C TRP C 807 9.28 46.25 -18.02
N VAL C 808 9.13 46.11 -19.33
CA VAL C 808 9.10 47.26 -20.21
C VAL C 808 8.06 48.30 -19.86
N GLU C 809 6.89 47.80 -19.55
CA GLU C 809 5.80 48.64 -19.13
C GLU C 809 6.21 49.42 -17.90
N ARG C 810 6.79 48.74 -16.90
CA ARG C 810 7.18 49.40 -15.67
C ARG C 810 8.18 50.51 -15.90
N TRP C 811 9.13 50.16 -16.72
CA TRP C 811 10.18 51.07 -17.07
C TRP C 811 9.59 52.20 -17.83
N LYS C 812 8.74 51.86 -18.79
CA LYS C 812 8.10 52.90 -19.57
C LYS C 812 7.36 53.88 -18.66
N ALA C 813 6.49 53.32 -17.89
CA ALA C 813 5.66 54.10 -17.00
C ALA C 813 6.36 54.98 -16.01
N ALA C 814 7.54 54.55 -15.65
CA ALA C 814 8.29 55.28 -14.65
C ALA C 814 9.17 56.42 -15.22
N GLY C 815 9.24 56.50 -16.57
CA GLY C 815 9.98 57.53 -17.27
C GLY C 815 11.40 57.16 -17.66
N HIS C 816 11.83 55.94 -17.36
CA HIS C 816 13.20 55.55 -17.66
C HIS C 816 13.65 55.89 -19.04
N TYR C 817 12.78 55.60 -19.96
CA TYR C 817 13.10 55.84 -21.34
C TYR C 817 13.05 57.30 -21.72
N GLN C 818 12.42 58.13 -20.92
CA GLN C 818 12.37 59.50 -21.35
C GLN C 818 12.73 60.49 -20.29
N ALA C 819 13.59 60.04 -19.41
CA ALA C 819 14.01 60.92 -18.38
C ALA C 819 15.02 61.93 -18.96
N GLU C 820 15.06 63.11 -18.35
CA GLU C 820 15.93 64.17 -18.79
C GLU C 820 17.01 64.49 -17.74
N ALA C 821 18.27 64.61 -18.24
CA ALA C 821 19.37 64.91 -17.35
C ALA C 821 19.35 66.31 -16.80
N ALA C 822 20.12 66.53 -15.78
CA ALA C 822 20.16 67.84 -15.19
C ALA C 822 21.52 68.05 -14.58
N LEU C 823 22.22 69.02 -15.17
CA LEU C 823 23.52 69.38 -14.62
C LEU C 823 23.33 69.92 -13.21
N LEU C 824 23.97 69.30 -12.27
CA LEU C 824 23.90 69.77 -10.92
C LEU C 824 25.24 70.43 -10.68
N GLN C 825 26.29 69.90 -11.32
CA GLN C 825 27.64 70.39 -11.15
C GLN C 825 28.60 69.94 -12.22
N CYS C 826 29.60 70.78 -12.48
CA CYS C 826 30.60 70.51 -13.52
C CYS C 826 31.78 71.40 -13.30
N THR C 827 32.87 70.84 -12.81
CA THR C 827 34.07 71.59 -12.47
C THR C 827 35.36 71.00 -12.92
N ALA C 828 36.28 71.90 -13.16
CA ALA C 828 37.61 71.50 -13.55
C ALA C 828 38.58 71.98 -12.51
N ASP C 829 39.54 71.15 -12.25
CA ASP C 829 40.49 71.48 -11.24
C ASP C 829 41.85 71.04 -11.72
N THR C 830 42.87 71.76 -11.28
CA THR C 830 44.19 71.37 -11.72
C THR C 830 44.96 70.77 -10.60
N LEU C 831 45.37 69.56 -10.90
CA LEU C 831 46.13 68.78 -9.99
C LEU C 831 47.59 68.94 -10.36
N ALA C 832 48.39 68.52 -9.41
CA ALA C 832 49.80 68.55 -9.58
C ALA C 832 50.24 67.99 -10.94
N ASP C 833 49.73 66.80 -11.31
CA ASP C 833 50.10 66.10 -12.52
C ASP C 833 48.95 65.68 -13.45
N ALA C 834 47.79 66.28 -13.24
CA ALA C 834 46.62 65.91 -13.99
C ALA C 834 45.49 66.89 -13.90
N VAL C 835 44.54 66.68 -14.77
CA VAL C 835 43.38 67.49 -14.70
C VAL C 835 42.24 66.67 -14.20
N LEU C 836 41.46 67.34 -13.43
CA LEU C 836 40.39 66.68 -12.87
C LEU C 836 39.03 67.29 -13.15
N ILE C 837 38.21 66.58 -13.88
CA ILE C 837 36.89 67.10 -14.09
C ILE C 837 35.95 66.43 -13.16
N THR C 838 34.95 67.15 -12.66
CA THR C 838 33.96 66.58 -11.77
C THR C 838 32.53 66.99 -12.13
N THR C 839 31.62 66.03 -12.32
CA THR C 839 30.24 66.33 -12.68
C THR C 839 29.21 65.63 -11.79
N ALA C 840 27.93 66.00 -12.00
CA ALA C 840 26.80 65.40 -11.32
C ALA C 840 25.49 65.65 -12.03
N HIS C 841 24.76 64.61 -12.38
CA HIS C 841 23.49 64.87 -13.00
C HIS C 841 22.43 64.17 -12.25
N ALA C 842 21.24 64.65 -12.51
CA ALA C 842 20.09 64.02 -11.94
C ALA C 842 19.16 63.67 -13.10
N TRP C 843 18.62 62.44 -13.11
CA TRP C 843 17.69 62.14 -14.14
C TRP C 843 16.36 62.19 -13.48
N GLN C 844 15.46 62.92 -14.12
CA GLN C 844 14.16 63.04 -13.50
C GLN C 844 13.06 62.98 -14.50
N HIS C 845 11.88 62.67 -13.98
CA HIS C 845 10.68 62.54 -14.78
C HIS C 845 9.53 62.86 -13.88
N GLN C 846 8.83 63.94 -14.28
CA GLN C 846 7.71 64.49 -13.54
C GLN C 846 8.10 64.90 -12.12
N GLY C 847 9.28 65.50 -12.01
CA GLY C 847 9.72 65.98 -10.71
C GLY C 847 10.18 64.89 -9.77
N LYS C 848 10.41 63.74 -10.34
CA LYS C 848 10.90 62.66 -9.56
C LYS C 848 12.30 62.41 -10.04
N THR C 849 13.19 62.38 -9.06
CA THR C 849 14.54 62.06 -9.43
C THR C 849 14.70 60.56 -9.42
N LEU C 850 14.94 60.00 -10.58
CA LEU C 850 15.11 58.58 -10.66
C LEU C 850 16.50 58.17 -10.24
N PHE C 851 17.47 58.76 -10.90
CA PHE C 851 18.83 58.43 -10.61
C PHE C 851 19.67 59.66 -10.50
N ILE C 852 20.84 59.41 -9.96
CA ILE C 852 21.88 60.40 -9.81
C ILE C 852 23.22 59.83 -10.15
N SER C 853 23.89 60.51 -11.07
CA SER C 853 25.19 60.05 -11.53
C SER C 853 26.28 61.01 -11.11
N ARG C 854 27.31 60.51 -10.46
CA ARG C 854 28.42 61.35 -10.04
C ARG C 854 29.77 60.88 -10.55
N LYS C 855 30.40 61.66 -11.40
CA LYS C 855 31.65 61.22 -11.91
C LYS C 855 32.82 62.14 -11.63
N THR C 856 33.97 61.62 -12.01
CA THR C 856 35.24 62.29 -12.00
C THR C 856 35.99 61.73 -13.15
N TYR C 857 36.55 62.64 -13.93
CA TYR C 857 37.40 62.23 -14.99
C TYR C 857 38.76 62.73 -14.62
N ARG C 858 39.72 61.89 -14.78
CA ARG C 858 40.99 62.40 -14.41
C ARG C 858 42.00 62.06 -15.47
N ILE C 859 42.44 63.12 -16.14
CA ILE C 859 43.41 62.94 -17.22
C ILE C 859 44.78 63.25 -16.71
N ASP C 860 45.72 62.40 -17.06
CA ASP C 860 47.07 62.53 -16.55
C ASP C 860 48.10 62.61 -17.66
N GLY C 861 49.35 62.82 -17.24
CA GLY C 861 50.43 63.00 -18.19
C GLY C 861 50.59 61.87 -19.18
N SER C 862 50.01 60.73 -18.85
CA SER C 862 50.06 59.55 -19.68
C SER C 862 49.06 59.65 -20.80
N GLY C 863 48.12 60.60 -20.67
CA GLY C 863 47.09 60.80 -21.68
C GLY C 863 46.07 59.67 -21.64
N GLN C 864 45.72 59.39 -20.40
CA GLN C 864 44.80 58.39 -20.01
C GLN C 864 43.70 58.98 -19.20
N MET C 865 42.46 58.70 -19.57
CA MET C 865 41.45 59.19 -18.66
C MET C 865 40.80 58.14 -17.81
N ALA C 866 40.73 58.49 -16.57
CA ALA C 866 40.12 57.59 -15.66
C ALA C 866 38.77 58.08 -15.23
N ILE C 867 37.77 57.33 -15.60
CA ILE C 867 36.44 57.66 -15.23
C ILE C 867 35.97 56.88 -14.04
N THR C 868 35.40 57.60 -13.13
CA THR C 868 34.91 56.98 -11.95
C THR C 868 33.51 57.45 -11.79
N VAL C 869 32.63 56.46 -11.66
CA VAL C 869 31.19 56.71 -11.63
C VAL C 869 30.52 56.13 -10.45
N ASP C 870 29.53 56.88 -9.99
CA ASP C 870 28.79 56.50 -8.85
C ASP C 870 27.33 56.89 -8.96
N VAL C 871 26.45 55.88 -9.19
CA VAL C 871 25.01 56.06 -9.32
C VAL C 871 24.22 55.80 -8.06
N GLU C 872 23.16 56.56 -7.91
CA GLU C 872 22.21 56.42 -6.84
C GLU C 872 20.89 56.21 -7.56
N VAL C 873 20.21 55.10 -7.21
CA VAL C 873 18.92 54.70 -7.78
C VAL C 873 17.81 54.79 -6.74
N ALA C 874 16.72 55.45 -7.11
CA ALA C 874 15.66 55.58 -6.15
C ALA C 874 15.02 54.22 -5.81
N SER C 875 14.90 54.00 -4.51
CA SER C 875 14.35 52.74 -3.98
C SER C 875 13.04 52.37 -4.61
N ASP C 876 12.26 53.38 -4.87
CA ASP C 876 10.95 53.21 -5.40
C ASP C 876 10.75 53.29 -6.89
N THR C 877 11.78 53.07 -7.65
CA THR C 877 11.65 53.07 -9.09
C THR C 877 11.98 51.66 -9.54
N PRO C 878 11.34 51.18 -10.60
CA PRO C 878 11.67 49.85 -11.06
C PRO C 878 13.16 49.79 -11.29
N HIS C 879 13.77 48.66 -10.95
CA HIS C 879 15.18 48.58 -11.17
C HIS C 879 15.44 48.60 -12.65
N PRO C 880 16.46 49.36 -12.93
CA PRO C 880 16.96 49.64 -14.24
C PRO C 880 17.54 48.40 -14.88
N ALA C 881 17.46 48.39 -16.18
CA ALA C 881 17.94 47.29 -16.97
C ALA C 881 19.42 47.28 -16.92
N ARG C 882 19.94 48.49 -16.79
CA ARG C 882 21.36 48.55 -16.77
C ARG C 882 21.82 49.88 -16.26
N ILE C 883 23.12 49.94 -16.12
CA ILE C 883 23.82 51.11 -15.59
C ILE C 883 25.22 51.22 -16.16
N GLY C 884 25.38 52.14 -17.09
CA GLY C 884 26.67 52.30 -17.73
C GLY C 884 26.65 53.50 -18.61
N LEU C 885 27.54 53.50 -19.58
CA LEU C 885 27.60 54.62 -20.46
C LEU C 885 27.59 54.16 -21.88
N ASN C 886 27.29 55.09 -22.74
CA ASN C 886 27.40 54.78 -24.13
C ASN C 886 27.76 56.01 -24.90
N CYS C 887 28.14 55.79 -26.15
CA CYS C 887 28.50 56.91 -26.98
C CYS C 887 28.63 56.40 -28.38
N GLN C 888 28.65 57.30 -29.36
CA GLN C 888 28.80 56.76 -30.69
C GLN C 888 30.17 57.04 -31.25
N LEU C 889 30.92 56.02 -31.49
CA LEU C 889 32.22 56.34 -32.03
C LEU C 889 32.15 56.63 -33.49
N ALA C 890 33.11 57.43 -33.85
CA ALA C 890 33.28 57.87 -35.19
C ALA C 890 33.89 56.77 -36.04
N GLN C 891 34.90 56.08 -35.51
CA GLN C 891 35.57 54.97 -36.20
C GLN C 891 34.64 53.80 -36.43
N VAL C 892 35.13 52.94 -37.30
CA VAL C 892 34.53 51.67 -37.64
C VAL C 892 35.67 50.76 -37.98
N ALA C 893 35.94 49.78 -37.11
CA ALA C 893 37.03 48.84 -37.30
C ALA C 893 36.53 47.45 -37.65
N GLU C 894 37.44 46.61 -38.14
CA GLU C 894 37.07 45.28 -38.58
C GLU C 894 37.02 44.27 -37.44
N ARG C 895 37.80 44.50 -36.40
CA ARG C 895 37.81 43.54 -35.32
C ARG C 895 37.59 44.13 -33.98
N VAL C 896 37.32 43.25 -33.06
CA VAL C 896 37.15 43.59 -31.67
C VAL C 896 37.92 42.59 -30.89
N ASN C 897 38.65 43.10 -29.97
CA ASN C 897 39.45 42.23 -29.16
C ASN C 897 39.25 42.56 -27.70
N TRP C 898 39.01 41.53 -26.92
CA TRP C 898 38.82 41.77 -25.51
C TRP C 898 39.27 40.62 -24.67
N LEU C 899 39.54 41.01 -23.47
CA LEU C 899 39.93 40.06 -22.50
C LEU C 899 38.79 39.95 -21.47
N GLY C 900 37.98 38.88 -21.57
CA GLY C 900 36.86 38.68 -20.67
C GLY C 900 36.09 37.43 -21.05
N LEU C 901 34.77 37.41 -20.82
CA LEU C 901 34.00 36.22 -21.15
C LEU C 901 33.58 36.19 -22.57
N GLY C 902 33.75 35.03 -23.13
CA GLY C 902 33.33 34.89 -24.48
C GLY C 902 33.66 33.50 -24.87
N PRO C 903 33.74 33.30 -26.15
CA PRO C 903 33.61 34.34 -27.18
C PRO C 903 32.22 34.88 -27.44
N GLN C 904 31.19 34.06 -27.17
CA GLN C 904 29.79 34.42 -27.42
C GLN C 904 29.03 35.33 -26.50
N GLU C 905 27.92 35.83 -27.02
CA GLU C 905 27.04 36.71 -26.27
C GLU C 905 26.75 36.07 -24.91
N ASN C 906 26.95 36.85 -23.86
CA ASN C 906 26.71 36.32 -22.54
C ASN C 906 26.14 37.36 -21.63
N TYR C 907 25.11 36.95 -20.88
CA TYR C 907 24.46 37.83 -19.94
C TYR C 907 24.70 37.28 -18.59
N PRO C 908 24.32 38.04 -17.62
CA PRO C 908 24.60 37.65 -16.23
C PRO C 908 23.98 36.37 -15.73
N ASP C 909 22.75 36.09 -16.15
CA ASP C 909 22.13 34.87 -15.68
C ASP C 909 22.25 33.86 -16.79
N ARG C 910 23.17 34.19 -17.66
CA ARG C 910 23.43 33.29 -18.75
C ARG C 910 24.86 33.38 -19.21
N LEU C 911 25.78 33.03 -18.32
CA LEU C 911 27.17 33.08 -18.75
C LEU C 911 27.99 31.89 -18.29
N THR C 912 27.39 30.88 -17.71
CA THR C 912 28.24 29.77 -17.31
C THR C 912 28.94 29.11 -18.46
N ALA C 913 28.39 29.12 -19.66
CA ALA C 913 29.12 28.41 -20.72
C ALA C 913 30.33 29.21 -21.26
N ALA C 914 30.45 30.46 -20.85
CA ALA C 914 31.49 31.30 -21.40
C ALA C 914 32.76 31.21 -20.65
N CYS C 915 33.84 31.44 -21.38
CA CYS C 915 35.17 31.37 -20.81
C CYS C 915 35.90 32.68 -20.86
N PHE C 916 36.70 32.83 -19.80
CA PHE C 916 37.51 34.01 -19.63
C PHE C 916 38.76 33.86 -20.42
N ASP C 917 39.00 34.81 -21.30
CA ASP C 917 40.14 34.75 -22.13
C ASP C 917 40.17 35.93 -23.05
N ARG C 918 41.14 35.87 -23.92
CA ARG C 918 41.33 36.90 -24.88
C ARG C 918 40.68 36.50 -26.16
N TRP C 919 39.69 37.27 -26.55
CA TRP C 919 38.99 36.91 -27.74
C TRP C 919 39.19 37.96 -28.76
N ASP C 920 39.20 37.51 -29.99
CA ASP C 920 39.33 38.44 -31.08
C ASP C 920 38.36 38.04 -32.17
N LEU C 921 37.42 38.92 -32.49
CA LEU C 921 36.48 38.63 -33.53
C LEU C 921 36.13 39.88 -34.31
N PRO C 922 35.54 39.60 -35.45
CA PRO C 922 35.02 40.56 -36.37
C PRO C 922 33.82 41.24 -35.77
N LEU C 923 33.72 42.51 -36.04
CA LEU C 923 32.64 43.30 -35.54
C LEU C 923 31.29 42.63 -35.77
N SER C 924 31.19 42.07 -36.96
CA SER C 924 29.95 41.43 -37.36
C SER C 924 29.48 40.39 -36.36
N ASP C 925 30.43 39.76 -35.72
CA ASP C 925 30.17 38.73 -34.77
C ASP C 925 29.73 39.25 -33.40
N MET C 926 29.87 40.56 -33.20
CA MET C 926 29.42 41.17 -31.96
C MET C 926 27.97 41.61 -31.99
N TYR C 927 27.28 41.17 -33.02
CA TYR C 927 25.85 41.43 -33.12
C TYR C 927 25.13 40.10 -33.33
N THR C 928 24.05 39.93 -32.57
CA THR C 928 23.16 38.76 -32.61
C THR C 928 21.81 39.13 -33.28
N PRO C 929 21.67 38.57 -34.46
CA PRO C 929 20.56 38.79 -35.38
C PRO C 929 19.25 38.14 -34.99
N TYR C 930 18.86 38.40 -33.79
CA TYR C 930 17.58 37.92 -33.38
C TYR C 930 16.59 38.54 -34.34
N VAL C 931 15.78 37.73 -35.00
CA VAL C 931 14.77 38.24 -35.89
C VAL C 931 13.97 39.39 -35.27
N PHE C 932 13.64 39.35 -33.99
CA PHE C 932 12.92 40.51 -33.48
C PHE C 932 13.93 41.37 -32.71
N PRO C 933 14.46 42.42 -33.33
CA PRO C 933 15.56 43.13 -32.71
C PRO C 933 15.32 43.58 -31.30
N SER C 934 16.42 43.46 -30.50
CA SER C 934 16.45 43.88 -29.09
C SER C 934 17.90 44.00 -28.61
N GLU C 935 18.08 44.41 -27.35
CA GLU C 935 19.43 44.46 -26.79
C GLU C 935 20.08 43.10 -26.99
N ASN C 936 21.32 43.09 -27.45
CA ASN C 936 22.02 41.85 -27.69
C ASN C 936 23.50 42.04 -27.77
N GLY C 937 24.19 40.93 -27.85
CA GLY C 937 25.63 40.91 -28.06
C GLY C 937 26.46 41.16 -26.83
N LEU C 938 25.83 41.43 -25.69
CA LEU C 938 26.64 41.69 -24.50
C LEU C 938 27.68 40.61 -24.24
N ARG C 939 28.79 41.05 -23.65
CA ARG C 939 29.82 40.19 -23.10
C ARG C 939 30.19 40.66 -21.72
N CYS C 940 30.09 39.77 -20.77
CA CYS C 940 30.38 40.15 -19.42
C CYS C 940 31.80 39.85 -19.00
N GLY C 941 32.05 40.28 -17.78
CA GLY C 941 33.33 40.16 -17.11
C GLY C 941 34.51 40.64 -17.92
N THR C 942 34.33 41.74 -18.65
CA THR C 942 35.41 42.22 -19.45
C THR C 942 36.36 43.08 -18.68
N ARG C 943 37.62 42.83 -18.95
CA ARG C 943 38.68 43.55 -18.29
C ARG C 943 39.44 44.52 -19.13
N GLU C 944 39.35 44.28 -20.43
CA GLU C 944 39.99 45.07 -21.42
C GLU C 944 39.36 44.89 -22.76
N LEU C 945 39.11 45.98 -23.38
CA LEU C 945 38.51 45.94 -24.66
C LEU C 945 39.24 46.87 -25.55
N ASN C 946 39.44 46.40 -26.76
CA ASN C 946 40.17 47.12 -27.78
C ASN C 946 39.42 47.27 -29.08
N TYR C 947 39.28 48.50 -29.52
CA TYR C 947 38.62 48.79 -30.77
C TYR C 947 39.34 49.98 -31.28
N GLY C 948 39.87 49.76 -32.50
CA GLY C 948 40.72 50.68 -33.19
C GLY C 948 41.89 51.03 -32.29
N PRO C 949 42.03 52.33 -32.08
CA PRO C 949 43.03 52.92 -31.21
C PRO C 949 42.50 53.03 -29.79
N HIS C 950 41.32 52.50 -29.54
CA HIS C 950 40.88 52.66 -28.20
C HIS C 950 41.06 51.42 -27.40
N GLN C 951 41.26 51.71 -26.15
CA GLN C 951 41.36 50.66 -25.22
C GLN C 951 40.73 51.06 -23.92
N TRP C 952 39.80 50.24 -23.47
CA TRP C 952 39.18 50.54 -22.22
C TRP C 952 39.52 49.46 -21.27
N ARG C 953 39.74 49.86 -20.04
CA ARG C 953 40.09 48.88 -19.04
C ARG C 953 39.31 49.04 -17.77
N GLY C 954 39.01 47.89 -17.15
CA GLY C 954 38.28 47.82 -15.89
C GLY C 954 37.60 46.47 -15.69
N ASP C 955 36.41 46.55 -15.08
CA ASP C 955 35.53 45.43 -14.87
C ASP C 955 34.13 45.81 -15.36
N PHE C 956 33.80 45.37 -16.55
CA PHE C 956 32.51 45.79 -17.00
C PHE C 956 31.98 44.81 -18.00
N GLN C 957 30.74 45.08 -18.33
CA GLN C 957 30.10 44.33 -19.35
C GLN C 957 30.00 45.34 -20.46
N PHE C 958 30.01 44.87 -21.70
CA PHE C 958 29.86 45.76 -22.84
C PHE C 958 29.25 45.12 -24.08
N ASN C 959 28.88 45.96 -25.03
CA ASN C 959 28.37 45.56 -26.30
C ASN C 959 28.68 46.65 -27.30
N ILE C 960 28.82 46.23 -28.54
CA ILE C 960 29.25 47.11 -29.58
C ILE C 960 28.80 46.72 -30.99
N SER C 961 28.09 47.60 -31.66
CA SER C 961 27.60 47.31 -33.00
C SER C 961 27.40 48.61 -33.75
N ARG C 962 26.68 48.53 -34.86
CA ARG C 962 26.32 49.68 -35.66
C ARG C 962 24.87 50.04 -35.49
N TYR C 963 24.28 49.69 -34.36
CA TYR C 963 22.89 50.02 -34.17
C TYR C 963 22.67 50.60 -32.81
N SER C 964 22.03 51.74 -32.79
CA SER C 964 21.75 52.31 -31.52
C SER C 964 20.66 51.47 -30.87
N GLN C 965 20.58 51.61 -29.54
CA GLN C 965 19.53 50.95 -28.78
C GLN C 965 18.18 51.37 -29.34
N GLN C 966 18.09 52.65 -29.60
CA GLN C 966 16.86 53.17 -30.16
C GLN C 966 16.53 52.56 -31.50
N GLN C 967 17.49 52.44 -32.38
CA GLN C 967 17.12 51.81 -33.60
C GLN C 967 16.57 50.39 -33.34
N LEU C 968 17.18 49.64 -32.43
CA LEU C 968 16.81 48.25 -32.15
C LEU C 968 15.39 48.13 -31.65
N MET C 969 15.18 49.04 -30.73
CA MET C 969 13.95 49.19 -30.05
C MET C 969 12.81 49.57 -30.96
N GLU C 970 13.12 50.26 -32.05
CA GLU C 970 12.11 50.70 -32.99
C GLU C 970 11.93 49.92 -34.29
N THR C 971 12.70 48.86 -34.45
CA THR C 971 12.59 47.99 -35.61
C THR C 971 12.00 46.63 -35.25
N SER C 972 10.92 46.33 -35.95
CA SER C 972 10.16 45.11 -35.78
C SER C 972 10.91 43.90 -36.32
N HIS C 973 11.70 44.11 -37.37
CA HIS C 973 12.44 42.99 -37.90
C HIS C 973 13.84 43.36 -38.13
N ARG C 974 14.64 42.35 -38.03
CA ARG C 974 16.03 42.60 -38.20
C ARG C 974 16.40 43.01 -39.59
N HIS C 975 15.62 42.55 -40.57
CA HIS C 975 15.95 42.90 -41.94
C HIS C 975 15.79 44.37 -42.24
N LEU C 976 15.14 45.08 -41.37
CA LEU C 976 14.96 46.49 -41.59
C LEU C 976 15.97 47.38 -40.91
N LEU C 977 16.89 46.80 -40.21
CA LEU C 977 17.88 47.61 -39.53
C LEU C 977 18.88 48.08 -40.55
N HIS C 978 19.39 49.26 -40.30
CA HIS C 978 20.41 49.82 -41.15
C HIS C 978 21.58 50.20 -40.29
N ALA C 979 22.77 49.94 -40.79
CA ALA C 979 23.93 50.34 -40.02
C ALA C 979 24.00 51.86 -39.90
N GLU C 980 24.33 52.36 -38.71
CA GLU C 980 24.46 53.78 -38.39
C GLU C 980 25.87 54.34 -38.72
N GLU C 981 26.05 55.67 -38.60
CA GLU C 981 27.32 56.30 -38.95
C GLU C 981 28.60 55.64 -38.47
N GLY C 982 28.73 55.37 -37.19
CA GLY C 982 29.99 54.76 -36.77
C GLY C 982 29.76 53.52 -35.95
N THR C 983 30.36 53.51 -34.79
CA THR C 983 30.17 52.36 -33.95
C THR C 983 29.58 52.78 -32.63
N TRP C 984 28.48 52.13 -32.29
CA TRP C 984 27.84 52.39 -31.01
C TRP C 984 28.42 51.49 -29.92
N LEU C 985 28.84 52.12 -28.84
CA LEU C 985 29.44 51.39 -27.76
C LEU C 985 28.71 51.62 -26.47
N ASN C 986 28.38 50.50 -25.83
CA ASN C 986 27.71 50.49 -24.55
C ASN C 986 28.60 49.76 -23.61
N ILE C 987 28.97 50.42 -22.54
CA ILE C 987 29.86 49.90 -21.54
C ILE C 987 29.13 49.96 -20.23
N ASP C 988 28.88 48.78 -19.70
CA ASP C 988 28.11 48.72 -18.52
C ASP C 988 28.89 48.34 -17.30
N GLY C 989 28.61 49.11 -16.28
CA GLY C 989 29.22 48.76 -15.02
C GLY C 989 28.36 47.59 -14.57
N PHE C 990 27.04 47.70 -14.85
CA PHE C 990 26.06 46.68 -14.50
C PHE C 990 24.92 46.52 -15.46
N HIS C 991 24.47 45.27 -15.54
CA HIS C 991 23.37 44.85 -16.42
C HIS C 991 22.40 43.87 -15.77
N MET C 992 21.12 44.10 -15.88
CA MET C 992 20.20 43.16 -15.29
C MET C 992 20.11 41.88 -16.13
N GLY C 993 19.79 40.73 -15.49
CA GLY C 993 19.66 39.42 -16.14
C GLY C 993 18.58 39.41 -17.24
N ILE C 994 18.57 38.34 -18.03
CA ILE C 994 17.61 38.25 -19.12
C ILE C 994 16.36 37.44 -18.81
N GLY C 995 16.39 36.60 -17.79
CA GLY C 995 15.21 35.80 -17.50
C GLY C 995 14.98 34.75 -18.57
N GLY C 996 13.79 34.16 -18.57
CA GLY C 996 13.47 33.15 -19.55
C GLY C 996 12.63 32.01 -18.96
N ASP C 997 12.41 31.94 -17.62
CA ASP C 997 11.60 30.82 -17.09
C ASP C 997 10.34 30.64 -17.92
N ASP C 998 9.89 31.78 -18.39
CA ASP C 998 8.77 31.89 -19.32
C ASP C 998 8.87 33.25 -19.94
N SER C 999 8.08 33.46 -20.98
CA SER C 999 8.14 34.72 -21.68
C SER C 999 6.85 35.50 -21.59
N TRP C 1000 6.06 35.22 -20.55
CA TRP C 1000 4.85 36.00 -20.42
C TRP C 1000 4.59 36.56 -19.04
N SER C 1001 5.62 36.58 -18.24
CA SER C 1001 5.59 37.13 -16.91
C SER C 1001 7.02 37.37 -16.55
N PRO C 1002 7.23 38.26 -15.58
CA PRO C 1002 8.59 38.52 -15.12
C PRO C 1002 9.27 37.21 -14.66
N SER C 1003 10.43 36.94 -15.29
CA SER C 1003 11.21 35.74 -15.02
C SER C 1003 12.65 36.04 -14.56
N VAL C 1004 12.95 37.31 -14.27
CA VAL C 1004 14.30 37.58 -13.86
C VAL C 1004 14.47 37.38 -12.38
N SER C 1005 15.33 36.47 -11.97
CA SER C 1005 15.47 36.30 -10.54
C SER C 1005 16.12 37.45 -9.91
N ALA C 1006 15.59 37.67 -8.73
CA ALA C 1006 16.02 38.71 -7.85
C ALA C 1006 17.52 38.98 -7.83
N GLU C 1007 18.35 37.89 -7.78
CA GLU C 1007 19.81 38.03 -7.78
C GLU C 1007 20.30 38.75 -8.99
N PHE C 1008 19.51 38.73 -10.05
CA PHE C 1008 19.93 39.41 -11.25
C PHE C 1008 19.30 40.75 -11.51
N GLN C 1009 18.61 41.30 -10.52
CA GLN C 1009 17.98 42.60 -10.66
C GLN C 1009 18.85 43.64 -9.97
N LEU C 1010 19.02 44.81 -10.62
CA LEU C 1010 19.84 45.90 -10.11
C LEU C 1010 19.07 46.66 -9.05
N SER C 1011 19.10 46.11 -7.84
CA SER C 1011 18.33 46.55 -6.70
C SER C 1011 19.12 47.07 -5.53
N ALA C 1012 20.38 47.38 -5.76
CA ALA C 1012 21.16 47.85 -4.64
C ALA C 1012 21.00 49.31 -4.25
N GLY C 1013 20.65 50.17 -5.19
CA GLY C 1013 20.52 51.56 -4.81
C GLY C 1013 21.75 52.36 -5.13
N ARG C 1014 22.89 51.91 -4.62
CA ARG C 1014 24.20 52.52 -4.79
C ARG C 1014 24.98 51.63 -5.75
N TYR C 1015 25.52 52.19 -6.81
CA TYR C 1015 26.34 51.46 -7.75
C TYR C 1015 27.64 52.22 -8.05
N HIS C 1016 28.76 51.54 -8.07
CA HIS C 1016 30.02 52.18 -8.32
C HIS C 1016 30.81 51.49 -9.42
N TYR C 1017 31.50 52.26 -10.28
CA TYR C 1017 32.35 51.66 -11.31
C TYR C 1017 33.40 52.58 -11.88
N GLN C 1018 34.45 51.98 -12.42
CA GLN C 1018 35.51 52.80 -12.97
C GLN C 1018 36.12 52.30 -14.26
N LEU C 1019 36.52 53.24 -15.06
CA LEU C 1019 37.12 52.94 -16.33
C LEU C 1019 38.39 53.65 -16.64
N VAL C 1020 39.09 53.08 -17.57
CA VAL C 1020 40.24 53.77 -18.03
C VAL C 1020 40.22 53.76 -19.51
N TRP C 1021 40.06 54.94 -20.06
CA TRP C 1021 40.04 55.03 -21.48
C TRP C 1021 41.37 55.51 -21.96
N CYS C 1022 41.83 54.89 -23.00
CA CYS C 1022 43.04 55.39 -23.55
C CYS C 1022 43.30 54.89 -24.94
N GLN C 1023 44.45 55.33 -25.43
CA GLN C 1023 44.88 54.99 -26.78
C GLN C 1023 46.23 54.34 -26.95
N LYS C 1024 46.30 53.75 -28.15
CA LYS C 1024 47.46 53.11 -28.73
C LYS C 1024 47.57 53.62 -30.18
N ILE D 4 23.73 -7.36 59.81
CA ILE D 4 24.96 -8.05 59.27
C ILE D 4 25.15 -8.23 57.71
N THR D 5 24.08 -8.72 57.10
CA THR D 5 23.91 -8.90 55.69
C THR D 5 23.40 -7.54 55.18
N ASP D 6 23.45 -6.56 56.12
CA ASP D 6 23.07 -5.16 55.93
C ASP D 6 24.34 -4.34 55.93
N SER D 7 25.38 -5.05 56.23
CA SER D 7 26.67 -4.48 56.30
C SER D 7 27.10 -3.94 54.94
N LEU D 8 27.81 -2.82 55.00
CA LEU D 8 28.41 -2.24 53.82
C LEU D 8 29.15 -3.34 53.12
N ALA D 9 29.96 -3.96 53.92
CA ALA D 9 30.82 -5.04 53.49
C ALA D 9 30.14 -6.08 52.64
N VAL D 10 28.97 -6.44 53.10
CA VAL D 10 28.20 -7.44 52.42
C VAL D 10 27.53 -6.83 51.19
N VAL D 11 26.71 -5.83 51.45
CA VAL D 11 26.06 -5.07 50.39
C VAL D 11 27.06 -4.74 49.23
N LEU D 12 27.99 -3.83 49.47
CA LEU D 12 28.94 -3.38 48.46
C LEU D 12 29.61 -4.46 47.70
N GLN D 13 29.56 -5.62 48.26
CA GLN D 13 30.31 -6.71 47.70
C GLN D 13 29.92 -7.09 46.28
N ARG D 14 28.64 -7.11 46.07
CA ARG D 14 28.08 -7.50 44.81
C ARG D 14 28.39 -6.53 43.66
N ARG D 15 28.78 -5.30 44.01
CA ARG D 15 29.08 -4.29 43.02
C ARG D 15 27.97 -4.17 41.96
N ASP D 16 26.77 -3.94 42.45
CA ASP D 16 25.64 -3.79 41.59
C ASP D 16 25.76 -2.63 40.60
N TRP D 17 26.57 -1.60 40.93
CA TRP D 17 26.82 -0.43 40.08
C TRP D 17 27.83 -0.70 38.98
N GLU D 18 28.25 -1.95 38.86
CA GLU D 18 29.14 -2.31 37.79
C GLU D 18 28.47 -3.48 37.07
N ASN D 19 27.14 -3.37 36.93
CA ASN D 19 26.37 -4.42 36.33
C ASN D 19 24.97 -4.00 35.88
N PRO D 20 24.91 -3.84 34.57
CA PRO D 20 23.77 -3.45 33.79
C PRO D 20 22.67 -4.47 33.86
N GLY D 21 22.97 -5.60 34.48
CA GLY D 21 21.94 -6.61 34.68
C GLY D 21 21.15 -6.35 35.98
N VAL D 22 21.62 -5.40 36.80
CA VAL D 22 20.96 -5.01 38.02
C VAL D 22 20.79 -3.52 37.93
N THR D 23 19.58 -3.11 37.67
CA THR D 23 19.29 -1.71 37.51
C THR D 23 18.56 -1.19 38.71
N GLN D 24 18.06 -2.15 39.46
CA GLN D 24 17.33 -1.82 40.67
C GLN D 24 17.19 -3.06 41.52
N LEU D 25 16.90 -2.87 42.80
CA LEU D 25 16.64 -3.96 43.71
C LEU D 25 15.54 -3.47 44.64
N ASN D 26 14.39 -4.15 44.63
CA ASN D 26 13.27 -3.77 45.52
C ASN D 26 12.57 -2.44 45.26
N ARG D 27 12.64 -1.98 44.03
CA ARG D 27 12.02 -0.74 43.68
C ARG D 27 10.61 -1.01 43.24
N LEU D 28 9.69 -0.17 43.70
CA LEU D 28 8.30 -0.30 43.27
C LEU D 28 8.10 0.06 41.80
N ALA D 29 6.96 -0.29 41.24
CA ALA D 29 6.65 0.03 39.86
C ALA D 29 6.41 1.49 39.65
N ALA D 30 6.55 1.91 38.39
CA ALA D 30 6.32 3.29 38.01
C ALA D 30 4.84 3.57 37.81
N HIS D 31 4.48 4.84 37.86
CA HIS D 31 3.10 5.22 37.69
C HIS D 31 3.05 6.70 37.68
N PRO D 32 1.87 7.16 37.32
CA PRO D 32 1.61 8.57 37.31
C PRO D 32 1.65 9.05 38.72
N PRO D 33 1.84 10.32 38.83
CA PRO D 33 1.91 11.01 40.11
C PRO D 33 0.68 10.80 40.96
N PHE D 34 0.95 10.42 42.20
CA PHE D 34 -0.04 10.15 43.24
C PHE D 34 0.13 11.07 44.43
N ALA D 35 -0.96 11.29 45.14
CA ALA D 35 -0.98 12.10 46.35
C ALA D 35 -1.79 11.45 47.46
N SER D 36 -2.62 10.51 47.09
CA SER D 36 -3.43 9.85 48.07
C SER D 36 -4.27 10.81 48.85
N TRP D 37 -5.04 11.59 48.14
CA TRP D 37 -5.91 12.45 48.87
C TRP D 37 -6.96 11.57 49.55
N ARG D 38 -7.47 12.04 50.68
CA ARG D 38 -8.50 11.31 51.33
C ARG D 38 -9.81 12.05 51.38
N ASN D 39 -9.87 13.10 50.58
CA ASN D 39 -11.07 13.88 50.36
C ASN D 39 -11.11 14.32 48.90
N SER D 40 -12.17 13.93 48.28
CA SER D 40 -12.38 14.22 46.91
C SER D 40 -12.22 15.71 46.53
N GLU D 41 -12.65 16.62 47.37
CA GLU D 41 -12.49 18.00 46.93
C GLU D 41 -11.09 18.50 46.83
N GLU D 42 -10.27 18.07 47.75
CA GLU D 42 -8.93 18.48 47.75
C GLU D 42 -8.33 17.96 46.50
N ALA D 43 -8.74 16.74 46.22
CA ALA D 43 -8.24 16.19 45.00
C ALA D 43 -8.69 17.05 43.85
N ARG D 44 -9.93 17.40 43.84
CA ARG D 44 -10.41 18.16 42.71
C ARG D 44 -9.73 19.47 42.52
N THR D 45 -9.46 20.09 43.61
CA THR D 45 -8.90 21.41 43.54
C THR D 45 -7.41 21.42 43.65
N ASP D 46 -6.87 20.24 43.59
CA ASP D 46 -5.44 20.18 43.70
C ASP D 46 -4.95 20.72 45.01
N ARG D 47 -5.72 20.52 46.05
CA ARG D 47 -5.16 20.96 47.30
C ARG D 47 -4.07 20.00 47.72
N PRO D 48 -3.38 20.29 48.78
CA PRO D 48 -2.28 19.43 49.17
C PRO D 48 -2.67 18.29 50.06
N SER D 49 -2.03 17.16 49.78
CA SER D 49 -2.35 15.97 50.49
C SER D 49 -1.54 15.80 51.72
N GLN D 50 -2.28 15.71 52.81
CA GLN D 50 -1.61 15.50 54.04
C GLN D 50 -0.85 14.14 54.01
N GLN D 51 -1.19 13.23 53.06
CA GLN D 51 -0.58 11.90 52.94
C GLN D 51 0.69 11.86 52.18
N LEU D 52 1.07 13.06 51.82
CA LEU D 52 2.28 13.25 51.09
C LEU D 52 3.14 14.34 51.68
N ARG D 53 4.25 13.87 52.22
CA ARG D 53 5.20 14.64 52.99
C ARG D 53 6.59 14.74 52.33
N SER D 54 7.14 15.96 52.35
CA SER D 54 8.46 16.22 51.79
C SER D 54 9.55 16.03 52.79
N LEU D 55 10.61 15.36 52.40
CA LEU D 55 11.75 15.25 53.27
C LEU D 55 12.85 16.21 52.79
N ASN D 56 12.40 17.23 52.07
CA ASN D 56 13.44 18.13 51.62
C ASN D 56 13.86 19.05 52.73
N GLY D 57 15.16 19.33 52.75
CA GLY D 57 15.76 20.24 53.70
C GLY D 57 17.21 20.01 54.08
N GLU D 58 17.42 20.12 55.39
CA GLU D 58 18.73 19.97 55.89
C GLU D 58 18.99 18.52 56.17
N TRP D 59 20.04 18.02 55.54
CA TRP D 59 20.43 16.65 55.69
C TRP D 59 21.87 16.63 56.07
N ARG D 60 22.33 15.49 56.52
CA ARG D 60 23.72 15.42 56.85
C ARG D 60 24.37 14.65 55.75
N PHE D 61 25.51 15.16 55.39
CA PHE D 61 26.27 14.66 54.29
C PHE D 61 27.75 14.51 54.58
N ALA D 62 28.34 13.48 53.97
CA ALA D 62 29.76 13.25 54.05
C ALA D 62 30.21 12.63 52.75
N TRP D 63 31.29 13.15 52.20
CA TRP D 63 31.85 12.72 50.94
C TRP D 63 33.03 11.78 51.10
N PHE D 64 33.11 10.79 50.23
CA PHE D 64 34.20 9.80 50.19
C PHE D 64 34.56 9.53 48.77
N PRO D 65 35.83 9.29 48.61
CA PRO D 65 36.50 9.02 47.35
C PRO D 65 36.24 7.66 46.75
N ALA D 66 35.59 6.79 47.52
CA ALA D 66 35.26 5.45 47.06
C ALA D 66 34.30 4.86 48.02
N PRO D 67 33.36 4.13 47.48
CA PRO D 67 32.33 3.51 48.27
C PRO D 67 32.94 2.72 49.43
N GLU D 68 34.03 2.07 49.10
CA GLU D 68 34.77 1.21 50.03
C GLU D 68 35.33 1.92 51.29
N ALA D 69 35.54 3.21 51.19
CA ALA D 69 36.02 4.01 52.30
C ALA D 69 34.92 4.43 53.27
N VAL D 70 33.72 3.89 53.07
CA VAL D 70 32.68 4.23 53.98
C VAL D 70 32.82 3.26 55.14
N PRO D 71 32.54 3.77 56.32
CA PRO D 71 32.67 3.08 57.57
C PRO D 71 31.36 2.53 58.04
N GLU D 72 31.45 1.26 58.40
CA GLU D 72 30.28 0.58 58.85
C GLU D 72 29.45 1.35 59.87
N SER D 73 30.13 2.21 60.60
CA SER D 73 29.50 3.01 61.63
C SER D 73 28.32 3.81 61.12
N TRP D 74 28.54 4.28 59.89
CA TRP D 74 27.63 5.18 59.24
C TRP D 74 26.22 4.67 59.23
N LEU D 75 26.18 3.35 59.12
CA LEU D 75 24.89 2.72 59.08
C LEU D 75 24.12 2.93 60.34
N GLU D 76 24.85 3.00 61.45
CA GLU D 76 24.24 3.12 62.75
C GLU D 76 24.16 4.52 63.31
N CYS D 77 25.12 5.34 62.96
CA CYS D 77 25.07 6.61 63.59
C CYS D 77 25.64 7.68 62.72
N ASP D 78 25.18 8.91 62.93
CA ASP D 78 25.79 9.99 62.16
C ASP D 78 27.31 10.07 62.32
N LEU D 79 27.91 11.00 61.64
CA LEU D 79 29.34 11.13 61.71
C LEU D 79 29.66 12.52 62.11
N PRO D 80 30.53 12.56 63.05
CA PRO D 80 31.08 13.76 63.66
C PRO D 80 31.31 14.96 62.68
N GLU D 81 31.95 14.57 61.60
CA GLU D 81 32.41 15.39 60.49
C GLU D 81 31.43 15.51 59.32
N ALA D 82 30.29 14.89 59.50
CA ALA D 82 29.27 14.98 58.52
C ALA D 82 28.84 16.43 58.58
N ASP D 83 28.60 17.04 57.42
CA ASP D 83 28.18 18.41 57.39
C ASP D 83 26.69 18.48 57.25
N THR D 84 26.18 19.68 57.40
CA THR D 84 24.78 19.85 57.25
C THR D 84 24.55 20.55 55.94
N VAL D 85 24.04 19.75 55.03
CA VAL D 85 23.80 20.16 53.70
C VAL D 85 22.32 20.27 53.45
N VAL D 86 22.01 21.04 52.43
CA VAL D 86 20.63 21.15 52.02
C VAL D 86 20.34 20.20 50.83
N VAL D 87 19.17 19.58 50.89
CA VAL D 87 18.75 18.62 49.89
C VAL D 87 17.38 19.05 49.40
N PRO D 88 17.19 19.05 48.08
CA PRO D 88 18.09 18.57 47.08
C PRO D 88 19.20 19.52 46.71
N SER D 89 20.27 18.91 46.23
CA SER D 89 21.41 19.67 45.78
C SER D 89 22.35 18.74 45.03
N ASN D 90 23.33 19.35 44.39
CA ASN D 90 24.38 18.67 43.66
C ASN D 90 25.62 18.90 44.47
N TRP D 91 26.19 17.84 44.95
CA TRP D 91 27.31 18.03 45.81
C TRP D 91 28.48 18.76 45.17
N GLN D 92 28.60 18.70 43.86
CA GLN D 92 29.68 19.48 43.27
C GLN D 92 29.39 20.97 43.53
N MET D 93 28.11 21.29 43.74
CA MET D 93 27.67 22.66 43.95
C MET D 93 28.05 23.18 45.31
N HIS D 94 28.43 22.24 46.16
CA HIS D 94 28.81 22.54 47.52
C HIS D 94 30.30 22.54 47.75
N GLY D 95 31.08 21.98 46.83
CA GLY D 95 32.51 21.98 46.95
C GLY D 95 33.19 20.63 47.04
N TYR D 96 32.45 19.57 47.29
CA TYR D 96 33.09 18.28 47.45
C TYR D 96 34.07 17.81 46.38
N ASP D 97 33.63 17.90 45.15
CA ASP D 97 34.46 17.56 44.01
C ASP D 97 34.07 18.54 42.93
N ALA D 98 34.70 18.39 41.77
CA ALA D 98 34.42 19.26 40.64
C ALA D 98 33.37 18.71 39.69
N PRO D 99 32.72 19.66 39.06
CA PRO D 99 31.78 19.32 38.04
C PRO D 99 32.63 19.20 36.77
N ILE D 100 32.25 18.25 35.93
CA ILE D 100 33.00 18.11 34.71
C ILE D 100 32.14 18.48 33.56
N TYR D 101 32.72 19.37 32.78
CA TYR D 101 32.07 19.72 31.58
C TYR D 101 32.75 19.03 30.38
N THR D 102 32.21 17.89 30.01
CA THR D 102 32.65 17.16 28.84
C THR D 102 31.42 16.93 27.93
N ASN D 103 31.63 16.90 26.61
CA ASN D 103 30.51 16.72 25.67
C ASN D 103 30.18 15.24 25.33
N VAL D 104 31.04 14.74 24.45
CA VAL D 104 31.01 13.41 23.89
C VAL D 104 31.80 12.40 24.71
N THR D 105 33.08 12.68 24.75
CA THR D 105 34.06 11.90 25.46
C THR D 105 33.61 11.65 26.88
N TYR D 106 33.47 10.36 27.23
CA TYR D 106 33.04 10.06 28.57
C TYR D 106 34.04 10.55 29.60
N PRO D 107 33.46 11.00 30.72
CA PRO D 107 34.14 11.52 31.90
C PRO D 107 35.14 10.53 32.49
N ILE D 108 34.71 9.27 32.58
CA ILE D 108 35.49 8.14 33.03
C ILE D 108 36.00 7.33 31.83
N THR D 109 36.80 6.36 32.15
CA THR D 109 37.41 5.49 31.18
C THR D 109 36.41 4.45 30.69
N VAL D 110 36.37 4.33 29.36
CA VAL D 110 35.46 3.42 28.68
C VAL D 110 35.79 1.93 28.78
N ASN D 111 35.16 1.26 29.76
CA ASN D 111 35.29 -0.16 30.02
C ASN D 111 34.05 -0.78 30.63
N PRO D 112 33.04 -0.77 29.83
CA PRO D 112 31.78 -1.29 30.26
C PRO D 112 31.93 -2.74 30.61
N PRO D 113 31.29 -3.07 31.75
CA PRO D 113 30.45 -2.09 32.46
C PRO D 113 31.13 -1.52 33.65
N PHE D 114 32.44 -1.50 33.57
CA PHE D 114 33.18 -1.07 34.71
C PHE D 114 33.29 0.38 34.84
N VAL D 115 33.45 0.68 36.08
CA VAL D 115 33.61 2.01 36.56
C VAL D 115 34.94 2.06 37.31
N PRO D 116 35.39 3.28 37.51
CA PRO D 116 36.65 3.55 38.19
C PRO D 116 36.58 3.22 39.67
N THR D 117 37.71 2.77 40.24
CA THR D 117 37.68 2.40 41.65
C THR D 117 37.52 3.60 42.57
N GLU D 118 38.07 4.71 42.06
CA GLU D 118 37.95 5.98 42.71
C GLU D 118 36.58 6.52 42.28
N ASN D 119 35.62 6.32 43.14
CA ASN D 119 34.32 6.68 42.77
C ASN D 119 33.57 7.34 43.91
N PRO D 120 33.55 8.60 43.72
CA PRO D 120 33.01 9.57 44.63
C PRO D 120 31.64 9.24 45.14
N THR D 121 31.65 8.89 46.40
CA THR D 121 30.49 8.51 47.14
C THR D 121 30.05 9.61 48.07
N GLY D 122 28.74 9.83 48.13
CA GLY D 122 28.17 10.87 48.97
C GLY D 122 27.20 10.18 49.92
N CYS D 123 27.42 10.39 51.20
CA CYS D 123 26.58 9.74 52.16
C CYS D 123 25.66 10.73 52.76
N TYR D 124 24.38 10.54 52.48
CA TYR D 124 23.37 11.43 53.00
C TYR D 124 22.66 10.72 54.11
N SER D 125 22.15 11.49 55.07
CA SER D 125 21.40 10.89 56.16
C SER D 125 20.39 11.85 56.69
N LEU D 126 19.34 11.24 57.22
CA LEU D 126 18.28 12.07 57.69
C LEU D 126 17.53 11.40 58.81
N THR D 127 17.32 12.20 59.85
CA THR D 127 16.61 11.72 61.00
C THR D 127 15.25 12.32 61.02
N PHE D 128 14.22 11.50 61.17
CA PHE D 128 12.90 12.06 61.06
C PHE D 128 11.86 11.23 61.75
N ASN D 129 10.74 11.92 61.86
CA ASN D 129 9.63 11.37 62.57
C ASN D 129 8.48 10.82 61.78
N VAL D 130 8.09 9.66 62.19
CA VAL D 130 6.98 9.12 61.54
C VAL D 130 5.86 9.06 62.52
N ASP D 131 4.73 9.56 62.08
CA ASP D 131 3.60 9.56 62.95
C ASP D 131 2.98 8.19 63.12
N GLU D 132 2.81 7.78 64.36
CA GLU D 132 2.23 6.49 64.68
C GLU D 132 1.05 6.09 63.80
N SER D 133 0.25 7.05 63.35
CA SER D 133 -0.91 6.71 62.51
C SER D 133 -0.61 6.02 61.19
N TRP D 134 0.47 6.45 60.57
CA TRP D 134 0.97 5.93 59.35
C TRP D 134 1.35 4.48 59.52
N LEU D 135 1.68 4.07 60.73
CA LEU D 135 2.03 2.69 60.91
C LEU D 135 0.91 1.76 61.29
N GLN D 136 -0.20 2.29 61.65
CA GLN D 136 -1.33 1.39 61.92
C GLN D 136 -1.64 0.65 60.68
N GLU D 137 -1.96 1.43 59.61
CA GLU D 137 -2.24 0.85 58.31
C GLU D 137 -1.63 1.58 57.19
N GLY D 138 -1.97 1.01 56.06
CA GLY D 138 -1.55 1.56 54.83
C GLY D 138 -0.10 1.27 54.62
N GLN D 139 0.34 1.88 53.54
CA GLN D 139 1.70 1.71 53.18
C GLN D 139 2.37 3.04 53.10
N THR D 140 3.60 3.00 53.61
CA THR D 140 4.44 4.17 53.66
C THR D 140 5.60 3.95 52.76
N ARG D 141 5.63 4.77 51.74
CA ARG D 141 6.73 4.53 50.86
C ARG D 141 7.49 5.81 50.63
N ILE D 142 8.72 5.60 50.19
CA ILE D 142 9.61 6.69 49.93
C ILE D 142 9.92 6.88 48.46
N ILE D 143 10.11 8.13 48.10
CA ILE D 143 10.38 8.48 46.73
C ILE D 143 11.50 9.45 46.47
N PHE D 144 12.36 9.05 45.58
CA PHE D 144 13.38 9.97 45.17
C PHE D 144 13.18 10.26 43.71
N ASP D 145 12.87 11.51 43.45
CA ASP D 145 12.61 12.01 42.11
C ASP D 145 13.82 12.12 41.22
N GLY D 146 14.99 11.95 41.79
CA GLY D 146 16.22 12.03 41.03
C GLY D 146 17.50 11.89 41.89
N VAL D 147 18.23 10.78 41.71
CA VAL D 147 19.47 10.51 42.39
C VAL D 147 20.50 10.16 41.32
N ASN D 148 21.59 10.87 41.31
CA ASN D 148 22.55 10.73 40.27
C ASN D 148 23.91 10.33 40.81
N SER D 149 24.48 9.19 40.38
CA SER D 149 23.94 8.32 39.37
C SER D 149 23.28 7.03 39.84
N ALA D 150 23.59 6.60 41.04
CA ALA D 150 23.06 5.33 41.52
C ALA D 150 23.08 5.33 43.03
N PHE D 151 22.36 4.42 43.65
CA PHE D 151 22.43 4.51 45.08
C PHE D 151 21.85 3.31 45.81
N HIS D 152 22.31 3.17 47.04
CA HIS D 152 21.86 2.14 47.94
C HIS D 152 21.11 2.76 49.07
N LEU D 153 20.19 2.02 49.62
CA LEU D 153 19.44 2.65 50.67
C LEU D 153 19.21 1.77 51.89
N TRP D 154 19.38 2.43 53.06
CA TRP D 154 19.14 1.83 54.36
C TRP D 154 18.19 2.66 55.17
N CYS D 155 17.46 1.96 56.02
CA CYS D 155 16.50 2.63 56.87
C CYS D 155 16.53 1.95 58.20
N ASN D 156 16.78 2.78 59.19
CA ASN D 156 16.92 2.33 60.55
C ASN D 156 17.94 1.20 60.56
N GLY D 157 19.04 1.44 59.84
CA GLY D 157 20.17 0.54 59.78
C GLY D 157 19.94 -0.67 58.92
N ARG D 158 18.76 -0.82 58.38
CA ARG D 158 18.50 -1.94 57.50
C ARG D 158 18.56 -1.59 56.01
N TRP D 159 19.09 -2.52 55.23
CA TRP D 159 19.19 -2.29 53.79
C TRP D 159 17.86 -2.42 53.09
N VAL D 160 17.56 -1.39 52.33
CA VAL D 160 16.27 -1.38 51.65
C VAL D 160 16.24 -1.77 50.17
N GLY D 161 17.15 -1.16 49.40
CA GLY D 161 17.22 -1.36 47.98
C GLY D 161 18.24 -0.44 47.32
N TYR D 162 18.27 -0.59 46.00
CA TYR D 162 19.19 0.03 45.08
C TYR D 162 18.47 0.55 43.84
N GLY D 163 19.05 1.56 43.18
CA GLY D 163 18.42 2.11 42.00
C GLY D 163 19.35 2.85 41.06
N GLN D 164 19.03 2.73 39.75
CA GLN D 164 19.72 3.44 38.70
C GLN D 164 18.74 4.33 37.91
N ASP D 165 19.29 5.13 37.02
CA ASP D 165 18.51 6.09 36.26
C ASP D 165 18.35 7.40 37.02
N SER D 166 19.27 8.30 36.71
CA SER D 166 19.30 9.58 37.35
C SER D 166 18.08 10.43 37.16
N ARG D 167 17.37 10.26 36.06
CA ARG D 167 16.27 11.15 35.79
C ARG D 167 14.88 10.65 36.06
N LEU D 168 14.70 9.49 36.69
CA LEU D 168 13.31 9.09 37.01
C LEU D 168 13.22 8.68 38.49
N PRO D 169 12.03 8.68 39.05
CA PRO D 169 11.85 8.31 40.45
C PRO D 169 12.04 6.86 40.79
N SER D 170 12.63 6.68 41.96
CA SER D 170 12.78 5.38 42.55
C SER D 170 11.96 5.45 43.81
N GLU D 171 11.14 4.41 44.01
CA GLU D 171 10.26 4.25 45.14
C GLU D 171 10.43 2.96 45.87
N PHE D 172 10.47 3.10 47.17
CA PHE D 172 10.58 1.95 48.01
C PHE D 172 9.57 1.99 49.11
N ASP D 173 9.12 0.80 49.46
CA ASP D 173 8.17 0.61 50.52
C ASP D 173 8.94 0.52 51.82
N LEU D 174 8.70 1.45 52.71
CA LEU D 174 9.44 1.50 53.96
C LEU D 174 8.64 0.94 55.09
N SER D 175 7.46 0.55 54.72
CA SER D 175 6.45 0.06 55.60
C SER D 175 6.93 -0.77 56.75
N ALA D 176 7.81 -1.66 56.47
CA ALA D 176 8.30 -2.51 57.53
C ALA D 176 9.65 -2.17 58.11
N PHE D 177 10.18 -0.99 57.89
CA PHE D 177 11.47 -0.68 58.46
C PHE D 177 11.35 0.43 59.44
N LEU D 178 10.23 1.07 59.27
CA LEU D 178 9.85 2.20 60.05
C LEU D 178 9.39 1.76 61.41
N ARG D 179 9.72 2.65 62.35
CA ARG D 179 9.38 2.57 63.75
C ARG D 179 8.71 3.88 64.08
N ALA D 180 7.83 3.85 65.06
CA ALA D 180 7.17 5.09 65.43
C ALA D 180 8.12 6.06 66.10
N GLY D 181 7.89 7.30 65.69
CA GLY D 181 8.70 8.40 66.10
C GLY D 181 9.93 8.56 65.21
N GLU D 182 11.06 8.32 65.85
CA GLU D 182 12.31 8.55 65.21
C GLU D 182 12.93 7.49 64.37
N ASN D 183 13.06 7.87 63.11
CA ASN D 183 13.65 7.08 62.07
C ASN D 183 14.81 7.82 61.46
N ARG D 184 15.69 7.01 60.88
CA ARG D 184 16.87 7.46 60.19
C ARG D 184 17.17 6.74 58.86
N LEU D 185 17.48 7.55 57.85
CA LEU D 185 17.82 7.09 56.53
C LEU D 185 19.26 7.31 56.25
N ALA D 186 19.81 6.31 55.61
CA ALA D 186 21.16 6.40 55.14
C ALA D 186 21.12 6.00 53.68
N VAL D 187 21.50 7.00 52.88
CA VAL D 187 21.53 6.95 51.45
C VAL D 187 22.93 7.10 50.92
N MET D 188 23.38 6.08 50.22
CA MET D 188 24.67 6.21 49.61
C MET D 188 24.66 6.24 48.11
N VAL D 189 25.03 7.41 47.64
CA VAL D 189 25.05 7.79 46.27
C VAL D 189 26.40 7.73 45.61
N LEU D 190 26.48 6.90 44.57
CA LEU D 190 27.66 6.71 43.77
C LEU D 190 27.66 7.61 42.55
N ARG D 191 28.81 8.23 42.32
CA ARG D 191 28.83 9.09 41.18
C ARG D 191 28.77 8.34 39.86
N TRP D 192 29.63 7.36 39.72
CA TRP D 192 29.67 6.56 38.52
C TRP D 192 29.04 5.20 38.75
N SER D 193 28.35 4.65 37.73
CA SER D 193 27.73 3.32 37.77
C SER D 193 27.64 2.78 36.38
N ASP D 194 27.14 1.56 36.19
CA ASP D 194 27.03 1.06 34.83
C ASP D 194 25.97 1.93 34.09
N GLY D 195 25.12 2.61 34.87
CA GLY D 195 24.10 3.54 34.34
C GLY D 195 24.72 4.75 33.66
N SER D 196 25.95 5.02 33.99
CA SER D 196 26.61 6.17 33.42
C SER D 196 26.91 5.99 31.96
N TYR D 197 27.09 4.74 31.60
CA TYR D 197 27.37 4.47 30.19
C TYR D 197 26.21 4.94 29.32
N LEU D 198 25.02 5.00 29.92
CA LEU D 198 23.84 5.43 29.23
C LEU D 198 23.49 6.87 29.51
N GLU D 199 24.38 7.58 30.19
CA GLU D 199 24.07 8.96 30.47
C GLU D 199 25.17 9.90 30.02
N ASP D 200 25.54 9.82 28.74
CA ASP D 200 26.61 10.65 28.26
C ASP D 200 26.17 11.92 27.51
N GLN D 201 25.21 12.63 28.07
CA GLN D 201 24.75 13.88 27.47
C GLN D 201 25.75 15.02 27.56
N ASP D 202 25.73 15.85 26.51
CA ASP D 202 26.56 17.02 26.46
C ASP D 202 26.09 18.05 27.50
N MET D 203 26.65 17.95 28.72
CA MET D 203 26.28 18.83 29.82
C MET D 203 27.25 18.60 30.99
N TRP D 204 27.21 19.48 31.98
CA TRP D 204 28.06 19.28 33.15
C TRP D 204 27.75 17.92 33.76
N ARG D 205 28.79 17.23 34.22
CA ARG D 205 28.62 15.94 34.91
C ARG D 205 28.68 16.20 36.44
N MET D 206 27.52 16.07 37.09
CA MET D 206 27.32 16.29 38.51
C MET D 206 26.78 15.07 39.20
N SER D 207 26.37 15.24 40.49
CA SER D 207 25.86 14.13 41.29
C SER D 207 25.17 14.50 42.57
N GLY D 208 24.38 13.54 43.03
CA GLY D 208 23.65 13.70 44.27
C GLY D 208 22.15 13.54 44.21
N ILE D 209 21.54 13.84 45.37
CA ILE D 209 20.10 13.83 45.49
C ILE D 209 19.61 15.21 45.05
N PHE D 210 19.44 15.35 43.72
CA PHE D 210 19.14 16.62 43.08
C PHE D 210 17.71 16.95 42.77
N ARG D 211 16.80 16.03 43.05
CA ARG D 211 15.38 16.29 42.91
C ARG D 211 14.85 15.91 44.27
N ASP D 212 13.60 16.11 44.52
CA ASP D 212 12.95 15.86 45.77
C ASP D 212 12.93 14.47 46.33
N VAL D 213 12.57 14.48 47.63
CA VAL D 213 12.43 13.34 48.49
C VAL D 213 11.14 13.45 49.23
N SER D 214 10.36 12.39 49.11
CA SER D 214 9.06 12.40 49.73
C SER D 214 8.65 11.08 50.31
N LEU D 215 7.56 11.22 51.05
CA LEU D 215 6.93 10.16 51.73
C LEU D 215 5.51 10.19 51.39
N LEU D 216 5.09 9.01 51.02
CA LEU D 216 3.71 8.90 50.66
C LEU D 216 3.08 7.75 51.40
N HIS D 217 1.96 8.09 51.97
CA HIS D 217 1.21 7.13 52.72
C HIS D 217 -0.02 6.67 51.94
N LYS D 218 -0.08 5.40 51.55
CA LYS D 218 -1.28 4.97 50.84
C LYS D 218 -2.03 3.94 51.62
N PRO D 219 -3.30 3.84 51.30
CA PRO D 219 -4.17 2.88 51.91
C PRO D 219 -3.68 1.52 51.50
N THR D 220 -4.20 0.49 52.11
CA THR D 220 -3.72 -0.84 51.81
C THR D 220 -4.30 -1.38 50.52
N THR D 221 -5.51 -0.93 50.31
CA THR D 221 -6.29 -1.22 49.15
C THR D 221 -6.28 0.11 48.46
N GLN D 222 -5.62 0.20 47.31
CA GLN D 222 -5.41 1.47 46.68
C GLN D 222 -5.42 1.42 45.18
N ILE D 223 -5.30 2.63 44.64
CA ILE D 223 -5.17 2.81 43.22
C ILE D 223 -3.68 2.68 42.88
N SER D 224 -3.34 1.70 42.05
CA SER D 224 -1.96 1.40 41.68
C SER D 224 -1.47 2.12 40.42
N ASP D 225 -2.44 2.45 39.54
CA ASP D 225 -2.16 3.16 38.30
C ASP D 225 -3.46 3.52 37.63
N PHE D 226 -3.37 4.52 36.74
CA PHE D 226 -4.50 4.85 35.94
C PHE D 226 -4.07 5.64 34.73
N HIS D 227 -4.80 5.46 33.65
CA HIS D 227 -4.52 6.17 32.45
C HIS D 227 -5.76 6.73 31.86
N VAL D 228 -5.50 7.81 31.21
CA VAL D 228 -6.52 8.50 30.53
C VAL D 228 -6.32 8.49 29.04
N ALA D 229 -7.42 8.59 28.33
CA ALA D 229 -7.41 8.61 26.88
C ALA D 229 -8.66 9.29 26.34
N THR D 230 -8.49 9.95 25.22
CA THR D 230 -9.60 10.66 24.65
C THR D 230 -9.77 10.39 23.19
N ARG D 231 -10.92 9.87 22.85
CA ARG D 231 -11.21 9.71 21.46
C ARG D 231 -12.20 10.78 21.01
N PHE D 232 -12.12 11.12 19.73
CA PHE D 232 -12.98 12.10 19.10
C PHE D 232 -13.67 11.55 17.87
N ASN D 233 -14.64 12.30 17.44
CA ASN D 233 -15.39 12.03 16.25
C ASN D 233 -14.84 12.87 15.13
N ASP D 234 -15.38 12.66 13.96
CA ASP D 234 -14.83 13.33 12.80
C ASP D 234 -14.56 14.82 12.95
N ASP D 235 -15.45 15.54 13.62
CA ASP D 235 -15.23 16.96 13.73
C ASP D 235 -14.93 17.42 15.13
N PHE D 236 -14.62 16.50 16.02
CA PHE D 236 -14.31 16.91 17.37
C PHE D 236 -15.47 17.48 18.13
N SER D 237 -16.66 17.28 17.65
CA SER D 237 -17.77 17.80 18.40
C SER D 237 -18.12 16.86 19.55
N ARG D 238 -17.56 15.65 19.52
CA ARG D 238 -17.78 14.74 20.62
C ARG D 238 -16.58 13.90 20.96
N ALA D 239 -16.40 13.70 22.26
CA ALA D 239 -15.27 12.91 22.70
C ALA D 239 -15.66 11.89 23.71
N VAL D 240 -14.78 10.95 23.89
CA VAL D 240 -14.95 9.97 24.90
C VAL D 240 -13.74 9.99 25.75
N LEU D 241 -13.95 10.09 27.01
CA LEU D 241 -12.86 10.02 27.90
C LEU D 241 -12.88 8.61 28.43
N GLU D 242 -11.75 7.99 28.38
CA GLU D 242 -11.63 6.62 28.80
C GLU D 242 -10.59 6.47 29.86
N ALA D 243 -10.98 5.93 31.01
CA ALA D 243 -10.05 5.80 32.10
C ALA D 243 -9.93 4.37 32.54
N GLU D 244 -8.69 3.96 32.64
CA GLU D 244 -8.42 2.63 33.05
C GLU D 244 -7.72 2.70 34.35
N VAL D 245 -8.37 1.98 35.25
CA VAL D 245 -7.88 1.97 36.58
C VAL D 245 -7.52 0.61 37.10
N GLN D 246 -6.39 0.60 37.78
CA GLN D 246 -6.03 -0.59 38.45
C GLN D 246 -5.77 -0.34 39.88
N MET D 247 -6.04 -1.39 40.62
CA MET D 247 -5.92 -1.32 42.05
C MET D 247 -5.06 -2.42 42.59
N CYS D 248 -4.62 -2.26 43.83
CA CYS D 248 -3.84 -3.24 44.59
C CYS D 248 -4.48 -3.52 45.93
N GLY D 249 -4.49 -4.79 46.36
CA GLY D 249 -5.04 -5.09 47.66
C GLY D 249 -6.18 -6.05 47.60
N GLU D 250 -6.92 -6.16 48.70
CA GLU D 250 -7.95 -7.11 48.47
C GLU D 250 -9.18 -6.63 47.94
N LEU D 251 -9.43 -7.30 46.90
CA LEU D 251 -10.56 -7.20 46.11
C LEU D 251 -11.77 -7.71 46.82
N ARG D 252 -12.64 -6.78 47.08
CA ARG D 252 -13.89 -7.03 47.75
C ARG D 252 -15.05 -6.44 46.93
N ASP D 253 -16.04 -7.23 46.71
CA ASP D 253 -17.20 -6.84 45.90
C ASP D 253 -17.84 -5.51 46.19
N TYR D 254 -17.55 -4.96 47.35
CA TYR D 254 -18.19 -3.72 47.66
C TYR D 254 -17.41 -2.52 47.13
N LEU D 255 -16.28 -2.84 46.49
CA LEU D 255 -15.39 -1.84 45.95
C LEU D 255 -15.93 -1.25 44.68
N ARG D 256 -15.76 0.07 44.58
CA ARG D 256 -16.18 0.79 43.42
C ARG D 256 -15.19 1.85 43.04
N VAL D 257 -15.37 2.34 41.83
CA VAL D 257 -14.59 3.39 41.29
C VAL D 257 -15.46 4.39 40.61
N THR D 258 -15.13 5.63 40.91
CA THR D 258 -15.80 6.69 40.28
C THR D 258 -14.82 7.65 39.66
N VAL D 259 -15.12 7.92 38.41
CA VAL D 259 -14.31 8.85 37.69
C VAL D 259 -15.22 9.95 37.30
N SER D 260 -14.84 11.16 37.69
CA SER D 260 -15.63 12.36 37.46
C SER D 260 -14.78 13.42 36.75
N LEU D 261 -15.44 14.11 35.85
CA LEU D 261 -14.78 15.09 35.09
C LEU D 261 -15.35 16.46 35.33
N TRP D 262 -14.49 17.31 35.79
CA TRP D 262 -14.89 18.64 36.10
C TRP D 262 -14.33 19.65 35.22
N GLN D 263 -15.12 20.62 35.06
CA GLN D 263 -14.61 21.73 34.35
C GLN D 263 -14.86 22.92 35.24
N GLY D 264 -13.88 23.15 36.06
CA GLY D 264 -14.07 24.21 36.99
C GLY D 264 -14.73 23.67 38.21
N GLU D 265 -15.95 24.16 38.41
CA GLU D 265 -16.78 23.85 39.56
C GLU D 265 -17.90 22.96 39.16
N THR D 266 -17.99 22.98 37.86
CA THR D 266 -18.98 22.28 37.15
C THR D 266 -18.60 20.83 36.78
N GLN D 267 -19.37 19.90 37.28
CA GLN D 267 -19.06 18.53 36.95
C GLN D 267 -19.64 18.30 35.59
N VAL D 268 -18.88 17.69 34.72
CA VAL D 268 -19.26 17.54 33.34
C VAL D 268 -19.73 16.17 33.02
N ALA D 269 -19.10 15.24 33.70
CA ALA D 269 -19.44 13.86 33.55
C ALA D 269 -18.88 13.08 34.71
N SER D 270 -19.59 11.99 35.04
CA SER D 270 -19.20 11.05 36.08
C SER D 270 -19.58 9.61 35.71
N GLY D 271 -18.77 8.67 36.20
CA GLY D 271 -19.01 7.28 35.96
C GLY D 271 -18.58 6.45 37.15
N THR D 272 -19.42 5.46 37.43
CA THR D 272 -19.13 4.57 38.52
C THR D 272 -19.18 3.10 38.18
N ALA D 273 -18.22 2.36 38.70
CA ALA D 273 -18.23 0.93 38.47
C ALA D 273 -17.35 0.20 39.41
N PRO D 274 -17.55 -1.07 39.39
CA PRO D 274 -16.83 -1.97 40.26
C PRO D 274 -15.80 -2.65 39.44
N PHE D 275 -14.83 -3.23 40.10
CA PHE D 275 -13.75 -3.85 39.42
C PHE D 275 -14.13 -5.00 38.56
N GLY D 276 -13.37 -5.23 37.50
CA GLY D 276 -13.59 -6.35 36.61
C GLY D 276 -13.70 -5.93 35.15
N GLY D 277 -12.63 -6.17 34.39
CA GLY D 277 -12.65 -5.86 32.97
C GLY D 277 -13.30 -6.91 32.06
N GLU D 278 -13.31 -6.58 30.76
CA GLU D 278 -13.84 -7.43 29.70
C GLU D 278 -12.93 -8.64 29.49
N ILE D 279 -13.45 -9.67 28.80
CA ILE D 279 -12.64 -10.85 28.56
C ILE D 279 -11.50 -10.49 27.63
N ILE D 280 -10.28 -10.88 27.98
CA ILE D 280 -9.23 -10.51 27.08
C ILE D 280 -8.64 -11.64 26.29
N ASP D 281 -8.60 -12.77 26.93
CA ASP D 281 -8.11 -13.94 26.28
C ASP D 281 -8.78 -15.17 26.82
N GLU D 282 -8.20 -16.31 26.52
CA GLU D 282 -8.71 -17.58 26.95
C GLU D 282 -8.86 -17.74 28.48
N ARG D 283 -8.11 -16.97 29.30
CA ARG D 283 -8.20 -17.10 30.76
C ARG D 283 -9.13 -16.08 31.40
N GLY D 284 -9.58 -15.09 30.61
CA GLY D 284 -10.49 -14.11 31.14
C GLY D 284 -10.01 -12.70 31.05
N GLY D 285 -10.28 -11.94 32.14
CA GLY D 285 -9.92 -10.55 32.21
C GLY D 285 -9.25 -10.21 33.52
N TYR D 286 -9.00 -8.93 33.65
CA TYR D 286 -8.41 -8.38 34.82
C TYR D 286 -9.49 -8.10 35.80
N ALA D 287 -9.41 -8.77 36.91
CA ALA D 287 -10.40 -8.51 37.93
C ALA D 287 -10.10 -7.26 38.75
N ASP D 288 -8.85 -6.86 38.74
CA ASP D 288 -8.32 -5.70 39.43
C ASP D 288 -8.21 -4.47 38.55
N ARG D 289 -8.99 -4.46 37.47
CA ARG D 289 -9.01 -3.29 36.67
C ARG D 289 -10.41 -3.03 36.29
N VAL D 290 -10.61 -1.78 35.91
CA VAL D 290 -11.89 -1.30 35.45
C VAL D 290 -11.59 -0.14 34.52
N THR D 291 -12.43 -0.03 33.51
CA THR D 291 -12.28 1.03 32.56
C THR D 291 -13.54 1.81 32.41
N LEU D 292 -13.50 3.11 32.61
CA LEU D 292 -14.75 3.78 32.39
C LEU D 292 -14.67 4.60 31.17
N ARG D 293 -15.80 4.92 30.62
CA ARG D 293 -15.88 5.74 29.46
C ARG D 293 -16.93 6.79 29.66
N LEU D 294 -16.47 8.03 29.58
CA LEU D 294 -17.34 9.15 29.73
C LEU D 294 -17.47 9.85 28.43
N ASN D 295 -18.69 10.22 28.17
CA ASN D 295 -19.00 10.94 26.98
C ASN D 295 -19.01 12.43 27.25
N VAL D 296 -18.37 13.15 26.38
CA VAL D 296 -18.28 14.57 26.52
C VAL D 296 -18.67 15.21 25.22
N GLU D 297 -19.71 16.01 25.31
CA GLU D 297 -20.22 16.68 24.16
C GLU D 297 -19.54 18.02 24.06
N ASN D 298 -19.11 18.35 22.86
CA ASN D 298 -18.46 19.61 22.59
C ASN D 298 -17.45 20.00 23.61
N PRO D 299 -16.40 19.20 23.65
CA PRO D 299 -15.33 19.41 24.61
C PRO D 299 -14.51 20.59 24.19
N LYS D 300 -13.97 21.31 25.16
CA LYS D 300 -13.08 22.40 24.91
C LYS D 300 -11.71 21.77 24.67
N LEU D 301 -11.08 22.02 23.53
CA LEU D 301 -9.81 21.38 23.19
C LEU D 301 -8.56 22.03 23.67
N TRP D 302 -7.62 21.19 23.99
CA TRP D 302 -6.37 21.68 24.49
C TRP D 302 -5.41 21.88 23.38
N SER D 303 -4.66 22.95 23.48
CA SER D 303 -3.64 23.23 22.49
C SER D 303 -2.69 24.18 23.15
N ALA D 304 -1.56 24.47 22.50
CA ALA D 304 -0.60 25.41 23.08
C ALA D 304 -1.16 26.77 22.90
N GLU D 305 -2.09 26.94 21.96
CA GLU D 305 -2.73 28.22 21.74
C GLU D 305 -3.76 28.52 22.83
N ILE D 306 -4.47 27.49 23.26
CA ILE D 306 -5.45 27.55 24.32
C ILE D 306 -5.51 26.22 25.05
N PRO D 307 -4.87 26.29 26.17
CA PRO D 307 -4.68 25.17 27.02
C PRO D 307 -5.92 24.77 27.78
N ASN D 308 -7.01 24.54 27.10
CA ASN D 308 -8.19 24.07 27.80
C ASN D 308 -7.90 22.80 28.57
N LEU D 309 -8.16 22.85 29.85
CA LEU D 309 -7.97 21.74 30.76
C LEU D 309 -9.23 21.31 31.54
N TYR D 310 -9.32 20.04 31.91
CA TYR D 310 -10.39 19.59 32.74
C TYR D 310 -9.70 18.92 33.87
N ARG D 311 -10.47 18.65 34.91
CA ARG D 311 -9.92 17.94 36.02
C ARG D 311 -10.57 16.59 36.12
N ALA D 312 -9.76 15.61 36.30
CA ALA D 312 -10.28 14.29 36.45
C ALA D 312 -9.95 13.77 37.82
N VAL D 313 -11.03 13.32 38.46
CA VAL D 313 -10.96 12.73 39.77
C VAL D 313 -11.37 11.28 39.73
N VAL D 314 -10.49 10.52 40.35
CA VAL D 314 -10.62 9.09 40.45
C VAL D 314 -10.77 8.71 41.90
N GLU D 315 -11.96 8.27 42.21
CA GLU D 315 -12.20 7.87 43.56
C GLU D 315 -12.35 6.40 43.68
N LEU D 316 -11.67 5.90 44.69
CA LEU D 316 -11.77 4.51 45.05
C LEU D 316 -12.56 4.46 46.36
N HIS D 317 -13.79 3.98 46.25
CA HIS D 317 -14.67 3.89 47.40
C HIS D 317 -15.41 2.57 47.48
N THR D 318 -16.11 2.45 48.57
CA THR D 318 -16.91 1.27 48.77
C THR D 318 -18.27 1.64 48.27
N ALA D 319 -19.15 0.66 48.20
CA ALA D 319 -20.45 1.00 47.69
C ALA D 319 -21.33 1.82 48.56
N ASP D 320 -21.09 1.78 49.86
CA ASP D 320 -21.93 2.53 50.77
C ASP D 320 -21.57 4.00 50.72
N GLY D 321 -20.70 4.38 49.79
CA GLY D 321 -20.28 5.78 49.62
C GLY D 321 -19.01 6.16 50.38
N THR D 322 -18.43 5.22 51.07
CA THR D 322 -17.25 5.55 51.80
C THR D 322 -15.97 5.60 50.95
N LEU D 323 -15.23 6.69 51.05
CA LEU D 323 -14.01 6.89 50.28
C LEU D 323 -12.80 6.24 50.83
N ILE D 324 -12.18 5.36 50.03
CA ILE D 324 -10.95 4.77 50.47
C ILE D 324 -9.85 5.76 50.14
N GLU D 325 -9.87 6.32 48.93
CA GLU D 325 -8.82 7.27 48.53
C GLU D 325 -9.11 7.81 47.17
N ALA D 326 -8.46 8.95 46.90
CA ALA D 326 -8.63 9.59 45.61
C ALA D 326 -7.35 10.07 44.93
N GLU D 327 -7.36 9.99 43.58
CA GLU D 327 -6.27 10.53 42.77
C GLU D 327 -6.82 11.38 41.69
N ALA D 328 -5.93 12.23 41.16
CA ALA D 328 -6.39 13.07 40.09
C ALA D 328 -5.32 13.53 39.15
N CYS D 329 -5.81 14.07 38.04
CA CYS D 329 -4.91 14.66 37.08
C CYS D 329 -5.66 15.64 36.21
N ASP D 330 -4.92 16.53 35.55
CA ASP D 330 -5.51 17.47 34.60
C ASP D 330 -5.67 16.77 33.30
N VAL D 331 -6.72 17.08 32.60
CA VAL D 331 -6.96 16.43 31.33
C VAL D 331 -7.09 17.44 30.24
N GLY D 332 -6.48 17.12 29.09
CA GLY D 332 -6.53 17.96 27.92
C GLY D 332 -7.02 17.15 26.76
N PHE D 333 -8.03 17.64 26.12
CA PHE D 333 -8.58 16.93 24.99
C PHE D 333 -7.84 17.29 23.74
N ARG D 334 -7.10 16.35 23.21
CA ARG D 334 -6.37 16.63 21.97
C ARG D 334 -6.05 15.34 21.32
N GLU D 335 -5.99 15.42 20.01
CA GLU D 335 -5.62 14.32 19.20
C GLU D 335 -4.36 14.65 18.45
N VAL D 336 -3.41 13.72 18.50
CA VAL D 336 -2.12 13.84 17.79
C VAL D 336 -1.98 12.73 16.77
N ARG D 337 -1.77 13.08 15.52
CA ARG D 337 -1.66 12.04 14.52
C ARG D 337 -0.77 12.44 13.36
N ILE D 338 -0.13 11.43 12.81
CA ILE D 338 0.58 11.67 11.59
C ILE D 338 -0.29 11.12 10.50
N GLU D 339 -0.68 11.97 9.63
CA GLU D 339 -1.53 11.48 8.62
C GLU D 339 -1.17 11.99 7.24
N ASN D 340 -0.84 11.10 6.38
CA ASN D 340 -0.54 11.51 5.08
C ASN D 340 0.67 12.41 4.99
N GLY D 341 1.67 12.09 5.81
CA GLY D 341 2.95 12.80 5.83
C GLY D 341 2.93 13.99 6.72
N LEU D 342 1.74 14.31 7.23
CA LEU D 342 1.70 15.46 8.11
C LEU D 342 1.40 15.12 9.54
N LEU D 343 2.00 15.91 10.42
CA LEU D 343 1.76 15.78 11.86
C LEU D 343 0.62 16.72 12.22
N LEU D 344 -0.48 16.18 12.74
CA LEU D 344 -1.65 16.98 13.07
C LEU D 344 -1.97 17.00 14.52
N LEU D 345 -2.44 18.16 14.89
CA LEU D 345 -2.91 18.35 16.22
C LEU D 345 -4.31 18.78 16.06
N ASN D 346 -5.18 18.00 16.68
CA ASN D 346 -6.59 18.26 16.57
C ASN D 346 -6.96 18.55 15.14
N GLY D 347 -6.48 17.72 14.25
CA GLY D 347 -6.85 17.90 12.85
C GLY D 347 -6.12 18.93 12.01
N LYS D 348 -5.35 19.84 12.60
CA LYS D 348 -4.65 20.78 11.77
C LYS D 348 -3.18 20.49 11.94
N PRO D 349 -2.40 20.95 11.00
CA PRO D 349 -1.01 20.64 11.01
C PRO D 349 -0.20 21.65 11.73
N LEU D 350 0.56 21.15 12.66
CA LEU D 350 1.39 22.00 13.42
C LEU D 350 2.57 22.54 12.65
N LEU D 351 3.09 23.60 13.18
CA LEU D 351 4.33 24.21 12.75
C LEU D 351 5.06 24.43 14.06
N ILE D 352 6.00 23.57 14.43
CA ILE D 352 6.68 23.62 15.71
C ILE D 352 7.71 24.74 15.78
N ARG D 353 7.46 25.67 16.70
CA ARG D 353 8.41 26.73 16.92
C ARG D 353 9.01 26.31 18.23
N GLY D 354 10.07 25.51 18.20
CA GLY D 354 10.53 25.00 19.45
C GLY D 354 11.98 25.18 19.75
N VAL D 355 12.30 24.76 20.97
CA VAL D 355 13.67 24.85 21.46
C VAL D 355 13.97 23.70 22.40
N ASN D 356 15.22 23.35 22.47
CA ASN D 356 15.69 22.29 23.33
C ASN D 356 16.05 22.96 24.61
N ARG D 357 15.68 22.37 25.74
CA ARG D 357 16.03 22.95 27.01
C ARG D 357 16.54 21.95 28.04
N HIS D 358 17.67 22.27 28.67
CA HIS D 358 18.24 21.43 29.72
C HIS D 358 17.83 21.94 31.07
N GLU D 359 17.93 21.06 32.06
CA GLU D 359 17.59 21.52 33.41
C GLU D 359 18.87 22.11 34.02
N HIS D 360 19.02 23.44 33.92
CA HIS D 360 20.23 24.12 34.36
C HIS D 360 20.01 25.44 35.07
N HIS D 361 20.68 25.52 36.19
CA HIS D 361 20.71 26.65 37.07
C HIS D 361 22.18 26.93 37.41
N PRO D 362 22.61 28.12 37.11
CA PRO D 362 23.99 28.59 37.33
C PRO D 362 24.45 28.48 38.79
N LEU D 363 23.47 28.60 39.68
CA LEU D 363 23.73 28.50 41.10
C LEU D 363 23.51 27.14 41.67
N HIS D 364 22.37 26.54 41.31
CA HIS D 364 21.98 25.25 41.80
C HIS D 364 22.41 24.08 40.98
N GLY D 365 23.13 24.33 39.90
CA GLY D 365 23.56 23.23 39.08
C GLY D 365 22.32 22.67 38.37
N GLN D 366 22.00 21.38 38.64
CA GLN D 366 20.89 20.75 37.96
C GLN D 366 19.64 20.54 38.79
N VAL D 367 19.50 21.33 39.84
CA VAL D 367 18.34 21.25 40.69
C VAL D 367 17.32 22.23 40.19
N MET D 368 16.12 21.77 39.93
CA MET D 368 15.10 22.69 39.41
C MET D 368 14.10 23.17 40.44
N ASP D 369 13.59 24.38 40.22
CA ASP D 369 12.58 24.98 41.07
C ASP D 369 11.46 25.61 40.27
N GLU D 370 10.34 25.75 40.92
CA GLU D 370 9.19 26.28 40.24
C GLU D 370 9.39 27.64 39.61
N GLN D 371 10.08 28.51 40.33
CA GLN D 371 10.31 29.85 39.83
C GLN D 371 11.02 29.80 38.50
N THR D 372 12.13 29.07 38.48
CA THR D 372 12.92 28.94 37.26
C THR D 372 12.10 28.37 36.11
N MET D 373 11.36 27.32 36.40
CA MET D 373 10.58 26.72 35.35
C MET D 373 9.67 27.75 34.73
N VAL D 374 8.98 28.41 35.61
CA VAL D 374 8.04 29.44 35.15
C VAL D 374 8.68 30.58 34.37
N GLN D 375 9.83 31.00 34.86
CA GLN D 375 10.48 32.04 34.12
C GLN D 375 10.70 31.61 32.67
N ASP D 376 11.36 30.46 32.56
CA ASP D 376 11.63 29.88 31.28
C ASP D 376 10.39 29.83 30.41
N ILE D 377 9.34 29.28 30.99
CA ILE D 377 8.14 29.19 30.20
C ILE D 377 7.67 30.52 29.66
N LEU D 378 7.56 31.46 30.55
CA LEU D 378 7.12 32.75 30.06
C LEU D 378 8.05 33.38 29.05
N LEU D 379 9.33 33.24 29.23
CA LEU D 379 10.16 33.81 28.21
C LEU D 379 9.96 33.22 26.86
N MET D 380 9.75 31.92 26.89
CA MET D 380 9.56 31.21 25.67
C MET D 380 8.30 31.65 25.02
N LYS D 381 7.21 31.61 25.80
CA LYS D 381 5.94 32.00 25.19
C LYS D 381 6.02 33.42 24.68
N GLN D 382 6.75 34.27 25.39
CA GLN D 382 6.82 35.64 24.97
C GLN D 382 7.58 35.82 23.73
N ASN D 383 8.46 34.90 23.57
CA ASN D 383 9.26 34.97 22.40
C ASN D 383 8.81 34.13 21.25
N ASN D 384 7.55 33.73 21.22
CA ASN D 384 7.08 32.98 20.07
C ASN D 384 7.35 31.50 19.88
N PHE D 385 7.68 30.82 21.00
CA PHE D 385 7.86 29.37 21.05
C PHE D 385 6.56 28.68 21.46
N ASN D 386 6.31 27.53 20.87
CA ASN D 386 5.17 26.61 20.96
C ASN D 386 5.49 25.37 21.72
N ALA D 387 6.78 25.00 21.62
CA ALA D 387 7.21 23.74 22.07
C ALA D 387 8.62 23.68 22.56
N VAL D 388 8.83 22.68 23.39
CA VAL D 388 10.12 22.38 23.96
C VAL D 388 10.45 20.85 23.92
N ARG D 389 11.72 20.52 23.74
CA ARG D 389 12.22 19.15 23.77
C ARG D 389 13.02 18.94 25.05
N CYS D 390 12.70 17.88 25.80
CA CYS D 390 13.41 17.58 27.05
C CYS D 390 14.77 16.94 26.83
N SER D 391 15.67 17.72 26.24
CA SER D 391 17.02 17.26 25.95
C SER D 391 17.68 17.03 27.26
N HIS D 392 18.04 15.78 27.61
CA HIS D 392 17.81 14.53 26.89
C HIS D 392 17.48 13.49 27.94
N TYR D 393 16.41 13.80 28.67
CA TYR D 393 15.98 12.91 29.73
C TYR D 393 14.71 13.46 30.32
N PRO D 394 14.04 12.61 31.07
CA PRO D 394 12.79 13.03 31.67
C PRO D 394 13.07 14.15 32.64
N ASN D 395 12.18 15.11 32.69
CA ASN D 395 12.40 16.26 33.51
C ASN D 395 11.68 16.15 34.81
N HIS D 396 11.93 17.13 35.62
CA HIS D 396 11.26 17.28 36.88
C HIS D 396 9.76 17.40 36.62
N PRO D 397 9.04 16.59 37.34
CA PRO D 397 7.60 16.41 37.20
C PRO D 397 6.77 17.61 37.03
N LEU D 398 7.13 18.63 37.73
CA LEU D 398 6.32 19.81 37.66
C LEU D 398 6.31 20.41 36.25
N TRP D 399 7.42 20.21 35.57
CA TRP D 399 7.53 20.73 34.22
C TRP D 399 6.30 20.43 33.36
N TYR D 400 5.88 19.16 33.33
CA TYR D 400 4.76 18.81 32.48
C TYR D 400 3.49 19.51 32.87
N THR D 401 3.37 19.58 34.15
CA THR D 401 2.21 20.24 34.63
C THR D 401 2.12 21.71 34.18
N LEU D 402 3.22 22.46 34.33
CA LEU D 402 3.25 23.83 33.86
C LEU D 402 2.95 23.89 32.36
N CYS D 403 3.58 23.01 31.57
CA CYS D 403 3.35 23.05 30.15
C CYS D 403 1.92 22.77 29.83
N ASP D 404 1.37 21.85 30.62
CA ASP D 404 -0.01 21.49 30.43
C ASP D 404 -0.86 22.71 30.58
N ARG D 405 -0.49 23.46 31.60
CA ARG D 405 -1.21 24.67 31.99
C ARG D 405 -0.95 25.92 31.23
N TYR D 406 0.31 26.22 30.94
CA TYR D 406 0.58 27.42 30.19
C TYR D 406 0.43 27.18 28.71
N GLY D 407 0.54 25.94 28.29
CA GLY D 407 0.44 25.68 26.89
C GLY D 407 1.76 25.59 26.09
N LEU D 408 2.47 24.49 26.25
CA LEU D 408 3.61 24.26 25.39
C LEU D 408 3.59 22.82 24.95
N TYR D 409 3.91 22.53 23.70
CA TYR D 409 4.01 21.14 23.28
C TYR D 409 5.32 20.58 23.80
N VAL D 410 5.28 19.39 24.35
CA VAL D 410 6.48 18.79 24.87
C VAL D 410 6.80 17.46 24.20
N VAL D 411 8.07 17.31 23.87
CA VAL D 411 8.63 16.05 23.38
C VAL D 411 9.34 15.41 24.61
N ASP D 412 8.82 14.33 25.22
CA ASP D 412 9.43 13.70 26.38
C ASP D 412 10.47 12.68 25.90
N GLU D 413 11.67 12.74 26.44
CA GLU D 413 12.80 11.92 25.98
C GLU D 413 13.45 11.04 27.05
N ALA D 414 13.70 9.81 26.70
CA ALA D 414 14.30 8.84 27.58
C ALA D 414 15.69 9.25 27.95
N ASN D 415 16.04 8.87 29.14
CA ASN D 415 17.34 9.20 29.60
C ASN D 415 18.33 8.22 29.04
N ILE D 416 18.61 8.29 27.74
CA ILE D 416 19.59 7.35 27.17
C ILE D 416 20.51 8.01 26.14
N GLU D 417 21.78 8.18 26.49
CA GLU D 417 22.72 8.74 25.54
C GLU D 417 24.06 8.11 25.68
N THR D 418 24.46 7.41 24.64
CA THR D 418 25.74 6.75 24.66
C THR D 418 26.66 7.32 23.59
N HIS D 419 26.55 8.60 23.40
CA HIS D 419 27.34 9.31 22.42
C HIS D 419 28.82 8.89 22.33
N GLY D 420 29.47 8.72 23.47
CA GLY D 420 30.89 8.39 23.50
C GLY D 420 31.34 6.97 23.13
N MET D 421 30.46 6.07 22.71
CA MET D 421 30.94 4.74 22.33
C MET D 421 31.41 4.70 20.91
N VAL D 422 32.19 3.72 20.57
CA VAL D 422 32.58 3.54 19.20
C VAL D 422 32.28 2.11 18.80
N PRO D 423 31.51 1.90 17.77
CA PRO D 423 30.78 2.99 17.15
C PRO D 423 29.67 3.35 18.13
N MET D 424 28.82 4.27 17.71
CA MET D 424 27.77 4.80 18.61
C MET D 424 26.78 3.80 19.19
N ASN D 425 26.44 2.84 18.35
CA ASN D 425 25.62 1.62 18.41
C ASN D 425 25.92 0.57 19.43
N ARG D 426 27.23 0.51 19.69
CA ARG D 426 27.86 -0.48 20.50
C ARG D 426 27.01 -1.04 21.64
N LEU D 427 26.41 -0.22 22.46
CA LEU D 427 25.60 -0.78 23.50
C LEU D 427 24.14 -1.04 23.08
N THR D 428 23.59 -0.11 22.30
CA THR D 428 22.21 -0.13 21.83
C THR D 428 21.90 -1.22 20.86
N ASP D 429 22.98 -1.80 20.36
CA ASP D 429 22.79 -2.93 19.49
C ASP D 429 23.02 -4.21 20.28
N ASP D 430 23.35 -4.07 21.56
CA ASP D 430 23.62 -5.22 22.37
C ASP D 430 22.49 -5.60 23.28
N PRO D 431 22.02 -6.82 23.00
CA PRO D 431 20.96 -7.45 23.73
C PRO D 431 21.21 -7.35 25.23
N ARG D 432 22.45 -7.43 25.64
CA ARG D 432 22.66 -7.30 27.08
C ARG D 432 22.28 -5.96 27.70
N TRP D 433 22.12 -4.93 26.88
CA TRP D 433 21.71 -3.64 27.39
C TRP D 433 20.27 -3.38 27.21
N LEU D 434 19.66 -4.32 26.55
CA LEU D 434 18.24 -4.21 26.28
C LEU D 434 17.43 -3.95 27.55
N PRO D 435 17.66 -4.72 28.56
CA PRO D 435 16.89 -4.51 29.78
C PRO D 435 17.06 -3.13 30.40
N ALA D 436 18.29 -2.78 30.66
CA ALA D 436 18.58 -1.46 31.16
C ALA D 436 17.92 -0.38 30.32
N MET D 437 18.02 -0.52 29.00
CA MET D 437 17.44 0.54 28.19
C MET D 437 15.96 0.59 28.34
N SER D 438 15.46 -0.62 28.34
CA SER D 438 14.05 -0.86 28.42
C SER D 438 13.42 -0.09 29.59
N GLU D 439 14.06 -0.17 30.72
CA GLU D 439 13.53 0.53 31.87
C GLU D 439 13.57 2.03 31.74
N ARG D 440 14.46 2.53 30.93
CA ARG D 440 14.53 3.97 30.79
C ARG D 440 13.40 4.50 29.96
N VAL D 441 12.86 3.63 29.13
CA VAL D 441 11.75 4.00 28.27
C VAL D 441 10.40 3.73 28.91
N THR D 442 10.26 2.50 29.32
CA THR D 442 9.02 2.13 29.95
C THR D 442 8.65 3.00 31.14
N ARG D 443 9.57 3.26 32.05
CA ARG D 443 9.16 4.03 33.20
C ARG D 443 8.77 5.45 32.90
N MET D 444 9.42 5.99 31.89
CA MET D 444 9.08 7.32 31.47
C MET D 444 7.63 7.38 31.05
N VAL D 445 7.27 6.43 30.23
CA VAL D 445 5.92 6.37 29.71
C VAL D 445 4.90 6.17 30.81
N GLN D 446 5.16 5.20 31.69
CA GLN D 446 4.22 4.97 32.77
C GLN D 446 4.03 6.19 33.63
N ARG D 447 5.04 7.00 33.69
CA ARG D 447 4.91 8.17 34.52
C ARG D 447 4.29 9.36 33.85
N ASP D 448 4.62 9.63 32.59
CA ASP D 448 4.17 10.87 31.96
C ASP D 448 3.03 10.82 30.99
N ARG D 449 2.59 9.62 30.76
CA ARG D 449 1.57 9.36 29.78
C ARG D 449 0.28 10.08 29.84
N ASN D 450 -0.08 10.58 31.03
CA ASN D 450 -1.36 11.26 31.16
C ASN D 450 -1.29 12.74 30.94
N HIS D 451 -0.09 13.28 30.69
CA HIS D 451 -0.05 14.72 30.47
C HIS D 451 -0.41 15.13 29.05
N PRO D 452 -1.32 16.08 28.85
CA PRO D 452 -1.66 16.51 27.51
C PRO D 452 -0.55 17.20 26.74
N SER D 453 0.37 17.86 27.46
CA SER D 453 1.42 18.60 26.78
C SER D 453 2.38 17.69 26.05
N VAL D 454 2.44 16.46 26.48
CA VAL D 454 3.38 15.57 25.83
C VAL D 454 2.78 15.07 24.55
N ILE D 455 3.41 15.38 23.45
CA ILE D 455 2.82 14.95 22.22
C ILE D 455 3.67 14.00 21.43
N ILE D 456 4.92 13.87 21.83
CA ILE D 456 5.79 12.97 21.13
C ILE D 456 6.75 12.38 22.09
N TRP D 457 7.05 11.12 21.89
CA TRP D 457 8.01 10.37 22.71
C TRP D 457 9.28 10.22 21.89
N SER D 458 10.36 10.29 22.59
CA SER D 458 11.65 10.17 21.96
C SER D 458 12.44 9.11 22.72
N LEU D 459 13.16 8.27 22.00
CA LEU D 459 13.92 7.13 22.54
C LEU D 459 15.26 7.48 23.17
N GLY D 460 15.65 8.73 23.16
CA GLY D 460 16.95 9.11 23.68
C GLY D 460 17.62 9.99 22.65
N ASN D 461 18.94 10.06 22.76
CA ASN D 461 19.74 10.89 21.91
C ASN D 461 21.10 10.27 21.71
N GLU D 462 21.55 10.54 20.52
CA GLU D 462 22.84 10.17 20.03
C GLU D 462 23.43 8.91 20.65
N SER D 463 22.80 7.84 20.25
CA SER D 463 23.19 6.50 20.68
C SER D 463 23.18 5.57 19.50
N GLY D 464 23.42 6.16 18.31
CA GLY D 464 23.41 5.42 17.06
C GLY D 464 22.06 4.74 16.87
N HIS D 465 22.05 3.66 16.10
CA HIS D 465 20.81 2.96 15.85
C HIS D 465 20.95 1.48 16.10
N GLY D 466 20.33 0.91 17.15
CA GLY D 466 20.50 -0.52 17.42
C GLY D 466 19.17 -1.25 17.48
N ALA D 467 19.25 -2.59 17.44
CA ALA D 467 18.05 -3.40 17.53
C ALA D 467 17.32 -3.08 18.81
N ASN D 468 18.05 -2.70 19.86
CA ASN D 468 17.30 -2.28 21.04
C ASN D 468 16.33 -1.10 20.76
N HIS D 469 16.64 -0.26 19.79
CA HIS D 469 15.72 0.86 19.59
C HIS D 469 14.45 0.43 18.92
N ASP D 470 14.67 -0.44 17.96
CA ASP D 470 13.54 -0.96 17.26
C ASP D 470 12.54 -1.65 18.15
N ALA D 471 13.05 -2.37 19.13
CA ALA D 471 12.15 -3.04 20.00
C ALA D 471 11.42 -2.07 20.84
N LEU D 472 12.17 -1.10 21.35
CA LEU D 472 11.53 -0.12 22.24
C LEU D 472 10.58 0.79 21.56
N TYR D 473 10.85 1.06 20.33
CA TYR D 473 9.94 1.86 19.60
C TYR D 473 8.65 1.08 19.40
N ARG D 474 8.76 -0.19 19.06
CA ARG D 474 7.54 -0.97 18.91
C ARG D 474 6.77 -1.06 20.21
N TRP D 475 7.50 -1.15 21.30
CA TRP D 475 6.82 -1.26 22.58
C TRP D 475 5.88 -0.10 22.83
N ILE D 476 6.42 1.08 22.59
CA ILE D 476 5.68 2.28 22.83
C ILE D 476 4.46 2.32 21.98
N LYS D 477 4.67 2.08 20.70
CA LYS D 477 3.56 2.11 19.77
C LYS D 477 2.44 1.21 20.23
N SER D 478 2.82 0.10 20.82
CA SER D 478 1.82 -0.80 21.31
C SER D 478 1.14 -0.25 22.52
N VAL D 479 1.93 0.24 23.41
CA VAL D 479 1.36 0.67 24.65
C VAL D 479 0.56 1.97 24.58
N ASP D 480 1.06 2.92 23.82
CA ASP D 480 0.43 4.21 23.70
C ASP D 480 0.53 4.71 22.32
N PRO D 481 -0.40 4.33 21.58
CA PRO D 481 -0.57 4.72 20.21
C PRO D 481 -1.07 6.19 20.06
N SER D 482 -1.33 6.91 21.17
CA SER D 482 -1.83 8.27 21.14
C SER D 482 -0.79 9.27 20.65
N ARG D 483 0.48 8.86 20.66
CA ARG D 483 1.57 9.72 20.31
C ARG D 483 2.59 9.08 19.41
N PRO D 484 3.30 9.91 18.69
CA PRO D 484 4.29 9.39 17.79
C PRO D 484 5.60 9.25 18.45
N VAL D 485 6.39 8.42 17.85
CA VAL D 485 7.67 8.24 18.47
C VAL D 485 8.72 8.80 17.56
N GLN D 486 9.74 9.38 18.16
CA GLN D 486 10.85 9.87 17.35
C GLN D 486 12.18 9.52 17.98
N TYR D 487 13.17 9.36 17.11
CA TYR D 487 14.56 9.08 17.49
C TYR D 487 15.44 9.47 16.32
N GLU D 488 16.47 10.25 16.59
CA GLU D 488 17.31 10.69 15.51
C GLU D 488 18.51 9.80 15.17
N GLY D 489 19.02 9.06 16.17
CA GLY D 489 20.19 8.26 16.02
C GLY D 489 20.23 7.45 14.74
N GLY D 490 21.43 7.29 14.27
CA GLY D 490 21.62 6.43 13.14
C GLY D 490 21.17 6.94 11.80
N GLY D 491 21.12 8.24 11.63
CA GLY D 491 20.75 8.73 10.32
C GLY D 491 19.49 9.55 10.22
N ALA D 492 18.70 9.63 11.32
CA ALA D 492 17.49 10.44 11.44
C ALA D 492 16.26 9.97 10.73
N ASP D 493 16.45 8.95 9.94
CA ASP D 493 15.26 8.47 9.28
C ASP D 493 15.12 6.98 9.43
N THR D 494 15.65 6.38 10.49
CA THR D 494 15.55 4.94 10.63
C THR D 494 14.15 4.44 10.81
N THR D 495 14.07 3.14 11.03
CA THR D 495 12.81 2.47 11.24
C THR D 495 12.31 2.68 12.65
N ALA D 496 13.07 3.41 13.43
CA ALA D 496 12.70 3.65 14.79
C ALA D 496 12.15 5.02 14.99
N THR D 497 11.78 5.71 13.92
CA THR D 497 11.25 7.03 14.14
C THR D 497 10.10 7.25 13.21
N ASP D 498 9.08 7.94 13.67
CA ASP D 498 7.89 8.26 12.90
C ASP D 498 8.07 9.56 12.13
N ILE D 499 9.13 10.28 12.47
CA ILE D 499 9.44 11.58 11.91
C ILE D 499 10.88 11.72 11.52
N ILE D 500 11.15 12.36 10.40
CA ILE D 500 12.55 12.55 10.07
C ILE D 500 12.99 13.67 10.97
N CYS D 501 13.93 13.39 11.86
CA CYS D 501 14.27 14.41 12.83
C CYS D 501 15.77 14.66 12.99
N PRO D 502 16.38 15.12 11.95
CA PRO D 502 17.81 15.36 12.02
C PRO D 502 18.17 16.54 12.90
N MET D 503 19.48 16.60 13.15
CA MET D 503 20.10 17.72 13.82
C MET D 503 21.13 18.39 12.90
N TYR D 504 21.00 19.69 12.73
CA TYR D 504 21.94 20.49 11.92
C TYR D 504 21.95 20.28 10.43
N ALA D 505 20.87 19.77 9.91
CA ALA D 505 20.75 19.62 8.49
C ALA D 505 20.56 21.02 7.89
N ARG D 506 21.24 21.29 6.82
CA ARG D 506 21.09 22.61 6.28
C ARG D 506 19.89 22.72 5.40
N VAL D 507 19.56 23.93 5.09
CA VAL D 507 18.38 24.10 4.33
C VAL D 507 18.52 23.60 2.91
N ASP D 508 19.52 24.17 2.31
CA ASP D 508 19.75 23.91 0.93
C ASP D 508 20.95 23.07 0.59
N GLU D 509 21.96 23.06 1.46
CA GLU D 509 23.13 22.24 1.19
C GLU D 509 23.14 20.88 1.86
N ASP D 510 23.68 19.88 1.14
CA ASP D 510 23.81 18.55 1.70
C ASP D 510 25.16 18.35 2.35
N GLN D 511 25.20 17.51 3.36
CA GLN D 511 26.39 17.10 4.10
C GLN D 511 26.30 15.60 4.16
N PRO D 512 26.94 15.03 3.19
CA PRO D 512 26.87 13.61 2.97
C PRO D 512 27.96 12.81 3.61
N PHE D 513 27.89 12.77 4.88
CA PHE D 513 28.78 11.90 5.55
C PHE D 513 28.38 10.46 5.24
N PRO D 514 29.39 9.64 5.25
CA PRO D 514 29.22 8.24 5.06
C PRO D 514 28.37 7.73 6.16
N ALA D 515 27.48 6.88 5.72
CA ALA D 515 26.55 6.20 6.58
C ALA D 515 25.46 7.07 7.08
N VAL D 516 25.81 8.28 7.44
CA VAL D 516 24.79 9.07 8.05
C VAL D 516 24.81 10.47 7.53
N PRO D 517 24.51 10.60 6.26
CA PRO D 517 24.52 11.93 5.69
C PRO D 517 23.38 12.74 6.23
N LYS D 518 23.55 14.01 6.02
CA LYS D 518 22.56 14.99 6.35
C LYS D 518 22.20 15.76 5.08
N TRP D 519 21.16 15.30 4.40
CA TRP D 519 20.72 15.97 3.20
C TRP D 519 20.15 17.32 3.55
N SER D 520 20.02 18.16 2.54
CA SER D 520 19.39 19.43 2.69
C SER D 520 17.96 19.04 3.06
N ILE D 521 17.37 19.76 3.97
CA ILE D 521 16.04 19.42 4.36
C ILE D 521 15.05 19.40 3.25
N LYS D 522 15.10 20.36 2.33
CA LYS D 522 14.11 20.32 1.26
C LYS D 522 14.41 19.09 0.52
N LYS D 523 15.58 18.68 0.32
CA LYS D 523 15.74 17.49 -0.48
C LYS D 523 15.38 16.17 0.20
N TRP D 524 15.65 16.13 1.48
CA TRP D 524 15.47 14.92 2.23
C TRP D 524 14.07 14.36 2.04
N LEU D 525 13.07 15.22 2.02
CA LEU D 525 11.69 14.81 1.91
C LEU D 525 11.31 14.06 0.66
N SER D 526 12.02 14.29 -0.43
CA SER D 526 11.55 13.72 -1.65
C SER D 526 12.41 12.59 -2.14
N LEU D 527 13.24 12.14 -1.24
CA LEU D 527 14.08 10.99 -1.51
C LEU D 527 13.08 9.91 -1.79
N PRO D 528 13.47 9.00 -2.62
CA PRO D 528 12.54 7.98 -3.07
C PRO D 528 12.08 7.09 -1.98
N GLY D 529 10.77 7.03 -1.92
CA GLY D 529 10.05 6.24 -0.95
C GLY D 529 9.64 6.96 0.32
N GLU D 530 10.28 8.08 0.62
CA GLU D 530 10.08 8.89 1.81
C GLU D 530 8.77 9.61 1.80
N THR D 531 8.10 9.59 2.94
CA THR D 531 6.82 10.24 3.09
C THR D 531 6.55 10.84 4.45
N ARG D 532 7.47 10.69 5.41
CA ARG D 532 7.23 11.25 6.71
C ARG D 532 7.49 12.73 6.73
N PRO D 533 6.88 13.33 7.72
CA PRO D 533 7.07 14.74 8.01
C PRO D 533 8.50 14.94 8.51
N LEU D 534 8.99 16.15 8.38
CA LEU D 534 10.31 16.41 8.91
C LEU D 534 10.32 17.57 9.87
N ILE D 535 10.80 17.29 11.06
CA ILE D 535 10.97 18.26 12.11
C ILE D 535 12.34 18.11 12.74
N LEU D 536 13.17 19.14 12.67
CA LEU D 536 14.52 19.09 13.20
C LEU D 536 14.58 19.02 14.69
N CYS D 537 15.26 18.00 15.24
CA CYS D 537 15.41 17.90 16.68
C CYS D 537 16.39 18.95 17.23
N GLU D 538 17.29 19.38 16.38
CA GLU D 538 18.18 20.46 16.75
C GLU D 538 18.57 21.13 15.50
N TYR D 539 18.51 22.44 15.53
CA TYR D 539 18.96 23.18 14.39
C TYR D 539 19.37 24.53 14.90
N ALA D 540 20.12 25.28 14.08
CA ALA D 540 20.51 26.66 14.42
C ALA D 540 21.20 26.75 15.76
N HIS D 541 22.42 26.25 15.79
CA HIS D 541 23.24 26.22 16.97
C HIS D 541 23.53 27.62 17.50
N ALA D 542 22.89 27.94 18.60
CA ALA D 542 22.93 29.28 19.11
C ALA D 542 24.12 29.64 20.00
N MET D 543 25.29 29.09 19.69
CA MET D 543 26.52 29.34 20.46
C MET D 543 27.21 30.69 20.23
N GLY D 544 27.08 31.56 21.24
CA GLY D 544 27.68 32.88 21.19
C GLY D 544 27.06 33.81 20.15
N ASN D 545 27.90 34.47 19.37
CA ASN D 545 27.36 35.36 18.35
C ASN D 545 26.90 34.49 17.18
N SER D 546 25.61 34.12 17.23
CA SER D 546 25.09 33.17 16.28
C SER D 546 23.70 33.50 15.79
N LEU D 547 23.13 32.47 15.13
CA LEU D 547 21.82 32.49 14.57
C LEU D 547 21.73 33.06 13.17
N GLY D 548 22.86 33.10 12.48
CA GLY D 548 22.84 33.61 11.12
C GLY D 548 22.12 32.63 10.22
N GLY D 549 21.29 33.13 9.36
CA GLY D 549 20.62 32.20 8.47
C GLY D 549 19.32 31.67 9.02
N PHE D 550 19.02 32.04 10.27
CA PHE D 550 17.81 31.57 10.93
C PHE D 550 16.61 31.73 10.00
N ALA D 551 16.58 32.86 9.36
CA ALA D 551 15.46 33.07 8.47
C ALA D 551 15.33 32.08 7.33
N LYS D 552 16.45 31.60 6.80
CA LYS D 552 16.34 30.66 5.71
C LYS D 552 15.46 29.49 6.13
N TYR D 553 15.68 29.02 7.33
CA TYR D 553 14.91 27.94 7.86
C TYR D 553 13.45 28.30 7.90
N TRP D 554 13.16 29.47 8.50
CA TRP D 554 11.76 29.86 8.61
C TRP D 554 11.06 29.90 7.31
N GLN D 555 11.84 30.15 6.30
CA GLN D 555 11.15 30.25 5.04
C GLN D 555 10.84 28.95 4.37
N ALA D 556 11.68 27.98 4.63
CA ALA D 556 11.39 26.70 4.05
C ALA D 556 10.21 26.15 4.76
N PHE D 557 10.27 26.27 6.11
CA PHE D 557 9.21 25.77 6.94
C PHE D 557 7.91 26.29 6.41
N ARG D 558 7.92 27.56 6.11
CA ARG D 558 6.69 28.12 5.59
C ARG D 558 6.29 27.69 4.18
N GLN D 559 7.21 27.34 3.31
CA GLN D 559 6.88 26.95 1.96
C GLN D 559 6.59 25.45 1.79
N TYR D 560 7.25 24.61 2.55
CA TYR D 560 7.03 23.18 2.47
C TYR D 560 6.22 22.64 3.66
N PRO D 561 5.06 22.14 3.35
CA PRO D 561 4.16 21.52 4.29
C PRO D 561 4.77 20.49 5.19
N ARG D 562 5.52 19.56 4.60
CA ARG D 562 6.14 18.47 5.34
C ARG D 562 7.27 18.89 6.23
N LEU D 563 7.68 20.15 6.11
CA LEU D 563 8.70 20.76 6.97
C LEU D 563 7.93 21.49 8.06
N GLN D 564 7.69 20.79 9.17
CA GLN D 564 6.90 21.32 10.25
C GLN D 564 7.66 21.93 11.38
N GLY D 565 8.80 22.51 11.01
CA GLY D 565 9.59 23.22 12.01
C GLY D 565 10.74 22.50 12.67
N GLY D 566 11.06 22.92 13.88
CA GLY D 566 12.18 22.29 14.57
C GLY D 566 12.41 22.92 15.93
N PHE D 567 13.42 22.35 16.59
CA PHE D 567 13.89 22.73 17.89
C PHE D 567 15.24 23.40 17.86
N VAL D 568 15.26 24.65 18.22
CA VAL D 568 16.54 25.31 18.22
C VAL D 568 17.41 24.76 19.35
N TRP D 569 18.71 24.79 19.11
CA TRP D 569 19.63 24.35 20.11
C TRP D 569 20.51 25.50 20.58
N ASP D 570 20.37 25.96 21.83
CA ASP D 570 19.41 25.52 22.83
C ASP D 570 18.94 26.73 23.69
N TRP D 571 18.23 26.45 24.75
CA TRP D 571 17.66 27.53 25.54
C TRP D 571 18.60 28.39 26.35
N VAL D 572 19.24 27.81 27.35
CA VAL D 572 20.15 28.53 28.26
C VAL D 572 21.60 28.14 28.14
N ASP D 573 22.46 29.09 28.44
CA ASP D 573 23.88 28.85 28.50
C ASP D 573 24.15 27.96 29.72
N GLN D 574 24.93 26.88 29.56
CA GLN D 574 25.24 26.01 30.71
C GLN D 574 26.49 26.48 31.44
N SER D 575 26.53 27.77 31.68
CA SER D 575 27.62 28.36 32.40
C SER D 575 27.29 28.30 33.89
N LEU D 576 28.32 28.30 34.71
CA LEU D 576 28.15 28.23 36.15
C LEU D 576 28.79 29.42 36.86
N ILE D 577 28.30 29.75 38.05
CA ILE D 577 28.89 30.85 38.78
C ILE D 577 30.08 30.51 39.67
N LYS D 578 31.14 31.28 39.46
CA LYS D 578 32.37 31.23 40.25
C LYS D 578 32.60 32.59 40.88
N TYR D 579 33.42 32.56 41.94
CA TYR D 579 33.75 33.76 42.70
C TYR D 579 35.23 34.04 42.74
N ASP D 580 35.51 35.35 42.63
CA ASP D 580 36.86 35.87 42.65
C ASP D 580 37.38 36.20 44.03
N GLU D 581 38.62 36.75 43.97
CA GLU D 581 39.44 37.19 45.08
C GLU D 581 38.71 38.12 46.04
N ASN D 582 37.61 38.75 45.58
CA ASN D 582 36.81 39.68 46.39
C ASN D 582 35.34 39.30 46.51
N GLY D 583 35.02 37.99 46.36
CA GLY D 583 33.66 37.48 46.45
C GLY D 583 32.75 38.01 45.33
N ASN D 584 33.43 38.28 44.22
CA ASN D 584 32.79 38.74 43.01
C ASN D 584 32.55 37.53 42.11
N PRO D 585 31.33 37.44 41.57
CA PRO D 585 30.95 36.30 40.76
C PRO D 585 31.28 36.48 39.30
N TRP D 586 31.42 35.34 38.68
CA TRP D 586 31.71 35.39 37.27
C TRP D 586 31.33 34.05 36.68
N SER D 587 30.99 34.14 35.40
CA SER D 587 30.52 33.00 34.65
C SER D 587 31.65 32.11 34.19
N ALA D 588 31.57 30.87 34.67
CA ALA D 588 32.56 29.87 34.40
C ALA D 588 32.07 28.87 33.37
N TYR D 589 33.04 28.23 32.72
CA TYR D 589 32.72 27.19 31.77
C TYR D 589 33.63 25.95 31.78
N GLY D 590 33.56 25.20 30.70
CA GLY D 590 34.33 23.99 30.64
C GLY D 590 35.76 24.25 31.06
N GLY D 591 36.24 23.31 31.84
CA GLY D 591 37.60 23.28 32.35
C GLY D 591 37.95 24.30 33.41
N ASP D 592 37.01 25.17 33.77
CA ASP D 592 37.21 26.23 34.78
C ASP D 592 37.18 25.78 36.24
N PHE D 593 36.96 24.47 36.42
CA PHE D 593 36.90 23.85 37.72
C PHE D 593 38.03 22.84 37.83
N GLY D 594 39.04 23.08 37.00
CA GLY D 594 40.19 22.21 36.84
C GLY D 594 39.73 20.86 36.24
N ASP D 595 38.50 20.88 35.70
CA ASP D 595 37.82 19.74 35.12
C ASP D 595 38.51 19.23 33.86
N THR D 596 38.78 17.90 33.89
CA THR D 596 39.41 17.16 32.82
C THR D 596 38.81 15.78 32.52
N PRO D 597 38.65 15.49 31.20
CA PRO D 597 39.03 16.43 30.14
C PRO D 597 37.83 17.37 29.93
N ASN D 598 37.95 18.43 29.13
CA ASN D 598 36.75 19.27 28.99
C ASN D 598 36.59 19.94 27.65
N ASP D 599 35.33 20.36 27.42
CA ASP D 599 34.91 21.04 26.19
C ASP D 599 34.70 22.54 26.19
N ARG D 600 35.32 23.19 27.17
CA ARG D 600 35.31 24.64 27.27
C ARG D 600 33.96 25.27 27.05
N GLN D 601 33.93 26.29 26.12
CA GLN D 601 32.70 27.03 25.81
C GLN D 601 31.57 26.23 25.25
N PHE D 602 31.90 25.06 24.71
CA PHE D 602 30.88 24.19 24.14
C PHE D 602 29.59 24.01 24.94
N CYS D 603 29.62 24.42 26.20
CA CYS D 603 28.46 24.29 27.07
C CYS D 603 27.60 25.56 27.03
N MET D 604 27.99 26.51 26.20
CA MET D 604 27.23 27.76 26.09
C MET D 604 26.70 27.96 24.67
N ASN D 605 25.44 27.56 24.48
CA ASN D 605 24.77 27.62 23.19
C ASN D 605 23.35 28.13 23.33
N GLY D 606 23.08 28.70 24.47
CA GLY D 606 21.75 29.20 24.73
C GLY D 606 21.42 30.49 24.00
N LEU D 607 20.13 30.74 24.00
CA LEU D 607 19.54 31.93 23.47
C LEU D 607 19.44 32.98 24.56
N VAL D 608 19.48 32.48 25.79
CA VAL D 608 19.52 33.30 26.97
C VAL D 608 20.71 32.86 27.80
N PHE D 609 21.22 33.82 28.55
CA PHE D 609 22.31 33.60 29.48
C PHE D 609 21.77 32.78 30.65
N ALA D 610 22.66 32.16 31.41
CA ALA D 610 22.24 31.36 32.54
C ALA D 610 21.30 32.07 33.51
N ASP D 611 21.41 33.41 33.60
CA ASP D 611 20.55 34.22 34.49
C ASP D 611 19.20 34.51 33.85
N ARG D 612 19.03 33.96 32.65
CA ARG D 612 17.81 34.18 31.89
C ARG D 612 17.74 35.55 31.22
N THR D 613 18.89 36.18 31.00
CA THR D 613 18.86 37.39 30.26
C THR D 613 19.24 36.97 28.86
N PRO D 614 18.52 37.53 27.93
CA PRO D 614 18.64 37.21 26.54
C PRO D 614 19.87 37.67 25.86
N HIS D 615 20.24 36.83 24.90
CA HIS D 615 21.25 37.09 23.93
C HIS D 615 20.45 37.78 22.84
N PRO D 616 21.09 38.58 22.03
CA PRO D 616 20.39 39.27 20.97
C PRO D 616 19.71 38.31 19.97
N ALA D 617 20.28 37.13 19.77
CA ALA D 617 19.69 36.19 18.84
C ALA D 617 18.20 35.98 19.09
N LEU D 618 17.87 35.99 20.36
CA LEU D 618 16.51 35.78 20.80
C LEU D 618 15.44 36.58 20.03
N THR D 619 15.76 37.78 19.63
CA THR D 619 14.85 38.59 18.86
C THR D 619 14.62 38.07 17.45
N GLU D 620 15.75 37.73 16.82
CA GLU D 620 15.70 37.20 15.49
C GLU D 620 14.71 36.02 15.49
N ALA D 621 14.79 35.19 16.53
CA ALA D 621 13.87 34.07 16.69
C ALA D 621 12.42 34.55 16.78
N LYS D 622 12.21 35.31 17.83
CA LYS D 622 10.91 35.92 18.11
C LYS D 622 10.24 36.44 16.87
N HIS D 623 10.99 37.14 16.05
CA HIS D 623 10.41 37.72 14.87
C HIS D 623 10.11 36.70 13.79
N GLN D 624 11.06 35.82 13.57
CA GLN D 624 10.83 34.81 12.55
C GLN D 624 9.70 33.87 12.92
N GLN D 625 9.55 33.59 14.20
CA GLN D 625 8.53 32.69 14.67
C GLN D 625 7.21 33.36 14.89
N GLN D 626 7.12 34.65 14.61
CA GLN D 626 5.86 35.33 14.86
C GLN D 626 4.64 34.71 14.19
N PHE D 627 3.47 34.81 14.83
CA PHE D 627 2.23 34.17 14.34
C PHE D 627 1.38 34.92 13.34
N PHE D 628 1.78 36.14 13.05
CA PHE D 628 1.12 36.97 12.06
C PHE D 628 2.12 37.35 11.01
N GLN D 629 1.61 37.30 9.81
CA GLN D 629 2.39 37.60 8.64
C GLN D 629 1.78 38.68 7.79
N PHE D 630 2.66 39.53 7.27
CA PHE D 630 2.27 40.68 6.51
C PHE D 630 2.78 40.78 5.13
N ARG D 631 1.92 41.44 4.39
CA ARG D 631 2.20 41.80 3.03
C ARG D 631 1.58 43.15 2.79
N LEU D 632 2.38 43.92 2.12
CA LEU D 632 2.00 45.24 1.75
C LEU D 632 1.77 45.34 0.26
N SER D 633 0.58 45.80 -0.09
CA SER D 633 0.21 45.98 -1.49
C SER D 633 -0.41 47.37 -1.66
N GLY D 634 0.42 48.28 -2.16
CA GLY D 634 -0.09 49.62 -2.27
C GLY D 634 -0.25 50.23 -0.89
N GLN D 635 -1.48 50.41 -0.42
CA GLN D 635 -1.56 50.98 0.90
C GLN D 635 -2.48 50.18 1.78
N THR D 636 -2.51 48.94 1.29
CA THR D 636 -3.24 47.87 1.87
C THR D 636 -2.32 46.83 2.45
N ILE D 637 -2.57 46.55 3.69
CA ILE D 637 -1.81 45.56 4.37
C ILE D 637 -2.63 44.32 4.53
N GLU D 638 -2.03 43.24 4.11
CA GLU D 638 -2.62 41.95 4.25
C GLU D 638 -1.99 41.23 5.43
N VAL D 639 -2.86 40.84 6.35
CA VAL D 639 -2.42 40.13 7.52
C VAL D 639 -2.81 38.68 7.48
N THR D 640 -1.85 37.80 7.75
CA THR D 640 -2.17 36.40 7.77
C THR D 640 -1.97 35.76 9.12
N SER D 641 -2.96 35.04 9.59
CA SER D 641 -2.75 34.46 10.88
C SER D 641 -2.21 33.06 10.79
N GLU D 642 -1.17 32.79 11.57
CA GLU D 642 -0.63 31.44 11.65
C GLU D 642 -1.20 30.69 12.84
N TYR D 643 -2.16 31.26 13.56
CA TYR D 643 -2.76 30.52 14.65
C TYR D 643 -3.64 29.52 13.98
N LEU D 644 -3.75 28.36 14.61
CA LEU D 644 -4.53 27.29 14.05
C LEU D 644 -5.86 27.21 14.74
N PHE D 645 -5.87 27.63 15.98
CA PHE D 645 -7.10 27.49 16.75
C PHE D 645 -7.72 28.76 17.24
N ARG D 646 -6.94 29.76 17.61
CA ARG D 646 -7.50 30.96 18.12
C ARG D 646 -7.64 32.12 17.18
N HIS D 647 -8.53 33.03 17.53
CA HIS D 647 -8.84 34.21 16.75
C HIS D 647 -8.07 35.41 17.29
N SER D 648 -7.64 36.37 16.44
CA SER D 648 -6.84 37.49 16.97
C SER D 648 -7.66 38.24 17.97
N ASP D 649 -7.71 37.82 19.21
CA ASP D 649 -8.59 38.55 20.10
C ASP D 649 -7.96 39.32 21.22
N ASN D 650 -6.69 39.65 21.03
CA ASN D 650 -6.02 40.46 22.01
C ASN D 650 -4.87 41.02 21.23
N GLU D 651 -5.33 41.65 20.19
CA GLU D 651 -4.42 42.14 19.24
C GLU D 651 -4.84 43.40 18.57
N LEU D 652 -3.91 44.27 18.64
CA LEU D 652 -4.02 45.52 18.00
C LEU D 652 -2.85 45.75 17.14
N LEU D 653 -3.17 46.34 16.02
CA LEU D 653 -2.12 46.68 15.14
C LEU D 653 -1.79 48.18 15.15
N HIS D 654 -0.55 48.47 15.48
CA HIS D 654 -0.13 49.85 15.45
C HIS D 654 0.61 50.14 14.17
N TRP D 655 0.28 51.19 13.47
CA TRP D 655 1.09 51.39 12.32
C TRP D 655 1.74 52.73 12.31
N MET D 656 2.71 52.91 11.45
CA MET D 656 3.33 54.18 11.53
C MET D 656 4.26 54.52 10.41
N VAL D 657 4.29 55.79 10.02
CA VAL D 657 5.13 56.21 8.92
C VAL D 657 6.14 57.22 9.31
N ALA D 658 7.33 57.12 8.79
CA ALA D 658 8.34 58.05 9.21
C ALA D 658 9.40 58.23 8.17
N LEU D 659 9.92 59.45 8.16
CA LEU D 659 10.93 59.86 7.20
C LEU D 659 12.21 59.99 7.93
N ASP D 660 13.13 59.14 7.60
CA ASP D 660 14.41 59.17 8.27
C ASP D 660 14.29 59.43 9.75
N GLY D 661 13.51 58.60 10.42
CA GLY D 661 13.38 58.69 11.85
C GLY D 661 12.29 59.61 12.33
N LYS D 662 11.75 60.42 11.43
CA LYS D 662 10.75 61.38 11.81
C LYS D 662 9.41 60.91 11.38
N PRO D 663 8.61 60.85 12.41
CA PRO D 663 7.27 60.38 12.38
C PRO D 663 6.38 61.36 11.76
N LEU D 664 5.65 60.85 10.82
CA LEU D 664 4.65 61.61 10.14
C LEU D 664 3.26 61.07 10.36
N ALA D 665 3.10 59.82 10.83
CA ALA D 665 1.75 59.27 10.93
C ALA D 665 1.73 57.97 11.68
N SER D 666 0.57 57.78 12.32
CA SER D 666 0.26 56.65 13.16
C SER D 666 -1.21 56.33 13.15
N GLY D 667 -1.43 55.04 13.32
CA GLY D 667 -2.72 54.45 13.40
C GLY D 667 -2.63 53.33 14.40
N GLU D 668 -3.78 52.72 14.59
CA GLU D 668 -4.06 51.59 15.45
C GLU D 668 -5.25 50.87 14.90
N VAL D 669 -5.15 49.60 14.75
CA VAL D 669 -6.25 48.86 14.22
C VAL D 669 -6.27 47.49 14.81
N PRO D 670 -7.42 47.25 15.29
CA PRO D 670 -7.81 46.02 15.91
C PRO D 670 -7.87 44.94 14.85
N LEU D 671 -7.27 43.79 15.17
CA LEU D 671 -7.23 42.68 14.27
C LEU D 671 -8.41 41.77 14.48
N ASP D 672 -9.10 41.43 13.41
CA ASP D 672 -10.16 40.45 13.48
C ASP D 672 -9.78 39.45 12.41
N VAL D 673 -8.84 38.53 12.71
CA VAL D 673 -8.44 37.48 11.77
C VAL D 673 -8.60 36.17 12.46
N ALA D 674 -9.19 35.26 11.73
CA ALA D 674 -9.31 33.95 12.28
C ALA D 674 -8.07 33.12 11.97
N PRO D 675 -7.89 32.03 12.71
CA PRO D 675 -6.74 31.14 12.56
C PRO D 675 -6.63 30.81 11.10
N GLN D 676 -5.43 30.84 10.55
CA GLN D 676 -5.30 30.55 9.14
C GLN D 676 -6.03 31.53 8.22
N GLY D 677 -6.44 32.66 8.77
CA GLY D 677 -7.10 33.67 7.97
C GLY D 677 -6.29 34.91 7.59
N LYS D 678 -6.95 35.67 6.76
CA LYS D 678 -6.42 36.90 6.24
C LYS D 678 -7.31 38.05 6.68
N GLN D 679 -6.73 39.22 6.82
CA GLN D 679 -7.41 40.46 7.19
C GLN D 679 -6.80 41.55 6.33
N LEU D 680 -7.65 42.36 5.76
CA LEU D 680 -7.20 43.42 4.91
C LEU D 680 -7.21 44.75 5.54
N ILE D 681 -6.13 45.44 5.34
CA ILE D 681 -6.06 46.71 5.96
C ILE D 681 -5.63 47.84 5.10
N GLU D 682 -6.59 48.73 4.95
CA GLU D 682 -6.28 49.84 4.14
C GLU D 682 -6.01 51.00 4.97
N LEU D 683 -4.89 51.54 4.58
CA LEU D 683 -4.36 52.69 5.23
C LEU D 683 -4.94 53.97 4.67
N PRO D 684 -4.93 54.94 5.56
CA PRO D 684 -5.38 56.26 5.26
C PRO D 684 -4.47 56.81 4.21
N GLU D 685 -4.86 57.89 3.58
CA GLU D 685 -3.96 58.46 2.62
C GLU D 685 -2.74 58.86 3.39
N LEU D 686 -1.62 58.44 2.85
CA LEU D 686 -0.37 58.69 3.50
C LEU D 686 0.27 59.93 2.99
N PRO D 687 0.65 60.67 3.98
CA PRO D 687 1.33 61.90 3.76
C PRO D 687 2.52 61.59 2.91
N GLN D 688 3.05 62.63 2.29
CA GLN D 688 4.27 62.47 1.53
C GLN D 688 4.87 63.85 1.38
N PRO D 689 6.10 63.97 1.87
CA PRO D 689 6.78 65.25 1.93
C PRO D 689 7.71 65.50 0.75
N GLU D 690 8.12 66.76 0.65
CA GLU D 690 9.02 67.09 -0.42
C GLU D 690 10.42 66.65 -0.03
N SER D 691 10.72 66.90 1.26
CA SER D 691 12.00 66.57 1.87
C SER D 691 12.59 65.27 1.40
N ALA D 692 13.88 65.27 1.37
CA ALA D 692 14.57 64.11 0.95
C ALA D 692 14.55 63.12 2.08
N GLY D 693 14.88 61.87 1.71
CA GLY D 693 14.97 60.80 2.67
C GLY D 693 14.05 59.68 2.33
N GLN D 694 14.13 58.65 3.19
CA GLN D 694 13.39 57.44 3.06
C GLN D 694 12.23 57.43 3.99
N LEU D 695 11.21 56.98 3.35
CA LEU D 695 9.98 56.85 4.03
C LEU D 695 9.72 55.38 4.38
N TRP D 696 9.51 55.17 5.66
CA TRP D 696 9.31 53.82 6.12
C TRP D 696 8.03 53.57 6.87
N LEU D 697 7.43 52.47 6.51
CA LEU D 697 6.24 52.02 7.17
C LEU D 697 6.60 50.94 8.17
N THR D 698 6.13 51.11 9.37
CA THR D 698 6.41 50.10 10.35
C THR D 698 5.14 49.72 11.08
N VAL D 699 4.88 48.41 11.23
CA VAL D 699 3.71 47.91 11.95
C VAL D 699 4.10 46.95 13.05
N ARG D 700 3.30 46.97 14.09
CA ARG D 700 3.51 46.18 15.27
C ARG D 700 2.20 45.59 15.80
N VAL D 701 2.24 44.33 16.24
CA VAL D 701 1.04 43.80 16.81
C VAL D 701 1.17 43.81 18.29
N VAL D 702 0.13 44.35 18.89
CA VAL D 702 0.13 44.47 20.31
C VAL D 702 -1.00 43.76 20.98
N GLN D 703 -0.61 43.24 22.15
CA GLN D 703 -1.50 42.59 23.06
C GLN D 703 -1.87 43.57 24.14
N PRO D 704 -3.05 44.08 23.93
CA PRO D 704 -3.58 45.12 24.76
C PRO D 704 -3.81 44.66 26.17
N ASN D 705 -4.31 43.44 26.28
CA ASN D 705 -4.57 42.86 27.59
C ASN D 705 -3.53 41.84 27.98
N ALA D 706 -3.36 41.72 29.27
CA ALA D 706 -2.42 40.77 29.78
C ALA D 706 -3.01 39.38 29.75
N THR D 707 -2.12 38.41 29.60
CA THR D 707 -2.48 37.02 29.60
C THR D 707 -1.73 36.46 30.77
N ALA D 708 -1.77 35.14 30.83
CA ALA D 708 -1.00 34.54 31.91
C ALA D 708 0.50 34.56 31.69
N TRP D 709 0.97 34.76 30.43
CA TRP D 709 2.40 34.74 30.21
C TRP D 709 2.88 36.02 29.58
N SER D 710 1.98 36.96 29.42
CA SER D 710 2.39 38.22 28.85
C SER D 710 1.72 39.34 29.61
N GLU D 711 2.41 40.45 29.63
CA GLU D 711 1.94 41.68 30.23
C GLU D 711 1.07 42.39 29.24
N ALA D 712 0.39 43.42 29.73
CA ALA D 712 -0.33 44.20 28.77
C ALA D 712 0.64 45.02 27.95
N GLY D 713 0.26 45.19 26.69
CA GLY D 713 1.07 45.94 25.76
C GLY D 713 2.29 45.20 25.22
N HIS D 714 2.24 43.88 25.33
CA HIS D 714 3.29 43.06 24.81
C HIS D 714 3.19 43.07 23.31
N ILE D 715 4.36 43.12 22.71
CA ILE D 715 4.41 43.11 21.27
C ILE D 715 4.72 41.71 20.83
N SER D 716 3.83 41.20 19.99
CA SER D 716 3.93 39.86 19.49
C SER D 716 4.47 39.73 18.09
N ALA D 717 4.51 40.81 17.33
CA ALA D 717 5.02 40.72 15.95
C ALA D 717 5.29 42.08 15.35
N TRP D 718 6.01 42.08 14.26
CA TRP D 718 6.24 43.32 13.59
C TRP D 718 6.86 43.11 12.23
N GLN D 719 6.87 44.18 11.48
CA GLN D 719 7.32 44.13 10.11
C GLN D 719 7.45 45.55 9.63
N GLN D 720 8.41 45.74 8.76
CA GLN D 720 8.58 47.07 8.25
C GLN D 720 8.84 47.12 6.77
N TRP D 721 8.45 48.20 6.11
CA TRP D 721 8.73 48.28 4.69
C TRP D 721 9.22 49.65 4.36
N ARG D 722 9.99 49.77 3.28
CA ARG D 722 10.43 51.07 2.78
C ARG D 722 9.43 51.48 1.73
N LEU D 723 8.85 52.67 1.88
CA LEU D 723 7.83 53.12 0.96
C LEU D 723 8.30 53.99 -0.17
N ALA D 724 9.23 54.84 0.14
CA ALA D 724 9.68 55.73 -0.88
C ALA D 724 10.91 56.37 -0.46
N GLU D 725 11.46 56.91 -1.51
CA GLU D 725 12.72 57.60 -1.42
C GLU D 725 12.73 58.84 -2.28
N ASN D 726 13.08 59.92 -1.63
CA ASN D 726 13.24 61.16 -2.31
C ASN D 726 14.70 61.38 -2.20
N LEU D 727 15.32 61.22 -3.35
CA LEU D 727 16.76 61.41 -3.44
C LEU D 727 17.11 62.91 -3.32
N SER D 728 18.26 63.19 -2.71
CA SER D 728 18.77 64.54 -2.50
C SER D 728 19.57 65.08 -3.68
N VAL D 729 18.96 66.03 -4.38
CA VAL D 729 19.56 66.67 -5.54
C VAL D 729 20.10 68.02 -5.17
N THR D 730 20.45 68.16 -3.90
CA THR D 730 20.97 69.42 -3.41
C THR D 730 22.44 69.42 -2.99
N LEU D 731 23.13 70.32 -3.72
CA LEU D 731 24.54 70.67 -3.62
C LEU D 731 24.69 71.63 -2.43
N PRO D 732 25.76 71.39 -1.63
CA PRO D 732 25.98 72.22 -0.46
C PRO D 732 26.36 73.67 -0.83
N ALA D 733 26.11 74.53 0.19
CA ALA D 733 26.42 75.97 0.15
C ALA D 733 27.95 76.21 0.10
N ALA D 734 28.38 76.77 -1.08
CA ALA D 734 29.79 77.07 -1.35
C ALA D 734 30.49 77.69 -0.10
N SER D 735 31.42 76.87 0.43
CA SER D 735 32.23 77.16 1.61
C SER D 735 32.56 78.67 1.75
N HIS D 736 32.32 79.22 2.96
CA HIS D 736 32.69 80.61 3.18
C HIS D 736 34.22 80.75 3.16
N ALA D 737 34.86 79.82 3.90
CA ALA D 737 36.31 79.65 4.09
C ALA D 737 37.02 78.69 3.10
N ILE D 738 38.23 78.33 3.44
CA ILE D 738 39.02 77.44 2.62
C ILE D 738 40.20 76.95 3.44
N PRO D 739 40.37 75.66 3.38
CA PRO D 739 41.37 75.05 4.17
C PRO D 739 42.79 75.22 3.72
N HIS D 740 43.59 75.33 4.75
CA HIS D 740 44.95 75.53 4.51
C HIS D 740 45.74 74.27 4.70
N LEU D 741 46.60 74.03 3.74
CA LEU D 741 47.47 72.90 3.80
C LEU D 741 48.89 73.27 4.10
N THR D 742 49.37 72.76 5.19
CA THR D 742 50.73 73.01 5.57
C THR D 742 51.53 71.74 5.41
N THR D 743 52.48 71.77 4.52
CA THR D 743 53.32 70.60 4.27
C THR D 743 54.54 70.58 5.18
N SER D 744 55.22 69.44 5.22
CA SER D 744 56.40 69.16 6.04
C SER D 744 56.92 67.80 5.63
N GLU D 745 58.06 67.36 6.06
CA GLU D 745 58.36 66.06 5.52
C GLU D 745 57.73 64.88 6.22
N MET D 746 57.24 65.17 7.41
CA MET D 746 56.60 64.20 8.24
C MET D 746 55.13 64.08 7.93
N ASP D 747 54.51 65.21 7.58
CA ASP D 747 53.10 65.15 7.39
C ASP D 747 52.53 66.30 6.66
N PHE D 748 51.21 66.21 6.51
CA PHE D 748 50.42 67.21 5.89
C PHE D 748 49.44 67.66 6.91
N CYS D 749 49.29 68.96 7.05
CA CYS D 749 48.31 69.45 7.99
C CYS D 749 47.29 70.26 7.31
N ILE D 750 46.11 70.04 7.83
CA ILE D 750 45.03 70.78 7.30
C ILE D 750 44.41 71.49 8.43
N GLU D 751 44.32 72.76 8.14
CA GLU D 751 43.68 73.60 9.07
C GLU D 751 42.64 74.39 8.38
N LEU D 752 41.63 74.53 9.22
CA LEU D 752 40.45 75.25 8.92
C LEU D 752 39.72 75.44 10.23
N GLY D 753 39.59 76.71 10.65
CA GLY D 753 38.93 77.07 11.89
C GLY D 753 39.76 76.59 13.07
N ASN D 754 39.03 76.10 14.08
CA ASN D 754 39.69 75.56 15.27
C ASN D 754 40.23 74.16 14.99
N LYS D 755 39.63 73.59 13.93
CA LYS D 755 39.85 72.26 13.41
C LYS D 755 41.17 72.06 12.65
N ARG D 756 41.81 70.94 12.99
CA ARG D 756 43.00 70.58 12.29
C ARG D 756 43.13 69.09 12.20
N TRP D 757 43.62 68.67 11.03
CA TRP D 757 43.81 67.28 10.67
C TRP D 757 45.20 67.01 10.23
N GLN D 758 45.79 65.95 10.76
CA GLN D 758 47.11 65.63 10.33
C GLN D 758 47.29 64.24 9.78
N PHE D 759 47.91 64.22 8.62
CA PHE D 759 48.19 62.97 7.96
C PHE D 759 49.65 62.74 7.92
N ASN D 760 50.04 61.61 8.46
CA ASN D 760 51.42 61.25 8.47
C ASN D 760 51.90 60.73 7.14
N ARG D 761 52.84 61.45 6.58
CA ARG D 761 53.36 61.07 5.30
C ARG D 761 54.15 59.78 5.27
N GLN D 762 54.55 59.25 6.42
CA GLN D 762 55.32 58.00 6.38
C GLN D 762 54.43 56.74 6.38
N SER D 763 53.34 56.82 7.13
CA SER D 763 52.37 55.77 7.26
C SER D 763 51.20 55.88 6.28
N GLY D 764 50.77 57.10 5.96
CA GLY D 764 49.68 57.33 5.02
C GLY D 764 48.33 57.39 5.72
N PHE D 765 48.38 57.45 7.06
CA PHE D 765 47.15 57.49 7.82
C PHE D 765 46.91 58.79 8.51
N LEU D 766 45.64 59.07 8.74
CA LEU D 766 45.32 60.26 9.44
C LEU D 766 45.66 59.99 10.90
N SER D 767 46.76 60.56 11.34
CA SER D 767 47.29 60.32 12.67
C SER D 767 46.64 61.12 13.74
N GLN D 768 46.11 62.27 13.37
CA GLN D 768 45.50 62.97 14.48
C GLN D 768 44.66 64.08 13.98
N MET D 769 43.81 64.50 14.90
CA MET D 769 42.92 65.56 14.61
C MET D 769 42.51 66.33 15.84
N TRP D 770 42.41 67.65 15.65
CA TRP D 770 42.06 68.51 16.75
C TRP D 770 40.89 69.36 16.49
N ILE D 771 40.17 69.54 17.58
CA ILE D 771 39.06 70.46 17.60
C ILE D 771 39.49 71.49 18.62
N GLY D 772 39.94 72.63 18.19
CA GLY D 772 40.47 73.45 19.22
C GLY D 772 41.86 72.91 19.60
N ASP D 773 42.09 72.80 20.94
CA ASP D 773 43.35 72.35 21.50
C ASP D 773 43.36 70.87 21.79
N LYS D 774 42.17 70.26 21.74
CA LYS D 774 41.93 68.85 22.01
C LYS D 774 42.12 67.92 20.82
N LYS D 775 42.93 66.90 21.10
CA LYS D 775 43.21 65.84 20.16
C LYS D 775 42.03 64.87 20.24
N GLN D 776 41.72 64.18 19.12
CA GLN D 776 40.55 63.31 19.09
C GLN D 776 40.83 61.83 19.00
N LEU D 777 41.98 61.53 18.44
CA LEU D 777 42.38 60.17 18.27
C LEU D 777 43.37 59.75 19.28
N LEU D 778 43.44 58.46 19.55
CA LEU D 778 44.47 57.91 20.39
C LEU D 778 45.23 57.02 19.48
N THR D 779 44.55 56.70 18.40
CA THR D 779 45.07 55.85 17.38
C THR D 779 44.58 56.32 16.06
N PRO D 780 45.46 56.21 15.10
CA PRO D 780 45.17 56.60 13.74
C PRO D 780 44.04 55.80 13.16
N LEU D 781 43.42 56.44 12.23
CA LEU D 781 42.35 55.86 11.51
C LEU D 781 42.95 54.91 10.50
N ARG D 782 42.66 53.62 10.65
CA ARG D 782 43.24 52.71 9.66
C ARG D 782 42.35 51.58 9.18
N ASP D 783 42.73 51.05 8.02
CA ASP D 783 42.00 49.94 7.40
C ASP D 783 42.00 48.70 8.28
N GLN D 784 40.84 48.02 8.33
CA GLN D 784 40.67 46.81 9.10
C GLN D 784 40.02 45.71 8.29
N PHE D 785 40.65 44.54 8.26
CA PHE D 785 40.09 43.44 7.49
C PHE D 785 39.80 42.22 8.29
N THR D 786 40.02 42.30 9.59
CA THR D 786 39.79 41.17 10.46
C THR D 786 38.79 41.43 11.56
N ARG D 787 38.57 40.37 12.32
CA ARG D 787 37.65 40.44 13.44
C ARG D 787 37.99 39.42 14.54
N ALA D 788 37.70 39.79 15.79
CA ALA D 788 37.93 38.89 16.89
C ALA D 788 36.87 37.83 16.71
N PRO D 789 37.35 36.67 16.31
CA PRO D 789 36.65 35.43 15.98
C PRO D 789 35.50 35.04 16.82
N LEU D 790 34.38 34.80 16.15
CA LEU D 790 33.26 34.36 16.91
C LEU D 790 33.46 32.89 17.10
N ASP D 791 32.62 32.36 17.98
CA ASP D 791 32.63 30.93 18.24
C ASP D 791 32.55 30.08 16.95
N ASN D 792 31.68 30.52 16.04
CA ASN D 792 31.47 29.90 14.77
C ASN D 792 32.71 30.01 13.89
N ASP D 793 33.50 31.09 14.00
CA ASP D 793 34.71 31.25 13.16
C ASP D 793 35.79 30.26 13.56
N ILE D 794 35.75 29.92 14.86
CA ILE D 794 36.69 29.02 15.46
C ILE D 794 36.34 27.56 15.32
N GLY D 795 35.08 27.24 15.68
CA GLY D 795 34.63 25.88 15.59
C GLY D 795 35.30 25.07 16.68
N VAL D 796 35.78 23.89 16.31
CA VAL D 796 36.43 22.96 17.24
C VAL D 796 37.95 22.99 17.19
N SER D 797 38.47 23.99 16.48
CA SER D 797 39.90 24.19 16.37
C SER D 797 40.42 24.51 17.78
N GLU D 798 41.51 23.81 18.18
CA GLU D 798 42.21 23.98 19.47
C GLU D 798 43.67 24.22 19.15
N ALA D 799 44.47 24.66 20.14
CA ALA D 799 45.90 24.89 19.91
C ALA D 799 46.65 23.59 19.60
N THR D 800 46.22 22.53 20.30
CA THR D 800 46.69 21.16 20.19
C THR D 800 46.37 20.62 18.80
N ARG D 801 45.04 20.47 18.61
CA ARG D 801 44.37 19.99 17.41
C ARG D 801 43.71 21.09 16.57
N ILE D 802 44.48 21.63 15.63
CA ILE D 802 44.04 22.67 14.71
C ILE D 802 43.05 22.15 13.63
N ASP D 803 41.91 22.88 13.44
CA ASP D 803 40.94 22.61 12.39
C ASP D 803 41.17 23.62 11.27
N PRO D 804 41.97 23.19 10.31
CA PRO D 804 42.41 23.96 9.15
C PRO D 804 41.31 24.55 8.29
N ASN D 805 40.10 24.07 8.53
CA ASN D 805 38.94 24.53 7.80
C ASN D 805 38.17 25.63 8.47
N ALA D 806 38.34 25.71 9.78
CA ALA D 806 37.74 26.76 10.55
C ALA D 806 38.17 28.08 9.91
N TRP D 807 37.24 29.01 9.81
CA TRP D 807 37.52 30.31 9.24
C TRP D 807 38.78 30.92 9.85
N VAL D 808 38.84 30.93 11.17
CA VAL D 808 39.94 31.53 11.87
C VAL D 808 41.31 31.01 11.47
N GLU D 809 41.37 29.70 11.35
CA GLU D 809 42.56 29.04 10.91
C GLU D 809 42.95 29.55 9.54
N ARG D 810 42.00 29.61 8.63
CA ARG D 810 42.30 30.06 7.27
C ARG D 810 42.85 31.46 7.23
N TRP D 811 42.20 32.28 8.00
CA TRP D 811 42.57 33.65 8.11
C TRP D 811 43.92 33.73 8.72
N LYS D 812 44.08 32.99 9.81
CA LYS D 812 45.37 32.98 10.49
C LYS D 812 46.48 32.61 9.50
N ALA D 813 46.30 31.46 8.92
CA ALA D 813 47.28 30.93 8.00
C ALA D 813 47.66 31.78 6.83
N ALA D 814 46.71 32.59 6.41
CA ALA D 814 46.93 33.42 5.27
C ALA D 814 47.60 34.77 5.57
N GLY D 815 47.77 35.09 6.87
CA GLY D 815 48.43 36.29 7.34
C GLY D 815 47.49 37.46 7.63
N HIS D 816 46.19 37.27 7.48
CA HIS D 816 45.26 38.37 7.70
C HIS D 816 45.49 39.12 8.96
N TYR D 817 45.71 38.36 10.00
CA TYR D 817 45.91 38.97 11.30
C TYR D 817 47.27 39.61 11.45
N GLN D 818 48.21 39.29 10.59
CA GLN D 818 49.49 39.90 10.81
C GLN D 818 50.10 40.48 9.58
N ALA D 819 49.24 40.92 8.71
CA ALA D 819 49.73 41.52 7.52
C ALA D 819 50.23 42.93 7.85
N GLU D 820 51.21 43.38 7.05
CA GLU D 820 51.80 44.68 7.23
C GLU D 820 51.51 45.61 6.05
N ALA D 821 51.09 46.85 6.41
CA ALA D 821 50.79 47.83 5.38
C ALA D 821 52.00 48.34 4.63
N ALA D 822 51.74 48.96 3.51
CA ALA D 822 52.84 49.47 2.73
C ALA D 822 52.36 50.68 1.97
N LEU D 823 52.97 51.81 2.33
CA LEU D 823 52.65 53.04 1.62
C LEU D 823 53.09 52.88 0.15
N LEU D 824 52.17 53.03 -0.74
CA LEU D 824 52.50 52.97 -2.13
C LEU D 824 52.45 54.41 -2.59
N GLN D 825 51.57 55.21 -1.99
CA GLN D 825 51.39 56.60 -2.36
C GLN D 825 50.65 57.43 -1.33
N CYS D 826 50.98 58.71 -1.29
CA CYS D 826 50.39 59.64 -0.32
C CYS D 826 50.63 61.04 -0.79
N THR D 827 49.60 61.70 -1.29
CA THR D 827 49.70 63.03 -1.86
C THR D 827 48.63 63.99 -1.45
N ALA D 828 49.06 65.24 -1.45
CA ALA D 828 48.14 66.32 -1.12
C ALA D 828 48.03 67.20 -2.32
N ASP D 829 46.83 67.66 -2.54
CA ASP D 829 46.61 68.51 -3.69
C ASP D 829 45.65 69.60 -3.27
N THR D 830 45.80 70.75 -3.91
CA THR D 830 44.91 71.81 -3.55
C THR D 830 43.91 72.07 -4.63
N LEU D 831 42.69 71.96 -4.18
CA LEU D 831 41.57 72.15 -5.03
C LEU D 831 41.09 73.58 -4.85
N ALA D 832 40.28 73.96 -5.78
CA ALA D 832 39.69 75.26 -5.76
C ALA D 832 39.12 75.62 -4.38
N ASP D 833 38.33 74.72 -3.79
CA ASP D 833 37.65 74.93 -2.52
C ASP D 833 37.87 73.87 -1.44
N ALA D 834 38.91 73.06 -1.63
CA ALA D 834 39.16 71.98 -0.71
C ALA D 834 40.55 71.39 -0.84
N VAL D 835 40.86 70.58 0.14
CA VAL D 835 42.10 69.89 0.05
C VAL D 835 41.84 68.44 -0.20
N LEU D 836 42.70 67.93 -1.00
CA LEU D 836 42.54 66.58 -1.34
C LEU D 836 43.72 65.70 -1.02
N ILE D 837 43.52 64.77 -0.11
CA ILE D 837 44.60 63.86 0.14
C ILE D 837 44.33 62.58 -0.58
N THR D 838 45.37 61.93 -1.08
CA THR D 838 45.23 60.67 -1.78
C THR D 838 46.26 59.62 -1.35
N THR D 839 45.84 58.44 -0.93
CA THR D 839 46.76 57.39 -0.48
C THR D 839 46.51 56.04 -1.15
N ALA D 840 47.44 55.10 -0.88
CA ALA D 840 47.34 53.72 -1.35
C ALA D 840 48.22 52.79 -0.55
N HIS D 841 47.65 51.74 0.02
CA HIS D 841 48.51 50.80 0.70
C HIS D 841 48.29 49.46 0.17
N ALA D 842 49.28 48.64 0.47
CA ALA D 842 49.17 47.25 0.12
C ALA D 842 49.38 46.46 1.40
N TRP D 843 48.53 45.45 1.65
CA TRP D 843 48.78 44.66 2.81
C TRP D 843 49.36 43.40 2.28
N GLN D 844 50.47 43.00 2.88
CA GLN D 844 51.10 41.81 2.38
C GLN D 844 51.62 40.95 3.48
N HIS D 845 51.83 39.70 3.13
CA HIS D 845 52.33 38.69 4.05
C HIS D 845 53.06 37.67 3.22
N GLN D 846 54.36 37.57 3.52
CA GLN D 846 55.28 36.70 2.82
C GLN D 846 55.33 37.00 1.33
N GLY D 847 55.34 38.30 1.01
CA GLY D 847 55.43 38.69 -0.38
C GLY D 847 54.18 38.49 -1.19
N LYS D 848 53.11 38.29 -0.47
CA LYS D 848 51.85 38.14 -1.12
C LYS D 848 51.04 39.35 -0.75
N THR D 849 50.53 39.97 -1.79
CA THR D 849 49.68 41.10 -1.51
C THR D 849 48.26 40.58 -1.31
N LEU D 850 47.77 40.73 -0.10
CA LEU D 850 46.44 40.29 0.17
C LEU D 850 45.42 41.29 -0.31
N PHE D 851 45.57 42.50 0.15
CA PHE D 851 44.64 43.52 -0.21
C PHE D 851 45.35 44.78 -0.59
N ILE D 852 44.55 45.64 -1.21
CA ILE D 852 44.96 46.96 -1.60
C ILE D 852 43.87 47.95 -1.30
N SER D 853 44.27 48.99 -0.57
CA SER D 853 43.32 50.02 -0.18
C SER D 853 43.66 51.34 -0.83
N ARG D 854 42.68 51.95 -1.49
CA ARG D 854 42.89 53.22 -2.14
C ARG D 854 41.91 54.29 -1.71
N LYS D 855 42.41 55.33 -1.05
CA LYS D 855 41.50 56.32 -0.60
C LYS D 855 41.78 57.72 -1.13
N THR D 856 40.83 58.58 -0.78
CA THR D 856 40.86 59.99 -1.02
C THR D 856 40.14 60.60 0.12
N TYR D 857 40.76 61.60 0.69
CA TYR D 857 40.12 62.35 1.72
C TYR D 857 39.92 63.71 1.15
N ARG D 858 38.76 64.23 1.34
CA ARG D 858 38.61 65.52 0.78
C ARG D 858 37.97 66.43 1.78
N ILE D 859 38.76 67.40 2.22
CA ILE D 859 38.27 68.34 3.22
C ILE D 859 37.89 69.62 2.54
N ASP D 860 36.74 70.14 2.93
CA ASP D 860 36.20 71.31 2.27
C ASP D 860 35.93 72.43 3.24
N GLY D 861 35.51 73.58 2.69
CA GLY D 861 35.27 74.75 3.49
C GLY D 861 34.30 74.56 4.62
N SER D 862 33.50 73.50 4.52
CA SER D 862 32.51 73.17 5.51
C SER D 862 33.15 72.50 6.70
N GLY D 863 34.40 72.04 6.52
CA GLY D 863 35.13 71.38 7.58
C GLY D 863 34.59 69.97 7.81
N GLN D 864 34.38 69.36 6.66
CA GLN D 864 33.85 68.04 6.54
C GLN D 864 34.81 67.19 5.75
N MET D 865 35.15 66.03 6.28
CA MET D 865 35.95 65.21 5.39
C MET D 865 35.22 64.04 4.80
N ALA D 866 35.45 63.93 3.52
CA ALA D 866 34.84 62.87 2.82
C ALA D 866 35.84 61.81 2.46
N ILE D 867 35.65 60.66 3.03
CA ILE D 867 36.52 59.55 2.74
C ILE D 867 35.91 58.62 1.73
N THR D 868 36.72 58.29 0.79
CA THR D 868 36.28 57.40 -0.23
C THR D 868 37.31 56.32 -0.33
N VAL D 869 36.81 55.11 -0.23
CA VAL D 869 37.67 53.93 -0.14
C VAL D 869 37.35 52.90 -1.16
N ASP D 870 38.42 52.28 -1.62
CA ASP D 870 38.29 51.27 -2.62
C ASP D 870 39.31 50.16 -2.43
N VAL D 871 38.83 48.98 -1.95
CA VAL D 871 39.64 47.80 -1.72
C VAL D 871 39.64 46.79 -2.84
N GLU D 872 40.78 46.16 -3.01
CA GLU D 872 40.98 45.08 -3.94
C GLU D 872 41.45 43.92 -3.08
N VAL D 873 40.74 42.78 -3.19
CA VAL D 873 41.01 41.55 -2.45
C VAL D 873 41.49 40.45 -3.35
N ALA D 874 42.60 39.82 -3.00
CA ALA D 874 43.11 38.79 -3.86
C ALA D 874 42.15 37.59 -3.92
N SER D 875 41.89 37.18 -5.16
CA SER D 875 40.96 36.07 -5.44
C SER D 875 41.27 34.84 -4.62
N ASP D 876 42.56 34.62 -4.45
CA ASP D 876 43.04 33.46 -3.78
C ASP D 876 43.34 33.56 -2.31
N THR D 877 42.75 34.49 -1.62
CA THR D 877 42.94 34.59 -0.21
C THR D 877 41.58 34.34 0.42
N PRO D 878 41.55 33.74 1.60
CA PRO D 878 40.26 33.52 2.23
C PRO D 878 39.56 34.86 2.32
N HIS D 879 38.24 34.88 2.10
CA HIS D 879 37.56 36.12 2.19
C HIS D 879 37.61 36.58 3.62
N PRO D 880 37.86 37.85 3.68
CA PRO D 880 38.00 38.63 4.88
C PRO D 880 36.69 38.71 5.64
N ALA D 881 36.84 38.83 6.93
CA ALA D 881 35.73 38.91 7.82
C ALA D 881 35.06 40.22 7.63
N ARG D 882 35.87 41.17 7.28
CA ARG D 882 35.29 42.46 7.11
C ARG D 882 36.23 43.36 6.35
N ILE D 883 35.68 44.52 6.08
CA ILE D 883 36.36 45.57 5.32
C ILE D 883 35.88 46.94 5.73
N GLY D 884 36.72 47.63 6.49
CA GLY D 884 36.35 48.94 6.96
C GLY D 884 37.51 49.59 7.65
N LEU D 885 37.20 50.53 8.51
CA LEU D 885 38.25 51.19 9.20
C LEU D 885 37.98 51.20 10.67
N ASN D 886 39.02 51.49 11.41
CA ASN D 886 38.83 51.65 12.81
C ASN D 886 39.83 52.63 13.35
N CYS D 887 39.58 53.06 14.57
CA CYS D 887 40.49 53.99 15.18
C CYS D 887 40.11 54.11 16.63
N GLN D 888 41.00 54.65 17.44
CA GLN D 888 40.58 54.77 18.82
C GLN D 888 40.27 56.18 19.20
N LEU D 889 39.04 56.45 19.52
CA LEU D 889 38.80 57.82 19.88
C LEU D 889 39.21 58.12 21.27
N ALA D 890 39.54 59.37 21.41
CA ALA D 890 39.97 59.92 22.65
C ALA D 890 38.81 60.12 23.59
N GLN D 891 37.69 60.63 23.08
CA GLN D 891 36.47 60.85 23.87
C GLN D 891 35.87 59.57 24.36
N VAL D 892 34.97 59.77 25.30
CA VAL D 892 34.13 58.74 25.88
C VAL D 892 32.84 59.42 26.25
N ALA D 893 31.78 59.10 25.52
CA ALA D 893 30.47 59.68 25.74
C ALA D 893 29.48 58.69 26.34
N GLU D 894 28.39 59.21 26.86
CA GLU D 894 27.40 58.38 27.53
C GLU D 894 26.42 57.72 26.58
N ARG D 895 26.17 58.36 25.44
CA ARG D 895 25.22 57.79 24.53
C ARG D 895 25.71 57.66 23.14
N VAL D 896 24.96 56.88 22.38
CA VAL D 896 25.21 56.66 20.99
C VAL D 896 23.90 56.79 20.30
N ASN D 897 23.95 57.52 19.24
CA ASN D 897 22.74 57.72 18.51
C ASN D 897 23.00 57.48 17.04
N TRP D 898 22.10 56.70 16.45
CA TRP D 898 22.28 56.42 15.05
C TRP D 898 20.97 56.19 14.36
N LEU D 899 21.08 56.41 13.08
CA LEU D 899 19.97 56.19 12.24
C LEU D 899 20.29 54.98 11.35
N GLY D 900 19.71 53.82 11.69
CA GLY D 900 19.95 52.59 10.95
C GLY D 900 19.22 51.43 11.59
N LEU D 901 19.77 50.21 11.48
CA LEU D 901 19.08 49.08 12.07
C LEU D 901 19.38 48.89 13.51
N GLY D 902 18.32 48.63 14.21
CA GLY D 902 18.51 48.41 15.61
C GLY D 902 17.16 48.17 16.18
N PRO D 903 17.07 48.35 17.46
CA PRO D 903 18.15 48.83 18.32
C PRO D 903 19.28 47.87 18.63
N GLN D 904 18.99 46.56 18.60
CA GLN D 904 19.95 45.50 18.91
C GLN D 904 21.02 45.09 17.94
N GLU D 905 22.01 44.39 18.49
CA GLU D 905 23.12 43.88 17.71
C GLU D 905 22.55 43.13 16.50
N ASN D 906 23.06 43.47 15.32
CA ASN D 906 22.57 42.84 14.12
C ASN D 906 23.67 42.63 13.12
N TYR D 907 23.69 41.42 12.56
CA TYR D 907 24.68 41.08 11.55
C TYR D 907 23.95 40.86 10.29
N PRO D 908 24.71 40.70 9.26
CA PRO D 908 24.11 40.57 7.93
C PRO D 908 23.19 39.38 7.70
N ASP D 909 23.53 38.23 8.26
CA ASP D 909 22.69 37.08 8.04
C ASP D 909 21.84 36.93 9.27
N ARG D 910 21.79 38.02 9.99
CA ARG D 910 20.98 38.02 11.18
C ARG D 910 20.47 39.41 11.48
N LEU D 911 19.66 39.95 10.56
CA LEU D 911 19.12 41.26 10.84
C LEU D 911 17.65 41.41 10.50
N THR D 912 16.97 40.36 10.13
CA THR D 912 15.57 40.56 9.84
C THR D 912 14.77 41.08 11.00
N ALA D 913 15.15 40.78 12.23
CA ALA D 913 14.29 41.29 13.30
C ALA D 913 14.51 42.79 13.60
N ALA D 914 15.52 43.37 12.99
CA ALA D 914 15.86 44.74 13.30
C ALA D 914 15.13 45.73 12.46
N CYS D 915 14.92 46.90 13.03
CA CYS D 915 14.21 47.97 12.36
C CYS D 915 15.07 49.18 12.13
N PHE D 916 14.74 49.80 11.00
CA PHE D 916 15.40 50.99 10.58
C PHE D 916 14.78 52.16 11.26
N ASP D 917 15.62 52.92 11.95
CA ASP D 917 15.12 54.04 12.66
C ASP D 917 16.25 54.71 13.39
N ARG D 918 15.83 55.67 14.17
CA ARG D 918 16.76 56.44 14.92
C ARG D 918 16.82 55.89 16.31
N TRP D 919 17.97 55.41 16.67
CA TRP D 919 18.09 54.81 17.97
C TRP D 919 19.02 55.60 18.78
N ASP D 920 18.73 55.61 20.06
CA ASP D 920 19.61 56.28 20.98
C ASP D 920 19.78 55.42 22.21
N LEU D 921 21.02 55.02 22.48
CA LEU D 921 21.28 54.21 23.65
C LEU D 921 22.62 54.56 24.25
N PRO D 922 22.74 54.10 25.47
CA PRO D 922 23.92 54.18 26.27
C PRO D 922 25.00 53.32 25.69
N LEU D 923 26.20 53.81 25.79
CA LEU D 923 27.34 53.12 25.28
C LEU D 923 27.37 51.67 25.73
N SER D 924 27.02 51.52 27.00
CA SER D 924 27.05 50.21 27.60
C SER D 924 26.24 49.18 26.84
N ASP D 925 25.20 49.67 26.21
CA ASP D 925 24.31 48.83 25.45
C ASP D 925 24.83 48.47 24.08
N MET D 926 25.92 49.12 23.66
CA MET D 926 26.55 48.79 22.39
C MET D 926 27.58 47.70 22.50
N TYR D 927 27.62 47.05 23.64
CA TYR D 927 28.49 45.90 23.84
C TYR D 927 27.65 44.73 24.32
N THR D 928 27.90 43.57 23.70
CA THR D 928 27.27 42.28 24.01
C THR D 928 28.26 41.35 24.74
N PRO D 929 27.94 41.16 25.99
CA PRO D 929 28.72 40.41 26.97
C PRO D 929 28.68 38.91 26.82
N TYR D 930 28.99 38.49 25.64
CA TYR D 930 29.09 37.09 25.42
C TYR D 930 30.17 36.61 26.38
N VAL D 931 29.88 35.65 27.22
CA VAL D 931 30.87 35.11 28.11
C VAL D 931 32.19 34.79 27.42
N PHE D 932 32.17 34.29 26.19
CA PHE D 932 33.50 34.07 25.58
C PHE D 932 33.73 35.21 24.59
N PRO D 933 34.48 36.23 25.00
CA PRO D 933 34.56 37.43 24.18
C PRO D 933 34.93 37.19 22.74
N SER D 934 34.27 37.99 21.86
CA SER D 934 34.49 37.98 20.41
C SER D 934 33.91 39.24 19.78
N GLU D 935 34.08 39.39 18.46
CA GLU D 935 33.46 40.52 17.76
C GLU D 935 31.98 40.55 18.11
N ASN D 936 31.46 41.72 18.45
CA ASN D 936 30.06 41.84 18.81
C ASN D 936 29.58 43.26 18.72
N GLY D 937 28.29 43.40 18.89
CA GLY D 937 27.66 44.69 18.96
C GLY D 937 27.39 45.37 17.64
N LEU D 938 27.80 44.74 16.54
CA LEU D 938 27.54 45.39 15.25
C LEU D 938 26.11 45.81 15.05
N ARG D 939 25.94 46.89 14.30
CA ARG D 939 24.67 47.36 13.79
C ARG D 939 24.80 47.67 12.33
N CYS D 940 23.96 47.06 11.53
CA CYS D 940 24.05 47.27 10.11
C CYS D 940 23.09 48.33 9.62
N GLY D 941 23.24 48.56 8.32
CA GLY D 941 22.51 49.54 7.56
C GLY D 941 22.48 50.92 8.18
N THR D 942 23.61 51.35 8.74
CA THR D 942 23.63 52.64 9.35
C THR D 942 23.90 53.74 8.37
N ARG D 943 23.14 54.79 8.56
CA ARG D 943 23.23 55.95 7.68
C ARG D 943 23.84 57.16 8.30
N GLU D 944 23.79 57.18 9.62
CA GLU D 944 24.30 58.25 10.40
C GLU D 944 24.55 57.81 11.82
N LEU D 945 25.69 58.15 12.28
CA LEU D 945 26.04 57.80 13.61
C LEU D 945 26.62 59.00 14.26
N ASN D 946 26.23 59.15 15.51
CA ASN D 946 26.64 60.26 16.33
C ASN D 946 27.22 59.87 17.67
N TYR D 947 28.42 60.35 17.92
CA TYR D 947 29.10 60.07 19.17
C TYR D 947 29.88 61.30 19.42
N GLY D 948 29.56 61.86 20.59
CA GLY D 948 30.07 63.13 21.06
C GLY D 948 29.77 64.17 19.99
N PRO D 949 30.84 64.82 19.59
CA PRO D 949 30.83 65.83 18.55
C PRO D 949 31.04 65.20 17.19
N HIS D 950 31.08 63.88 17.13
CA HIS D 950 31.29 63.35 15.83
C HIS D 950 30.04 62.85 15.22
N GLN D 951 30.08 62.96 13.92
CA GLN D 951 29.01 62.46 13.16
C GLN D 951 29.53 61.88 11.89
N TRP D 952 29.18 60.62 11.66
CA TRP D 952 29.61 60.01 10.44
C TRP D 952 28.41 59.69 9.64
N ARG D 953 28.55 59.87 8.35
CA ARG D 953 27.42 59.61 7.47
C ARG D 953 27.80 58.79 6.28
N GLY D 954 26.85 57.93 5.88
CA GLY D 954 26.99 57.06 4.72
C GLY D 954 26.09 55.84 4.78
N ASP D 955 26.62 54.73 4.29
CA ASP D 955 26.01 53.43 4.34
C ASP D 955 27.01 52.42 4.90
N PHE D 956 26.89 52.11 6.16
CA PHE D 956 27.87 51.22 6.67
C PHE D 956 27.33 50.47 7.86
N GLN D 957 28.17 49.55 8.26
CA GLN D 957 27.87 48.82 9.45
C GLN D 957 28.92 49.33 10.39
N PHE D 958 28.61 49.33 11.68
CA PHE D 958 29.58 49.75 12.67
C PHE D 958 29.39 49.13 14.06
N ASN D 959 30.40 49.31 14.89
CA ASN D 959 30.39 48.88 16.26
C ASN D 959 31.32 49.77 17.05
N ILE D 960 31.00 49.92 18.32
CA ILE D 960 31.69 50.83 19.17
C ILE D 960 31.67 50.48 20.65
N SER D 961 32.84 50.33 21.25
CA SER D 961 32.92 49.98 22.65
C SER D 961 34.24 50.48 23.22
N ARG D 962 34.60 49.97 24.39
CA ARG D 962 35.86 50.27 25.03
C ARG D 962 36.80 49.11 24.94
N TYR D 963 36.65 48.26 23.95
CA TYR D 963 37.56 47.14 23.85
C TYR D 963 38.04 46.98 22.44
N SER D 964 39.33 46.89 22.30
CA SER D 964 39.86 46.70 21.00
C SER D 964 39.53 45.28 20.60
N GLN D 965 39.56 45.05 19.28
CA GLN D 965 39.37 43.72 18.72
C GLN D 965 40.40 42.79 19.35
N GLN D 966 41.61 43.30 19.41
CA GLN D 966 42.67 42.53 20.01
C GLN D 966 42.40 42.17 21.46
N GLN D 967 41.95 43.11 22.25
CA GLN D 967 41.67 42.69 23.58
C GLN D 967 40.63 41.55 23.59
N LEU D 968 39.61 41.63 22.75
CA LEU D 968 38.51 40.65 22.72
C LEU D 968 38.99 39.28 22.39
N MET D 969 39.80 39.33 21.37
CA MET D 969 40.43 38.20 20.78
C MET D 969 41.36 37.49 21.73
N GLU D 970 41.93 38.23 22.67
CA GLU D 970 42.87 37.67 23.63
C GLU D 970 42.38 37.37 25.04
N THR D 971 41.10 37.63 25.29
CA THR D 971 40.49 37.33 26.57
C THR D 971 39.50 36.16 26.48
N SER D 972 39.80 35.18 27.31
CA SER D 972 39.04 33.95 27.41
C SER D 972 37.66 34.19 28.05
N HIS D 973 37.60 35.14 28.98
CA HIS D 973 36.32 35.40 29.60
C HIS D 973 36.05 36.84 29.64
N ARG D 974 34.79 37.10 29.61
CA ARG D 974 34.40 38.46 29.60
C ARG D 974 34.73 39.17 30.88
N HIS D 975 34.75 38.43 31.98
CA HIS D 975 35.05 39.10 33.24
C HIS D 975 36.46 39.64 33.34
N LEU D 976 37.30 39.23 32.44
CA LEU D 976 38.65 39.71 32.46
C LEU D 976 38.93 40.89 31.55
N LEU D 977 37.93 41.35 30.85
CA LEU D 977 38.15 42.47 29.97
C LEU D 977 38.21 43.72 30.81
N HIS D 978 39.02 44.65 30.33
CA HIS D 978 39.13 45.93 30.98
C HIS D 978 38.87 47.00 29.97
N ALA D 979 38.16 48.02 30.39
CA ALA D 979 37.91 49.11 29.45
C ALA D 979 39.22 49.80 29.09
N GLU D 980 39.41 50.13 27.81
CA GLU D 980 40.58 50.81 27.28
C GLU D 980 40.49 52.36 27.38
N GLU D 981 41.58 53.07 27.03
CA GLU D 981 41.60 54.52 27.17
C GLU D 981 40.40 55.30 26.67
N GLY D 982 39.98 55.10 25.44
CA GLY D 982 38.83 55.89 25.00
C GLY D 982 37.75 55.03 24.41
N THR D 983 37.36 55.37 23.20
CA THR D 983 36.35 54.59 22.56
C THR D 983 36.87 54.04 21.27
N TRP D 984 36.75 52.74 21.14
CA TRP D 984 37.14 52.07 19.90
C TRP D 984 35.99 52.03 18.90
N LEU D 985 36.26 52.51 17.70
CA LEU D 985 35.24 52.57 16.70
C LEU D 985 35.65 51.82 15.47
N ASN D 986 34.74 50.94 15.04
CA ASN D 986 34.91 50.14 13.85
C ASN D 986 33.77 50.48 12.95
N ILE D 987 34.10 50.92 11.76
CA ILE D 987 33.13 51.34 10.77
C ILE D 987 33.40 50.51 9.55
N ASP D 988 32.41 49.71 9.23
CA ASP D 988 32.59 48.81 8.15
C ASP D 988 31.79 49.14 6.93
N GLY D 989 32.50 49.08 5.84
CA GLY D 989 31.80 49.27 4.59
C GLY D 989 31.10 47.94 4.40
N PHE D 990 31.83 46.86 4.79
CA PHE D 990 31.32 45.49 4.71
C PHE D 990 31.78 44.54 5.78
N HIS D 991 30.87 43.63 6.11
CA HIS D 991 31.08 42.60 7.12
C HIS D 991 30.57 41.22 6.74
N MET D 992 31.37 40.19 6.93
CA MET D 992 30.88 38.88 6.58
C MET D 992 29.85 38.38 7.61
N GLY D 993 28.93 37.49 7.19
CA GLY D 993 27.88 36.92 8.04
C GLY D 993 28.45 36.12 9.23
N ILE D 994 27.58 35.77 10.17
CA ILE D 994 28.03 35.06 11.34
C ILE D 994 27.85 33.55 11.29
N GLY D 995 26.98 33.05 10.42
CA GLY D 995 26.78 31.62 10.36
C GLY D 995 26.05 31.12 11.59
N GLY D 996 26.06 29.80 11.80
CA GLY D 996 25.39 29.24 12.95
C GLY D 996 24.69 27.91 12.62
N ASP D 997 24.61 27.48 11.33
CA ASP D 997 23.93 26.20 11.05
C ASP D 997 24.41 25.13 12.04
N ASP D 998 25.67 25.29 12.36
CA ASP D 998 26.34 24.48 13.37
C ASP D 998 27.57 25.25 13.75
N SER D 999 28.21 24.81 14.83
CA SER D 999 29.37 25.51 15.32
C SER D 999 30.63 24.68 15.24
N TRP D 1000 30.64 23.70 14.33
CA TRP D 1000 31.87 22.95 14.20
C TRP D 1000 32.34 22.74 12.78
N SER D 1001 31.83 23.54 11.90
CA SER D 1001 32.21 23.54 10.50
C SER D 1001 31.75 24.86 9.98
N PRO D 1002 32.35 25.28 8.87
CA PRO D 1002 31.93 26.53 8.25
C PRO D 1002 30.42 26.51 7.93
N SER D 1003 29.72 27.52 8.47
CA SER D 1003 28.28 27.65 8.32
C SER D 1003 27.87 28.99 7.68
N VAL D 1004 28.83 29.77 7.17
CA VAL D 1004 28.43 31.01 6.59
C VAL D 1004 28.04 30.84 5.15
N SER D 1005 26.80 31.16 4.81
CA SER D 1005 26.45 30.98 3.42
C SER D 1005 27.12 31.96 2.56
N ALA D 1006 27.45 31.40 1.42
CA ALA D 1006 28.10 32.10 0.35
C ALA D 1006 27.67 33.54 0.13
N GLU D 1007 26.32 33.82 0.18
CA GLU D 1007 25.78 35.17 0.00
C GLU D 1007 26.33 36.10 1.05
N PHE D 1008 26.76 35.55 2.17
CA PHE D 1008 27.30 36.39 3.21
C PHE D 1008 28.79 36.47 3.31
N GLN D 1009 29.49 35.92 2.32
CA GLN D 1009 30.94 35.94 2.32
C GLN D 1009 31.42 37.06 1.40
N LEU D 1010 32.43 37.82 1.85
CA LEU D 1010 33.00 38.94 1.11
C LEU D 1010 33.91 38.42 0.02
N SER D 1011 33.30 38.01 -1.09
CA SER D 1011 33.92 37.36 -2.21
C SER D 1011 33.92 38.10 -3.51
N ALA D 1012 33.66 39.39 -3.45
CA ALA D 1012 33.63 40.10 -4.70
C ALA D 1012 34.97 40.54 -5.30
N GLY D 1013 35.97 40.74 -4.46
CA GLY D 1013 37.22 41.17 -5.03
C GLY D 1013 37.42 42.66 -4.97
N ARG D 1014 36.46 43.40 -5.50
CA ARG D 1014 36.43 44.85 -5.57
C ARG D 1014 35.38 45.31 -4.56
N TYR D 1015 35.73 46.19 -3.64
CA TYR D 1015 34.80 46.75 -2.69
C TYR D 1015 34.94 48.28 -2.63
N HIS D 1016 33.83 48.99 -2.62
CA HIS D 1016 33.86 50.42 -2.60
C HIS D 1016 33.00 51.01 -1.49
N TYR D 1017 33.45 52.07 -0.82
CA TYR D 1017 32.64 52.73 0.19
C TYR D 1017 33.03 54.15 0.52
N GLN D 1018 32.08 54.91 1.03
CA GLN D 1018 32.39 56.29 1.36
C GLN D 1018 31.79 56.81 2.63
N LEU D 1019 32.52 57.71 3.25
CA LEU D 1019 32.10 58.29 4.47
C LEU D 1019 32.20 59.77 4.55
N VAL D 1020 31.46 60.31 5.49
CA VAL D 1020 31.61 61.69 5.73
C VAL D 1020 31.74 61.91 7.18
N TRP D 1021 32.92 62.35 7.55
CA TRP D 1021 33.13 62.59 8.94
C TRP D 1021 33.02 64.06 9.21
N CYS D 1022 32.36 64.36 10.30
CA CYS D 1022 32.31 65.73 10.63
C CYS D 1022 31.89 65.95 12.05
N GLN D 1023 31.80 67.25 12.36
CA GLN D 1023 31.44 67.70 13.70
C GLN D 1023 30.26 68.63 13.83
N LYS D 1024 29.83 68.63 15.09
CA LYS D 1024 28.79 69.48 15.66
C LYS D 1024 29.34 70.01 16.99
N ASP E 1 7.00 27.22 -63.52
CA ASP E 1 8.13 26.35 -63.10
C ASP E 1 9.41 27.17 -62.91
N VAL E 2 10.38 26.60 -62.23
CA VAL E 2 11.63 27.30 -61.95
C VAL E 2 12.71 27.13 -63.01
N GLN E 3 13.44 28.22 -63.24
CA GLN E 3 14.54 28.25 -64.21
C GLN E 3 15.71 29.01 -63.59
N LEU E 4 16.91 28.49 -63.78
CA LEU E 4 18.13 29.12 -63.28
C LEU E 4 19.07 29.35 -64.48
N GLN E 5 19.78 30.47 -64.47
CA GLN E 5 20.71 30.77 -65.55
C GLN E 5 21.89 31.60 -65.09
N GLU E 6 23.10 31.12 -65.40
CA GLU E 6 24.32 31.84 -65.02
C GLU E 6 24.64 32.91 -66.06
N SER E 7 25.25 34.00 -65.60
CA SER E 7 25.64 35.08 -66.49
C SER E 7 26.89 35.72 -65.91
N GLY E 8 27.70 36.33 -66.78
CA GLY E 8 28.92 36.97 -66.33
C GLY E 8 30.08 36.73 -67.28
N PRO E 9 31.24 37.33 -67.04
CA PRO E 9 32.44 37.18 -67.87
C PRO E 9 32.88 35.75 -68.10
N SER E 10 33.33 35.46 -69.32
CA SER E 10 33.81 34.12 -69.65
C SER E 10 35.34 34.09 -69.62
N LEU E 11 35.94 35.28 -69.59
CA LEU E 11 37.40 35.38 -69.56
C LEU E 11 37.83 36.42 -68.52
N VAL E 12 38.70 36.01 -67.61
CA VAL E 12 39.20 36.91 -66.57
C VAL E 12 40.70 36.78 -66.42
N LYS E 13 41.32 37.80 -65.82
CA LYS E 13 42.76 37.82 -65.63
C LYS E 13 43.16 37.31 -64.25
N PRO E 14 44.37 36.75 -64.15
CA PRO E 14 44.83 36.25 -62.85
C PRO E 14 44.81 37.38 -61.83
N SER E 15 44.48 37.05 -60.59
CA SER E 15 44.43 37.99 -59.48
C SER E 15 43.16 38.84 -59.40
N GLN E 16 42.36 38.85 -60.45
CA GLN E 16 41.13 39.64 -60.42
C GLN E 16 40.00 38.88 -59.71
N THR E 17 38.86 39.53 -59.57
CA THR E 17 37.71 38.92 -58.92
C THR E 17 36.74 38.39 -59.97
N LEU E 18 36.46 37.10 -59.89
CA LEU E 18 35.52 36.47 -60.82
C LEU E 18 34.14 36.65 -60.20
N SER E 19 33.21 37.21 -60.97
CA SER E 19 31.86 37.43 -60.48
C SER E 19 30.79 36.88 -61.42
N LEU E 20 29.94 36.02 -60.88
CA LEU E 20 28.86 35.44 -61.68
C LEU E 20 27.52 35.71 -61.02
N THR E 21 26.48 35.75 -61.86
CA THR E 21 25.14 35.99 -61.39
C THR E 21 24.26 34.81 -61.77
N CYS E 22 23.35 34.43 -60.89
CA CYS E 22 22.42 33.35 -61.19
C CYS E 22 21.04 33.96 -61.10
N SER E 23 20.35 34.05 -62.24
CA SER E 23 19.03 34.62 -62.27
C SER E 23 18.00 33.51 -62.08
N VAL E 24 17.11 33.71 -61.11
CA VAL E 24 16.08 32.72 -60.83
C VAL E 24 14.73 33.26 -61.29
N THR E 25 14.01 32.45 -62.08
CA THR E 25 12.70 32.84 -62.56
C THR E 25 11.72 31.70 -62.28
N GLY E 26 10.49 32.05 -61.89
CA GLY E 26 9.51 31.03 -61.62
C GLY E 26 9.16 30.94 -60.15
N ASP E 27 10.06 31.42 -59.29
CA ASP E 27 9.83 31.41 -57.86
C ASP E 27 10.81 32.35 -57.17
N SER E 28 10.50 32.72 -55.94
CA SER E 28 11.33 33.63 -55.17
C SER E 28 12.62 33.01 -54.65
N ILE E 29 13.66 33.83 -54.58
CA ILE E 29 14.95 33.35 -54.09
C ILE E 29 14.83 33.08 -52.58
N THR E 30 13.78 33.61 -51.96
CA THR E 30 13.57 33.40 -50.53
C THR E 30 12.87 32.06 -50.28
N SER E 31 12.63 31.30 -51.35
CA SER E 31 11.95 30.02 -51.20
C SER E 31 12.86 28.80 -51.30
N ASP E 32 14.17 29.00 -51.22
CA ASP E 32 15.09 27.87 -51.29
C ASP E 32 16.48 28.25 -50.79
N TYR E 33 17.38 27.27 -50.79
CA TYR E 33 18.78 27.45 -50.42
C TYR E 33 19.47 27.46 -51.78
N TRP E 34 20.47 28.31 -51.96
CA TRP E 34 21.14 28.40 -53.25
C TRP E 34 22.62 28.06 -53.25
N SER E 35 23.05 27.31 -54.26
CA SER E 35 24.43 26.86 -54.34
C SER E 35 25.19 27.19 -55.61
N TRP E 36 26.50 26.99 -55.54
CA TRP E 36 27.42 27.17 -56.66
C TRP E 36 28.31 25.94 -56.67
N ILE E 37 28.42 25.33 -57.85
CA ILE E 37 29.24 24.14 -58.05
C ILE E 37 30.07 24.38 -59.29
N ARG E 38 31.30 23.88 -59.34
CA ARG E 38 32.11 24.06 -60.53
C ARG E 38 32.78 22.75 -60.94
N LYS E 39 33.06 22.63 -62.23
CA LYS E 39 33.70 21.45 -62.76
C LYS E 39 35.03 21.83 -63.42
N PHE E 40 36.11 21.27 -62.92
CA PHE E 40 37.44 21.56 -63.45
C PHE E 40 37.68 20.77 -64.73
N PRO E 41 38.50 21.32 -65.64
CA PRO E 41 38.84 20.71 -66.93
C PRO E 41 39.05 19.19 -66.90
N GLY E 42 39.46 18.66 -65.74
CA GLY E 42 39.70 17.23 -65.64
C GLY E 42 38.55 16.37 -65.16
N ASN E 43 37.33 16.88 -65.26
CA ASN E 43 36.13 16.14 -64.83
C ASN E 43 35.96 16.08 -63.32
N ARG E 44 36.63 16.97 -62.60
CA ARG E 44 36.51 16.98 -61.14
C ARG E 44 35.46 18.01 -60.75
N LEU E 45 34.51 17.59 -59.91
CA LEU E 45 33.45 18.48 -59.44
C LEU E 45 33.75 18.96 -58.02
N GLU E 46 33.48 20.23 -57.75
CA GLU E 46 33.71 20.80 -56.44
C GLU E 46 32.49 21.59 -55.99
N TYR E 47 32.01 21.33 -54.78
CA TYR E 47 30.87 22.06 -54.25
C TYR E 47 31.50 23.29 -53.61
N MET E 48 31.25 24.46 -54.18
CA MET E 48 31.83 25.70 -53.68
C MET E 48 31.17 26.23 -52.42
N GLY E 49 29.85 26.20 -52.38
CA GLY E 49 29.16 26.67 -51.20
C GLY E 49 27.68 26.93 -51.45
N TYR E 50 26.98 27.35 -50.41
CA TYR E 50 25.56 27.66 -50.54
C TYR E 50 25.15 28.66 -49.48
N VAL E 51 24.03 29.33 -49.73
CA VAL E 51 23.49 30.31 -48.80
C VAL E 51 22.09 29.81 -48.45
N SER E 52 21.79 29.68 -47.17
CA SER E 52 20.48 29.22 -46.75
C SER E 52 19.53 30.39 -46.46
N TYR E 53 18.28 30.08 -46.12
CA TYR E 53 17.27 31.12 -45.92
C TYR E 53 17.58 32.21 -44.90
N SER E 54 18.29 31.89 -43.82
CA SER E 54 18.62 32.89 -42.81
C SER E 54 19.71 33.84 -43.28
N GLY E 55 20.41 33.46 -44.34
CA GLY E 55 21.49 34.28 -44.84
C GLY E 55 22.83 33.68 -44.48
N SER E 56 22.80 32.62 -43.67
CA SER E 56 24.02 31.94 -43.27
C SER E 56 24.64 31.32 -44.51
N THR E 57 25.98 31.37 -44.60
CA THR E 57 26.66 30.81 -45.75
C THR E 57 27.57 29.67 -45.34
N TYR E 58 27.86 28.81 -46.31
CA TYR E 58 28.74 27.67 -46.10
C TYR E 58 29.65 27.66 -47.32
N TYR E 59 30.95 27.79 -47.07
CA TYR E 59 31.92 27.82 -48.14
C TYR E 59 32.90 26.67 -48.02
N ASN E 60 33.34 26.13 -49.16
CA ASN E 60 34.28 25.03 -49.14
C ASN E 60 35.63 25.58 -48.64
N PRO E 61 36.24 24.90 -47.66
CA PRO E 61 37.54 25.36 -47.12
C PRO E 61 38.61 25.46 -48.21
N SER E 62 38.43 24.70 -49.28
CA SER E 62 39.39 24.70 -50.38
C SER E 62 39.51 26.08 -51.02
N LEU E 63 38.49 26.91 -50.83
CA LEU E 63 38.48 28.24 -51.41
C LEU E 63 39.19 29.32 -50.59
N LYS E 64 39.83 28.89 -49.51
CA LYS E 64 40.61 29.78 -48.64
C LYS E 64 40.07 31.20 -48.46
N SER E 65 38.79 31.33 -48.08
CA SER E 65 38.20 32.65 -47.84
C SER E 65 38.12 33.60 -49.04
N ARG E 66 38.34 33.08 -50.25
CA ARG E 66 38.28 33.91 -51.44
C ARG E 66 36.85 34.01 -51.98
N ILE E 67 35.94 33.23 -51.41
CA ILE E 67 34.57 33.21 -51.90
C ILE E 67 33.51 33.93 -51.08
N SER E 68 32.55 34.52 -51.79
CA SER E 68 31.43 35.22 -51.18
C SER E 68 30.17 34.91 -52.00
N ILE E 69 29.11 34.50 -51.32
CA ILE E 69 27.84 34.22 -51.96
C ILE E 69 26.82 35.17 -51.36
N THR E 70 26.18 35.96 -52.22
CA THR E 70 25.20 36.93 -51.75
C THR E 70 23.89 36.82 -52.52
N ARG E 71 22.86 37.52 -52.04
CA ARG E 71 21.55 37.51 -52.67
C ARG E 71 20.95 38.89 -52.84
N ASP E 72 20.02 39.00 -53.77
CA ASP E 72 19.29 40.26 -54.03
C ASP E 72 17.86 39.84 -54.35
N THR E 73 17.00 39.90 -53.34
CA THR E 73 15.60 39.51 -53.50
C THR E 73 14.84 40.36 -54.51
N SER E 74 15.15 41.65 -54.57
CA SER E 74 14.47 42.55 -55.48
C SER E 74 14.71 42.18 -56.95
N LYS E 75 15.88 41.65 -57.24
CA LYS E 75 16.21 41.26 -58.61
C LYS E 75 16.05 39.75 -58.78
N ASN E 76 15.75 39.07 -57.68
CA ASN E 76 15.59 37.62 -57.67
C ASN E 76 16.81 36.95 -58.29
N GLN E 77 17.97 37.30 -57.76
CA GLN E 77 19.24 36.75 -58.24
C GLN E 77 20.17 36.53 -57.06
N TYR E 78 21.14 35.63 -57.23
CA TYR E 78 22.14 35.45 -56.19
C TYR E 78 23.47 35.46 -56.91
N TYR E 79 24.55 35.67 -56.17
CA TYR E 79 25.85 35.81 -56.80
C TYR E 79 27.00 35.03 -56.21
N LEU E 80 28.05 34.93 -57.02
CA LEU E 80 29.27 34.27 -56.64
C LEU E 80 30.40 35.25 -56.92
N ASP E 81 31.23 35.51 -55.92
CA ASP E 81 32.39 36.38 -56.09
C ASP E 81 33.57 35.54 -55.64
N LEU E 82 34.55 35.36 -56.52
CA LEU E 82 35.73 34.59 -56.17
C LEU E 82 36.90 35.53 -56.39
N ASN E 83 37.60 35.88 -55.32
CA ASN E 83 38.71 36.82 -55.42
C ASN E 83 40.06 36.17 -55.70
N SER E 84 41.01 36.98 -56.16
CA SER E 84 42.37 36.54 -56.47
C SER E 84 42.44 35.21 -57.22
N VAL E 85 41.74 35.13 -58.33
CA VAL E 85 41.73 33.89 -59.10
C VAL E 85 43.06 33.61 -59.77
N THR E 86 43.28 32.33 -60.07
CA THR E 86 44.50 31.88 -60.75
C THR E 86 44.05 30.92 -61.83
N THR E 87 44.99 30.38 -62.59
CA THR E 87 44.65 29.45 -63.66
C THR E 87 43.92 28.22 -63.12
N GLU E 88 44.10 27.94 -61.83
CA GLU E 88 43.45 26.81 -61.19
C GLU E 88 41.95 27.00 -61.05
N ASP E 89 41.49 28.22 -61.24
CA ASP E 89 40.06 28.53 -61.13
C ASP E 89 39.34 28.42 -62.46
N THR E 90 40.05 28.02 -63.51
CA THR E 90 39.42 27.85 -64.82
C THR E 90 38.50 26.64 -64.66
N ALA E 91 37.21 26.84 -64.96
CA ALA E 91 36.26 25.76 -64.81
C ALA E 91 34.88 26.16 -65.32
N THR E 92 33.96 25.20 -65.31
CA THR E 92 32.59 25.48 -65.73
C THR E 92 31.83 25.70 -64.43
N TYR E 93 31.21 26.86 -64.29
CA TYR E 93 30.47 27.19 -63.08
C TYR E 93 28.96 27.01 -63.23
N TYR E 94 28.36 26.35 -62.24
CA TYR E 94 26.91 26.12 -62.27
C TYR E 94 26.25 26.60 -61.01
N CYS E 95 25.01 27.10 -61.13
CA CYS E 95 24.25 27.47 -59.96
C CYS E 95 23.14 26.44 -59.93
N ALA E 96 22.70 26.07 -58.73
CA ALA E 96 21.65 25.07 -58.58
C ALA E 96 21.05 25.26 -57.21
N ASN E 97 19.82 24.80 -57.02
CA ASN E 97 19.23 24.92 -55.69
C ASN E 97 19.84 23.80 -54.84
N TRP E 98 19.75 23.95 -53.53
CA TRP E 98 20.31 23.01 -52.59
C TRP E 98 19.83 21.57 -52.80
N ASP E 99 18.56 21.39 -53.19
CA ASP E 99 18.02 20.05 -53.41
C ASP E 99 18.67 19.36 -54.62
N GLY E 100 19.21 20.15 -55.54
CA GLY E 100 19.84 19.57 -56.71
C GLY E 100 18.89 19.29 -57.87
N ASP E 101 17.63 19.69 -57.73
CA ASP E 101 16.63 19.47 -58.78
C ASP E 101 16.70 20.51 -59.89
N TYR E 102 17.13 21.71 -59.55
CA TYR E 102 17.22 22.79 -60.54
C TYR E 102 18.66 23.24 -60.72
N TRP E 103 19.14 23.20 -61.95
CA TRP E 103 20.50 23.62 -62.28
C TRP E 103 20.50 24.62 -63.42
N GLY E 104 21.51 25.47 -63.45
CA GLY E 104 21.63 26.43 -64.55
C GLY E 104 22.28 25.63 -65.67
N GLN E 105 22.52 26.25 -66.82
CA GLN E 105 23.13 25.55 -67.94
C GLN E 105 24.63 25.40 -67.75
N GLY E 106 25.19 26.21 -66.87
CA GLY E 106 26.62 26.19 -66.62
C GLY E 106 27.32 27.16 -67.55
N THR E 107 28.37 27.81 -67.05
CA THR E 107 29.11 28.75 -67.87
C THR E 107 30.61 28.59 -67.67
N LEU E 108 31.32 28.47 -68.79
CA LEU E 108 32.76 28.29 -68.74
C LEU E 108 33.46 29.61 -68.47
N VAL E 109 34.37 29.61 -67.51
CA VAL E 109 35.15 30.80 -67.16
C VAL E 109 36.61 30.41 -67.26
N THR E 110 37.34 31.09 -68.12
CA THR E 110 38.76 30.79 -68.29
C THR E 110 39.61 31.91 -67.70
N VAL E 111 40.57 31.53 -66.86
CA VAL E 111 41.47 32.50 -66.23
C VAL E 111 42.80 32.43 -66.96
N SER E 112 43.12 33.49 -67.69
CA SER E 112 44.37 33.53 -68.44
C SER E 112 44.96 34.93 -68.48
N ALA E 113 46.29 35.00 -68.44
CA ALA E 113 47.01 36.26 -68.49
C ALA E 113 46.67 37.00 -69.78
N ALA E 114 46.37 36.23 -70.82
CA ALA E 114 46.02 36.81 -72.12
C ALA E 114 44.55 37.25 -72.13
N ASP F 1 27.08 27.45 57.66
CA ASP F 1 25.76 28.02 57.27
C ASP F 1 25.90 29.48 56.84
N VAL F 2 24.89 30.00 56.16
CA VAL F 2 24.94 31.37 55.66
C VAL F 2 24.41 32.42 56.63
N GLN F 3 25.08 33.58 56.63
CA GLN F 3 24.71 34.71 57.47
C GLN F 3 24.81 35.98 56.63
N LEU F 4 23.83 36.87 56.79
CA LEU F 4 23.80 38.15 56.09
C LEU F 4 23.71 39.26 57.13
N GLN F 5 24.38 40.37 56.88
CA GLN F 5 24.34 41.50 57.83
C GLN F 5 24.51 42.83 57.13
N GLU F 6 23.59 43.75 57.39
CA GLU F 6 23.64 45.08 56.80
C GLU F 6 24.54 45.99 57.63
N SER F 7 25.21 46.92 56.95
CA SER F 7 26.08 47.88 57.62
C SER F 7 26.04 49.18 56.84
N GLY F 8 26.32 50.29 57.52
CA GLY F 8 26.30 51.58 56.87
C GLY F 8 25.66 52.65 57.74
N PRO F 9 25.66 53.91 57.28
CA PRO F 9 25.07 55.04 58.02
C PRO F 9 23.61 54.85 58.41
N SER F 10 23.27 55.32 59.61
CA SER F 10 21.90 55.22 60.11
C SER F 10 21.20 56.57 59.94
N LEU F 11 21.97 57.60 59.67
CA LEU F 11 21.42 58.94 59.48
C LEU F 11 22.05 59.62 58.27
N VAL F 12 21.21 60.07 57.35
CA VAL F 12 21.69 60.75 56.14
C VAL F 12 20.90 62.02 55.87
N LYS F 13 21.48 62.90 55.07
CA LYS F 13 20.84 64.17 54.73
C LYS F 13 20.07 64.10 53.42
N PRO F 14 19.02 64.93 53.30
CA PRO F 14 18.25 64.92 52.05
C PRO F 14 19.17 65.24 50.88
N SER F 15 18.91 64.61 49.74
CA SER F 15 19.66 64.80 48.51
C SER F 15 20.97 64.01 48.42
N GLN F 16 21.44 63.46 49.53
CA GLN F 16 22.68 62.70 49.49
C GLN F 16 22.43 61.27 49.02
N THR F 17 23.52 60.51 48.88
CA THR F 17 23.42 59.12 48.45
C THR F 17 23.48 58.19 49.66
N LEU F 18 22.45 57.37 49.80
CA LEU F 18 22.39 56.41 50.89
C LEU F 18 23.11 55.17 50.40
N SER F 19 24.09 54.69 51.16
CA SER F 19 24.84 53.50 50.77
C SER F 19 24.91 52.46 51.87
N LEU F 20 24.47 51.25 51.55
CA LEU F 20 24.50 50.17 52.53
C LEU F 20 25.27 48.98 51.97
N THR F 21 25.86 48.21 52.87
CA THR F 21 26.63 47.04 52.51
C THR F 21 26.00 45.81 53.15
N CYS F 22 25.99 44.70 52.43
CA CYS F 22 25.47 43.46 52.97
C CYS F 22 26.62 42.47 52.93
N SER F 23 27.10 42.09 54.10
CA SER F 23 28.21 41.14 54.17
C SER F 23 27.65 39.73 54.24
N VAL F 24 28.13 38.86 53.36
CA VAL F 24 27.69 37.48 53.31
C VAL F 24 28.81 36.58 53.81
N THR F 25 28.48 35.72 54.78
CA THR F 25 29.46 34.78 55.32
C THR F 25 28.85 33.38 55.31
N GLY F 26 29.67 32.39 54.99
CA GLY F 26 29.17 31.03 54.96
C GLY F 26 29.10 30.45 53.57
N ASP F 27 29.06 31.33 52.57
CA ASP F 27 29.01 30.89 51.18
C ASP F 27 29.34 32.07 50.27
N SER F 28 29.70 31.77 49.02
CA SER F 28 30.07 32.79 48.06
C SER F 28 28.89 33.60 47.52
N ILE F 29 29.15 34.86 47.22
CA ILE F 29 28.11 35.72 46.70
C ILE F 29 27.77 35.27 45.27
N THR F 30 28.65 34.47 44.68
CA THR F 30 28.43 33.97 43.32
C THR F 30 27.52 32.74 43.34
N SER F 31 27.05 32.37 44.52
CA SER F 31 26.20 31.19 44.65
C SER F 31 24.71 31.49 44.84
N ASP F 32 24.31 32.74 44.61
CA ASP F 32 22.89 33.09 44.76
C ASP F 32 22.57 34.41 44.09
N TYR F 33 21.30 34.78 44.15
CA TYR F 33 20.81 36.06 43.62
C TYR F 33 20.63 36.87 44.89
N TRP F 34 20.96 38.17 44.85
CA TRP F 34 20.88 39.00 46.04
C TRP F 34 19.91 40.17 45.95
N SER F 35 19.15 40.39 47.02
CA SER F 35 18.13 41.42 47.04
C SER F 35 18.22 42.45 48.16
N TRP F 36 17.45 43.52 47.99
CA TRP F 36 17.31 44.59 48.98
C TRP F 36 15.81 44.85 49.11
N ILE F 37 15.33 44.86 50.34
CA ILE F 37 13.93 45.12 50.63
C ILE F 37 13.89 46.16 51.76
N ARG F 38 12.90 47.04 51.75
CA ARG F 38 12.82 48.02 52.83
C ARG F 38 11.40 48.12 53.36
N LYS F 39 11.29 48.52 54.62
CA LYS F 39 10.00 48.66 55.27
C LYS F 39 9.82 50.10 55.73
N PHE F 40 8.79 50.75 55.22
CA PHE F 40 8.50 52.13 55.57
C PHE F 40 7.82 52.21 56.93
N PRO F 41 8.03 53.32 57.66
CA PRO F 41 7.45 53.55 58.99
C PRO F 41 6.01 53.08 59.17
N GLY F 42 5.25 53.05 58.08
CA GLY F 42 3.86 52.63 58.17
C GLY F 42 3.56 51.16 57.93
N ASN F 43 4.56 50.30 58.08
CA ASN F 43 4.39 48.86 57.88
C ASN F 43 4.26 48.46 56.42
N ARG F 44 4.69 49.32 55.51
CA ARG F 44 4.62 49.00 54.09
C ARG F 44 5.96 48.44 53.63
N LEU F 45 5.94 47.30 52.97
CA LEU F 45 7.15 46.65 52.46
C LEU F 45 7.30 46.92 50.97
N GLU F 46 8.53 47.16 50.55
CA GLU F 46 8.82 47.42 49.13
C GLU F 46 10.02 46.62 48.69
N TYR F 47 9.89 45.89 47.59
CA TYR F 47 11.00 45.11 47.07
C TYR F 47 11.75 46.09 46.19
N MET F 48 12.96 46.47 46.61
CA MET F 48 13.75 47.43 45.86
C MET F 48 14.39 46.88 44.60
N GLY F 49 14.96 45.68 44.69
CA GLY F 49 15.57 45.08 43.53
C GLY F 49 16.48 43.93 43.87
N TYR F 50 17.07 43.31 42.84
CA TYR F 50 17.99 42.20 43.06
C TYR F 50 18.96 42.10 41.91
N VAL F 51 20.08 41.43 42.17
CA VAL F 51 21.09 41.24 41.14
C VAL F 51 21.25 39.72 41.02
N SER F 52 21.14 39.21 39.79
CA SER F 52 21.28 37.77 39.58
C SER F 52 22.72 37.37 39.20
N TYR F 53 22.96 36.08 39.04
CA TYR F 53 24.31 35.59 38.77
C TYR F 53 25.05 36.20 37.58
N SER F 54 24.34 36.51 36.50
CA SER F 54 24.99 37.08 35.32
C SER F 54 25.40 38.54 35.54
N GLY F 55 24.85 39.16 36.57
CA GLY F 55 25.15 40.55 36.84
C GLY F 55 23.98 41.42 36.45
N SER F 56 22.98 40.82 35.81
CA SER F 56 21.80 41.56 35.40
C SER F 56 21.09 42.04 36.66
N THR F 57 20.55 43.26 36.62
CA THR F 57 19.86 43.81 37.77
C THR F 57 18.40 44.06 37.46
N TYR F 58 17.58 44.10 38.50
CA TYR F 58 16.17 44.37 38.39
C TYR F 58 15.86 45.36 39.50
N TYR F 59 15.38 46.53 39.12
CA TYR F 59 15.07 47.58 40.08
C TYR F 59 13.60 47.94 40.04
N ASN F 60 13.04 48.27 41.20
CA ASN F 60 11.64 48.64 41.26
C ASN F 60 11.48 49.99 40.55
N PRO F 61 10.51 50.10 39.64
CA PRO F 61 10.29 51.38 38.92
C PRO F 61 10.02 52.54 39.87
N SER F 62 9.51 52.22 41.06
CA SER F 62 9.19 53.23 42.05
C SER F 62 10.42 54.03 42.46
N LEU F 63 11.60 53.45 42.24
CA LEU F 63 12.85 54.09 42.62
C LEU F 63 13.42 55.06 41.58
N LYS F 64 12.64 55.29 40.51
CA LYS F 64 13.01 56.22 39.45
C LYS F 64 14.50 56.32 39.11
N SER F 65 15.14 55.20 38.84
CA SER F 65 16.55 55.20 38.46
C SER F 65 17.55 55.71 39.51
N ARG F 66 17.10 55.86 40.74
CA ARG F 66 17.99 56.34 41.80
C ARG F 66 18.76 55.20 42.44
N ILE F 67 18.42 53.96 42.09
CA ILE F 67 19.06 52.81 42.70
C ILE F 67 20.11 52.05 41.89
N SER F 68 21.10 51.56 42.59
CA SER F 68 22.17 50.77 41.99
C SER F 68 22.53 49.64 42.96
N ILE F 69 22.58 48.42 42.45
CA ILE F 69 22.96 47.27 43.25
C ILE F 69 24.19 46.67 42.61
N THR F 70 25.27 46.57 43.40
CA THR F 70 26.52 46.03 42.88
C THR F 70 27.09 44.93 43.77
N ARG F 71 28.11 44.25 43.29
CA ARG F 71 28.74 43.16 44.04
C ARG F 71 30.26 43.24 44.04
N ASP F 72 30.87 42.60 45.04
CA ASP F 72 32.32 42.54 45.17
C ASP F 72 32.61 41.13 45.68
N THR F 73 32.96 40.24 44.76
CA THR F 73 33.24 38.86 45.12
C THR F 73 34.44 38.69 46.05
N SER F 74 35.46 39.53 45.88
CA SER F 74 36.65 39.43 46.71
C SER F 74 36.36 39.72 48.19
N LYS F 75 35.38 40.59 48.45
CA LYS F 75 35.01 40.92 49.82
C LYS F 75 33.76 40.16 50.23
N ASN F 76 33.18 39.44 49.28
CA ASN F 76 31.97 38.67 49.51
C ASN F 76 30.88 39.56 50.10
N GLN F 77 30.64 40.67 49.42
CA GLN F 77 29.63 41.64 49.86
C GLN F 77 28.90 42.19 48.64
N TYR F 78 27.69 42.69 48.85
CA TYR F 78 26.99 43.35 47.76
C TYR F 78 26.46 44.65 48.34
N TYR F 79 26.11 45.59 47.48
CA TYR F 79 25.72 46.90 47.96
C TYR F 79 24.46 47.49 47.39
N LEU F 80 23.97 48.51 48.10
CA LEU F 80 22.80 49.27 47.71
C LEU F 80 23.20 50.74 47.74
N ASP F 81 22.97 51.43 46.63
CA ASP F 81 23.25 52.86 46.56
C ASP F 81 21.93 53.48 46.12
N LEU F 82 21.43 54.41 46.92
CA LEU F 82 20.17 55.09 46.59
C LEU F 82 20.52 56.57 46.55
N ASN F 83 20.43 57.17 45.38
CA ASN F 83 20.77 58.58 45.23
C ASN F 83 19.61 59.55 45.48
N SER F 84 19.97 60.81 45.72
CA SER F 84 19.00 61.89 45.96
C SER F 84 17.86 61.49 46.88
N VAL F 85 18.20 60.99 48.06
CA VAL F 85 17.18 60.58 49.02
C VAL F 85 16.39 61.75 49.59
N THR F 86 15.17 61.44 50.06
CA THR F 86 14.30 62.44 50.67
C THR F 86 13.74 61.78 51.92
N THR F 87 12.93 62.51 52.67
CA THR F 87 12.35 61.97 53.90
C THR F 87 11.53 60.71 53.62
N GLU F 88 11.08 60.56 52.38
CA GLU F 88 10.28 59.40 51.98
C GLU F 88 11.12 58.11 51.96
N ASP F 89 12.44 58.26 52.01
CA ASP F 89 13.33 57.12 51.98
C ASP F 89 13.68 56.61 53.37
N THR F 90 13.10 57.24 54.40
CA THR F 90 13.36 56.80 55.76
C THR F 90 12.68 55.44 55.89
N ALA F 91 13.45 54.43 56.27
CA ALA F 91 12.90 53.09 56.38
C ALA F 91 13.92 52.11 56.95
N THR F 92 13.47 50.87 57.18
CA THR F 92 14.36 49.84 57.67
C THR F 92 14.77 49.06 56.44
N TYR F 93 16.07 48.98 56.18
CA TYR F 93 16.58 48.28 55.02
C TYR F 93 17.10 46.88 55.33
N TYR F 94 16.70 45.91 54.52
CA TYR F 94 17.13 44.53 54.72
C TYR F 94 17.73 43.95 53.45
N CYS F 95 18.73 43.10 53.62
CA CYS F 95 19.29 42.38 52.48
C CYS F 95 18.87 40.95 52.72
N ALA F 96 18.62 40.22 51.64
CA ALA F 96 18.19 38.84 51.74
C ALA F 96 18.49 38.16 50.42
N ASN F 97 18.61 36.84 50.42
CA ASN F 97 18.84 36.18 49.15
C ASN F 97 17.50 36.12 48.43
N TRP F 98 17.55 35.90 47.13
CA TRP F 98 16.37 35.84 46.29
C TRP F 98 15.32 34.83 46.76
N ASP F 99 15.76 33.69 47.29
CA ASP F 99 14.84 32.67 47.77
C ASP F 99 14.05 33.13 48.99
N GLY F 100 14.59 34.10 49.72
CA GLY F 100 13.91 34.59 50.91
C GLY F 100 14.19 33.79 52.18
N ASP F 101 15.10 32.81 52.10
CA ASP F 101 15.44 31.99 53.26
C ASP F 101 16.44 32.67 54.20
N TYR F 102 17.29 33.52 53.64
CA TYR F 102 18.31 34.21 54.43
C TYR F 102 18.08 35.72 54.39
N TRP F 103 17.95 36.31 55.58
CA TRP F 103 17.76 37.75 55.70
C TRP F 103 18.75 38.35 56.68
N GLY F 104 19.07 39.62 56.49
CA GLY F 104 19.96 40.31 57.40
C GLY F 104 19.07 40.72 58.57
N GLN F 105 19.64 41.36 59.59
CA GLN F 105 18.84 41.77 60.74
C GLN F 105 18.02 43.03 60.44
N GLY F 106 18.42 43.74 59.38
CA GLY F 106 17.74 44.96 59.00
C GLY F 106 18.37 46.14 59.70
N THR F 107 18.45 47.27 59.02
CA THR F 107 19.04 48.46 59.61
C THR F 107 18.20 49.70 59.30
N LEU F 108 17.88 50.45 60.35
CA LEU F 108 17.08 51.66 60.19
C LEU F 108 17.93 52.80 59.67
N VAL F 109 17.43 53.46 58.64
CA VAL F 109 18.11 54.61 58.04
C VAL F 109 17.12 55.77 58.04
N THR F 110 17.48 56.85 58.72
CA THR F 110 16.61 58.00 58.80
C THR F 110 17.17 59.15 57.96
N VAL F 111 16.32 59.71 57.11
CA VAL F 111 16.72 60.83 56.26
C VAL F 111 16.14 62.09 56.86
N SER F 112 17.01 62.95 57.39
CA SER F 112 16.57 64.19 58.00
C SER F 112 17.55 65.33 57.77
N ALA F 113 17.01 66.54 57.60
CA ALA F 113 17.83 67.72 57.39
C ALA F 113 18.76 67.93 58.58
N ALA F 114 18.31 67.49 59.76
CA ALA F 114 19.10 67.61 60.97
C ALA F 114 20.14 66.50 61.05
N ASP G 1 24.09 -48.60 43.20
CA ASP G 1 24.51 -48.80 41.77
C ASP G 1 23.83 -50.04 41.19
N VAL G 2 23.84 -50.15 39.87
CA VAL G 2 23.20 -51.27 39.19
C VAL G 2 24.09 -52.47 38.97
N GLN G 3 23.50 -53.65 39.11
CA GLN G 3 24.19 -54.91 38.91
C GLN G 3 23.28 -55.85 38.12
N LEU G 4 23.85 -56.57 37.16
CA LEU G 4 23.11 -57.54 36.35
C LEU G 4 23.80 -58.89 36.47
N GLN G 5 23.01 -59.97 36.52
CA GLN G 5 23.58 -61.30 36.62
C GLN G 5 22.72 -62.35 35.95
N GLU G 6 23.34 -63.14 35.07
CA GLU G 6 22.63 -64.20 34.37
C GLU G 6 22.58 -65.46 35.22
N SER G 7 21.49 -66.22 35.08
CA SER G 7 21.33 -67.48 35.81
C SER G 7 20.53 -68.43 34.94
N GLY G 8 20.72 -69.72 35.16
CA GLY G 8 20.01 -70.72 34.38
C GLY G 8 20.90 -71.88 34.00
N PRO G 9 20.35 -72.92 33.36
CA PRO G 9 21.09 -74.11 32.92
C PRO G 9 22.31 -73.83 32.07
N SER G 10 23.37 -74.60 32.28
CA SER G 10 24.61 -74.44 31.52
C SER G 10 24.68 -75.52 30.44
N LEU G 11 23.82 -76.54 30.57
CA LEU G 11 23.79 -77.63 29.61
C LEU G 11 22.36 -77.97 29.23
N VAL G 12 22.07 -77.96 27.94
CA VAL G 12 20.73 -78.28 27.44
C VAL G 12 20.80 -79.24 26.27
N LYS G 13 19.68 -79.90 26.01
CA LYS G 13 19.59 -80.88 24.92
C LYS G 13 19.05 -80.26 23.64
N PRO G 14 19.44 -80.82 22.49
CA PRO G 14 18.94 -80.29 21.22
C PRO G 14 17.42 -80.36 21.20
N SER G 15 16.80 -79.35 20.59
CA SER G 15 15.35 -79.25 20.45
C SER G 15 14.62 -78.72 21.68
N GLN G 16 15.29 -78.63 22.81
CA GLN G 16 14.63 -78.12 24.01
C GLN G 16 14.64 -76.59 24.03
N THR G 17 14.01 -76.02 25.05
CA THR G 17 13.96 -74.57 25.18
C THR G 17 15.01 -74.10 26.18
N LEU G 18 15.89 -73.22 25.71
CA LEU G 18 16.93 -72.66 26.57
C LEU G 18 16.31 -71.45 27.26
N SER G 19 16.38 -71.42 28.59
CA SER G 19 15.82 -70.31 29.34
C SER G 19 16.80 -69.70 30.33
N LEU G 20 17.03 -68.40 30.21
CA LEU G 20 17.94 -67.71 31.11
C LEU G 20 17.23 -66.56 31.80
N THR G 21 17.71 -66.22 32.98
CA THR G 21 17.15 -65.13 33.77
C THR G 21 18.24 -64.10 34.01
N CYS G 22 17.86 -62.83 33.97
CA CYS G 22 18.81 -61.75 34.26
C CYS G 22 18.23 -61.01 35.45
N SER G 23 18.92 -61.10 36.58
CA SER G 23 18.46 -60.43 37.78
C SER G 23 19.08 -59.04 37.85
N VAL G 24 18.23 -58.03 38.03
CA VAL G 24 18.71 -56.66 38.11
C VAL G 24 18.56 -56.16 39.54
N THR G 25 19.66 -55.61 40.08
CA THR G 25 19.64 -55.08 41.43
C THR G 25 20.22 -53.67 41.41
N GLY G 26 19.64 -52.78 42.20
CA GLY G 26 20.15 -51.42 42.23
C GLY G 26 19.20 -50.42 41.62
N ASP G 27 18.30 -50.91 40.76
CA ASP G 27 17.32 -50.05 40.11
C ASP G 27 16.22 -50.91 39.50
N SER G 28 15.08 -50.28 39.21
CA SER G 28 13.94 -50.98 38.65
C SER G 28 14.09 -51.36 37.19
N ILE G 29 13.50 -52.48 36.82
CA ILE G 29 13.58 -52.95 35.45
C ILE G 29 12.74 -52.01 34.56
N THR G 30 11.87 -51.23 35.18
CA THR G 30 11.04 -50.29 34.44
C THR G 30 11.81 -48.99 34.14
N SER G 31 13.07 -48.94 34.54
CA SER G 31 13.88 -47.76 34.32
C SER G 31 14.88 -47.85 33.17
N ASP G 32 14.74 -48.87 32.33
CA ASP G 32 15.65 -49.01 31.20
C ASP G 32 15.11 -49.98 30.15
N TYR G 33 15.87 -50.14 29.07
CA TYR G 33 15.54 -51.08 27.99
C TYR G 33 16.50 -52.22 28.28
N TRP G 34 16.06 -53.46 28.09
CA TRP G 34 16.91 -54.61 28.39
C TRP G 34 17.23 -55.51 27.21
N SER G 35 18.48 -55.94 27.13
CA SER G 35 18.95 -56.74 26.01
C SER G 35 19.60 -58.08 26.36
N TRP G 36 19.76 -58.90 25.32
CA TRP G 36 20.43 -60.18 25.40
C TRP G 36 21.40 -60.22 24.21
N ILE G 37 22.65 -60.56 24.50
CA ILE G 37 23.69 -60.66 23.47
C ILE G 37 24.41 -61.98 23.72
N ARG G 38 24.86 -62.64 22.66
CA ARG G 38 25.60 -63.88 22.86
C ARG G 38 26.85 -63.92 22.01
N LYS G 39 27.84 -64.68 22.46
CA LYS G 39 29.10 -64.80 21.76
C LYS G 39 29.33 -66.27 21.41
N PHE G 40 29.45 -66.54 20.12
CA PHE G 40 29.68 -67.91 19.63
C PHE G 40 31.14 -68.30 19.81
N PRO G 41 31.39 -69.60 20.01
CA PRO G 41 32.74 -70.15 20.20
C PRO G 41 33.83 -69.54 19.32
N GLY G 42 33.44 -69.03 18.15
CA GLY G 42 34.43 -68.45 17.25
C GLY G 42 34.66 -66.96 17.36
N ASN G 43 34.31 -66.37 18.50
CA ASN G 43 34.49 -64.93 18.73
C ASN G 43 33.50 -64.05 17.98
N ARG G 44 32.39 -64.63 17.54
CA ARG G 44 31.37 -63.87 16.83
C ARG G 44 30.29 -63.42 17.81
N LEU G 45 29.98 -62.13 17.80
CA LEU G 45 28.96 -61.58 18.68
C LEU G 45 27.67 -61.36 17.92
N GLU G 46 26.54 -61.66 18.56
CA GLU G 46 25.23 -61.49 17.94
C GLU G 46 24.30 -60.79 18.92
N TYR G 47 23.64 -59.74 18.44
CA TYR G 47 22.69 -59.03 19.28
C TYR G 47 21.38 -59.78 19.08
N MET G 48 20.92 -60.45 20.12
CA MET G 48 19.70 -61.25 20.03
C MET G 48 18.42 -60.42 20.02
N GLY G 49 18.34 -59.44 20.91
CA GLY G 49 17.16 -58.61 20.95
C GLY G 49 17.07 -57.78 22.22
N TYR G 50 16.02 -56.97 22.32
CA TYR G 50 15.81 -56.17 23.51
C TYR G 50 14.33 -55.86 23.69
N VAL G 51 13.97 -55.50 24.91
CA VAL G 51 12.60 -55.15 25.22
C VAL G 51 12.65 -53.72 25.76
N SER G 52 11.85 -52.83 25.19
CA SER G 52 11.83 -51.45 25.64
C SER G 52 10.73 -51.20 26.68
N TYR G 53 10.68 -49.97 27.20
CA TYR G 53 9.72 -49.66 28.26
C TYR G 53 8.25 -49.95 28.01
N SER G 54 7.78 -49.79 26.78
CA SER G 54 6.37 -50.04 26.47
C SER G 54 6.05 -51.54 26.42
N GLY G 55 7.09 -52.36 26.35
CA GLY G 55 6.89 -53.79 26.29
C GLY G 55 7.15 -54.29 24.89
N SER G 56 7.35 -53.36 23.96
CA SER G 56 7.64 -53.73 22.58
C SER G 56 8.98 -54.47 22.55
N THR G 57 9.06 -55.49 21.71
CA THR G 57 10.29 -56.26 21.61
C THR G 57 10.88 -56.16 20.22
N TYR G 58 12.19 -56.40 20.15
CA TYR G 58 12.92 -56.38 18.89
C TYR G 58 13.80 -57.61 18.93
N TYR G 59 13.61 -58.50 17.97
CA TYR G 59 14.37 -59.74 17.91
C TYR G 59 15.17 -59.81 16.62
N ASN G 60 16.36 -60.40 16.70
CA ASN G 60 17.19 -60.54 15.52
C ASN G 60 16.52 -61.55 14.58
N PRO G 61 16.37 -61.21 13.30
CA PRO G 61 15.74 -62.12 12.34
C PRO G 61 16.45 -63.46 12.25
N SER G 62 17.74 -63.47 12.60
CA SER G 62 18.54 -64.68 12.56
C SER G 62 17.98 -65.76 13.48
N LEU G 63 17.19 -65.33 14.46
CA LEU G 63 16.62 -66.26 15.44
C LEU G 63 15.31 -66.93 15.00
N LYS G 64 14.92 -66.67 13.76
CA LYS G 64 13.71 -67.26 13.18
C LYS G 64 12.53 -67.48 14.12
N SER G 65 12.11 -66.45 14.84
CA SER G 65 10.96 -66.56 15.73
C SER G 65 11.09 -67.53 16.90
N ARG G 66 12.30 -68.01 17.18
CA ARG G 66 12.50 -68.94 18.27
C ARG G 66 12.73 -68.21 19.60
N ILE G 67 12.87 -66.88 19.53
CA ILE G 67 13.15 -66.12 20.74
C ILE G 67 12.01 -65.32 21.35
N SER G 68 12.03 -65.25 22.68
CA SER G 68 11.05 -64.48 23.44
C SER G 68 11.76 -63.81 24.60
N ILE G 69 11.53 -62.52 24.76
CA ILE G 69 12.13 -61.77 25.85
C ILE G 69 10.97 -61.20 26.67
N THR G 70 10.95 -61.53 27.96
CA THR G 70 9.88 -61.07 28.84
C THR G 70 10.42 -60.43 30.11
N ARG G 71 9.53 -59.81 30.88
CA ARG G 71 9.92 -59.14 32.11
C ARG G 71 8.98 -59.47 33.27
N ASP G 72 9.49 -59.29 34.48
CA ASP G 72 8.73 -59.51 35.71
C ASP G 72 9.18 -58.41 36.66
N THR G 73 8.40 -57.34 36.73
CA THR G 73 8.72 -56.20 37.58
C THR G 73 8.76 -56.54 39.07
N SER G 74 7.87 -57.43 39.50
CA SER G 74 7.82 -57.82 40.91
C SER G 74 9.10 -58.51 41.38
N LYS G 75 9.75 -59.24 40.49
CA LYS G 75 10.98 -59.94 40.84
C LYS G 75 12.19 -59.15 40.32
N ASN G 76 11.92 -58.09 39.60
CA ASN G 76 12.96 -57.23 39.01
C ASN G 76 13.93 -58.08 38.20
N GLN G 77 13.37 -58.86 37.28
CA GLN G 77 14.15 -59.73 36.42
C GLN G 77 13.55 -59.73 35.02
N TYR G 78 14.36 -60.08 34.03
CA TYR G 78 13.84 -60.23 32.69
C TYR G 78 14.40 -61.53 32.16
N TYR G 79 13.78 -62.07 31.13
CA TYR G 79 14.18 -63.39 30.65
C TYR G 79 14.41 -63.55 29.17
N LEU G 80 15.08 -64.66 28.85
CA LEU G 80 15.36 -65.04 27.49
C LEU G 80 14.90 -66.48 27.34
N ASP G 81 14.06 -66.74 26.34
CA ASP G 81 13.61 -68.10 26.06
C ASP G 81 13.97 -68.32 24.60
N LEU G 82 14.74 -69.36 24.33
CA LEU G 82 15.12 -69.67 22.96
C LEU G 82 14.65 -71.10 22.73
N ASN G 83 13.69 -71.27 21.83
CA ASN G 83 13.14 -72.59 21.57
C ASN G 83 13.87 -73.38 20.48
N SER G 84 13.65 -74.69 20.48
CA SER G 84 14.23 -75.61 19.51
C SER G 84 15.71 -75.35 19.25
N VAL G 85 16.51 -75.34 20.31
CA VAL G 85 17.94 -75.08 20.15
C VAL G 85 18.68 -76.23 19.47
N THR G 86 19.81 -75.90 18.87
CA THR G 86 20.66 -76.88 18.21
C THR G 86 22.08 -76.59 18.66
N THR G 87 23.04 -77.38 18.18
CA THR G 87 24.43 -77.17 18.57
C THR G 87 24.92 -75.77 18.19
N GLU G 88 24.25 -75.16 17.22
CA GLU G 88 24.61 -73.81 16.76
C GLU G 88 24.30 -72.75 17.80
N ASP G 89 23.52 -73.11 18.81
CA ASP G 89 23.14 -72.17 19.86
C ASP G 89 24.10 -72.22 21.05
N THR G 90 25.14 -73.04 20.95
CA THR G 90 26.13 -73.12 22.02
C THR G 90 26.85 -71.77 21.99
N ALA G 91 26.86 -71.08 23.13
CA ALA G 91 27.49 -69.77 23.20
C ALA G 91 27.48 -69.22 24.61
N THR G 92 28.13 -68.06 24.78
CA THR G 92 28.14 -67.40 26.07
C THR G 92 27.05 -66.34 25.97
N TYR G 93 26.09 -66.41 26.88
CA TYR G 93 24.97 -65.46 26.88
C TYR G 93 25.13 -64.34 27.90
N TYR G 94 24.91 -63.11 27.46
CA TYR G 94 25.03 -61.95 28.35
C TYR G 94 23.78 -61.10 28.34
N CYS G 95 23.44 -60.52 29.49
CA CYS G 95 22.33 -59.59 29.53
C CYS G 95 23.01 -58.25 29.80
N ALA G 96 22.43 -57.19 29.25
CA ALA G 96 23.00 -55.85 29.42
C ALA G 96 21.90 -54.85 29.17
N ASN G 97 22.05 -53.64 29.68
CA ASN G 97 21.02 -52.65 29.40
C ASN G 97 21.28 -52.14 27.99
N TRP G 98 20.27 -51.53 27.39
CA TRP G 98 20.33 -51.01 26.03
C TRP G 98 21.51 -50.05 25.80
N ASP G 99 21.84 -49.23 26.79
CA ASP G 99 22.94 -48.28 26.66
C ASP G 99 24.30 -48.97 26.55
N GLY G 100 24.38 -50.20 27.06
CA GLY G 100 25.63 -50.93 27.01
C GLY G 100 26.58 -50.64 28.16
N ASP G 101 26.13 -49.86 29.15
CA ASP G 101 26.97 -49.53 30.30
C ASP G 101 26.98 -50.61 31.37
N TYR G 102 25.89 -51.37 31.45
CA TYR G 102 25.79 -52.43 32.45
C TYR G 102 25.64 -53.78 31.77
N TRP G 103 26.54 -54.70 32.11
CA TRP G 103 26.53 -56.05 31.56
C TRP G 103 26.60 -57.09 32.67
N GLY G 104 26.04 -58.26 32.40
CA GLY G 104 26.10 -59.34 33.37
C GLY G 104 27.48 -59.96 33.17
N GLN G 105 27.83 -60.98 33.95
CA GLN G 105 29.14 -61.61 33.81
C GLN G 105 29.19 -62.54 32.61
N GLY G 106 28.02 -62.94 32.13
CA GLY G 106 27.94 -63.84 31.00
C GLY G 106 27.90 -65.26 31.48
N THR G 107 27.14 -66.11 30.81
CA THR G 107 27.05 -67.52 31.20
C THR G 107 27.12 -68.42 29.99
N LEU G 108 28.00 -69.42 30.06
CA LEU G 108 28.17 -70.35 28.96
C LEU G 108 27.05 -71.40 28.97
N VAL G 109 26.44 -71.60 27.81
CA VAL G 109 25.38 -72.57 27.65
C VAL G 109 25.79 -73.50 26.52
N THR G 110 25.93 -74.79 26.81
CA THR G 110 26.33 -75.74 25.79
C THR G 110 25.15 -76.63 25.42
N VAL G 111 24.90 -76.75 24.12
CA VAL G 111 23.82 -77.58 23.61
C VAL G 111 24.43 -78.86 23.07
N SER G 112 24.18 -79.97 23.75
CA SER G 112 24.72 -81.25 23.34
C SER G 112 23.76 -82.40 23.62
N ALA G 113 23.75 -83.38 22.72
CA ALA G 113 22.91 -84.55 22.86
C ALA G 113 23.24 -85.28 24.16
N ALA G 114 24.49 -85.18 24.57
CA ALA G 114 24.94 -85.81 25.81
C ALA G 114 24.56 -84.97 27.02
N ASP H 1 -58.15 -6.02 -37.45
CA ASP H 1 -58.37 -5.53 -36.06
C ASP H 1 -59.12 -6.57 -35.24
N VAL H 2 -59.09 -6.41 -33.92
CA VAL H 2 -59.74 -7.36 -33.03
C VAL H 2 -61.19 -7.04 -32.70
N GLN H 3 -61.99 -8.10 -32.61
CA GLN H 3 -63.41 -8.00 -32.29
C GLN H 3 -63.76 -9.09 -31.28
N LEU H 4 -64.56 -8.74 -30.29
CA LEU H 4 -65.01 -9.70 -29.27
C LEU H 4 -66.54 -9.68 -29.25
N GLN H 5 -67.14 -10.84 -29.05
CA GLN H 5 -68.61 -10.92 -29.01
C GLN H 5 -69.10 -12.05 -28.11
N GLU H 6 -69.99 -11.70 -27.18
CA GLU H 6 -70.55 -12.67 -26.26
C GLU H 6 -71.73 -13.39 -26.91
N SER H 7 -71.91 -14.66 -26.55
CA SER H 7 -73.03 -15.45 -27.06
C SER H 7 -73.44 -16.44 -25.98
N GLY H 8 -74.70 -16.85 -26.02
CA GLY H 8 -75.18 -17.81 -25.03
C GLY H 8 -76.58 -17.45 -24.57
N PRO H 9 -77.20 -18.29 -23.72
CA PRO H 9 -78.55 -18.08 -23.19
C PRO H 9 -78.76 -16.74 -22.50
N SER H 10 -79.94 -16.15 -22.70
CA SER H 10 -80.27 -14.87 -22.09
C SER H 10 -81.17 -15.11 -20.87
N LEU H 11 -81.71 -16.32 -20.76
CA LEU H 11 -82.57 -16.67 -19.65
C LEU H 11 -82.19 -18.04 -19.09
N VAL H 12 -81.94 -18.09 -17.79
CA VAL H 12 -81.57 -19.35 -17.13
C VAL H 12 -82.35 -19.52 -15.84
N LYS H 13 -82.42 -20.77 -15.37
CA LYS H 13 -83.15 -21.10 -14.14
C LYS H 13 -82.24 -21.12 -12.92
N PRO H 14 -82.80 -20.84 -11.75
CA PRO H 14 -81.98 -20.86 -10.53
C PRO H 14 -81.36 -22.24 -10.36
N SER H 15 -80.14 -22.27 -9.85
CA SER H 15 -79.39 -23.51 -9.59
C SER H 15 -78.70 -24.11 -10.81
N GLN H 16 -79.04 -23.64 -12.02
CA GLN H 16 -78.40 -24.20 -13.21
C GLN H 16 -77.05 -23.53 -13.46
N THR H 17 -76.35 -24.00 -14.48
CA THR H 17 -75.05 -23.45 -14.83
C THR H 17 -75.19 -22.46 -15.98
N LEU H 18 -74.75 -21.23 -15.75
CA LEU H 18 -74.80 -20.20 -16.76
C LEU H 18 -73.51 -20.33 -17.57
N SER H 19 -73.64 -20.45 -18.89
CA SER H 19 -72.48 -20.59 -19.75
C SER H 19 -72.47 -19.61 -20.90
N LEU H 20 -71.40 -18.83 -21.00
CA LEU H 20 -71.28 -17.85 -22.08
C LEU H 20 -70.00 -18.10 -22.86
N THR H 21 -70.02 -17.72 -24.13
CA THR H 21 -68.88 -17.87 -25.01
C THR H 21 -68.47 -16.49 -25.52
N CYS H 22 -67.16 -16.27 -25.63
CA CYS H 22 -66.66 -15.01 -26.17
C CYS H 22 -65.85 -15.38 -27.40
N SER H 23 -66.35 -15.00 -28.56
CA SER H 23 -65.66 -15.29 -29.80
C SER H 23 -64.70 -14.15 -30.14
N VAL H 24 -63.45 -14.50 -30.38
CA VAL H 24 -62.44 -13.51 -30.72
C VAL H 24 -62.07 -13.63 -32.19
N THR H 25 -62.11 -12.51 -32.90
CA THR H 25 -61.76 -12.50 -34.32
C THR H 25 -60.77 -11.37 -34.56
N GLY H 26 -59.79 -11.62 -35.42
CA GLY H 26 -58.80 -10.60 -35.71
C GLY H 26 -57.43 -10.93 -35.16
N ASP H 27 -57.39 -11.80 -34.16
CA ASP H 27 -56.13 -12.21 -33.57
C ASP H 27 -56.35 -13.47 -32.73
N SER H 28 -55.25 -14.17 -32.43
CA SER H 28 -55.32 -15.40 -31.66
C SER H 28 -55.58 -15.20 -30.18
N ILE H 29 -56.29 -16.15 -29.59
CA ILE H 29 -56.61 -16.08 -28.18
C ILE H 29 -55.31 -16.29 -27.38
N THR H 30 -54.28 -16.82 -28.02
CA THR H 30 -53.00 -17.05 -27.36
C THR H 30 -52.17 -15.77 -27.33
N SER H 31 -52.73 -14.68 -27.85
CA SER H 31 -52.00 -13.41 -27.88
C SER H 31 -52.43 -12.40 -26.84
N ASP H 32 -53.19 -12.82 -25.85
CA ASP H 32 -53.61 -11.90 -24.79
C ASP H 32 -54.13 -12.64 -23.56
N TYR H 33 -54.51 -11.87 -22.55
CA TYR H 33 -55.10 -12.39 -21.32
C TYR H 33 -56.58 -12.06 -21.52
N TRP H 34 -57.47 -12.97 -21.10
CA TRP H 34 -58.89 -12.75 -21.31
C TRP H 34 -59.72 -12.68 -20.04
N SER H 35 -60.65 -11.72 -20.01
CA SER H 35 -61.48 -11.50 -18.83
C SER H 35 -62.98 -11.53 -19.02
N TRP H 36 -63.69 -11.58 -17.89
CA TRP H 36 -65.13 -11.54 -17.84
C TRP H 36 -65.49 -10.53 -16.76
N ILE H 37 -66.37 -9.60 -17.11
CA ILE H 37 -66.83 -8.56 -16.19
C ILE H 37 -68.34 -8.52 -16.29
N ARG H 38 -69.04 -8.24 -15.19
CA ARG H 38 -70.49 -8.15 -15.26
C ARG H 38 -71.00 -6.92 -14.54
N LYS H 39 -72.16 -6.44 -14.97
CA LYS H 39 -72.77 -5.26 -14.38
C LYS H 39 -74.14 -5.63 -13.83
N PHE H 40 -74.32 -5.44 -12.53
CA PHE H 40 -75.57 -5.75 -11.86
C PHE H 40 -76.60 -4.65 -12.12
N PRO H 41 -77.89 -5.01 -12.14
CA PRO H 41 -79.00 -4.07 -12.37
C PRO H 41 -78.85 -2.71 -11.69
N GLY H 42 -78.13 -2.65 -10.59
CA GLY H 42 -77.96 -1.40 -9.89
C GLY H 42 -76.74 -0.56 -10.25
N ASN H 43 -76.16 -0.80 -11.43
CA ASN H 43 -74.98 -0.05 -11.88
C ASN H 43 -73.69 -0.45 -11.18
N ARG H 44 -73.68 -1.62 -10.56
CA ARG H 44 -72.47 -2.08 -9.89
C ARG H 44 -71.69 -3.00 -10.81
N LEU H 45 -70.41 -2.72 -10.97
CA LEU H 45 -69.53 -3.53 -11.82
C LEU H 45 -68.69 -4.48 -10.98
N GLU H 46 -68.52 -5.71 -11.47
CA GLU H 46 -67.73 -6.71 -10.76
C GLU H 46 -66.78 -7.38 -11.73
N TYR H 47 -65.51 -7.45 -11.37
CA TYR H 47 -64.53 -8.12 -12.21
C TYR H 47 -64.60 -9.57 -11.77
N MET H 48 -65.09 -10.44 -12.65
CA MET H 48 -65.25 -11.85 -12.33
C MET H 48 -63.95 -12.63 -12.33
N GLY H 49 -63.12 -12.41 -13.35
CA GLY H 49 -61.85 -13.11 -13.39
C GLY H 49 -61.20 -13.04 -14.76
N TYR H 50 -60.02 -13.64 -14.89
CA TYR H 50 -59.32 -13.66 -16.16
C TYR H 50 -58.41 -14.87 -16.24
N VAL H 51 -58.05 -15.23 -17.46
CA VAL H 51 -57.16 -16.35 -17.69
C VAL H 51 -55.96 -15.77 -18.44
N SER H 52 -54.75 -16.02 -17.95
CA SER H 52 -53.55 -15.51 -18.60
C SER H 52 -52.94 -16.53 -19.55
N TYR H 53 -51.88 -16.14 -20.25
CA TYR H 53 -51.27 -17.02 -21.25
C TYR H 53 -50.85 -18.42 -20.83
N SER H 54 -50.38 -18.57 -19.59
CA SER H 54 -49.96 -19.89 -19.11
C SER H 54 -51.14 -20.80 -18.81
N GLY H 55 -52.33 -20.22 -18.72
CA GLY H 55 -53.50 -21.00 -18.41
C GLY H 55 -53.94 -20.77 -16.98
N SER H 56 -53.10 -20.05 -16.23
CA SER H 56 -53.43 -19.75 -14.84
C SER H 56 -54.68 -18.86 -14.82
N THR H 57 -55.55 -19.10 -13.85
CA THR H 57 -56.77 -18.33 -13.75
C THR H 57 -56.82 -17.54 -12.46
N TYR H 58 -57.61 -16.47 -12.47
CA TYR H 58 -57.79 -15.63 -11.30
C TYR H 58 -59.29 -15.38 -11.24
N TYR H 59 -59.90 -15.78 -10.14
CA TYR H 59 -61.33 -15.63 -9.97
C TYR H 59 -61.64 -14.75 -8.77
N ASN H 60 -62.70 -13.96 -8.86
CA ASN H 60 -63.08 -13.09 -7.76
C ASN H 60 -63.59 -13.98 -6.63
N PRO H 61 -63.10 -13.77 -5.39
CA PRO H 61 -63.54 -14.58 -4.26
C PRO H 61 -65.04 -14.50 -4.03
N SER H 62 -65.65 -13.41 -4.50
CA SER H 62 -67.08 -13.21 -4.35
C SER H 62 -67.88 -14.32 -5.04
N LEU H 63 -67.24 -14.99 -6.00
CA LEU H 63 -67.91 -16.04 -6.76
C LEU H 63 -67.88 -17.42 -6.11
N LYS H 64 -67.36 -17.48 -4.89
CA LYS H 64 -67.29 -18.71 -4.11
C LYS H 64 -67.05 -20.01 -4.89
N SER H 65 -66.02 -20.04 -5.72
CA SER H 65 -65.68 -21.25 -6.47
C SER H 65 -66.72 -21.73 -7.48
N ARG H 66 -67.71 -20.90 -7.80
CA ARG H 66 -68.74 -21.27 -8.76
C ARG H 66 -68.31 -20.97 -10.19
N ILE H 67 -67.19 -20.28 -10.34
CA ILE H 67 -66.74 -19.88 -11.67
C ILE H 67 -65.58 -20.64 -12.28
N SER H 68 -65.64 -20.79 -13.60
CA SER H 68 -64.61 -21.46 -14.37
C SER H 68 -64.44 -20.71 -15.68
N ILE H 69 -63.20 -20.38 -16.02
CA ILE H 69 -62.89 -19.69 -17.26
C ILE H 69 -61.96 -20.61 -18.05
N THR H 70 -62.36 -20.96 -19.26
CA THR H 70 -61.57 -21.85 -20.09
C THR H 70 -61.36 -21.29 -21.49
N ARG H 71 -60.47 -21.93 -22.26
CA ARG H 71 -60.17 -21.49 -23.61
C ARG H 71 -60.16 -22.64 -24.62
N ASP H 72 -60.34 -22.28 -25.89
CA ASP H 72 -60.31 -23.25 -26.98
C ASP H 72 -59.62 -22.52 -28.14
N THR H 73 -58.33 -22.76 -28.29
CA THR H 73 -57.55 -22.12 -29.34
C THR H 73 -58.01 -22.47 -30.75
N SER H 74 -58.45 -23.70 -30.95
CA SER H 74 -58.90 -24.13 -32.28
C SER H 74 -60.12 -23.35 -32.75
N LYS H 75 -60.98 -22.95 -31.82
CA LYS H 75 -62.18 -22.20 -32.17
C LYS H 75 -61.97 -20.71 -31.91
N ASN H 76 -60.83 -20.38 -31.32
CA ASN H 76 -60.48 -19.01 -30.97
C ASN H 76 -61.59 -18.39 -30.14
N GLN H 77 -61.94 -19.07 -29.07
CA GLN H 77 -62.98 -18.62 -28.16
C GLN H 77 -62.59 -18.94 -26.73
N TYR H 78 -63.16 -18.22 -25.77
CA TYR H 78 -62.94 -18.54 -24.38
C TYR H 78 -64.31 -18.52 -23.73
N TYR H 79 -64.42 -19.15 -22.56
CA TYR H 79 -65.71 -19.29 -21.94
C TYR H 79 -65.82 -18.94 -20.47
N LEU H 80 -67.06 -18.76 -20.05
CA LEU H 80 -67.40 -18.46 -18.67
C LEU H 80 -68.47 -19.47 -18.27
N ASP H 81 -68.23 -20.17 -17.17
CA ASP H 81 -69.21 -21.11 -16.64
C ASP H 81 -69.43 -20.68 -15.21
N LEU H 82 -70.68 -20.38 -14.86
CA LEU H 82 -71.00 -19.97 -13.50
C LEU H 82 -72.03 -20.97 -13.01
N ASN H 83 -71.67 -21.76 -12.00
CA ASN H 83 -72.58 -22.79 -11.50
C ASN H 83 -73.50 -22.31 -10.38
N SER H 84 -74.57 -23.07 -10.16
CA SER H 84 -75.56 -22.79 -9.12
C SER H 84 -75.97 -21.32 -9.04
N VAL H 85 -76.40 -20.77 -10.15
CA VAL H 85 -76.80 -19.36 -10.18
C VAL H 85 -78.08 -19.10 -9.40
N THR H 86 -78.23 -17.85 -8.97
CA THR H 86 -79.43 -17.41 -8.24
C THR H 86 -79.84 -16.09 -8.86
N THR H 87 -80.93 -15.50 -8.37
CA THR H 87 -81.39 -14.23 -8.91
C THR H 87 -80.33 -13.14 -8.80
N GLU H 88 -79.39 -13.33 -7.88
CA GLU H 88 -78.31 -12.36 -7.66
C GLU H 88 -77.32 -12.34 -8.82
N ASP H 89 -77.39 -13.35 -9.68
CA ASP H 89 -76.50 -13.43 -10.82
C ASP H 89 -77.07 -12.78 -12.07
N THR H 90 -78.26 -12.19 -11.95
CA THR H 90 -78.87 -11.51 -13.09
C THR H 90 -77.99 -10.29 -13.34
N ALA H 91 -77.48 -10.16 -14.56
CA ALA H 91 -76.61 -9.04 -14.88
C ALA H 91 -76.24 -9.03 -16.35
N THR H 92 -75.51 -7.98 -16.76
CA THR H 92 -75.07 -7.89 -18.13
C THR H 92 -73.63 -8.39 -18.10
N TYR H 93 -73.33 -9.41 -18.89
CA TYR H 93 -72.00 -9.99 -18.92
C TYR H 93 -71.17 -9.52 -20.12
N TYR H 94 -69.93 -9.12 -19.86
CA TYR H 94 -69.04 -8.66 -20.91
C TYR H 94 -67.73 -9.41 -20.91
N CYS H 95 -67.16 -9.63 -22.10
CA CYS H 95 -65.85 -10.23 -22.18
C CYS H 95 -64.98 -9.10 -22.70
N ALA H 96 -63.73 -9.06 -22.28
CA ALA H 96 -62.82 -8.02 -22.70
C ALA H 96 -61.41 -8.54 -22.49
N ASN H 97 -60.43 -7.95 -23.20
CA ASN H 97 -59.07 -8.41 -22.98
C ASN H 97 -58.59 -7.74 -21.69
N TRP H 98 -57.54 -8.29 -21.10
CA TRP H 98 -56.99 -7.80 -19.86
C TRP H 98 -56.63 -6.31 -19.87
N ASP H 99 -56.14 -5.82 -21.01
CA ASP H 99 -55.77 -4.40 -21.13
C ASP H 99 -56.98 -3.48 -21.04
N GLY H 100 -58.16 -4.00 -21.36
CA GLY H 100 -59.36 -3.19 -21.32
C GLY H 100 -59.63 -2.40 -22.60
N ASP H 101 -58.84 -2.62 -23.64
CA ASP H 101 -59.02 -1.91 -24.90
C ASP H 101 -60.10 -2.52 -25.78
N TYR H 102 -60.29 -3.83 -25.65
CA TYR H 102 -61.29 -4.52 -26.46
C TYR H 102 -62.37 -5.13 -25.57
N TRP H 103 -63.61 -4.78 -25.86
CA TRP H 103 -64.76 -5.29 -25.11
C TRP H 103 -65.82 -5.84 -26.04
N GLY H 104 -66.59 -6.79 -25.54
CA GLY H 104 -67.68 -7.35 -26.34
C GLY H 104 -68.81 -6.36 -26.19
N GLN H 105 -69.95 -6.60 -26.83
CA GLN H 105 -71.07 -5.68 -26.72
C GLN H 105 -71.82 -5.85 -25.40
N GLY H 106 -71.60 -6.99 -24.76
CA GLY H 106 -72.26 -7.27 -23.50
C GLY H 106 -73.57 -8.00 -23.77
N THR H 107 -73.92 -8.94 -22.89
CA THR H 107 -75.16 -9.68 -23.06
C THR H 107 -75.89 -9.83 -21.74
N LEU H 108 -77.17 -9.48 -21.73
CA LEU H 108 -77.97 -9.56 -20.53
C LEU H 108 -78.40 -11.00 -20.28
N VAL H 109 -78.21 -11.46 -19.05
CA VAL H 109 -78.59 -12.80 -18.64
C VAL H 109 -79.48 -12.65 -17.42
N THR H 110 -80.72 -13.12 -17.52
CA THR H 110 -81.66 -13.03 -16.41
C THR H 110 -81.89 -14.40 -15.80
N VAL H 111 -81.75 -14.47 -14.48
CA VAL H 111 -81.96 -15.72 -13.76
C VAL H 111 -83.34 -15.64 -13.09
N SER H 112 -84.27 -16.45 -13.57
CA SER H 112 -85.61 -16.45 -13.01
C SER H 112 -86.24 -17.84 -13.02
N ALA H 113 -87.03 -18.12 -11.99
CA ALA H 113 -87.69 -19.41 -11.86
C ALA H 113 -88.61 -19.63 -13.06
N ALA H 114 -89.12 -18.52 -13.61
CA ALA H 114 -90.01 -18.58 -14.77
C ALA H 114 -89.20 -18.75 -16.06
N ASP I 1 38.27 16.19 -44.81
CA ASP I 1 36.89 16.12 -45.35
C ASP I 1 36.59 14.71 -45.85
N ILE I 2 35.33 14.43 -46.12
CA ILE I 2 34.94 13.11 -46.60
C ILE I 2 35.38 12.89 -48.05
N VAL I 3 36.07 11.79 -48.27
CA VAL I 3 36.54 11.46 -49.61
C VAL I 3 35.69 10.35 -50.17
N LEU I 4 35.18 10.55 -51.38
CA LEU I 4 34.35 9.55 -52.05
C LEU I 4 35.15 8.95 -53.19
N THR I 5 35.27 7.63 -53.19
CA THR I 5 36.02 6.92 -54.21
C THR I 5 35.06 6.09 -55.06
N GLN I 6 35.07 6.32 -56.36
CA GLN I 6 34.19 5.60 -57.26
C GLN I 6 34.94 4.57 -58.10
N SER I 7 34.28 3.44 -58.33
CA SER I 7 34.85 2.36 -59.12
C SER I 7 33.77 1.60 -59.86
N PRO I 8 34.07 1.13 -61.08
CA PRO I 8 35.39 1.34 -61.69
C PRO I 8 35.41 2.77 -62.24
N ALA I 9 36.58 3.23 -62.69
CA ALA I 9 36.68 4.57 -63.24
C ALA I 9 35.93 4.63 -64.57
N THR I 10 35.95 3.52 -65.30
CA THR I 10 35.26 3.43 -66.57
C THR I 10 34.62 2.07 -66.70
N LEU I 11 33.44 2.02 -67.29
CA LEU I 11 32.73 0.76 -67.48
C LEU I 11 32.11 0.75 -68.87
N SER I 12 32.41 -0.31 -69.62
CA SER I 12 31.87 -0.46 -70.96
C SER I 12 30.79 -1.52 -70.92
N VAL I 13 29.66 -1.22 -71.56
CA VAL I 13 28.55 -2.17 -71.58
C VAL I 13 27.76 -2.05 -72.87
N THR I 14 27.11 -3.14 -73.24
CA THR I 14 26.30 -3.18 -74.46
C THR I 14 24.86 -2.90 -74.04
N PRO I 15 24.18 -1.98 -74.76
CA PRO I 15 22.79 -1.68 -74.40
C PRO I 15 21.99 -2.96 -74.16
N GLY I 16 21.17 -2.96 -73.11
CA GLY I 16 20.39 -4.12 -72.79
C GLY I 16 20.92 -4.83 -71.56
N ASN I 17 22.23 -4.74 -71.35
CA ASN I 17 22.84 -5.38 -70.19
C ASN I 17 22.74 -4.43 -69.01
N SER I 18 22.88 -4.97 -67.81
CA SER I 18 22.80 -4.17 -66.60
C SER I 18 24.16 -3.93 -65.99
N VAL I 19 24.28 -2.85 -65.23
CA VAL I 19 25.53 -2.52 -64.59
C VAL I 19 25.27 -1.95 -63.20
N SER I 20 26.31 -1.93 -62.38
CA SER I 20 26.25 -1.38 -61.04
C SER I 20 27.51 -0.58 -60.83
N LEU I 21 27.37 0.62 -60.31
CA LEU I 21 28.51 1.50 -60.07
C LEU I 21 28.73 1.66 -58.57
N SER I 22 29.99 1.66 -58.16
CA SER I 22 30.33 1.78 -56.74
C SER I 22 30.85 3.13 -56.28
N CYS I 23 30.51 3.48 -55.04
CA CYS I 23 30.94 4.73 -54.42
C CYS I 23 31.17 4.44 -52.95
N ARG I 24 32.39 4.62 -52.47
CA ARG I 24 32.69 4.36 -51.07
C ARG I 24 33.22 5.61 -50.37
N ALA I 25 32.71 5.85 -49.16
CA ALA I 25 33.11 7.01 -48.38
C ALA I 25 34.21 6.67 -47.38
N SER I 26 35.12 7.62 -47.17
CA SER I 26 36.24 7.44 -46.25
C SER I 26 35.78 7.21 -44.82
N GLN I 27 34.55 7.62 -44.52
CA GLN I 27 33.96 7.43 -43.21
C GLN I 27 32.44 7.38 -43.37
N SER I 28 31.76 6.86 -42.36
CA SER I 28 30.30 6.74 -42.43
C SER I 28 29.59 8.05 -42.71
N ILE I 29 28.64 8.00 -43.65
CA ILE I 29 27.85 9.17 -44.01
C ILE I 29 26.37 8.82 -43.96
N GLY I 30 26.06 7.76 -43.23
CA GLY I 30 24.67 7.32 -43.10
C GLY I 30 24.05 7.01 -44.44
N ASN I 31 23.03 7.79 -44.82
CA ASN I 31 22.34 7.60 -46.08
C ASN I 31 22.42 8.86 -46.93
N ASP I 32 23.30 9.78 -46.56
CA ASP I 32 23.45 11.05 -47.28
C ASP I 32 24.34 10.96 -48.50
N LEU I 33 23.98 10.06 -49.41
CA LEU I 33 24.76 9.88 -50.63
C LEU I 33 23.79 9.98 -51.81
N HIS I 34 24.11 10.87 -52.74
CA HIS I 34 23.25 11.11 -53.90
C HIS I 34 23.99 10.80 -55.20
N TRP I 35 23.24 10.46 -56.24
CA TRP I 35 23.84 10.13 -57.52
C TRP I 35 23.44 11.09 -58.62
N TYR I 36 24.44 11.52 -59.38
CA TYR I 36 24.24 12.43 -60.49
C TYR I 36 24.77 11.86 -61.79
N GLN I 37 24.10 12.25 -62.88
CA GLN I 37 24.51 11.84 -64.22
C GLN I 37 24.95 13.14 -64.89
N GLN I 38 26.01 13.09 -65.68
CA GLN I 38 26.44 14.29 -66.39
C GLN I 38 26.97 13.93 -67.77
N LYS I 39 26.42 14.60 -68.77
CA LYS I 39 26.83 14.39 -70.16
C LYS I 39 27.59 15.61 -70.64
N SER I 40 28.43 15.40 -71.66
CA SER I 40 29.23 16.48 -72.23
C SER I 40 28.38 17.73 -72.50
N HIS I 41 28.93 18.89 -72.17
CA HIS I 41 28.26 20.17 -72.40
C HIS I 41 26.91 20.28 -71.69
N GLU I 42 26.77 19.64 -70.54
CA GLU I 42 25.51 19.69 -69.80
C GLU I 42 25.66 19.71 -68.28
N SER I 43 24.67 20.27 -67.61
CA SER I 43 24.68 20.34 -66.16
C SER I 43 24.32 18.97 -65.57
N PRO I 44 24.79 18.69 -64.36
CA PRO I 44 24.51 17.42 -63.69
C PRO I 44 23.01 17.21 -63.50
N ARG I 45 22.58 15.96 -63.49
CA ARG I 45 21.17 15.63 -63.29
C ARG I 45 21.03 14.64 -62.13
N LEU I 46 20.26 15.02 -61.12
CA LEU I 46 20.06 14.16 -59.95
C LEU I 46 19.23 12.93 -60.30
N LEU I 47 19.77 11.75 -60.00
CA LEU I 47 19.11 10.50 -60.31
C LEU I 47 18.50 9.81 -59.10
N ILE I 48 19.27 9.80 -58.01
CA ILE I 48 18.86 9.17 -56.77
C ILE I 48 19.30 10.03 -55.61
N LYS I 49 18.48 10.15 -54.58
CA LYS I 49 18.88 10.94 -53.43
C LYS I 49 18.81 10.09 -52.17
N TYR I 50 19.63 10.44 -51.19
CA TYR I 50 19.67 9.72 -49.93
C TYR I 50 19.78 8.20 -50.12
N ALA I 51 20.80 7.82 -50.88
CA ALA I 51 21.13 6.44 -51.17
C ALA I 51 20.19 5.60 -52.02
N SER I 52 18.89 5.67 -51.77
CA SER I 52 17.93 4.85 -52.51
C SER I 52 16.60 5.50 -52.85
N GLN I 53 16.43 6.77 -52.52
CA GLN I 53 15.15 7.44 -52.80
C GLN I 53 15.03 7.83 -54.26
N SER I 54 13.90 7.46 -54.86
CA SER I 54 13.62 7.74 -56.27
C SER I 54 13.31 9.22 -56.50
N ILE I 55 13.55 9.66 -57.74
CA ILE I 55 13.32 11.05 -58.14
C ILE I 55 12.29 11.08 -59.28
N SER I 56 11.29 11.93 -59.16
CA SER I 56 10.27 12.04 -60.21
C SER I 56 10.90 12.49 -61.52
N GLY I 57 10.53 11.84 -62.61
CA GLY I 57 11.07 12.20 -63.91
C GLY I 57 12.33 11.45 -64.34
N ILE I 58 12.81 10.55 -63.49
CA ILE I 58 14.00 9.75 -63.80
C ILE I 58 13.54 8.35 -64.20
N PRO I 59 14.21 7.74 -65.20
CA PRO I 59 13.80 6.40 -65.62
C PRO I 59 13.82 5.43 -64.43
N SER I 60 12.84 4.52 -64.41
CA SER I 60 12.71 3.53 -63.34
C SER I 60 13.90 2.58 -63.27
N ARG I 61 14.62 2.44 -64.38
CA ARG I 61 15.76 1.52 -64.41
C ARG I 61 16.92 1.91 -63.49
N PHE I 62 16.88 3.12 -62.95
CA PHE I 62 17.92 3.58 -62.04
C PHE I 62 17.50 3.29 -60.60
N SER I 63 18.38 2.68 -59.83
CA SER I 63 18.08 2.41 -58.42
C SER I 63 19.36 2.58 -57.62
N GLY I 64 19.22 2.90 -56.34
CA GLY I 64 20.38 3.09 -55.50
C GLY I 64 20.28 2.23 -54.26
N SER I 65 21.42 1.88 -53.68
CA SER I 65 21.43 1.03 -52.49
C SER I 65 22.66 1.34 -51.64
N GLY I 66 22.58 0.99 -50.36
CA GLY I 66 23.72 1.21 -49.48
C GLY I 66 23.47 2.14 -48.31
N SER I 67 24.42 2.12 -47.38
CA SER I 67 24.37 2.95 -46.19
C SER I 67 25.75 2.88 -45.54
N GLY I 68 26.08 3.88 -44.75
CA GLY I 68 27.38 3.89 -44.10
C GLY I 68 28.50 4.35 -45.00
N THR I 69 29.30 3.40 -45.50
CA THR I 69 30.43 3.75 -46.37
C THR I 69 30.36 3.18 -47.79
N ASP I 70 29.55 2.13 -47.98
CA ASP I 70 29.47 1.52 -49.30
C ASP I 70 28.12 1.69 -50.00
N PHE I 71 28.15 2.33 -51.15
CA PHE I 71 26.94 2.59 -51.93
C PHE I 71 27.06 2.10 -53.36
N THR I 72 25.92 1.86 -53.99
CA THR I 72 25.89 1.37 -55.36
C THR I 72 24.75 2.00 -56.15
N LEU I 73 25.02 2.31 -57.42
CA LEU I 73 24.00 2.84 -58.32
C LEU I 73 23.86 1.74 -59.36
N SER I 74 22.65 1.23 -59.54
CA SER I 74 22.41 0.17 -60.50
C SER I 74 21.53 0.64 -61.63
N ILE I 75 21.83 0.18 -62.84
CA ILE I 75 21.06 0.52 -64.02
C ILE I 75 20.61 -0.81 -64.62
N ASN I 76 19.30 -1.07 -64.55
CA ASN I 76 18.74 -2.30 -65.08
C ASN I 76 18.42 -2.16 -66.56
N SER I 77 19.23 -2.80 -67.39
CA SER I 77 19.09 -2.75 -68.85
C SER I 77 19.44 -1.35 -69.39
N VAL I 78 20.74 -1.11 -69.49
CA VAL I 78 21.28 0.16 -69.98
C VAL I 78 20.77 0.54 -71.37
N GLU I 79 20.46 1.82 -71.53
CA GLU I 79 19.98 2.36 -72.81
C GLU I 79 21.07 3.29 -73.31
N THR I 80 21.08 3.59 -74.61
CA THR I 80 22.11 4.47 -75.16
C THR I 80 22.11 5.85 -74.49
N GLU I 81 20.93 6.34 -74.11
CA GLU I 81 20.84 7.64 -73.47
C GLU I 81 21.51 7.65 -72.10
N ASP I 82 21.93 6.47 -71.62
CA ASP I 82 22.57 6.38 -70.31
C ASP I 82 24.08 6.57 -70.35
N PHE I 83 24.66 6.56 -71.54
CA PHE I 83 26.11 6.73 -71.62
C PHE I 83 26.50 8.15 -71.22
N GLY I 84 27.50 8.23 -70.35
CA GLY I 84 27.98 9.51 -69.86
C GLY I 84 28.71 9.29 -68.54
N MET I 85 28.82 10.35 -67.75
CA MET I 85 29.50 10.28 -66.45
C MET I 85 28.52 10.18 -65.29
N TYR I 86 28.93 9.48 -64.24
CA TYR I 86 28.12 9.32 -63.04
C TYR I 86 28.95 9.69 -61.84
N PHE I 87 28.41 10.59 -61.01
CA PHE I 87 29.10 11.08 -59.82
C PHE I 87 28.25 10.88 -58.57
N CYS I 88 28.89 10.49 -57.47
CA CYS I 88 28.15 10.39 -56.22
C CYS I 88 28.56 11.63 -55.45
N GLN I 89 27.70 12.07 -54.53
CA GLN I 89 27.96 13.25 -53.74
C GLN I 89 27.39 13.03 -52.35
N GLN I 90 28.15 13.40 -51.31
CA GLN I 90 27.68 13.24 -49.94
C GLN I 90 27.30 14.59 -49.35
N SER I 91 26.28 14.59 -48.51
CA SER I 91 25.84 15.84 -47.86
C SER I 91 25.75 15.65 -46.35
N ASN I 92 26.36 14.58 -45.84
CA ASN I 92 26.34 14.31 -44.41
C ASN I 92 27.11 15.39 -43.64
N SER I 93 28.24 15.82 -44.19
CA SER I 93 29.04 16.83 -43.52
C SER I 93 29.58 17.88 -44.48
N TRP I 94 29.75 19.09 -43.98
CA TRP I 94 30.27 20.18 -44.80
C TRP I 94 31.79 20.14 -44.69
N PRO I 95 32.50 20.34 -45.82
CA PRO I 95 32.02 20.58 -47.17
C PRO I 95 31.46 19.35 -47.91
N TYR I 96 30.41 19.56 -48.68
CA TYR I 96 29.86 18.47 -49.48
C TYR I 96 30.96 18.11 -50.46
N THR I 97 31.09 16.82 -50.75
CA THR I 97 32.12 16.36 -51.68
C THR I 97 31.56 15.39 -52.72
N PHE I 98 32.24 15.35 -53.87
CA PHE I 98 31.87 14.50 -54.99
C PHE I 98 32.90 13.39 -55.19
N GLY I 99 32.46 12.27 -55.74
CA GLY I 99 33.38 11.20 -56.05
C GLY I 99 34.06 11.61 -57.34
N GLY I 100 35.08 10.85 -57.75
CA GLY I 100 35.82 11.18 -58.96
C GLY I 100 35.09 10.86 -60.26
N GLY I 101 33.98 10.14 -60.14
CA GLY I 101 33.20 9.79 -61.31
C GLY I 101 33.51 8.48 -62.00
N THR I 102 32.48 7.89 -62.61
CA THR I 102 32.60 6.66 -63.35
C THR I 102 32.03 6.93 -64.73
N LYS I 103 32.81 6.63 -65.76
CA LYS I 103 32.37 6.86 -67.12
C LYS I 103 31.73 5.58 -67.65
N LEU I 104 30.49 5.69 -68.12
CA LEU I 104 29.77 4.54 -68.68
C LEU I 104 29.78 4.71 -70.20
N GLU I 105 30.37 3.74 -70.89
CA GLU I 105 30.49 3.77 -72.35
C GLU I 105 29.93 2.53 -73.02
N ILE I 106 29.61 2.66 -74.32
CA ILE I 106 29.09 1.54 -75.08
C ILE I 106 30.23 0.58 -75.39
N LYS I 107 29.96 -0.72 -75.28
CA LYS I 107 30.97 -1.74 -75.54
C LYS I 107 30.75 -2.39 -76.91
N ASP J 1 1.58 47.75 37.97
CA ASP J 1 2.18 46.57 38.65
C ASP J 1 1.10 45.78 39.38
N ILE J 2 1.44 44.57 39.81
CA ILE J 2 0.48 43.73 40.52
C ILE J 2 0.24 44.26 41.93
N VAL J 3 -1.04 44.43 42.26
CA VAL J 3 -1.41 44.92 43.58
C VAL J 3 -1.97 43.76 44.38
N LEU J 4 -1.44 43.57 45.59
CA LEU J 4 -1.91 42.51 46.47
C LEU J 4 -2.68 43.14 47.61
N THR J 5 -3.91 42.69 47.80
CA THR J 5 -4.78 43.21 48.85
C THR J 5 -5.02 42.13 49.89
N GLN J 6 -4.69 42.44 51.14
CA GLN J 6 -4.86 41.47 52.22
C GLN J 6 -6.03 41.82 53.13
N SER J 7 -6.72 40.79 53.59
CA SER J 7 -7.86 40.96 54.48
C SER J 7 -7.99 39.78 55.43
N PRO J 8 -8.42 40.03 56.67
CA PRO J 8 -8.75 41.39 57.12
C PRO J 8 -7.45 42.10 57.43
N ALA J 9 -7.52 43.40 57.69
CA ALA J 9 -6.32 44.15 58.03
C ALA J 9 -5.80 43.72 59.39
N THR J 10 -6.73 43.36 60.27
CA THR J 10 -6.37 42.91 61.61
C THR J 10 -7.30 41.77 62.00
N LEU J 11 -6.77 40.80 62.71
CA LEU J 11 -7.54 39.65 63.15
C LEU J 11 -7.16 39.31 64.58
N SER J 12 -8.15 39.24 65.46
CA SER J 12 -7.92 38.90 66.85
C SER J 12 -8.38 37.47 67.06
N VAL J 13 -7.57 36.68 67.76
CA VAL J 13 -7.91 35.30 68.02
C VAL J 13 -7.34 34.84 69.35
N THR J 14 -7.99 33.85 69.95
CA THR J 14 -7.54 33.29 71.22
C THR J 14 -6.69 32.07 70.91
N PRO J 15 -5.50 31.96 71.53
CA PRO J 15 -4.65 30.80 71.28
C PRO J 15 -5.46 29.50 71.30
N GLY J 16 -5.19 28.62 70.34
CA GLY J 16 -5.92 27.37 70.28
C GLY J 16 -6.90 27.35 69.13
N ASN J 17 -7.42 28.53 68.78
CA ASN J 17 -8.36 28.63 67.68
C ASN J 17 -7.59 28.77 66.39
N SER J 18 -8.25 28.48 65.27
CA SER J 18 -7.61 28.55 63.97
C SER J 18 -8.06 29.78 63.21
N VAL J 19 -7.22 30.23 62.29
CA VAL J 19 -7.55 31.39 61.48
C VAL J 19 -7.06 31.19 60.06
N SER J 20 -7.58 32.01 59.15
CA SER J 20 -7.19 31.98 57.75
C SER J 20 -7.06 33.42 57.31
N LEU J 21 -5.97 33.74 56.62
CA LEU J 21 -5.73 35.09 56.15
C LEU J 21 -5.81 35.12 54.63
N SER J 22 -6.41 36.18 54.10
CA SER J 22 -6.60 36.31 52.66
C SER J 22 -5.67 37.29 51.94
N CYS J 23 -5.32 36.94 50.71
CA CYS J 23 -4.47 37.78 49.87
C CYS J 23 -4.96 37.63 48.45
N ARG J 24 -5.39 38.72 47.83
CA ARG J 24 -5.89 38.67 46.47
C ARG J 24 -5.08 39.56 45.53
N ALA J 25 -4.75 39.03 44.36
CA ALA J 25 -3.97 39.77 43.37
C ALA J 25 -4.86 40.45 42.33
N SER J 26 -4.44 41.63 41.90
CA SER J 26 -5.18 42.41 40.91
C SER J 26 -5.32 41.68 39.58
N GLN J 27 -4.43 40.73 39.35
CA GLN J 27 -4.46 39.92 38.13
C GLN J 27 -3.82 38.57 38.45
N SER J 28 -4.08 37.58 37.61
CA SER J 28 -3.53 36.25 37.82
C SER J 28 -2.02 36.22 37.98
N ILE J 29 -1.56 35.48 38.99
CA ILE J 29 -0.12 35.35 39.24
C ILE J 29 0.21 33.87 39.38
N GLY J 30 -0.66 33.02 38.85
CA GLY J 30 -0.45 31.58 38.93
C GLY J 30 -0.31 31.09 40.35
N ASN J 31 0.87 30.58 40.69
CA ASN J 31 1.12 30.07 42.05
C ASN J 31 2.30 30.82 42.68
N ASP J 32 2.68 31.94 42.08
CA ASP J 32 3.81 32.71 42.58
C ASP J 32 3.46 33.66 43.72
N LEU J 33 2.90 33.10 44.79
CA LEU J 33 2.51 33.89 45.94
C LEU J 33 3.13 33.26 47.18
N HIS J 34 3.89 34.06 47.93
CA HIS J 34 4.59 33.58 49.11
C HIS J 34 4.11 34.30 50.36
N TRP J 35 4.24 33.64 51.50
CA TRP J 35 3.80 34.23 52.76
C TRP J 35 4.94 34.45 53.73
N TYR J 36 4.96 35.64 54.33
CA TYR J 36 5.94 36.02 55.30
C TYR J 36 5.33 36.44 56.62
N GLN J 37 6.07 36.19 57.70
CA GLN J 37 5.67 36.58 59.03
C GLN J 37 6.69 37.62 59.46
N GLN J 38 6.25 38.67 60.13
CA GLN J 38 7.18 39.67 60.61
C GLN J 38 6.77 40.20 61.98
N LYS J 39 7.71 40.16 62.91
CA LYS J 39 7.46 40.63 64.26
C LYS J 39 8.26 41.91 64.49
N SER J 40 7.80 42.73 65.43
CA SER J 40 8.47 43.98 65.76
C SER J 40 9.97 43.80 65.93
N HIS J 41 10.74 44.74 65.37
CA HIS J 41 12.19 44.72 65.46
C HIS J 41 12.83 43.46 64.87
N GLU J 42 12.20 42.89 63.84
CA GLU J 42 12.75 41.68 63.23
C GLU J 42 12.54 41.58 61.73
N SER J 43 13.43 40.84 61.06
CA SER J 43 13.34 40.66 59.64
C SER J 43 12.23 39.67 59.30
N PRO J 44 11.65 39.78 58.11
CA PRO J 44 10.57 38.88 57.67
C PRO J 44 11.04 37.43 57.65
N ARG J 45 10.11 36.50 57.87
CA ARG J 45 10.43 35.07 57.86
C ARG J 45 9.50 34.35 56.88
N LEU J 46 10.09 33.67 55.90
CA LEU J 46 9.31 32.95 54.89
C LEU J 46 8.60 31.74 55.52
N LEU J 47 7.28 31.67 55.35
CA LEU J 47 6.49 30.59 55.90
C LEU J 47 6.03 29.57 54.87
N ILE J 48 5.59 30.08 53.73
CA ILE J 48 5.08 29.27 52.65
C ILE J 48 5.55 29.85 51.33
N LYS J 49 5.92 29.01 50.38
CA LYS J 49 6.33 29.53 49.09
C LYS J 49 5.49 28.92 47.98
N TYR J 50 5.34 29.65 46.89
CA TYR J 50 4.57 29.19 45.76
C TYR J 50 3.19 28.66 46.16
N ALA J 51 2.46 29.51 46.88
CA ALA J 51 1.10 29.26 47.34
C ALA J 51 0.86 28.20 48.39
N SER J 52 1.48 27.04 48.25
CA SER J 52 1.25 25.95 49.19
C SER J 52 2.45 25.09 49.56
N GLN J 53 3.62 25.43 49.05
CA GLN J 53 4.81 24.62 49.36
C GLN J 53 5.35 24.90 50.75
N SER J 54 5.59 23.83 51.50
CA SER J 54 6.10 23.90 52.86
C SER J 54 7.57 24.30 52.90
N ILE J 55 7.98 24.89 54.02
CA ILE J 55 9.35 25.35 54.23
C ILE J 55 9.94 24.61 55.44
N SER J 56 11.14 24.07 55.29
CA SER J 56 11.79 23.36 56.40
C SER J 56 12.03 24.33 57.56
N GLY J 57 11.72 23.88 58.77
CA GLY J 57 11.92 24.71 59.94
C GLY J 57 10.73 25.56 60.36
N ILE J 58 9.64 25.49 59.61
CA ILE J 58 8.44 26.25 59.93
C ILE J 58 7.43 25.31 60.58
N PRO J 59 6.68 25.79 61.60
CA PRO J 59 5.71 24.92 62.25
C PRO J 59 4.72 24.33 61.24
N SER J 60 4.35 23.08 61.44
CA SER J 60 3.42 22.38 60.55
C SER J 60 2.03 23.02 60.51
N ARG J 61 1.69 23.77 61.55
CA ARG J 61 0.38 24.39 61.62
C ARG J 61 0.12 25.46 60.54
N PHE J 62 1.16 25.86 59.83
CA PHE J 62 1.02 26.84 58.77
C PHE J 62 0.82 26.12 57.43
N SER J 63 -0.20 26.52 56.68
CA SER J 63 -0.44 25.93 55.37
C SER J 63 -0.93 27.02 54.43
N GLY J 64 -0.70 26.84 53.14
CA GLY J 64 -1.14 27.83 52.18
C GLY J 64 -1.97 27.17 51.09
N SER J 65 -2.84 27.95 50.48
CA SER J 65 -3.71 27.43 49.43
C SER J 65 -4.07 28.52 48.42
N GLY J 66 -4.47 28.11 47.23
CA GLY J 66 -4.86 29.08 46.23
C GLY J 66 -4.04 29.09 44.96
N SER J 67 -4.56 29.78 43.95
CA SER J 67 -3.91 29.90 42.66
C SER J 67 -4.64 31.01 41.90
N GLY J 68 -3.97 31.61 40.94
CA GLY J 68 -4.62 32.67 40.18
C GLY J 68 -4.62 34.01 40.90
N THR J 69 -5.76 34.40 41.44
CA THR J 69 -5.87 35.67 42.14
C THR J 69 -6.22 35.58 43.63
N ASP J 70 -6.76 34.45 44.06
CA ASP J 70 -7.16 34.31 45.46
C ASP J 70 -6.33 33.29 46.23
N PHE J 71 -5.67 33.76 47.29
CA PHE J 71 -4.83 32.92 48.12
C PHE J 71 -5.18 33.02 49.60
N THR J 72 -4.83 32.00 50.36
CA THR J 72 -5.12 31.98 51.78
C THR J 72 -3.98 31.35 52.57
N LEU J 73 -3.69 31.92 53.74
CA LEU J 73 -2.69 31.38 54.64
C LEU J 73 -3.52 30.94 55.85
N SER J 74 -3.41 29.67 56.21
CA SER J 74 -4.16 29.14 57.35
C SER J 74 -3.23 28.73 58.48
N ILE J 75 -3.67 28.99 59.71
CA ILE J 75 -2.91 28.62 60.88
C ILE J 75 -3.84 27.74 61.72
N ASN J 76 -3.50 26.46 61.82
CA ASN J 76 -4.29 25.51 62.58
C ASN J 76 -3.88 25.52 64.05
N SER J 77 -4.73 26.10 64.88
CA SER J 77 -4.48 26.20 66.32
C SER J 77 -3.36 27.20 66.61
N VAL J 78 -3.70 28.48 66.54
CA VAL J 78 -2.76 29.58 66.78
C VAL J 78 -2.07 29.49 68.13
N GLU J 79 -0.76 29.78 68.14
CA GLU J 79 0.04 29.79 69.35
C GLU J 79 0.44 31.24 69.60
N THR J 80 0.82 31.57 70.83
CA THR J 80 1.21 32.94 71.14
C THR J 80 2.37 33.43 70.28
N GLU J 81 3.29 32.53 69.94
CA GLU J 81 4.43 32.92 69.12
C GLU J 81 4.01 33.31 67.70
N ASP J 82 2.73 33.11 67.38
CA ASP J 82 2.24 33.43 66.04
C ASP J 82 1.75 34.88 65.91
N PHE J 83 1.59 35.57 67.03
CA PHE J 83 1.11 36.93 66.94
C PHE J 83 2.15 37.83 66.29
N GLY J 84 1.70 38.63 65.33
CA GLY J 84 2.58 39.52 64.60
C GLY J 84 1.94 39.88 63.27
N MET J 85 2.76 40.31 62.31
CA MET J 85 2.28 40.69 61.00
C MET J 85 2.50 39.59 59.96
N TYR J 86 1.59 39.50 58.99
CA TYR J 86 1.70 38.53 57.92
C TYR J 86 1.56 39.26 56.59
N PHE J 87 2.51 39.03 55.69
CA PHE J 87 2.53 39.67 54.38
C PHE J 87 2.61 38.64 53.27
N CYS J 88 1.88 38.87 52.18
CA CYS J 88 1.99 37.99 51.04
C CYS J 88 2.84 38.76 50.05
N GLN J 89 3.52 38.04 49.17
CA GLN J 89 4.40 38.67 48.18
C GLN J 89 4.32 37.85 46.90
N GLN J 90 4.20 38.53 45.76
CA GLN J 90 4.14 37.83 44.48
C GLN J 90 5.45 37.99 43.71
N SER J 91 5.83 36.95 42.98
CA SER J 91 7.08 36.98 42.21
C SER J 91 6.81 36.59 40.75
N ASN J 92 5.54 36.60 40.36
CA ASN J 92 5.17 36.26 38.99
C ASN J 92 5.71 37.28 38.00
N SER J 93 5.65 38.55 38.37
CA SER J 93 6.12 39.60 37.48
C SER J 93 6.91 40.67 38.22
N TRP J 94 7.87 41.27 37.52
CA TRP J 94 8.68 42.32 38.11
C TRP J 94 7.97 43.65 37.87
N PRO J 95 7.92 44.53 38.88
CA PRO J 95 8.48 44.41 40.22
C PRO J 95 7.71 43.51 41.19
N TYR J 96 8.44 42.78 42.02
CA TYR J 96 7.79 41.94 43.01
C TYR J 96 7.08 42.91 43.94
N THR J 97 5.89 42.53 44.40
CA THR J 97 5.11 43.38 45.29
C THR J 97 4.59 42.64 46.51
N PHE J 98 4.37 43.38 47.59
CA PHE J 98 3.89 42.86 48.85
C PHE J 98 2.47 43.35 49.12
N GLY J 99 1.71 42.55 49.88
CA GLY J 99 0.37 42.95 50.26
C GLY J 99 0.55 43.94 51.40
N GLY J 100 -0.53 44.60 51.81
CA GLY J 100 -0.45 45.57 52.89
C GLY J 100 -0.30 44.98 54.28
N GLY J 101 -0.45 43.66 54.39
CA GLY J 101 -0.30 43.00 55.67
C GLY J 101 -1.54 42.82 56.51
N THR J 102 -1.54 41.74 57.29
CA THR J 102 -2.63 41.43 58.20
C THR J 102 -2.00 41.25 59.56
N LYS J 103 -2.51 41.97 60.55
CA LYS J 103 -2.00 41.88 61.91
C LYS J 103 -2.80 40.85 62.68
N LEU J 104 -2.11 39.85 63.24
CA LEU J 104 -2.75 38.81 64.03
C LEU J 104 -2.47 39.12 65.50
N GLU J 105 -3.52 39.34 66.28
CA GLU J 105 -3.40 39.68 67.69
C GLU J 105 -4.19 38.75 68.60
N ILE J 106 -3.82 38.73 69.88
CA ILE J 106 -4.52 37.89 70.85
C ILE J 106 -5.85 38.56 71.20
N LYS J 107 -6.89 37.74 71.31
CA LYS J 107 -8.23 38.24 71.63
C LYS J 107 -8.58 37.97 73.09
N ASP K 1 20.86 -57.01 6.20
CA ASP K 1 21.21 -56.23 7.42
C ASP K 1 22.57 -55.55 7.22
N ILE K 2 22.90 -54.62 8.11
CA ILE K 2 24.17 -53.91 8.01
C ILE K 2 25.32 -54.81 8.41
N VAL K 3 26.32 -54.87 7.54
CA VAL K 3 27.50 -55.69 7.80
C VAL K 3 28.66 -54.77 8.17
N LEU K 4 29.30 -55.08 9.28
CA LEU K 4 30.45 -54.30 9.74
C LEU K 4 31.70 -55.12 9.54
N THR K 5 32.67 -54.56 8.83
CA THR K 5 33.92 -55.24 8.55
C THR K 5 35.06 -54.53 9.28
N GLN K 6 35.79 -55.28 10.10
CA GLN K 6 36.89 -54.70 10.86
C GLN K 6 38.24 -55.13 10.33
N SER K 7 39.19 -54.19 10.36
CA SER K 7 40.54 -54.46 9.90
C SER K 7 41.55 -53.63 10.70
N PRO K 8 42.74 -54.21 10.94
CA PRO K 8 43.07 -55.56 10.48
C PRO K 8 42.41 -56.55 11.44
N ALA K 9 42.44 -57.83 11.10
CA ALA K 9 41.85 -58.84 11.98
C ALA K 9 42.67 -58.94 13.26
N THR K 10 43.98 -58.76 13.12
CA THR K 10 44.88 -58.81 14.26
C THR K 10 45.93 -57.73 14.12
N LEU K 11 46.32 -57.14 15.23
CA LEU K 11 47.31 -56.09 15.22
C LEU K 11 48.26 -56.29 16.41
N SER K 12 49.56 -56.34 16.12
CA SER K 12 50.55 -56.51 17.16
C SER K 12 51.25 -55.17 17.38
N VAL K 13 51.42 -54.80 18.64
CA VAL K 13 52.04 -53.54 18.96
C VAL K 13 52.82 -53.63 20.27
N THR K 14 53.83 -52.79 20.41
CA THR K 14 54.64 -52.76 21.61
C THR K 14 54.10 -51.66 22.51
N PRO K 15 53.88 -51.95 23.80
CA PRO K 15 53.35 -50.93 24.71
C PRO K 15 54.07 -49.60 24.51
N GLY K 16 53.31 -48.51 24.48
CA GLY K 16 53.90 -47.20 24.29
C GLY K 16 53.60 -46.65 22.91
N ASN K 17 53.45 -47.55 21.94
CA ASN K 17 53.15 -47.13 20.58
C ASN K 17 51.65 -46.97 20.44
N SER K 18 51.23 -46.24 19.43
CA SER K 18 49.82 -45.99 19.20
C SER K 18 49.29 -46.82 18.04
N VAL K 19 47.99 -47.08 18.05
CA VAL K 19 47.37 -47.85 17.00
C VAL K 19 45.99 -47.28 16.67
N SER K 20 45.47 -47.66 15.51
CA SER K 20 44.16 -47.24 15.08
C SER K 20 43.50 -48.47 14.48
N LEU K 21 42.25 -48.72 14.85
CA LEU K 21 41.51 -49.87 14.36
C LEU K 21 40.37 -49.39 13.46
N SER K 22 40.16 -50.12 12.37
CA SER K 22 39.12 -49.74 11.40
C SER K 22 37.84 -50.57 11.43
N CYS K 23 36.72 -49.91 11.16
CA CYS K 23 35.42 -50.56 11.10
C CYS K 23 34.63 -49.88 9.99
N ARG K 24 34.23 -50.63 8.98
CA ARG K 24 33.48 -50.06 7.87
C ARG K 24 32.11 -50.73 7.71
N ALA K 25 31.09 -49.91 7.51
CA ALA K 25 29.72 -50.40 7.36
C ALA K 25 29.35 -50.56 5.88
N SER K 26 28.56 -51.59 5.60
CA SER K 26 28.11 -51.88 4.24
C SER K 26 27.28 -50.75 3.65
N GLN K 27 26.71 -49.92 4.53
CA GLN K 27 25.92 -48.78 4.11
C GLN K 27 25.99 -47.73 5.21
N SER K 28 25.64 -46.48 4.87
CA SER K 28 25.71 -45.40 5.84
C SER K 28 24.92 -45.66 7.12
N ILE K 29 25.55 -45.39 8.27
CA ILE K 29 24.90 -45.58 9.56
C ILE K 29 25.05 -44.30 10.38
N GLY K 30 25.31 -43.20 9.68
CA GLY K 30 25.46 -41.91 10.35
C GLY K 30 26.58 -41.94 11.37
N ASN K 31 26.21 -41.77 12.64
CA ASN K 31 27.20 -41.77 13.73
C ASN K 31 26.86 -42.86 14.75
N ASP K 32 25.98 -43.78 14.37
CA ASP K 32 25.55 -44.84 15.27
C ASP K 32 26.50 -46.04 15.30
N LEU K 33 27.76 -45.77 15.62
CA LEU K 33 28.77 -46.81 15.67
C LEU K 33 29.46 -46.72 17.03
N HIS K 34 29.46 -47.83 17.77
CA HIS K 34 30.03 -47.88 19.10
C HIS K 34 31.18 -48.88 19.17
N TRP K 35 32.10 -48.65 20.09
CA TRP K 35 33.25 -49.53 20.24
C TRP K 35 33.29 -50.24 21.58
N TYR K 36 33.55 -51.54 21.51
CA TYR K 36 33.64 -52.38 22.69
C TYR K 36 34.97 -53.10 22.79
N GLN K 37 35.40 -53.32 24.03
CA GLN K 37 36.63 -54.06 24.30
C GLN K 37 36.16 -55.33 24.99
N GLN K 38 36.79 -56.45 24.68
CA GLN K 38 36.43 -57.69 25.34
C GLN K 38 37.66 -58.56 25.58
N LYS K 39 37.83 -58.97 26.83
CA LYS K 39 38.96 -59.82 27.21
C LYS K 39 38.44 -61.21 27.53
N SER K 40 39.32 -62.20 27.42
CA SER K 40 38.97 -63.58 27.71
C SER K 40 38.21 -63.71 29.03
N HIS K 41 37.17 -64.53 29.02
CA HIS K 41 36.36 -64.79 30.21
C HIS K 41 35.72 -63.53 30.80
N GLU K 42 35.39 -62.56 29.95
CA GLU K 42 34.79 -61.32 30.43
C GLU K 42 33.74 -60.71 29.50
N SER K 43 32.82 -59.96 30.07
CA SER K 43 31.79 -59.30 29.29
C SER K 43 32.37 -58.10 28.56
N PRO K 44 31.75 -57.72 27.44
CA PRO K 44 32.22 -56.56 26.65
C PRO K 44 32.16 -55.28 27.48
N ARG K 45 33.04 -54.33 27.17
CA ARG K 45 33.08 -53.05 27.88
C ARG K 45 32.99 -51.91 26.86
N LEU K 46 31.99 -51.06 27.00
CA LEU K 46 31.79 -49.93 26.08
C LEU K 46 32.90 -48.89 26.26
N LEU K 47 33.58 -48.55 25.17
CA LEU K 47 34.67 -47.60 25.19
C LEU K 47 34.30 -46.24 24.61
N ILE K 48 33.61 -46.28 23.48
CA ILE K 48 33.20 -45.08 22.77
C ILE K 48 31.79 -45.28 22.24
N LYS K 49 30.95 -44.25 22.29
CA LYS K 49 29.62 -44.39 21.75
C LYS K 49 29.37 -43.32 20.70
N TYR K 50 28.49 -43.63 19.76
CA TYR K 50 28.15 -42.70 18.70
C TYR K 50 29.39 -42.12 18.01
N ALA K 51 30.24 -43.03 17.56
CA ALA K 51 31.46 -42.72 16.82
C ALA K 51 32.61 -42.03 17.55
N SER K 52 32.31 -41.00 18.32
CA SER K 52 33.37 -40.24 19.00
C SER K 52 33.07 -39.75 20.40
N GLN K 53 31.90 -40.11 20.94
CA GLN K 53 31.56 -39.64 22.29
C GLN K 53 32.27 -40.44 23.38
N SER K 54 32.89 -39.73 24.31
CA SER K 54 33.63 -40.32 25.41
C SER K 54 32.70 -40.94 26.46
N ILE K 55 33.23 -41.92 27.19
CA ILE K 55 32.49 -42.63 28.23
C ILE K 55 33.19 -42.45 29.57
N SER K 56 32.45 -42.08 30.60
CA SER K 56 33.03 -41.89 31.92
C SER K 56 33.63 -43.19 32.43
N GLY K 57 34.84 -43.12 32.98
CA GLY K 57 35.49 -44.31 33.49
C GLY K 57 36.39 -45.04 32.52
N ILE K 58 36.48 -44.56 31.29
CA ILE K 58 37.33 -45.17 30.27
C ILE K 58 38.61 -44.34 30.14
N PRO K 59 39.77 -44.99 29.96
CA PRO K 59 41.01 -44.22 29.82
C PRO K 59 40.91 -43.20 28.70
N SER K 60 41.51 -42.02 28.93
CA SER K 60 41.49 -40.94 27.95
C SER K 60 42.19 -41.29 26.64
N ARG K 61 43.09 -42.27 26.69
CA ARG K 61 43.84 -42.66 25.50
C ARG K 61 42.97 -43.26 24.39
N PHE K 62 41.73 -43.58 24.69
CA PHE K 62 40.82 -44.12 23.68
C PHE K 62 40.02 -43.00 23.04
N SER K 63 39.98 -42.96 21.71
CA SER K 63 39.20 -41.95 21.02
C SER K 63 38.59 -42.58 19.77
N GLY K 64 37.47 -42.03 19.32
CA GLY K 64 36.82 -42.57 18.14
C GLY K 64 36.60 -41.47 17.13
N SER K 65 36.51 -41.86 15.86
CA SER K 65 36.31 -40.89 14.78
C SER K 65 35.56 -41.53 13.61
N GLY K 66 34.93 -40.69 12.79
CA GLY K 66 34.23 -41.21 11.64
C GLY K 66 32.74 -40.94 11.60
N SER K 67 32.17 -41.18 10.43
CA SER K 67 30.75 -40.98 10.19
C SER K 67 30.43 -41.65 8.87
N GLY K 68 29.16 -42.01 8.67
CA GLY K 68 28.79 -42.66 7.42
C GLY K 68 29.13 -44.12 7.38
N THR K 69 30.18 -44.48 6.65
CA THR K 69 30.59 -45.88 6.53
C THR K 69 31.97 -46.21 7.08
N ASP K 70 32.82 -45.21 7.26
CA ASP K 70 34.17 -45.46 7.76
C ASP K 70 34.44 -44.89 9.14
N PHE K 71 34.79 -45.79 10.07
CA PHE K 71 35.06 -45.40 11.45
C PHE K 71 36.41 -45.93 11.93
N THR K 72 36.96 -45.26 12.94
CA THR K 72 38.24 -45.66 13.49
C THR K 72 38.28 -45.52 15.00
N LEU K 73 38.92 -46.47 15.66
CA LEU K 73 39.11 -46.42 17.12
C LEU K 73 40.62 -46.27 17.25
N SER K 74 41.05 -45.22 17.95
CA SER K 74 42.47 -44.97 18.14
C SER K 74 42.86 -45.10 19.60
N ILE K 75 44.04 -45.67 19.83
CA ILE K 75 44.56 -45.83 21.18
C ILE K 75 45.91 -45.12 21.19
N ASN K 76 45.99 -44.02 21.92
CA ASN K 76 47.22 -43.25 22.01
C ASN K 76 48.11 -43.79 23.12
N SER K 77 49.19 -44.47 22.73
CA SER K 77 50.15 -45.07 23.66
C SER K 77 49.51 -46.27 24.36
N VAL K 78 49.48 -47.40 23.66
CA VAL K 78 48.91 -48.65 24.15
C VAL K 78 49.55 -49.12 25.46
N GLU K 79 48.72 -49.60 26.37
CA GLU K 79 49.19 -50.13 27.66
C GLU K 79 48.90 -51.63 27.62
N THR K 80 49.57 -52.39 28.48
CA THR K 80 49.36 -53.83 28.50
C THR K 80 47.90 -54.21 28.79
N GLU K 81 47.23 -53.41 29.61
CA GLU K 81 45.84 -53.69 29.93
C GLU K 81 44.93 -53.52 28.72
N ASP K 82 45.48 -53.03 27.62
CA ASP K 82 44.68 -52.82 26.41
C ASP K 82 44.63 -54.04 25.50
N PHE K 83 45.49 -55.02 25.73
CA PHE K 83 45.48 -56.20 24.88
C PHE K 83 44.21 -56.99 25.06
N GLY K 84 43.60 -57.35 23.93
CA GLY K 84 42.35 -58.10 23.93
C GLY K 84 41.64 -57.89 22.61
N MET K 85 40.34 -58.12 22.60
CA MET K 85 39.53 -57.97 21.39
C MET K 85 38.76 -56.64 21.37
N TYR K 86 38.59 -56.11 20.17
CA TYR K 86 37.84 -54.86 19.99
C TYR K 86 36.78 -55.09 18.91
N PHE K 87 35.54 -54.75 19.26
CA PHE K 87 34.39 -54.93 18.37
C PHE K 87 33.65 -53.62 18.16
N CYS K 88 33.20 -53.37 16.94
CA CYS K 88 32.40 -52.18 16.69
C CYS K 88 30.98 -52.73 16.58
N GLN K 89 30.00 -51.89 16.86
CA GLN K 89 28.60 -52.29 16.82
C GLN K 89 27.77 -51.10 16.32
N GLN K 90 26.85 -51.35 15.40
CA GLN K 90 26.00 -50.28 14.88
C GLN K 90 24.59 -50.39 15.45
N SER K 91 23.95 -49.25 15.69
CA SER K 91 22.59 -49.23 16.24
C SER K 91 21.69 -48.36 15.37
N ASN K 92 22.14 -48.04 14.17
CA ASN K 92 21.36 -47.22 13.26
C ASN K 92 20.09 -47.93 12.81
N SER K 93 20.21 -49.23 12.54
CA SER K 93 19.06 -50.00 12.11
C SER K 93 18.99 -51.36 12.77
N TRP K 94 17.76 -51.86 12.96
CA TRP K 94 17.55 -53.16 13.55
C TRP K 94 17.58 -54.20 12.44
N PRO K 95 18.25 -55.34 12.66
CA PRO K 95 18.98 -55.76 13.87
C PRO K 95 20.34 -55.11 14.07
N TYR K 96 20.67 -54.80 15.33
CA TYR K 96 21.98 -54.24 15.62
C TYR K 96 22.97 -55.32 15.25
N THR K 97 24.12 -54.92 14.70
CA THR K 97 25.14 -55.88 14.30
C THR K 97 26.53 -55.49 14.79
N PHE K 98 27.37 -56.50 14.95
CA PHE K 98 28.73 -56.34 15.42
C PHE K 98 29.73 -56.64 14.30
N GLY K 99 30.90 -56.03 14.37
CA GLY K 99 31.93 -56.30 13.41
C GLY K 99 32.56 -57.62 13.84
N GLY K 100 33.43 -58.19 13.00
CA GLY K 100 34.07 -59.46 13.34
C GLY K 100 35.15 -59.38 14.39
N GLY K 101 35.55 -58.16 14.76
CA GLY K 101 36.56 -57.98 15.77
C GLY K 101 38.00 -57.88 15.31
N THR K 102 38.78 -57.12 16.08
CA THR K 102 40.20 -56.95 15.82
C THR K 102 40.92 -57.33 17.11
N LYS K 103 41.88 -58.24 17.00
CA LYS K 103 42.63 -58.67 18.16
C LYS K 103 43.89 -57.82 18.29
N LEU K 104 44.07 -57.19 19.45
CA LEU K 104 45.25 -56.37 19.70
C LEU K 104 46.17 -57.18 20.61
N GLU K 105 47.38 -57.46 20.14
CA GLU K 105 48.35 -58.26 20.89
C GLU K 105 49.70 -57.55 21.05
N ILE K 106 50.46 -58.00 22.04
CA ILE K 106 51.78 -57.42 22.29
C ILE K 106 52.75 -57.93 21.23
N LYS K 107 53.60 -57.04 20.73
CA LYS K 107 54.58 -57.39 19.71
C LYS K 107 55.97 -57.55 20.31
N ASP L 1 -60.68 -6.90 0.52
CA ASP L 1 -60.25 -6.42 -0.83
C ASP L 1 -60.24 -4.90 -0.87
N ILE L 2 -59.63 -4.35 -1.90
CA ILE L 2 -59.56 -2.90 -2.04
C ILE L 2 -60.91 -2.31 -2.40
N VAL L 3 -61.33 -1.32 -1.63
CA VAL L 3 -62.61 -0.66 -1.87
C VAL L 3 -62.34 0.71 -2.48
N LEU L 4 -63.01 0.98 -3.59
CA LEU L 4 -62.87 2.26 -4.27
C LEU L 4 -64.14 3.07 -4.08
N THR L 5 -64.00 4.28 -3.55
CA THR L 5 -65.13 5.14 -3.29
C THR L 5 -65.08 6.34 -4.23
N GLN L 6 -66.15 6.55 -4.99
CA GLN L 6 -66.19 7.67 -5.92
C GLN L 6 -67.12 8.77 -5.47
N SER L 7 -66.72 10.01 -5.73
CA SER L 7 -67.51 11.16 -5.36
C SER L 7 -67.29 12.29 -6.36
N PRO L 8 -68.36 13.07 -6.63
CA PRO L 8 -69.67 12.85 -6.01
C PRO L 8 -70.35 11.71 -6.74
N ALA L 9 -71.47 11.23 -6.21
CA ALA L 9 -72.19 10.14 -6.86
C ALA L 9 -72.78 10.63 -8.18
N THR L 10 -73.17 11.90 -8.20
CA THR L 10 -73.74 12.51 -9.40
C THR L 10 -73.23 13.93 -9.51
N LEU L 11 -72.98 14.35 -10.75
CA LEU L 11 -72.49 15.70 -10.99
C LEU L 11 -73.19 16.27 -12.21
N SER L 12 -73.78 17.44 -12.04
CA SER L 12 -74.48 18.11 -13.14
C SER L 12 -73.62 19.26 -13.61
N VAL L 13 -73.49 19.38 -14.93
CA VAL L 13 -72.67 20.44 -15.50
C VAL L 13 -73.22 20.88 -16.84
N THR L 14 -72.93 22.13 -17.21
CA THR L 14 -73.39 22.67 -18.48
C THR L 14 -72.24 22.52 -19.47
N PRO L 15 -72.54 22.01 -20.68
CA PRO L 15 -71.47 21.84 -21.67
C PRO L 15 -70.58 23.09 -21.75
N GLY L 16 -69.28 22.88 -21.81
CA GLY L 16 -68.36 24.00 -21.88
C GLY L 16 -67.60 24.18 -20.58
N ASN L 17 -68.24 23.80 -19.47
CA ASN L 17 -67.61 23.91 -18.17
C ASN L 17 -66.79 22.67 -17.93
N SER L 18 -65.85 22.77 -16.99
CA SER L 18 -64.98 21.65 -16.67
C SER L 18 -65.37 21.00 -15.36
N VAL L 19 -65.02 19.73 -15.21
CA VAL L 19 -65.34 19.01 -13.99
C VAL L 19 -64.19 18.07 -13.64
N SER L 20 -64.19 17.62 -12.39
CA SER L 20 -63.19 16.69 -11.89
C SER L 20 -63.93 15.66 -11.05
N LEU L 21 -63.63 14.39 -11.27
CA LEU L 21 -64.27 13.32 -10.53
C LEU L 21 -63.27 12.65 -9.62
N SER L 22 -63.70 12.30 -8.41
CA SER L 22 -62.82 11.70 -7.42
C SER L 22 -63.00 10.20 -7.20
N CYS L 23 -61.88 9.52 -6.93
CA CYS L 23 -61.88 8.09 -6.65
C CYS L 23 -60.80 7.85 -5.60
N ARG L 24 -61.20 7.33 -4.44
CA ARG L 24 -60.26 7.06 -3.37
C ARG L 24 -60.23 5.60 -2.98
N ALA L 25 -59.02 5.07 -2.81
CA ALA L 25 -58.84 3.65 -2.45
C ALA L 25 -58.67 3.47 -0.95
N SER L 26 -59.21 2.37 -0.43
CA SER L 26 -59.15 2.06 0.99
C SER L 26 -57.71 1.89 1.47
N GLN L 27 -56.80 1.60 0.54
CA GLN L 27 -55.39 1.45 0.84
C GLN L 27 -54.59 1.81 -0.40
N SER L 28 -53.31 2.08 -0.23
CA SER L 28 -52.46 2.45 -1.36
C SER L 28 -52.47 1.44 -2.49
N ILE L 29 -52.61 1.95 -3.71
CA ILE L 29 -52.61 1.09 -4.90
C ILE L 29 -51.62 1.64 -5.91
N GLY L 30 -50.68 2.46 -5.43
CA GLY L 30 -49.67 3.04 -6.30
C GLY L 30 -50.29 3.87 -7.41
N ASN L 31 -50.10 3.42 -8.65
CA ASN L 31 -50.64 4.13 -9.80
C ASN L 31 -51.55 3.22 -10.60
N ASP L 32 -51.95 2.10 -10.01
CA ASP L 32 -52.79 1.12 -10.69
C ASP L 32 -54.28 1.45 -10.63
N LEU L 33 -54.63 2.64 -11.10
CA LEU L 33 -56.01 3.08 -11.09
C LEU L 33 -56.37 3.52 -12.51
N HIS L 34 -57.43 2.94 -13.06
CA HIS L 34 -57.86 3.22 -14.43
C HIS L 34 -59.26 3.81 -14.45
N TRP L 35 -59.55 4.60 -15.48
CA TRP L 35 -60.87 5.21 -15.60
C TRP L 35 -61.64 4.75 -16.81
N TYR L 36 -62.90 4.42 -16.58
CA TYR L 36 -63.81 3.97 -17.62
C TYR L 36 -65.05 4.83 -17.72
N GLN L 37 -65.56 4.92 -18.95
CA GLN L 37 -66.77 5.66 -19.23
C GLN L 37 -67.77 4.61 -19.66
N GLN L 38 -69.03 4.73 -19.24
CA GLN L 38 -70.03 3.78 -19.67
C GLN L 38 -71.37 4.47 -19.88
N LYS L 39 -71.93 4.25 -21.07
CA LYS L 39 -73.22 4.83 -21.42
C LYS L 39 -74.26 3.72 -21.48
N SER L 40 -75.53 4.10 -21.31
CA SER L 40 -76.62 3.15 -21.34
C SER L 40 -76.54 2.22 -22.55
N HIS L 41 -76.80 0.94 -22.33
CA HIS L 41 -76.78 -0.07 -23.38
C HIS L 41 -75.43 -0.18 -24.09
N GLU L 42 -74.33 0.07 -23.36
CA GLU L 42 -73.01 -0.02 -23.97
C GLU L 42 -71.92 -0.54 -23.05
N SER L 43 -70.89 -1.13 -23.65
CA SER L 43 -69.78 -1.65 -22.87
C SER L 43 -68.89 -0.50 -22.40
N PRO L 44 -68.17 -0.71 -21.29
CA PRO L 44 -67.28 0.31 -20.74
C PRO L 44 -66.19 0.68 -21.74
N ARG L 45 -65.70 1.91 -21.66
CA ARG L 45 -64.65 2.39 -22.55
C ARG L 45 -63.50 2.96 -21.72
N LEU L 46 -62.30 2.41 -21.89
CA LEU L 46 -61.13 2.86 -21.15
C LEU L 46 -60.71 4.26 -21.58
N LEU L 47 -60.61 5.17 -20.62
CA LEU L 47 -60.24 6.55 -20.90
C LEU L 47 -58.81 6.90 -20.49
N ILE L 48 -58.44 6.43 -19.31
CA ILE L 48 -57.12 6.70 -18.76
C ILE L 48 -56.62 5.43 -18.07
N LYS L 49 -55.33 5.13 -18.21
CA LYS L 49 -54.81 3.96 -17.53
C LYS L 49 -53.65 4.35 -16.63
N TYR L 50 -53.45 3.58 -15.57
CA TYR L 50 -52.37 3.83 -14.63
C TYR L 50 -52.33 5.29 -14.16
N ALA L 51 -53.48 5.73 -13.66
CA ALA L 51 -53.67 7.07 -13.10
C ALA L 51 -53.64 8.27 -14.03
N SER L 52 -52.66 8.32 -14.92
CA SER L 52 -52.53 9.49 -15.79
C SER L 52 -52.09 9.21 -17.23
N GLN L 53 -51.94 7.95 -17.60
CA GLN L 53 -51.50 7.63 -18.95
C GLN L 53 -52.63 7.76 -19.97
N SER L 54 -52.35 8.48 -21.06
CA SER L 54 -53.32 8.72 -22.12
C SER L 54 -53.56 7.46 -22.96
N ILE L 55 -54.74 7.41 -23.58
CA ILE L 55 -55.14 6.28 -24.43
C ILE L 55 -55.42 6.79 -25.85
N SER L 56 -54.86 6.12 -26.84
CA SER L 56 -55.07 6.52 -28.23
C SER L 56 -56.55 6.42 -28.58
N GLY L 57 -57.07 7.44 -29.25
CA GLY L 57 -58.47 7.44 -29.64
C GLY L 57 -59.43 8.08 -28.65
N ILE L 58 -58.92 8.55 -27.53
CA ILE L 58 -59.75 9.20 -26.51
C ILE L 58 -59.56 10.71 -26.63
N PRO L 59 -60.64 11.50 -26.46
CA PRO L 59 -60.50 12.95 -26.56
C PRO L 59 -59.43 13.47 -25.61
N SER L 60 -58.68 14.47 -26.05
CA SER L 60 -57.60 15.07 -25.26
C SER L 60 -58.11 15.73 -23.98
N ARG L 61 -59.39 16.11 -23.98
CA ARG L 61 -59.95 16.79 -22.81
C ARG L 61 -60.00 15.94 -21.53
N PHE L 62 -59.75 14.63 -21.67
CA PHE L 62 -59.75 13.75 -20.51
C PHE L 62 -58.32 13.62 -19.99
N SER L 63 -58.15 13.80 -18.68
CA SER L 63 -56.83 13.65 -18.07
C SER L 63 -57.00 13.02 -16.70
N GLY L 64 -55.97 12.33 -16.22
CA GLY L 64 -56.05 11.70 -14.93
C GLY L 64 -54.88 12.12 -14.07
N SER L 65 -55.06 12.07 -12.76
CA SER L 65 -54.01 12.47 -11.83
C SER L 65 -54.14 11.71 -10.51
N GLY L 66 -53.04 11.63 -9.77
CA GLY L 66 -53.08 10.96 -8.49
C GLY L 66 -52.16 9.76 -8.35
N SER L 67 -52.01 9.31 -7.11
CA SER L 67 -51.18 8.17 -6.77
C SER L 67 -51.51 7.81 -5.34
N GLY L 68 -51.25 6.55 -4.97
CA GLY L 68 -51.53 6.14 -3.61
C GLY L 68 -52.99 5.80 -3.37
N THR L 69 -53.71 6.71 -2.71
CA THR L 69 -55.12 6.49 -2.41
C THR L 69 -56.09 7.49 -3.04
N ASP L 70 -55.59 8.66 -3.44
CA ASP L 70 -56.46 9.68 -4.02
C ASP L 70 -56.21 9.95 -5.49
N PHE L 71 -57.24 9.74 -6.30
CA PHE L 71 -57.15 9.93 -7.74
C PHE L 71 -58.27 10.84 -8.26
N THR L 72 -58.02 11.45 -9.42
CA THR L 72 -59.00 12.34 -10.01
C THR L 72 -59.03 12.21 -11.53
N LEU L 73 -60.22 12.27 -12.10
CA LEU L 73 -60.40 12.25 -13.54
C LEU L 73 -60.95 13.63 -13.85
N SER L 74 -60.27 14.36 -14.73
CA SER L 74 -60.70 15.70 -15.09
C SER L 74 -61.13 15.77 -16.55
N ILE L 75 -62.19 16.54 -16.80
CA ILE L 75 -62.68 16.74 -18.15
C ILE L 75 -62.66 18.23 -18.39
N ASN L 76 -61.78 18.67 -19.29
CA ASN L 76 -61.64 20.09 -19.61
C ASN L 76 -62.64 20.47 -20.71
N SER L 77 -63.68 21.21 -20.31
CA SER L 77 -64.72 21.65 -21.23
C SER L 77 -65.59 20.47 -21.69
N VAL L 78 -66.50 20.06 -20.81
CA VAL L 78 -67.41 18.94 -21.06
C VAL L 78 -68.24 19.12 -22.33
N GLU L 79 -68.39 18.04 -23.08
CA GLU L 79 -69.18 18.02 -24.30
C GLU L 79 -70.39 17.13 -24.03
N THR L 80 -71.46 17.28 -24.81
CA THR L 80 -72.65 16.46 -24.60
C THR L 80 -72.35 14.97 -24.68
N GLU L 81 -71.42 14.58 -25.55
CA GLU L 81 -71.09 13.17 -25.68
C GLU L 81 -70.41 12.61 -24.43
N ASP L 82 -70.11 13.49 -23.48
CA ASP L 82 -69.46 13.05 -22.25
C ASP L 82 -70.44 12.62 -21.14
N PHE L 83 -71.72 12.93 -21.32
CA PHE L 83 -72.68 12.56 -20.30
C PHE L 83 -72.84 11.05 -20.23
N GLY L 84 -72.78 10.52 -19.02
CA GLY L 84 -72.89 9.10 -18.79
C GLY L 84 -72.26 8.74 -17.45
N MET L 85 -71.89 7.49 -17.28
CA MET L 85 -71.28 7.02 -16.03
C MET L 85 -69.76 6.90 -16.14
N TYR L 86 -69.07 7.16 -15.03
CA TYR L 86 -67.63 7.05 -14.97
C TYR L 86 -67.26 6.17 -13.78
N PHE L 87 -66.44 5.16 -14.05
CA PHE L 87 -66.00 4.20 -13.04
C PHE L 87 -64.48 4.13 -12.96
N CYS L 88 -63.94 4.03 -11.75
CA CYS L 88 -62.50 3.85 -11.62
C CYS L 88 -62.35 2.38 -11.29
N GLN L 89 -61.19 1.81 -11.62
CA GLN L 89 -60.92 0.41 -11.36
C GLN L 89 -59.46 0.26 -10.99
N GLN L 90 -59.17 -0.54 -9.95
CA GLN L 90 -57.79 -0.76 -9.53
C GLN L 90 -57.32 -2.14 -9.94
N SER L 91 -56.05 -2.25 -10.29
CA SER L 91 -55.48 -3.55 -10.69
C SER L 91 -54.22 -3.85 -9.89
N ASN L 92 -54.02 -3.12 -8.79
CA ASN L 92 -52.85 -3.32 -7.96
C ASN L 92 -52.88 -4.70 -7.28
N SER L 93 -54.06 -5.11 -6.84
CA SER L 93 -54.20 -6.40 -6.18
C SER L 93 -55.44 -7.15 -6.62
N TRP L 94 -55.35 -8.47 -6.61
CA TRP L 94 -56.48 -9.30 -6.99
C TRP L 94 -57.30 -9.56 -5.74
N PRO L 95 -58.65 -9.49 -5.85
CA PRO L 95 -59.46 -9.20 -7.03
C PRO L 95 -59.50 -7.74 -7.46
N TYR L 96 -59.49 -7.50 -8.77
CA TYR L 96 -59.60 -6.14 -9.27
C TYR L 96 -60.97 -5.66 -8.83
N THR L 97 -61.07 -4.40 -8.46
CA THR L 97 -62.34 -3.83 -8.02
C THR L 97 -62.65 -2.50 -8.69
N PHE L 98 -63.96 -2.21 -8.78
CA PHE L 98 -64.46 -0.99 -9.39
C PHE L 98 -65.08 -0.07 -8.34
N GLY L 99 -65.05 1.23 -8.62
CA GLY L 99 -65.66 2.18 -7.72
C GLY L 99 -67.15 2.11 -8.01
N GLY L 100 -67.97 2.76 -7.18
CA GLY L 100 -69.41 2.73 -7.37
C GLY L 100 -69.92 3.58 -8.53
N GLY L 101 -69.05 4.39 -9.10
CA GLY L 101 -69.43 5.22 -10.23
C GLY L 101 -69.95 6.61 -9.93
N THR L 102 -69.69 7.51 -10.87
CA THR L 102 -70.15 8.90 -10.77
C THR L 102 -70.91 9.18 -12.05
N LYS L 103 -72.15 9.66 -11.90
CA LYS L 103 -72.98 9.96 -13.05
C LYS L 103 -72.79 11.43 -13.41
N LEU L 104 -72.43 11.69 -14.67
CA LEU L 104 -72.25 13.05 -15.16
C LEU L 104 -73.46 13.38 -16.02
N GLU L 105 -74.20 14.41 -15.62
CA GLU L 105 -75.41 14.83 -16.32
C GLU L 105 -75.40 16.30 -16.73
N ILE L 106 -76.24 16.64 -17.71
CA ILE L 106 -76.32 18.02 -18.16
C ILE L 106 -77.11 18.83 -17.13
N LYS L 107 -76.65 20.05 -16.86
CA LYS L 107 -77.29 20.92 -15.89
C LYS L 107 -78.12 22.00 -16.59
#